data_7Y45
#
_entry.id   7Y45
#
_cell.length_a   1.00
_cell.length_b   1.00
_cell.length_c   1.00
_cell.angle_alpha   90.00
_cell.angle_beta   90.00
_cell.angle_gamma   90.00
#
_symmetry.space_group_name_H-M   'P 1'
#
loop_
_entity.id
_entity.type
_entity.pdbx_description
1 polymer 'Na, K-ATPase alpha subunit'
2 polymer 'Na+,K+-ATPase beta subunit'
3 polymer 'FXYD domain-containing ion transport regulator'
4 branched alpha-D-mannopyranose-(1-3)-[alpha-D-mannopyranose-(1-6)]beta-D-mannopyranose-(1-4)-2-acetamido-2-deoxy-beta-D-glucopyranose-(1-4)-[alpha-L-fucopyranose-(1-6)]2-acetamido-2-deoxy-beta-D-glucopyranose
5 branched 2-acetamido-2-deoxy-beta-D-glucopyranose-(1-2)-alpha-D-mannopyranose-(1-3)-[alpha-D-mannopyranose-(1-6)]beta-D-mannopyranose-(1-4)-2-acetamido-2-deoxy-beta-D-glucopyranose-(1-4)-2-acetamido-2-deoxy-beta-D-glucopyranose
6 branched alpha-D-mannopyranose-(1-3)-beta-D-mannopyranose-(1-4)-2-acetamido-2-deoxy-beta-D-glucopyranose-(1-4)-[alpha-L-fucopyranose-(1-6)]2-acetamido-2-deoxy-beta-D-glucopyranose
7 branched 2-acetamido-2-deoxy-beta-D-glucopyranose-(1-4)-2-acetamido-2-deoxy-beta-D-glucopyranose
8 non-polymer 'POTASSIUM ION'
9 non-polymer CHOLESTEROL
10 non-polymer 1,2-DIOLEOYL-SN-GLYCERO-3-PHOSPHOCHOLINE
11 water water
#
loop_
_entity_poly.entity_id
_entity_poly.type
_entity_poly.pdbx_seq_one_letter_code
_entity_poly.pdbx_strand_id
1 'polypeptide(L)'
;MGKGTASDKYEPAATSENATKSKKKGKKDKIDKKRDLDELKKEVSMDDHKLSLDELHNKYGTDLTRGLTNARAKEILARD
GPNSLTPPPTTPEWIKFCRQLFGGFSILLWIGAILCFLAYGIQAATEDEPANDNLYLGVVLSTVVIVTGCFSYYQEAKSS
RIMDSFKNMVPQQALVIRDGEKSTINAEFVVAGDLVEVKGGDRIPADLRIISAHGCKVDNSSLTGESEPQTRSPEFSSEN
PLETRNIAFFSTNCVEGTARGVVVYTGDRTVMGRIATLASGLEVGRTPIAIEIEHFIHIITGVAVFLGVSFFILSLILGY
SWLEAVIFLIGIIVANVPEGLLATVTVCLTLTAKRMARKNCLVKNLEAVETLGSTSTICSDKTGTLTQNRMTVAHMWFDN
QIHEADTTENQSGAAFDKTSATWSALSRIAALCNRAVFQAGQDNVPILKRSVAGDASESALLKCIELCCGSVQGMRDRNP
KIVEIPFNSTNKYQLSIHENEKSSESRYLLVMKGAPERILDRCSTILLNGAEEPLKEDMKEAFQNAYLELGGLGERVLGF
CHFALPEDKYNEGYPFDADEPNFPTTDLCFVGLMAMIDPPRAAVPDAVGKCRSAGIKVIMVTGDHPITAKAIAKGVGIIS
EGNETIEDIAARLNIPIGQVNPRDAKACVVHGSDLKDLSTEVLDDILHYHTEIVFARTSPQQKLIIVEGCQRQGAIVAVT
GDGVNDSPALKKADIGVAMGISGSDVSKQAADMILLDDNFASIVTGVEEGRLIFDNLKKSIAYTLTSNIPEITPFLVFII
GNVPLPLGTVTILCIDLGTDMVPAISLAYEQAESDIMKRQPRNPKTDKLVNERLISMAYGQIGMIQALGGFFSYFVILAE
NGFLPMDLIGKRVRWDDRWISDVEDSFGQQWTYEQRKIVEFTCHTSFFISIVVVQWADLIICKTRRNSIFQQGMKNKILI
FGLFEETALAAFLSYCPGTDVALRMYPLKPSWWFCAFPYSLIIFLYDEMRRFIIRRSPGGWVEQETYY
;
C,A
2 'polypeptide(L)'
;MARGKSKETDGGWKKFLWDSEKKEFLGRTGSSWFKIFLFYLIFYGCLAGIFIGTIQVLLLTLSDFEPKYQDRVAPPGLSH
APYAIKTEISFSISNPKSYESFVKSMHKLMDLYNESSQAGNSPFEDCSDTPADYIKRGDLDDSQGQKKACRFSRMWLKNC
SGLDDTTYGYAEGKPCVVAKLNRIIGFYPKPLKNTTDLPEELQANYNQYVLPLRCAAKREEDREKIGSIEYFGLGGYAGF
PLQYYPYYGKRLQKKYLQPLLAIQFTNLTQNMELRIECKVYGENIDYSEKDRFRGRFEVKIEVKS
;
D,B
3 'polypeptide(L)'
;MLGAATGLMVLVAVTQGVWAMDPEGPDNDERFTYDYYRLRVVGLIVAAVLCVIGIIILLAGKCRCKFNQNKRTRSNSGTA
TAQHLLQPGEATEC
;
E,G
#
loop_
_chem_comp.id
_chem_comp.type
_chem_comp.name
_chem_comp.formula
BMA D-saccharide, beta linking beta-D-mannopyranose 'C6 H12 O6'
CLR non-polymer CHOLESTEROL 'C27 H46 O'
FUC L-saccharide, alpha linking alpha-L-fucopyranose 'C6 H12 O5'
K non-polymer 'POTASSIUM ION' 'K 1'
MAN D-saccharide, alpha linking alpha-D-mannopyranose 'C6 H12 O6'
NAG D-saccharide, beta linking 2-acetamido-2-deoxy-beta-D-glucopyranose 'C8 H15 N O6'
PCW non-polymer 1,2-DIOLEOYL-SN-GLYCERO-3-PHOSPHOCHOLINE 'C44 H85 N O8 P 1'
#
# COMPACT_ATOMS: atom_id res chain seq x y z
N ASP A 36 58.76 26.91 30.46
CA ASP A 36 58.10 25.85 31.23
C ASP A 36 58.57 24.49 30.71
N LEU A 37 59.82 24.15 30.99
CA LEU A 37 60.36 22.87 30.55
C LEU A 37 59.60 21.75 31.23
N ASP A 38 58.88 20.95 30.44
CA ASP A 38 58.11 19.86 31.01
C ASP A 38 58.98 18.69 31.43
N GLU A 39 60.03 18.36 30.66
CA GLU A 39 60.86 17.23 31.07
C GLU A 39 61.55 17.50 32.40
N LEU A 40 61.91 18.75 32.69
CA LEU A 40 62.56 19.02 33.97
C LEU A 40 61.55 19.05 35.08
N LYS A 41 60.27 19.00 34.72
CA LYS A 41 59.18 18.98 35.67
C LYS A 41 58.62 17.58 35.76
N LYS A 42 58.95 16.73 34.77
CA LYS A 42 58.46 15.35 34.79
C LYS A 42 59.37 14.49 35.64
N GLU A 43 60.62 14.93 35.83
CA GLU A 43 61.60 14.22 36.62
C GLU A 43 61.14 14.16 38.07
N VAL A 44 61.67 13.20 38.81
CA VAL A 44 61.29 13.06 40.21
C VAL A 44 62.02 14.10 41.03
N SER A 45 61.30 14.69 41.98
CA SER A 45 61.83 15.73 42.85
C SER A 45 63.11 15.29 43.56
N MET A 46 64.03 16.24 43.68
CA MET A 46 65.32 16.08 44.33
C MET A 46 65.33 17.11 45.46
N ASP A 47 66.30 17.03 46.36
CA ASP A 47 66.31 18.00 47.45
C ASP A 47 67.66 17.99 48.17
N ASP A 48 67.75 18.84 49.19
CA ASP A 48 68.91 19.02 50.04
C ASP A 48 68.58 18.66 51.50
N HIS A 49 67.58 17.81 51.69
CA HIS A 49 67.15 17.38 53.02
C HIS A 49 68.30 16.77 53.82
N LYS A 50 69.01 15.82 53.24
CA LYS A 50 70.13 15.16 53.93
C LYS A 50 71.26 16.16 54.13
N LEU A 51 71.08 17.02 55.12
CA LEU A 51 72.05 18.04 55.45
C LEU A 51 71.99 18.26 56.96
N SER A 52 72.48 19.40 57.43
CA SER A 52 72.48 19.73 58.84
C SER A 52 71.86 21.11 59.02
N LEU A 53 71.74 21.55 60.27
CA LEU A 53 71.17 22.85 60.52
C LEU A 53 72.17 23.96 60.21
N ASP A 54 73.45 23.64 60.35
CA ASP A 54 74.49 24.62 60.06
C ASP A 54 74.66 24.80 58.56
N GLU A 55 74.64 23.68 57.82
CA GLU A 55 74.79 23.66 56.37
C GLU A 55 73.62 24.33 55.63
N LEU A 56 72.45 24.52 56.25
CA LEU A 56 71.33 25.13 55.55
C LEU A 56 71.22 26.64 55.73
N HIS A 57 71.62 27.17 56.89
CA HIS A 57 71.52 28.61 57.07
C HIS A 57 72.52 29.29 56.16
N ASN A 58 73.72 28.71 56.05
CA ASN A 58 74.74 29.27 55.17
C ASN A 58 74.20 29.34 53.75
N LYS A 59 73.52 28.29 53.31
CA LYS A 59 72.94 28.26 51.98
C LYS A 59 71.90 29.34 51.80
N TYR A 60 71.21 29.73 52.87
CA TYR A 60 70.21 30.77 52.73
C TYR A 60 70.53 32.05 53.51
N GLY A 61 71.75 32.17 54.05
CA GLY A 61 72.11 33.36 54.79
C GLY A 61 71.24 33.70 55.99
N THR A 62 71.00 32.76 56.90
CA THR A 62 70.15 33.09 58.03
C THR A 62 70.69 32.67 59.39
N ASP A 63 69.95 33.13 60.40
CA ASP A 63 70.20 32.90 61.82
C ASP A 63 69.16 31.92 62.33
N LEU A 64 69.60 30.93 63.12
CA LEU A 64 68.65 29.96 63.65
C LEU A 64 67.83 30.51 64.81
N THR A 65 68.37 31.49 65.55
CA THR A 65 67.66 32.09 66.68
C THR A 65 67.21 33.52 66.46
N ARG A 66 67.65 34.17 65.38
CA ARG A 66 67.25 35.55 65.11
C ARG A 66 66.64 35.75 63.73
N GLY A 67 66.74 34.77 62.84
CA GLY A 67 66.16 34.92 61.53
C GLY A 67 66.91 35.96 60.70
N LEU A 68 66.22 36.44 59.68
CA LEU A 68 66.76 37.44 58.78
C LEU A 68 66.46 38.84 59.26
N THR A 69 67.06 39.81 58.58
CA THR A 69 66.88 41.22 58.87
C THR A 69 65.86 41.75 57.88
N ASN A 70 65.16 42.82 58.27
CA ASN A 70 64.14 43.37 57.37
C ASN A 70 64.75 43.86 56.06
N ALA A 71 65.91 44.53 56.11
CA ALA A 71 66.52 45.00 54.88
C ALA A 71 66.92 43.83 53.99
N ARG A 72 67.49 42.78 54.57
CA ARG A 72 67.88 41.61 53.78
C ARG A 72 66.65 40.91 53.25
N ALA A 73 65.59 40.86 54.05
CA ALA A 73 64.36 40.22 53.65
C ALA A 73 63.78 40.91 52.41
N LYS A 74 63.75 42.25 52.42
CA LYS A 74 63.23 42.96 51.26
C LYS A 74 64.15 42.80 50.07
N GLU A 75 65.47 42.72 50.31
CA GLU A 75 66.41 42.55 49.22
C GLU A 75 66.16 41.22 48.50
N ILE A 76 65.78 40.21 49.27
CA ILE A 76 65.52 38.91 48.64
C ILE A 76 64.13 38.93 48.03
N LEU A 77 63.17 39.58 48.70
CA LEU A 77 61.82 39.66 48.17
C LEU A 77 61.84 40.28 46.79
N ALA A 78 62.82 41.16 46.53
CA ALA A 78 62.94 41.77 45.22
C ALA A 78 63.80 40.94 44.30
N ARG A 79 64.68 40.11 44.87
CA ARG A 79 65.55 39.26 44.07
C ARG A 79 64.82 38.07 43.45
N ASP A 80 64.09 37.29 44.26
CA ASP A 80 63.36 36.12 43.81
C ASP A 80 61.93 36.30 43.32
N GLY A 81 61.17 37.28 43.78
CA GLY A 81 59.82 37.42 43.31
C GLY A 81 58.86 36.98 44.42
N PRO A 82 57.57 37.23 44.24
CA PRO A 82 56.61 36.86 45.29
C PRO A 82 56.35 35.36 45.40
N ASN A 83 55.85 34.99 46.58
CA ASN A 83 55.52 33.61 46.93
C ASN A 83 54.07 33.31 46.53
N SER A 84 53.79 33.51 45.25
CA SER A 84 52.46 33.28 44.70
C SER A 84 52.55 32.59 43.35
N LEU A 85 51.70 31.58 43.16
CA LEU A 85 51.69 30.83 41.91
C LEU A 85 51.36 31.77 40.74
N THR A 86 52.13 31.64 39.67
CA THR A 86 51.94 32.46 38.48
C THR A 86 50.58 32.23 37.84
N PRO A 87 49.94 33.27 37.30
CA PRO A 87 48.64 33.08 36.66
C PRO A 87 48.83 32.38 35.33
N PRO A 88 47.82 31.67 34.85
CA PRO A 88 47.96 30.96 33.57
C PRO A 88 48.01 31.88 32.37
N PRO A 89 48.51 31.35 31.24
CA PRO A 89 48.58 32.13 29.99
C PRO A 89 47.15 32.06 29.47
N THR A 90 46.57 33.17 29.01
CA THR A 90 45.20 32.92 28.60
C THR A 90 44.92 33.11 27.11
N THR A 91 43.73 32.61 26.78
CA THR A 91 43.08 32.57 25.48
C THR A 91 41.85 33.46 25.32
N PRO A 92 41.96 34.62 24.68
CA PRO A 92 40.77 35.48 24.51
C PRO A 92 39.67 34.68 23.81
N GLU A 93 38.42 35.14 23.94
CA GLU A 93 37.30 34.42 23.34
C GLU A 93 37.02 34.73 21.87
N TRP A 94 37.34 35.93 21.38
CA TRP A 94 37.03 36.11 19.97
C TRP A 94 37.99 35.33 19.10
N ILE A 95 39.11 34.87 19.66
CA ILE A 95 40.07 34.10 18.88
C ILE A 95 39.48 32.75 18.51
N LYS A 96 39.03 31.98 19.51
CA LYS A 96 38.49 30.69 19.09
C LYS A 96 37.14 30.82 18.40
N PHE A 97 36.43 31.95 18.57
CA PHE A 97 35.17 31.99 17.83
C PHE A 97 35.50 32.22 16.35
N CYS A 98 36.48 33.11 16.10
CA CYS A 98 36.89 33.39 14.74
C CYS A 98 37.56 32.16 14.15
N ARG A 99 38.09 31.28 15.02
CA ARG A 99 38.73 30.07 14.51
C ARG A 99 37.66 29.13 14.00
N GLN A 100 36.58 28.98 14.77
CA GLN A 100 35.50 28.11 14.33
C GLN A 100 34.89 28.62 13.04
N LEU A 101 35.03 29.91 12.73
CA LEU A 101 34.44 30.36 11.47
C LEU A 101 35.22 29.91 10.24
N PHE A 102 36.47 29.45 10.39
CA PHE A 102 37.31 28.99 9.27
C PHE A 102 37.68 27.51 9.37
N GLY A 103 36.83 26.60 8.86
CA GLY A 103 37.22 25.21 8.95
C GLY A 103 36.57 24.15 8.05
N GLY A 104 37.12 23.98 6.85
CA GLY A 104 36.67 23.01 5.86
C GLY A 104 35.36 23.35 5.17
N PHE A 105 34.24 23.03 5.82
CA PHE A 105 32.93 23.32 5.24
C PHE A 105 32.69 24.82 5.17
N SER A 106 33.26 25.57 6.10
CA SER A 106 33.05 27.00 6.10
C SER A 106 33.88 27.69 5.03
N ILE A 107 35.03 27.14 4.65
CA ILE A 107 35.80 27.82 3.60
C ILE A 107 35.08 27.63 2.27
N LEU A 108 34.52 26.44 2.04
CA LEU A 108 33.80 26.19 0.80
C LEU A 108 32.56 27.08 0.73
N LEU A 109 31.85 27.20 1.87
CA LEU A 109 30.67 28.06 1.85
C LEU A 109 31.08 29.52 1.69
N TRP A 110 32.29 29.86 2.16
CA TRP A 110 32.76 31.23 2.03
C TRP A 110 33.02 31.54 0.56
N ILE A 111 33.68 30.62 -0.14
CA ILE A 111 33.94 30.85 -1.56
C ILE A 111 32.62 30.85 -2.32
N GLY A 112 31.57 30.31 -1.70
CA GLY A 112 30.28 30.30 -2.37
C GLY A 112 29.70 31.69 -2.24
N ALA A 113 29.80 32.28 -1.05
CA ALA A 113 29.29 33.64 -0.86
C ALA A 113 30.05 34.62 -1.76
N ILE A 114 31.38 34.45 -1.82
CA ILE A 114 32.21 35.32 -2.64
C ILE A 114 31.79 35.21 -4.11
N LEU A 115 31.57 33.98 -4.57
CA LEU A 115 31.15 33.79 -5.95
C LEU A 115 29.81 34.45 -6.21
N CYS A 116 28.87 34.32 -5.25
CA CYS A 116 27.57 34.94 -5.42
C CYS A 116 27.69 36.45 -5.59
N PHE A 117 28.54 37.09 -4.77
CA PHE A 117 28.69 38.53 -4.93
C PHE A 117 29.41 38.87 -6.22
N LEU A 118 30.27 37.97 -6.71
CA LEU A 118 30.96 38.26 -7.96
C LEU A 118 29.95 38.26 -9.10
N ALA A 119 29.08 37.25 -9.11
CA ALA A 119 28.07 37.18 -10.16
C ALA A 119 27.11 38.35 -10.06
N TYR A 120 26.88 38.85 -8.84
CA TYR A 120 25.98 39.99 -8.71
C TYR A 120 26.65 41.23 -9.27
N GLY A 121 27.92 41.43 -8.92
CA GLY A 121 28.65 42.58 -9.44
C GLY A 121 28.62 42.58 -10.95
N ILE A 122 28.88 41.41 -11.55
CA ILE A 122 28.87 41.29 -13.00
C ILE A 122 27.50 41.66 -13.55
N GLN A 123 26.43 41.18 -12.93
CA GLN A 123 25.09 41.50 -13.42
C GLN A 123 24.80 42.99 -13.29
N ALA A 124 25.14 43.58 -12.14
CA ALA A 124 24.92 44.99 -11.87
C ALA A 124 25.70 45.90 -12.81
N ALA A 125 26.87 45.46 -13.27
CA ALA A 125 27.65 46.29 -14.17
C ALA A 125 27.37 46.00 -15.64
N THR A 126 26.81 44.83 -15.94
CA THR A 126 26.50 44.45 -17.32
C THR A 126 25.05 44.68 -17.72
N GLU A 127 24.08 44.44 -16.83
CA GLU A 127 22.67 44.62 -17.17
C GLU A 127 21.93 45.49 -16.18
N ASP A 128 20.85 46.09 -16.68
CA ASP A 128 19.96 46.96 -15.94
C ASP A 128 18.79 46.11 -15.42
N GLU A 129 18.22 46.51 -14.28
CA GLU A 129 17.11 45.86 -13.58
C GLU A 129 17.55 44.49 -13.05
N PRO A 130 18.83 44.33 -12.66
CA PRO A 130 19.32 43.03 -12.15
C PRO A 130 18.56 42.36 -11.01
N ALA A 131 17.85 41.24 -11.25
CA ALA A 131 17.15 40.60 -10.13
C ALA A 131 18.13 40.47 -8.96
N ASN A 132 17.61 40.54 -7.74
CA ASN A 132 18.45 40.44 -6.55
C ASN A 132 18.56 39.04 -5.95
N ASP A 133 18.23 38.00 -6.71
CA ASP A 133 18.29 36.61 -6.21
C ASP A 133 19.68 36.21 -5.68
N ASN A 134 20.75 36.55 -6.42
CA ASN A 134 22.09 36.15 -6.01
C ASN A 134 22.57 36.85 -4.73
N LEU A 135 22.22 38.12 -4.53
CA LEU A 135 22.70 38.77 -3.32
C LEU A 135 22.04 38.16 -2.09
N TYR A 136 20.81 37.69 -2.24
CA TYR A 136 20.10 37.06 -1.13
C TYR A 136 20.76 35.73 -0.83
N LEU A 137 20.97 34.92 -1.87
CA LEU A 137 21.60 33.62 -1.67
C LEU A 137 22.96 33.76 -1.00
N GLY A 138 23.70 34.83 -1.29
CA GLY A 138 25.00 34.99 -0.67
C GLY A 138 24.89 35.36 0.79
N VAL A 139 24.02 36.34 1.11
CA VAL A 139 23.85 36.73 2.50
C VAL A 139 23.42 35.52 3.34
N VAL A 140 22.63 34.63 2.73
CA VAL A 140 22.17 33.45 3.46
C VAL A 140 23.31 32.47 3.68
N LEU A 141 24.14 32.24 2.66
CA LEU A 141 25.25 31.30 2.87
C LEU A 141 26.15 31.81 4.00
N SER A 142 26.39 33.13 4.03
CA SER A 142 27.23 33.67 5.09
C SER A 142 26.56 33.47 6.45
N THR A 143 25.22 33.48 6.48
CA THR A 143 24.54 33.29 7.75
C THR A 143 24.67 31.85 8.21
N VAL A 144 24.64 30.91 7.27
CA VAL A 144 24.78 29.50 7.62
C VAL A 144 26.14 29.26 8.27
N VAL A 145 27.19 29.83 7.67
CA VAL A 145 28.53 29.65 8.23
C VAL A 145 28.62 30.25 9.62
N ILE A 146 28.08 31.46 9.80
CA ILE A 146 28.13 32.15 11.09
C ILE A 146 27.40 31.37 12.19
N VAL A 147 26.24 30.77 11.87
CA VAL A 147 25.49 30.02 12.90
C VAL A 147 26.15 28.67 13.21
N THR A 148 26.62 27.94 12.20
CA THR A 148 27.24 26.67 12.51
C THR A 148 28.42 26.91 13.43
N GLY A 149 29.20 27.96 13.16
CA GLY A 149 30.33 28.30 14.00
C GLY A 149 29.93 28.27 15.47
N CYS A 150 28.74 28.81 15.77
CA CYS A 150 28.24 28.83 17.14
C CYS A 150 28.03 27.42 17.68
N PHE A 151 27.56 26.52 16.81
CA PHE A 151 27.36 25.16 17.31
C PHE A 151 28.70 24.49 17.63
N SER A 152 29.73 24.84 16.86
CA SER A 152 31.02 24.23 17.12
C SER A 152 31.67 24.86 18.35
N TYR A 153 31.41 26.14 18.59
CA TYR A 153 31.98 26.78 19.76
C TYR A 153 31.39 26.13 21.00
N TYR A 154 30.08 25.87 20.96
CA TYR A 154 29.40 25.21 22.07
C TYR A 154 30.01 23.84 22.32
N GLN A 155 30.39 23.14 21.24
CA GLN A 155 30.97 21.80 21.38
C GLN A 155 32.43 21.78 21.85
N GLU A 156 33.24 22.77 21.49
CA GLU A 156 34.66 22.81 21.88
C GLU A 156 34.95 23.68 23.09
N ALA A 157 34.10 23.64 24.12
CA ALA A 157 34.35 24.45 25.31
C ALA A 157 35.49 23.88 26.15
N LYS A 158 36.23 24.79 26.82
CA LYS A 158 37.35 24.39 27.68
C LYS A 158 37.30 25.24 28.96
N SER A 159 36.38 24.86 29.85
CA SER A 159 36.16 25.54 31.14
C SER A 159 37.28 25.10 32.09
N SER A 160 38.38 25.86 32.14
CA SER A 160 39.50 25.53 33.00
C SER A 160 39.93 26.69 33.90
N ARG A 161 39.81 26.50 35.21
CA ARG A 161 40.17 27.47 36.23
C ARG A 161 41.00 26.77 37.32
N ILE A 162 42.02 26.03 36.88
CA ILE A 162 42.93 25.26 37.74
C ILE A 162 43.69 26.14 38.73
N MET A 163 44.63 26.92 38.18
CA MET A 163 45.46 27.82 38.98
C MET A 163 44.63 28.60 40.00
N ASP A 164 43.37 28.91 39.67
CA ASP A 164 42.53 29.65 40.62
C ASP A 164 42.26 28.81 41.87
N SER A 165 41.92 27.54 41.66
CA SER A 165 41.66 26.66 42.79
C SER A 165 42.92 26.56 43.62
N PHE A 166 44.07 26.43 42.96
CA PHE A 166 45.32 26.35 43.71
C PHE A 166 45.57 27.65 44.47
N LYS A 167 45.31 28.80 43.85
CA LYS A 167 45.52 30.08 44.51
C LYS A 167 44.69 30.20 45.78
N ASN A 168 43.50 29.58 45.82
CA ASN A 168 42.73 29.70 47.06
C ASN A 168 43.37 28.94 48.24
N MET A 169 44.47 28.24 48.00
CA MET A 169 45.27 27.44 48.94
C MET A 169 46.06 28.12 50.04
N VAL A 170 47.06 28.89 49.64
CA VAL A 170 47.97 29.57 50.55
C VAL A 170 47.26 30.60 51.41
N PRO A 171 47.31 30.39 52.75
CA PRO A 171 46.67 31.32 53.68
C PRO A 171 47.03 32.74 53.32
N GLN A 172 46.35 33.71 53.89
CA GLN A 172 46.73 35.05 53.49
C GLN A 172 47.99 35.53 54.18
N GLN A 173 48.17 35.26 55.48
CA GLN A 173 49.38 35.72 56.16
C GLN A 173 50.06 34.65 57.01
N ALA A 174 51.38 34.61 56.88
CA ALA A 174 52.30 33.70 57.57
C ALA A 174 52.95 34.38 58.76
N LEU A 175 53.52 33.57 59.66
CA LEU A 175 54.20 34.07 60.87
C LEU A 175 55.69 33.88 60.66
N VAL A 176 56.41 34.99 60.45
CA VAL A 176 57.85 35.01 60.23
C VAL A 176 58.53 35.74 61.38
N ILE A 177 59.75 35.30 61.69
CA ILE A 177 60.55 35.88 62.77
C ILE A 177 61.75 36.58 62.14
N ARG A 178 61.77 37.91 62.25
CA ARG A 178 62.85 38.72 61.71
C ARG A 178 63.40 39.61 62.81
N ASP A 179 64.74 39.70 62.87
CA ASP A 179 65.45 40.51 63.87
C ASP A 179 65.10 40.07 65.28
N GLY A 180 64.62 38.84 65.42
CA GLY A 180 64.25 38.29 66.70
C GLY A 180 62.82 38.57 67.12
N GLU A 181 61.99 39.12 66.23
CA GLU A 181 60.61 39.42 66.56
C GLU A 181 59.64 38.68 65.64
N LYS A 182 58.48 38.35 66.20
CA LYS A 182 57.41 37.63 65.51
C LYS A 182 56.47 38.60 64.82
N SER A 183 56.24 38.38 63.52
CA SER A 183 55.36 39.23 62.75
C SER A 183 54.56 38.39 61.77
N THR A 184 53.32 38.79 61.53
CA THR A 184 52.43 38.08 60.61
C THR A 184 52.40 38.95 59.36
N ILE A 185 53.00 38.47 58.29
CA ILE A 185 53.05 39.22 57.04
C ILE A 185 52.40 38.45 55.91
N ASN A 186 52.04 39.21 54.87
CA ASN A 186 51.43 38.69 53.67
C ASN A 186 52.27 37.49 53.24
N ALA A 187 51.62 36.35 53.00
CA ALA A 187 52.41 35.18 52.61
C ALA A 187 53.21 35.44 51.34
N GLU A 188 52.67 36.23 50.40
CA GLU A 188 53.42 36.52 49.18
C GLU A 188 54.77 37.15 49.48
N PHE A 189 54.93 37.77 50.65
CA PHE A 189 56.16 38.42 51.07
C PHE A 189 57.17 37.50 51.77
N VAL A 190 56.94 36.20 51.81
CA VAL A 190 57.90 35.31 52.46
C VAL A 190 59.03 35.02 51.48
N VAL A 191 60.26 35.00 51.99
CA VAL A 191 61.41 34.74 51.14
C VAL A 191 62.19 33.54 51.64
N ALA A 192 63.24 33.16 50.91
CA ALA A 192 64.08 32.04 51.28
C ALA A 192 65.10 32.48 52.33
N GLY A 193 65.13 31.77 53.47
CA GLY A 193 66.06 32.10 54.53
C GLY A 193 65.45 32.58 55.83
N ASP A 194 64.32 33.29 55.78
CA ASP A 194 63.81 33.73 57.07
C ASP A 194 63.24 32.56 57.87
N LEU A 195 63.00 32.83 59.15
CA LEU A 195 62.47 31.85 60.08
C LEU A 195 60.95 31.92 60.02
N VAL A 196 60.30 30.77 59.99
CA VAL A 196 58.84 30.72 59.92
C VAL A 196 58.34 29.75 60.97
N GLU A 197 57.32 30.19 61.71
CA GLU A 197 56.71 29.39 62.76
C GLU A 197 55.31 29.01 62.31
N VAL A 198 54.90 27.79 62.63
CA VAL A 198 53.59 27.30 62.27
C VAL A 198 52.92 26.81 63.54
N LYS A 199 51.59 26.74 63.47
CA LYS A 199 50.74 26.31 64.57
C LYS A 199 49.57 25.50 64.02
N GLY A 200 49.19 24.46 64.76
CA GLY A 200 48.10 23.59 64.37
C GLY A 200 46.85 24.32 63.92
N GLY A 201 46.57 24.25 62.62
CA GLY A 201 45.42 24.90 62.05
C GLY A 201 45.80 25.82 60.92
N ASP A 202 47.08 26.18 60.85
CA ASP A 202 47.58 27.06 59.80
C ASP A 202 48.18 26.25 58.65
N ARG A 203 48.18 26.88 57.49
CA ARG A 203 48.71 26.28 56.27
C ARG A 203 50.19 26.61 56.12
N ILE A 204 50.96 25.62 55.68
CA ILE A 204 52.40 25.78 55.47
C ILE A 204 52.54 26.79 54.34
N PRO A 205 53.11 27.97 54.59
CA PRO A 205 53.23 28.99 53.52
C PRO A 205 54.29 28.72 52.46
N ALA A 206 55.25 27.82 52.69
CA ALA A 206 56.27 27.55 51.69
C ALA A 206 56.96 26.25 52.08
N ASP A 207 57.95 25.84 51.30
CA ASP A 207 58.65 24.61 51.66
C ASP A 207 59.66 25.03 52.71
N LEU A 208 59.59 24.36 53.85
CA LEU A 208 60.42 24.58 55.02
C LEU A 208 61.28 23.39 55.40
N ARG A 209 62.28 23.68 56.22
CA ARG A 209 63.24 22.72 56.75
C ARG A 209 63.05 22.90 58.25
N ILE A 210 62.31 21.97 58.85
CA ILE A 210 62.03 22.01 60.29
C ILE A 210 63.30 22.05 61.11
N ILE A 211 63.35 22.98 62.07
CA ILE A 211 64.49 23.14 62.94
C ILE A 211 64.16 22.76 64.39
N SER A 212 62.90 22.91 64.79
CA SER A 212 62.45 22.59 66.15
C SER A 212 60.96 22.36 66.10
N ALA A 213 60.50 21.21 66.58
CA ALA A 213 59.08 20.91 66.58
C ALA A 213 58.60 20.50 67.97
N HIS A 214 57.28 20.61 68.18
CA HIS A 214 56.66 20.26 69.46
C HIS A 214 55.40 19.45 69.13
N GLY A 215 55.58 18.15 68.90
CA GLY A 215 54.44 17.30 68.57
C GLY A 215 53.68 17.77 67.36
N CYS A 216 54.41 18.28 66.36
CA CYS A 216 53.80 18.80 65.13
C CYS A 216 53.45 17.67 64.17
N LYS A 217 52.24 17.75 63.61
CA LYS A 217 51.72 16.78 62.65
C LYS A 217 51.18 17.52 61.44
N VAL A 218 51.41 16.97 60.25
CA VAL A 218 50.96 17.57 58.99
C VAL A 218 50.07 16.57 58.27
N ASP A 219 49.28 17.08 57.33
CA ASP A 219 48.33 16.30 56.52
C ASP A 219 48.75 16.34 55.06
N ASN A 220 49.60 15.40 54.65
CA ASN A 220 50.07 15.35 53.27
C ASN A 220 49.08 14.69 52.33
N SER A 221 47.82 15.13 52.37
CA SER A 221 46.82 14.55 51.47
C SER A 221 47.14 14.86 50.02
N SER A 222 47.80 16.01 49.77
CA SER A 222 48.12 16.40 48.41
C SER A 222 49.30 15.67 47.77
N LEU A 223 50.23 15.11 48.52
CA LEU A 223 51.33 14.41 47.84
C LEU A 223 51.23 12.93 48.05
N THR A 224 50.79 12.52 49.23
CA THR A 224 50.65 11.12 49.55
C THR A 224 49.27 10.61 49.23
N GLY A 225 48.29 11.50 49.02
CA GLY A 225 46.98 10.99 48.73
C GLY A 225 46.27 10.47 49.95
N GLU A 226 46.91 10.55 51.12
CA GLU A 226 46.35 10.06 52.36
C GLU A 226 46.24 11.10 53.45
N SER A 227 45.10 11.02 54.16
CA SER A 227 44.72 11.87 55.28
C SER A 227 45.52 11.45 56.51
N GLU A 228 46.60 10.70 56.30
CA GLU A 228 47.43 10.22 57.40
C GLU A 228 48.22 11.34 58.04
N PRO A 229 48.09 11.53 59.35
CA PRO A 229 48.82 12.61 60.05
C PRO A 229 50.31 12.34 60.24
N GLN A 230 51.14 12.74 59.29
CA GLN A 230 52.57 12.52 59.41
C GLN A 230 53.16 13.57 60.35
N THR A 231 54.02 13.12 61.26
CA THR A 231 54.64 14.04 62.21
C THR A 231 55.92 14.59 61.60
N ARG A 232 56.17 15.87 61.85
CA ARG A 232 57.35 16.55 61.34
C ARG A 232 58.36 16.70 62.48
N SER A 233 59.49 16.03 62.37
CA SER A 233 60.53 16.08 63.38
C SER A 233 61.78 16.74 62.80
N PRO A 234 62.55 17.46 63.63
CA PRO A 234 63.76 18.11 63.10
C PRO A 234 64.80 17.13 62.60
N GLU A 235 64.77 15.88 63.06
CA GLU A 235 65.74 14.89 62.62
C GLU A 235 65.35 14.36 61.24
N PHE A 236 66.34 13.76 60.56
CA PHE A 236 66.14 13.20 59.24
C PHE A 236 65.81 11.71 59.38
N SER A 237 64.99 11.20 58.45
CA SER A 237 64.64 9.78 58.57
C SER A 237 64.55 8.98 57.28
N SER A 238 64.53 9.59 56.09
CA SER A 238 64.46 8.77 54.89
C SER A 238 65.20 9.46 53.75
N GLU A 239 65.80 8.64 52.88
CA GLU A 239 66.53 9.18 51.74
C GLU A 239 65.62 9.91 50.77
N ASN A 240 64.33 9.59 50.76
CA ASN A 240 63.37 10.24 49.89
C ASN A 240 62.85 11.49 50.59
N PRO A 241 62.98 12.68 49.98
CA PRO A 241 62.49 13.89 50.64
C PRO A 241 61.01 13.87 50.97
N LEU A 242 60.19 13.17 50.20
CA LEU A 242 58.76 13.12 50.49
C LEU A 242 58.46 12.29 51.73
N GLU A 243 59.36 11.39 52.13
CA GLU A 243 59.17 10.55 53.29
C GLU A 243 59.78 11.10 54.57
N THR A 244 60.81 11.95 54.48
CA THR A 244 61.42 12.48 55.69
C THR A 244 60.44 13.41 56.42
N ARG A 245 60.78 13.71 57.67
CA ARG A 245 59.96 14.56 58.52
C ARG A 245 60.52 15.98 58.71
N ASN A 246 61.79 16.21 58.39
CA ASN A 246 62.38 17.54 58.55
C ASN A 246 62.00 18.50 57.45
N ILE A 247 60.94 18.23 56.69
CA ILE A 247 60.53 19.12 55.62
C ILE A 247 59.02 19.28 55.59
N ALA A 248 58.56 20.52 55.63
CA ALA A 248 57.14 20.81 55.58
C ALA A 248 56.92 21.17 54.12
N PHE A 249 55.74 20.89 53.60
CA PHE A 249 55.51 21.19 52.20
C PHE A 249 54.34 22.13 51.97
N PHE A 250 54.51 23.03 51.00
CA PHE A 250 53.43 23.95 50.68
C PHE A 250 52.26 23.04 50.29
N SER A 251 51.04 23.55 50.35
CA SER A 251 49.81 22.81 50.01
C SER A 251 49.39 21.83 51.10
N THR A 252 49.94 21.93 52.30
CA THR A 252 49.54 21.01 53.35
C THR A 252 49.21 21.85 54.56
N ASN A 253 48.73 21.21 55.60
CA ASN A 253 48.36 21.92 56.81
C ASN A 253 48.85 21.22 58.07
N CYS A 254 49.19 22.01 59.07
CA CYS A 254 49.67 21.49 60.34
C CYS A 254 48.42 21.20 61.15
N VAL A 255 48.11 19.91 61.30
CA VAL A 255 46.93 19.48 62.03
C VAL A 255 47.04 19.77 63.52
N GLU A 256 48.20 19.49 64.13
CA GLU A 256 48.35 19.74 65.55
C GLU A 256 49.81 19.98 65.89
N GLY A 257 50.02 20.81 66.90
CA GLY A 257 51.35 21.15 67.34
C GLY A 257 51.87 22.41 66.70
N THR A 258 53.07 22.78 67.11
CA THR A 258 53.73 23.98 66.60
C THR A 258 55.13 23.61 66.17
N ALA A 259 55.64 24.35 65.19
CA ALA A 259 56.99 24.07 64.72
C ALA A 259 57.64 25.31 64.14
N ARG A 260 58.95 25.21 63.96
CA ARG A 260 59.79 26.26 63.41
C ARG A 260 60.51 25.71 62.19
N GLY A 261 60.97 26.58 61.32
CA GLY A 261 61.66 26.09 60.14
C GLY A 261 62.19 27.21 59.28
N VAL A 262 63.18 26.84 58.49
CA VAL A 262 63.84 27.76 57.56
C VAL A 262 63.16 27.53 56.22
N VAL A 263 63.04 28.58 55.42
CA VAL A 263 62.39 28.49 54.12
C VAL A 263 63.40 28.09 53.06
N VAL A 264 63.18 26.91 52.48
CA VAL A 264 64.06 26.38 51.44
C VAL A 264 63.44 26.62 50.07
N TYR A 265 62.11 26.68 49.97
CA TYR A 265 61.52 26.91 48.66
C TYR A 265 60.28 27.80 48.74
N THR A 266 60.12 28.71 47.77
CA THR A 266 58.97 29.60 47.76
C THR A 266 58.53 29.87 46.32
N GLY A 267 57.24 30.21 46.17
CA GLY A 267 56.68 30.52 44.87
C GLY A 267 56.44 29.28 44.02
N ASP A 268 56.53 29.48 42.69
CA ASP A 268 56.35 28.39 41.73
C ASP A 268 57.31 27.24 41.96
N ARG A 269 58.28 27.41 42.86
CA ARG A 269 59.27 26.38 43.15
C ARG A 269 58.85 25.46 44.28
N THR A 270 57.77 25.75 45.00
CA THR A 270 57.38 24.86 46.07
C THR A 270 56.87 23.55 45.45
N VAL A 271 56.60 22.57 46.30
CA VAL A 271 56.09 21.29 45.79
C VAL A 271 54.75 21.55 45.10
N MET A 272 53.80 22.12 45.85
CA MET A 272 52.51 22.44 45.27
C MET A 272 52.65 23.35 44.08
N GLY A 273 53.83 23.95 43.91
CA GLY A 273 54.09 24.85 42.82
C GLY A 273 54.32 24.01 41.60
N ARG A 274 55.05 22.90 41.73
CA ARG A 274 55.22 22.12 40.51
C ARG A 274 53.93 21.40 40.20
N ILE A 275 53.09 21.14 41.21
CA ILE A 275 51.83 20.46 40.96
C ILE A 275 50.89 21.37 40.18
N ALA A 276 50.72 22.62 40.64
CA ALA A 276 49.83 23.54 39.95
C ALA A 276 50.38 23.95 38.58
N THR A 277 51.69 24.24 38.50
CA THR A 277 52.23 24.63 37.20
C THR A 277 52.13 23.47 36.21
N LEU A 278 52.28 22.23 36.68
CA LEU A 278 52.16 21.09 35.78
C LEU A 278 50.73 20.89 35.33
N ALA A 279 49.76 21.12 36.23
CA ALA A 279 48.37 20.95 35.85
C ALA A 279 47.95 21.99 34.81
N SER A 280 48.28 23.26 35.05
CA SER A 280 47.91 24.30 34.10
C SER A 280 48.65 24.18 32.76
N GLY A 281 49.86 23.58 32.77
CA GLY A 281 50.65 23.46 31.57
C GLY A 281 50.32 22.39 30.54
N LEU A 282 49.74 21.26 30.95
CA LEU A 282 49.42 20.20 29.99
C LEU A 282 48.57 20.50 28.77
N GLU A 283 49.23 20.62 27.60
CA GLU A 283 48.54 20.87 26.33
C GLU A 283 47.32 19.95 26.26
N VAL A 284 46.17 20.52 25.96
CA VAL A 284 44.91 19.77 25.88
C VAL A 284 44.96 18.58 24.92
N GLY A 285 45.02 18.85 23.62
CA GLY A 285 45.05 17.79 22.61
C GLY A 285 43.79 17.65 21.79
N ARG A 286 43.51 16.47 21.25
CA ARG A 286 42.31 16.30 20.42
C ARG A 286 41.62 14.95 20.64
N THR A 287 40.47 14.97 21.33
CA THR A 287 39.62 13.82 21.66
C THR A 287 39.32 12.93 20.46
N PRO A 288 39.10 11.62 20.67
CA PRO A 288 38.81 10.72 19.53
C PRO A 288 37.71 11.18 18.57
N ILE A 289 36.58 11.64 19.09
CA ILE A 289 35.48 12.08 18.23
C ILE A 289 35.94 13.26 17.36
N ALA A 290 36.90 14.06 17.84
CA ALA A 290 37.38 15.18 17.04
C ALA A 290 38.17 14.68 15.84
N ILE A 291 39.02 13.67 16.07
CA ILE A 291 39.82 13.11 14.99
C ILE A 291 38.90 12.49 13.96
N GLU A 292 37.78 11.94 14.43
CA GLU A 292 36.84 11.32 13.50
C GLU A 292 36.13 12.40 12.69
N ILE A 293 35.79 13.53 13.31
CA ILE A 293 35.12 14.58 12.55
C ILE A 293 36.07 15.18 11.52
N GLU A 294 37.38 15.11 11.76
CA GLU A 294 38.34 15.66 10.79
C GLU A 294 38.45 14.77 9.55
N HIS A 295 38.55 13.45 9.79
CA HIS A 295 38.69 12.47 8.71
C HIS A 295 37.60 12.60 7.62
N PHE A 296 36.35 12.88 8.00
CA PHE A 296 35.37 12.96 6.94
C PHE A 296 35.33 14.34 6.30
N ILE A 297 35.76 15.41 7.00
CA ILE A 297 35.72 16.68 6.28
C ILE A 297 36.74 16.56 5.17
N HIS A 298 37.77 15.74 5.41
CA HIS A 298 38.81 15.55 4.39
C HIS A 298 38.24 14.82 3.18
N ILE A 299 37.46 13.75 3.42
CA ILE A 299 36.90 13.02 2.27
C ILE A 299 35.89 13.88 1.51
N ILE A 300 34.95 14.50 2.24
CA ILE A 300 33.93 15.34 1.62
C ILE A 300 34.58 16.43 0.77
N THR A 301 35.62 17.08 1.30
CA THR A 301 36.28 18.12 0.52
C THR A 301 36.95 17.53 -0.71
N GLY A 302 37.42 16.28 -0.59
CA GLY A 302 38.04 15.64 -1.74
C GLY A 302 37.08 15.59 -2.91
N VAL A 303 35.89 15.02 -2.69
CA VAL A 303 34.95 14.95 -3.80
C VAL A 303 34.45 16.33 -4.22
N ALA A 304 34.50 17.31 -3.32
CA ALA A 304 34.01 18.65 -3.69
C ALA A 304 34.97 19.34 -4.65
N VAL A 305 36.28 19.31 -4.35
CA VAL A 305 37.21 19.96 -5.25
C VAL A 305 37.33 19.16 -6.55
N PHE A 306 37.28 17.82 -6.46
CA PHE A 306 37.39 17.02 -7.67
C PHE A 306 36.27 17.38 -8.64
N LEU A 307 35.05 17.55 -8.13
CA LEU A 307 33.96 17.89 -9.04
C LEU A 307 34.02 19.36 -9.47
N GLY A 308 34.43 20.26 -8.57
CA GLY A 308 34.50 21.68 -8.91
C GLY A 308 35.56 22.12 -9.91
N VAL A 309 36.84 21.94 -9.59
CA VAL A 309 37.89 22.37 -10.53
C VAL A 309 37.69 21.73 -11.90
N SER A 310 37.21 20.49 -11.91
CA SER A 310 37.01 19.76 -13.16
C SER A 310 35.85 20.34 -13.96
N PHE A 311 34.68 20.53 -13.35
CA PHE A 311 33.65 21.09 -14.20
C PHE A 311 33.87 22.56 -14.52
N PHE A 312 34.72 23.27 -13.76
CA PHE A 312 34.93 24.67 -14.14
C PHE A 312 35.77 24.70 -15.42
N ILE A 313 36.74 23.78 -15.50
CA ILE A 313 37.58 23.74 -16.69
C ILE A 313 36.72 23.25 -17.85
N LEU A 314 35.77 22.36 -17.56
CA LEU A 314 34.89 21.83 -18.59
C LEU A 314 33.97 22.93 -19.11
N SER A 315 33.43 23.74 -18.21
CA SER A 315 32.55 24.83 -18.63
C SER A 315 33.27 25.73 -19.60
N LEU A 316 34.56 26.02 -19.36
CA LEU A 316 35.12 26.88 -20.40
C LEU A 316 35.63 26.08 -21.59
N ILE A 317 35.66 24.74 -21.52
CA ILE A 317 36.12 24.01 -22.69
C ILE A 317 34.94 23.88 -23.65
N LEU A 318 33.72 24.15 -23.17
CA LEU A 318 32.52 24.08 -23.98
C LEU A 318 31.99 25.45 -24.42
N GLY A 319 32.67 26.54 -24.09
CA GLY A 319 32.23 27.88 -24.47
C GLY A 319 31.33 28.63 -23.52
N TYR A 320 31.15 28.16 -22.29
CA TYR A 320 30.30 28.84 -21.32
C TYR A 320 30.89 30.19 -20.91
N SER A 321 30.05 31.22 -20.82
CA SER A 321 30.53 32.53 -20.42
C SER A 321 30.78 32.56 -18.91
N TRP A 322 31.32 33.68 -18.41
CA TRP A 322 31.62 33.82 -16.97
C TRP A 322 30.41 33.88 -16.05
N LEU A 323 29.34 34.57 -16.46
CA LEU A 323 28.23 34.62 -15.50
C LEU A 323 27.48 33.29 -15.40
N GLU A 324 27.74 32.33 -16.27
CA GLU A 324 27.07 31.05 -16.15
C GLU A 324 27.92 30.11 -15.32
N ALA A 325 29.23 30.11 -15.59
CA ALA A 325 30.15 29.27 -14.85
C ALA A 325 30.15 29.60 -13.37
N VAL A 326 29.97 30.88 -13.02
CA VAL A 326 29.95 31.21 -11.59
C VAL A 326 28.76 30.54 -10.92
N ILE A 327 27.61 30.56 -11.60
CA ILE A 327 26.40 29.94 -11.05
C ILE A 327 26.61 28.45 -10.89
N PHE A 328 27.33 27.85 -11.84
CA PHE A 328 27.60 26.43 -11.77
C PHE A 328 28.39 26.19 -10.49
N LEU A 329 29.63 26.69 -10.47
CA LEU A 329 30.54 26.57 -9.32
C LEU A 329 29.78 26.62 -7.99
N ILE A 330 28.88 27.62 -7.86
CA ILE A 330 28.10 27.76 -6.63
C ILE A 330 27.21 26.54 -6.41
N GLY A 331 26.39 26.20 -7.41
CA GLY A 331 25.52 25.04 -7.28
C GLY A 331 26.24 23.78 -6.87
N ILE A 332 27.43 23.54 -7.45
CA ILE A 332 28.19 22.33 -7.14
C ILE A 332 28.75 22.38 -5.72
N ILE A 333 29.21 23.55 -5.27
CA ILE A 333 29.75 23.62 -3.92
C ILE A 333 28.65 23.39 -2.89
N VAL A 334 27.49 24.01 -3.08
CA VAL A 334 26.40 23.80 -2.13
C VAL A 334 25.93 22.36 -2.16
N ALA A 335 25.79 21.78 -3.36
CA ALA A 335 25.36 20.40 -3.49
C ALA A 335 26.24 19.43 -2.71
N ASN A 336 27.57 19.60 -2.78
CA ASN A 336 28.47 18.69 -2.07
C ASN A 336 28.53 18.89 -0.55
N VAL A 337 28.49 20.13 -0.06
CA VAL A 337 28.57 20.35 1.38
C VAL A 337 27.29 20.08 2.16
N PRO A 338 27.32 19.17 3.16
CA PRO A 338 26.12 18.90 3.96
C PRO A 338 26.03 20.00 5.00
N GLU A 339 25.39 21.10 4.61
CA GLU A 339 25.20 22.30 5.43
C GLU A 339 24.57 22.10 6.80
N GLY A 340 23.99 20.93 7.07
CA GLY A 340 23.35 20.67 8.35
C GLY A 340 23.92 19.60 9.26
N LEU A 341 24.90 18.83 8.79
CA LEU A 341 25.50 17.75 9.56
C LEU A 341 26.12 18.13 10.91
N LEU A 342 27.29 18.76 10.92
CA LEU A 342 27.97 19.16 12.16
C LEU A 342 27.03 19.64 13.28
N ALA A 343 25.99 20.42 12.93
CA ALA A 343 25.06 20.87 13.96
C ALA A 343 24.21 19.73 14.47
N THR A 344 24.01 18.71 13.64
CA THR A 344 23.22 17.56 14.04
C THR A 344 24.03 16.80 15.07
N VAL A 345 25.30 16.57 14.76
CA VAL A 345 26.18 15.86 15.69
C VAL A 345 26.18 16.57 17.05
N THR A 346 26.39 17.89 17.03
CA THR A 346 26.40 18.65 18.29
C THR A 346 25.13 18.46 19.10
N VAL A 347 23.98 18.32 18.43
CA VAL A 347 22.74 18.12 19.18
C VAL A 347 22.71 16.71 19.74
N CYS A 348 22.86 15.73 18.85
CA CYS A 348 22.89 14.32 19.23
C CYS A 348 23.66 14.11 20.54
N LEU A 349 24.90 14.64 20.55
CA LEU A 349 25.76 14.54 21.72
C LEU A 349 25.16 15.26 22.93
N THR A 350 24.40 16.34 22.69
CA THR A 350 23.82 17.04 23.83
C THR A 350 22.70 16.22 24.46
N LEU A 351 21.95 15.51 23.61
CA LEU A 351 20.86 14.68 24.10
C LEU A 351 21.41 13.56 24.96
N THR A 352 22.45 12.88 24.48
CA THR A 352 23.00 11.81 25.32
C THR A 352 23.62 12.35 26.60
N ALA A 353 24.03 13.63 26.61
CA ALA A 353 24.60 14.09 27.87
C ALA A 353 23.48 14.32 28.87
N LYS A 354 22.29 14.65 28.37
CA LYS A 354 21.19 14.84 29.31
C LYS A 354 20.74 13.49 29.87
N ARG A 355 20.85 12.44 29.03
CA ARG A 355 20.45 11.12 29.52
C ARG A 355 21.42 10.66 30.60
N MET A 356 22.70 11.02 30.43
CA MET A 356 23.67 10.64 31.43
C MET A 356 23.40 11.39 32.72
N ALA A 357 23.03 12.68 32.62
CA ALA A 357 22.76 13.38 33.87
C ALA A 357 21.55 12.79 34.56
N ARG A 358 20.69 12.09 33.81
CA ARG A 358 19.54 11.47 34.47
C ARG A 358 20.00 10.21 35.17
N LYS A 359 21.07 9.60 34.68
CA LYS A 359 21.61 8.38 35.27
C LYS A 359 22.70 8.67 36.31
N ASN A 360 22.80 9.93 36.74
CA ASN A 360 23.74 10.49 37.72
C ASN A 360 25.15 10.79 37.24
N CYS A 361 25.40 10.85 35.93
CA CYS A 361 26.74 11.13 35.41
C CYS A 361 26.71 12.51 34.76
N LEU A 362 27.39 13.50 35.33
CA LEU A 362 27.39 14.82 34.72
C LEU A 362 28.71 14.99 33.97
N VAL A 363 28.62 15.45 32.72
CA VAL A 363 29.78 15.66 31.86
C VAL A 363 30.03 17.14 31.67
N LYS A 364 31.28 17.55 31.88
CA LYS A 364 31.65 18.96 31.71
C LYS A 364 31.88 19.31 30.24
N ASN A 365 32.69 18.50 29.54
CA ASN A 365 33.01 18.74 28.12
C ASN A 365 32.23 17.80 27.21
N LEU A 366 31.36 18.37 26.37
CA LEU A 366 30.52 17.66 25.39
C LEU A 366 31.10 16.40 24.76
N GLU A 367 32.37 16.42 24.33
CA GLU A 367 32.93 15.25 23.69
C GLU A 367 33.32 14.14 24.66
N ALA A 368 33.36 14.41 25.97
CA ALA A 368 33.72 13.33 26.88
C ALA A 368 32.65 12.24 26.86
N VAL A 369 31.47 12.57 26.34
CA VAL A 369 30.36 11.64 26.23
C VAL A 369 30.76 10.41 25.41
N GLU A 370 31.59 10.62 24.39
CA GLU A 370 32.04 9.54 23.52
C GLU A 370 33.34 8.90 23.98
N THR A 371 34.22 9.67 24.65
CA THR A 371 35.49 9.12 25.11
C THR A 371 35.30 7.89 26.01
N LEU A 372 34.19 7.84 26.75
CA LEU A 372 33.93 6.70 27.64
C LEU A 372 33.76 5.40 26.89
N GLY A 373 33.03 5.40 25.77
CA GLY A 373 32.83 4.17 25.03
C GLY A 373 34.14 3.62 24.48
N SER A 374 34.99 4.49 23.97
CA SER A 374 36.28 4.11 23.42
C SER A 374 37.31 3.77 24.49
N THR A 375 36.91 3.63 25.75
CA THR A 375 37.83 3.32 26.83
C THR A 375 38.07 1.82 26.96
N SER A 376 39.32 1.46 27.29
CA SER A 376 39.73 0.07 27.46
C SER A 376 40.58 -0.14 28.70
N THR A 377 40.74 0.87 29.55
CA THR A 377 41.55 0.74 30.77
C THR A 377 41.01 1.70 31.82
N ILE A 378 40.72 1.18 33.02
CA ILE A 378 40.20 1.98 34.12
C ILE A 378 41.05 1.81 35.38
N CYS A 379 41.32 2.92 36.05
CA CYS A 379 42.10 2.99 37.29
C CYS A 379 41.15 3.50 38.37
N SER A 380 40.46 2.59 39.03
CA SER A 380 39.52 2.98 40.08
C SER A 380 40.07 2.69 41.46
N ASP A 381 39.34 3.19 42.45
CA ASP A 381 39.65 3.04 43.85
C ASP A 381 38.58 2.15 44.48
N LYS A 382 38.90 1.61 45.64
CA LYS A 382 37.99 0.73 46.35
C LYS A 382 37.26 1.44 47.47
N THR A 383 37.93 2.31 48.20
CA THR A 383 37.29 3.02 49.29
C THR A 383 36.34 4.09 48.74
N GLY A 384 35.09 4.01 49.18
CA GLY A 384 34.01 4.91 48.82
C GLY A 384 33.46 4.82 47.41
N THR A 385 33.76 3.75 46.65
CA THR A 385 33.22 3.66 45.30
C THR A 385 32.65 2.25 45.14
N LEU A 386 33.51 1.24 45.21
CA LEU A 386 33.03 -0.13 45.10
C LEU A 386 32.32 -0.51 46.39
N THR A 387 33.00 -0.28 47.51
CA THR A 387 32.51 -0.56 48.84
C THR A 387 31.58 0.59 49.25
N GLN A 388 30.94 0.43 50.40
CA GLN A 388 30.03 1.44 50.91
C GLN A 388 30.63 2.27 52.04
N ASN A 389 31.83 1.94 52.48
CA ASN A 389 32.55 2.63 53.55
C ASN A 389 31.79 2.63 54.88
N ARG A 390 30.51 2.27 54.89
CA ARG A 390 29.74 2.23 56.14
C ARG A 390 30.17 0.94 56.83
N MET A 391 30.98 1.09 57.87
CA MET A 391 31.54 -0.01 58.65
C MET A 391 30.73 -0.48 59.85
N THR A 392 30.72 -1.80 60.05
CA THR A 392 30.04 -2.49 61.13
C THR A 392 31.02 -3.51 61.73
N VAL A 393 31.00 -3.66 63.04
CA VAL A 393 31.89 -4.58 63.78
C VAL A 393 31.44 -6.02 63.55
N ALA A 394 32.24 -6.81 62.82
CA ALA A 394 31.94 -8.20 62.52
C ALA A 394 32.49 -9.26 63.48
N HIS A 395 33.83 -9.35 63.62
CA HIS A 395 34.46 -10.34 64.50
C HIS A 395 35.39 -9.71 65.54
N MET A 396 35.66 -10.48 66.61
CA MET A 396 36.53 -10.03 67.69
C MET A 396 37.40 -11.15 68.25
N TRP A 397 38.65 -10.82 68.59
CA TRP A 397 39.61 -11.76 69.14
C TRP A 397 39.89 -11.45 70.61
N PHE A 398 39.81 -12.47 71.47
CA PHE A 398 40.07 -12.34 72.89
C PHE A 398 40.03 -13.71 73.54
N ASP A 399 40.92 -13.94 74.50
CA ASP A 399 41.05 -15.21 75.22
C ASP A 399 41.26 -16.36 74.23
N ASN A 400 42.23 -16.17 73.34
CA ASN A 400 42.59 -17.15 72.30
C ASN A 400 41.33 -17.81 71.73
N GLN A 401 40.38 -16.96 71.33
CA GLN A 401 39.14 -17.48 70.79
C GLN A 401 38.43 -16.44 69.94
N ILE A 402 38.02 -16.83 68.74
CA ILE A 402 37.33 -15.95 67.82
C ILE A 402 35.87 -15.87 68.24
N HIS A 403 35.35 -14.66 68.34
CA HIS A 403 33.96 -14.42 68.73
C HIS A 403 33.28 -13.67 67.59
N GLU A 404 32.02 -14.03 67.34
CA GLU A 404 31.25 -13.39 66.28
C GLU A 404 30.17 -12.50 66.88
N ALA A 405 29.96 -11.35 66.26
CA ALA A 405 28.97 -10.38 66.70
C ALA A 405 27.84 -10.31 65.68
N ASP A 406 26.68 -9.87 66.15
CA ASP A 406 25.51 -9.75 65.29
C ASP A 406 25.67 -8.53 64.38
N THR A 407 25.66 -8.76 63.07
CA THR A 407 25.80 -7.71 62.07
C THR A 407 24.54 -7.61 61.21
N THR A 408 23.37 -7.62 61.85
CA THR A 408 22.10 -7.55 61.13
C THR A 408 21.28 -6.35 61.61
N GLU A 409 20.72 -5.64 60.62
CA GLU A 409 19.89 -4.45 60.78
C GLU A 409 18.98 -4.43 62.01
N ASN A 410 18.07 -5.41 62.12
CA ASN A 410 17.14 -5.45 63.24
C ASN A 410 17.68 -6.16 64.48
N GLN A 411 18.96 -6.56 64.49
CA GLN A 411 19.57 -7.23 65.63
C GLN A 411 18.76 -8.48 66.04
N SER A 412 18.77 -9.45 65.14
CA SER A 412 18.06 -10.72 65.35
C SER A 412 19.09 -11.84 65.19
N GLY A 413 19.84 -12.11 66.26
CA GLY A 413 20.82 -13.17 66.17
C GLY A 413 21.34 -13.74 67.47
N ALA A 414 22.65 -14.01 67.51
CA ALA A 414 23.33 -14.58 68.68
C ALA A 414 24.28 -13.61 69.36
N ALA A 415 24.19 -13.56 70.70
CA ALA A 415 25.07 -12.68 71.47
C ALA A 415 26.48 -13.32 71.49
N PHE A 416 27.47 -12.59 72.01
CA PHE A 416 28.82 -13.15 72.02
C PHE A 416 29.37 -13.50 73.40
N ASP A 417 28.53 -13.87 74.37
CA ASP A 417 29.05 -14.23 75.69
C ASP A 417 29.72 -13.08 76.45
N LYS A 418 28.93 -12.10 76.89
CA LYS A 418 29.45 -10.95 77.62
C LYS A 418 29.66 -11.20 79.11
N THR A 419 30.37 -12.28 79.47
CA THR A 419 30.59 -12.58 80.88
C THR A 419 32.04 -12.58 81.35
N SER A 420 33.01 -12.36 80.46
CA SER A 420 34.41 -12.35 80.89
C SER A 420 34.90 -10.93 81.15
N ALA A 421 35.97 -10.82 81.95
CA ALA A 421 36.52 -9.51 82.25
C ALA A 421 37.25 -8.95 81.04
N THR A 422 37.80 -9.84 80.22
CA THR A 422 38.52 -9.44 79.02
C THR A 422 37.63 -8.53 78.16
N TRP A 423 36.39 -8.97 77.93
CA TRP A 423 35.46 -8.18 77.13
C TRP A 423 35.25 -6.80 77.74
N SER A 424 35.16 -6.71 79.07
CA SER A 424 34.97 -5.42 79.71
C SER A 424 36.17 -4.51 79.42
N ALA A 425 37.38 -5.05 79.58
CA ALA A 425 38.56 -4.25 79.31
C ALA A 425 38.57 -3.80 77.85
N LEU A 426 38.10 -4.68 76.95
CA LEU A 426 38.04 -4.34 75.53
C LEU A 426 37.07 -3.20 75.31
N SER A 427 35.93 -3.25 75.99
CA SER A 427 34.94 -2.21 75.86
C SER A 427 35.50 -0.88 76.34
N ARG A 428 36.32 -0.92 77.40
CA ARG A 428 36.89 0.32 77.89
C ARG A 428 37.93 0.87 76.91
N ILE A 429 38.72 -0.02 76.30
CA ILE A 429 39.73 0.42 75.35
C ILE A 429 39.06 1.09 74.15
N ALA A 430 38.15 0.37 73.49
CA ALA A 430 37.47 0.92 72.31
C ALA A 430 36.61 2.14 72.65
N ALA A 431 35.81 2.08 73.72
CA ALA A 431 34.95 3.20 74.08
C ALA A 431 35.73 4.44 74.50
N LEU A 432 36.95 4.29 75.02
CA LEU A 432 37.70 5.46 75.43
C LEU A 432 38.58 5.99 74.30
N CYS A 433 39.45 5.14 73.75
CA CYS A 433 40.34 5.53 72.66
C CYS A 433 39.53 5.59 71.36
N ASN A 434 38.66 6.60 71.29
CA ASN A 434 37.78 6.84 70.15
C ASN A 434 37.26 8.27 70.33
N ARG A 435 37.34 9.08 69.27
CA ARG A 435 36.89 10.47 69.31
C ARG A 435 35.53 10.74 68.68
N ALA A 436 34.86 9.77 68.07
CA ALA A 436 33.56 10.06 67.46
C ALA A 436 32.43 10.02 68.48
N VAL A 437 31.36 10.77 68.19
CA VAL A 437 30.19 10.85 69.06
C VAL A 437 28.94 11.01 68.21
N PHE A 438 27.85 10.37 68.66
CA PHE A 438 26.57 10.45 67.95
C PHE A 438 26.19 11.91 67.71
N GLN A 439 25.53 12.16 66.59
CA GLN A 439 25.11 13.52 66.27
C GLN A 439 23.97 13.95 67.17
N ALA A 440 24.05 15.17 67.69
CA ALA A 440 23.00 15.71 68.56
C ALA A 440 21.62 15.39 68.02
N GLY A 441 20.65 15.15 68.90
CA GLY A 441 19.30 14.84 68.48
C GLY A 441 18.98 13.55 67.75
N GLN A 442 19.53 12.42 68.21
CA GLN A 442 19.28 11.12 67.60
C GLN A 442 18.62 10.18 68.61
N ASP A 443 18.22 10.72 69.75
CA ASP A 443 17.57 10.05 70.86
C ASP A 443 16.38 9.18 70.44
N ASN A 444 15.92 9.33 69.19
CA ASN A 444 14.79 8.58 68.67
C ASN A 444 15.14 7.41 67.76
N VAL A 445 16.04 7.59 66.80
CA VAL A 445 16.41 6.51 65.89
C VAL A 445 17.03 5.33 66.63
N PRO A 446 17.25 4.18 65.98
CA PRO A 446 17.84 3.04 66.66
C PRO A 446 19.35 3.22 66.77
N ILE A 447 19.97 2.32 67.53
CA ILE A 447 21.43 2.37 67.74
C ILE A 447 22.24 2.19 66.47
N LEU A 448 21.73 1.48 65.48
CA LEU A 448 22.55 1.32 64.27
C LEU A 448 22.29 2.37 63.19
N LYS A 449 21.06 2.81 63.00
CA LYS A 449 20.76 3.81 61.97
C LYS A 449 21.04 5.27 62.37
N ARG A 450 21.63 5.56 63.53
CA ARG A 450 21.83 6.98 63.81
C ARG A 450 23.12 7.51 63.18
N SER A 451 23.16 8.83 63.05
CA SER A 451 24.29 9.56 62.46
C SER A 451 25.43 9.71 63.46
N VAL A 452 26.65 9.38 63.03
CA VAL A 452 27.83 9.49 63.86
C VAL A 452 28.88 10.29 63.12
N ALA A 453 29.38 11.35 63.76
CA ALA A 453 30.39 12.24 63.18
C ALA A 453 31.79 11.67 63.43
N GLY A 454 32.44 11.19 62.38
CA GLY A 454 33.77 10.64 62.51
C GLY A 454 34.05 9.63 61.42
N ASP A 455 35.19 8.95 61.57
CA ASP A 455 35.58 7.94 60.62
C ASP A 455 34.63 6.75 60.72
N ALA A 456 34.67 5.86 59.72
CA ALA A 456 33.78 4.71 59.77
C ALA A 456 34.24 3.64 60.75
N SER A 457 35.52 3.65 61.13
CA SER A 457 36.00 2.64 62.06
C SER A 457 35.61 3.03 63.48
N GLU A 458 35.85 4.30 63.84
CA GLU A 458 35.48 4.73 65.17
C GLU A 458 33.96 4.68 65.32
N SER A 459 33.24 4.89 64.21
CA SER A 459 31.79 4.84 64.27
C SER A 459 31.32 3.41 64.51
N ALA A 460 31.91 2.43 63.80
CA ALA A 460 31.50 1.05 63.99
C ALA A 460 31.81 0.60 65.41
N LEU A 461 32.98 0.99 65.94
CA LEU A 461 33.34 0.60 67.30
C LEU A 461 32.39 1.25 68.31
N LEU A 462 32.09 2.54 68.11
CA LEU A 462 31.19 3.24 69.01
C LEU A 462 29.82 2.58 69.01
N LYS A 463 29.33 2.18 67.85
CA LYS A 463 28.02 1.54 67.78
C LYS A 463 28.02 0.18 68.47
N CYS A 464 29.10 -0.60 68.31
CA CYS A 464 29.10 -1.91 68.98
C CYS A 464 29.16 -1.76 70.50
N ILE A 465 29.93 -0.78 70.98
CA ILE A 465 30.02 -0.59 72.43
C ILE A 465 28.70 -0.04 72.96
N GLU A 466 28.09 0.90 72.22
CA GLU A 466 26.82 1.46 72.66
C GLU A 466 25.71 0.42 72.56
N LEU A 467 25.95 -0.64 71.77
CA LEU A 467 24.97 -1.69 71.59
C LEU A 467 24.95 -2.67 72.75
N CYS A 468 26.10 -3.25 73.12
CA CYS A 468 26.05 -4.19 74.24
C CYS A 468 26.81 -3.74 75.48
N CYS A 469 26.99 -2.43 75.66
CA CYS A 469 27.69 -1.93 76.84
C CYS A 469 27.02 -0.67 77.37
N GLY A 470 25.83 -0.34 76.88
CA GLY A 470 25.10 0.84 77.30
C GLY A 470 25.76 2.13 76.83
N SER A 471 25.14 3.24 77.26
CA SER A 471 25.56 4.60 76.94
C SER A 471 27.06 4.89 77.04
N VAL A 472 27.68 5.16 75.89
CA VAL A 472 29.10 5.47 75.86
C VAL A 472 29.37 6.85 76.46
N GLN A 473 28.40 7.77 76.36
CA GLN A 473 28.60 9.11 76.91
C GLN A 473 28.86 9.10 78.41
N GLY A 474 28.36 8.08 79.11
CA GLY A 474 28.60 8.05 80.54
C GLY A 474 29.84 7.23 80.76
N MET A 475 30.09 6.27 79.86
CA MET A 475 31.29 5.47 79.99
C MET A 475 32.50 6.36 79.81
N ARG A 476 32.34 7.41 78.99
CA ARG A 476 33.37 8.38 78.68
C ARG A 476 33.47 9.44 79.76
N ASP A 477 32.34 9.84 80.37
CA ASP A 477 32.53 10.84 81.40
C ASP A 477 32.98 10.19 82.71
N ARG A 478 32.84 8.87 82.81
CA ARG A 478 33.24 8.06 83.95
C ARG A 478 34.75 7.89 84.01
N ASN A 479 35.47 8.38 82.98
CA ASN A 479 36.93 8.26 82.89
C ASN A 479 37.40 9.47 82.10
N PRO A 480 37.87 10.53 82.78
CA PRO A 480 38.34 11.73 82.09
C PRO A 480 39.67 11.55 81.38
N LYS A 481 39.67 11.86 80.08
CA LYS A 481 40.85 11.75 79.23
C LYS A 481 41.84 12.88 79.56
N ILE A 482 43.05 12.51 79.99
CA ILE A 482 44.06 13.52 80.33
C ILE A 482 44.85 13.94 79.10
N VAL A 483 45.53 13.00 78.44
CA VAL A 483 46.32 13.38 77.27
C VAL A 483 46.17 12.35 76.16
N GLU A 484 45.98 12.84 74.93
CA GLU A 484 45.82 11.98 73.77
C GLU A 484 46.81 12.33 72.65
N ILE A 485 47.39 11.30 72.06
CA ILE A 485 48.32 11.45 70.95
C ILE A 485 47.56 10.85 69.78
N PRO A 486 47.00 11.71 68.92
CA PRO A 486 46.24 11.26 67.74
C PRO A 486 47.01 10.32 66.83
N PHE A 487 46.34 9.82 65.81
CA PHE A 487 46.97 8.89 64.89
C PHE A 487 48.10 9.58 64.14
N ASN A 488 49.19 8.86 63.98
CA ASN A 488 50.39 9.32 63.31
C ASN A 488 50.71 8.39 62.15
N SER A 489 51.12 8.96 61.02
CA SER A 489 51.44 8.12 59.87
C SER A 489 52.70 7.31 60.11
N THR A 490 53.54 7.75 61.06
CA THR A 490 54.76 7.05 61.40
C THR A 490 54.53 6.12 62.59
N ASN A 491 53.83 6.62 63.61
CA ASN A 491 53.54 5.81 64.79
C ASN A 491 52.54 4.71 64.46
N LYS A 492 51.63 4.99 63.52
CA LYS A 492 50.59 4.04 63.09
C LYS A 492 49.74 3.58 64.27
N TYR A 493 49.43 4.50 65.18
CA TYR A 493 48.63 4.18 66.36
C TYR A 493 48.01 5.43 67.00
N GLN A 494 46.94 5.20 67.76
CA GLN A 494 46.21 6.23 68.49
C GLN A 494 46.28 5.89 69.97
N LEU A 495 46.90 6.76 70.79
CA LEU A 495 46.99 6.43 72.22
C LEU A 495 46.51 7.58 73.11
N SER A 496 46.23 7.25 74.38
CA SER A 496 45.77 8.26 75.34
C SER A 496 45.76 7.70 76.77
N ILE A 497 46.00 8.61 77.73
CA ILE A 497 46.03 8.33 79.16
C ILE A 497 44.95 9.10 79.91
N HIS A 498 43.90 8.36 80.28
CA HIS A 498 42.72 8.77 81.02
C HIS A 498 42.85 8.37 82.49
N GLU A 499 42.01 8.99 83.33
CA GLU A 499 42.00 8.67 84.75
C GLU A 499 41.26 7.35 84.94
N ASN A 500 41.49 6.68 86.07
CA ASN A 500 40.84 5.41 86.34
C ASN A 500 39.67 5.60 87.31
N GLU A 501 38.48 5.18 86.89
CA GLU A 501 37.29 5.30 87.73
C GLU A 501 37.40 4.50 89.02
N LYS A 502 38.40 3.63 89.13
CA LYS A 502 38.61 2.82 90.32
C LYS A 502 38.64 3.67 91.57
N SER A 503 37.71 3.41 92.49
CA SER A 503 37.66 4.18 93.73
C SER A 503 38.74 3.73 94.71
N SER A 504 39.26 2.51 94.55
CA SER A 504 40.29 1.98 95.43
C SER A 504 41.66 1.99 94.75
N GLU A 505 41.73 2.37 93.48
CA GLU A 505 42.98 2.43 92.72
C GLU A 505 43.03 3.78 92.01
N SER A 506 43.72 4.75 92.62
CA SER A 506 43.84 6.09 92.04
C SER A 506 45.09 6.17 91.16
N ARG A 507 45.11 5.35 90.12
CA ARG A 507 46.23 5.30 89.18
C ARG A 507 45.79 5.89 87.84
N TYR A 508 46.62 5.70 86.82
CA TYR A 508 46.34 6.20 85.49
C TYR A 508 46.26 5.08 84.48
N LEU A 509 45.29 5.18 83.57
CA LEU A 509 45.07 4.19 82.54
C LEU A 509 45.57 4.70 81.19
N LEU A 510 46.21 3.80 80.43
CA LEU A 510 46.74 4.11 79.11
C LEU A 510 46.15 3.11 78.14
N VAL A 511 45.63 3.60 77.03
CA VAL A 511 45.04 2.73 76.02
C VAL A 511 45.58 3.15 74.67
N MET A 512 45.68 2.18 73.76
CA MET A 512 46.18 2.49 72.44
C MET A 512 45.67 1.43 71.47
N LYS A 513 45.37 1.88 70.26
CA LYS A 513 44.89 1.01 69.21
C LYS A 513 45.71 1.25 67.95
N GLY A 514 45.68 0.26 67.07
CA GLY A 514 46.44 0.39 65.84
C GLY A 514 46.52 -0.93 65.10
N ALA A 515 47.33 -0.93 64.04
CA ALA A 515 47.50 -2.13 63.24
C ALA A 515 47.97 -3.28 64.14
N PRO A 516 47.44 -4.49 63.95
CA PRO A 516 47.86 -5.61 64.83
C PRO A 516 49.34 -5.92 64.80
N GLU A 517 50.05 -5.67 63.70
CA GLU A 517 51.48 -5.97 63.69
C GLU A 517 52.24 -4.98 64.57
N ARG A 518 51.98 -3.69 64.38
CA ARG A 518 52.63 -2.65 65.17
C ARG A 518 52.33 -2.83 66.66
N ILE A 519 51.07 -3.07 66.99
CA ILE A 519 50.70 -3.25 68.40
C ILE A 519 51.30 -4.54 68.94
N LEU A 520 51.43 -5.58 68.11
CA LEU A 520 52.01 -6.82 68.61
C LEU A 520 53.45 -6.58 69.00
N ASP A 521 54.14 -5.71 68.27
CA ASP A 521 55.53 -5.43 68.61
C ASP A 521 55.68 -4.59 69.88
N ARG A 522 54.58 -4.04 70.43
CA ARG A 522 54.65 -3.22 71.65
C ARG A 522 54.04 -3.85 72.91
N CYS A 523 54.13 -5.16 73.10
CA CYS A 523 53.56 -5.74 74.30
C CYS A 523 54.43 -6.88 74.83
N SER A 524 54.09 -7.32 76.04
CA SER A 524 54.81 -8.41 76.69
C SER A 524 53.91 -9.23 77.59
N THR A 525 52.63 -8.90 77.70
CA THR A 525 51.66 -9.60 78.52
C THR A 525 50.38 -9.73 77.72
N ILE A 526 49.57 -10.70 78.12
CA ILE A 526 48.29 -10.97 77.47
C ILE A 526 47.25 -11.17 78.56
N LEU A 527 46.13 -10.47 78.43
CA LEU A 527 45.03 -10.55 79.39
C LEU A 527 44.20 -11.78 79.03
N LEU A 528 44.49 -12.90 79.68
CA LEU A 528 43.78 -14.15 79.44
C LEU A 528 42.76 -14.39 80.54
N ASN A 529 41.49 -14.44 80.15
CA ASN A 529 40.35 -14.68 81.04
C ASN A 529 40.35 -13.73 82.23
N GLY A 530 41.13 -12.65 82.16
CA GLY A 530 41.22 -11.68 83.23
C GLY A 530 42.64 -11.55 83.74
N ALA A 531 43.23 -12.67 84.14
CA ALA A 531 44.60 -12.63 84.63
C ALA A 531 45.57 -12.26 83.51
N GLU A 532 46.83 -12.07 83.85
CA GLU A 532 47.82 -11.74 82.83
C GLU A 532 48.76 -12.92 82.66
N GLU A 533 49.39 -12.98 81.49
CA GLU A 533 50.32 -14.06 81.18
C GLU A 533 51.38 -13.53 80.23
N PRO A 534 52.50 -14.23 80.07
CA PRO A 534 53.54 -13.75 79.15
C PRO A 534 53.11 -13.93 77.70
N LEU A 535 53.92 -13.37 76.80
CA LEU A 535 53.67 -13.42 75.36
C LEU A 535 54.50 -14.50 74.65
N LYS A 536 54.59 -15.70 75.22
CA LYS A 536 55.37 -16.75 74.58
C LYS A 536 54.88 -16.98 73.14
N GLU A 537 55.77 -17.56 72.33
CA GLU A 537 55.46 -17.83 70.92
C GLU A 537 54.18 -18.65 70.70
N ASP A 538 53.68 -19.36 71.70
CA ASP A 538 52.46 -20.15 71.46
C ASP A 538 51.30 -19.20 71.17
N MET A 539 51.12 -18.19 72.02
CA MET A 539 50.03 -17.27 71.77
C MET A 539 50.39 -16.32 70.64
N LYS A 540 51.68 -16.14 70.34
CA LYS A 540 52.06 -15.26 69.25
C LYS A 540 51.66 -15.91 67.93
N GLU A 541 51.74 -17.25 67.88
CA GLU A 541 51.36 -17.94 66.67
C GLU A 541 49.85 -18.03 66.61
N ALA A 542 49.20 -18.11 67.77
CA ALA A 542 47.75 -18.16 67.74
C ALA A 542 47.22 -16.81 67.28
N PHE A 543 48.00 -15.75 67.54
CA PHE A 543 47.62 -14.41 67.13
C PHE A 543 47.87 -14.24 65.64
N GLN A 544 48.88 -14.95 65.12
CA GLN A 544 49.14 -14.82 63.68
C GLN A 544 48.05 -15.56 62.92
N ASN A 545 47.66 -16.74 63.40
CA ASN A 545 46.60 -17.47 62.71
C ASN A 545 45.29 -16.71 62.83
N ALA A 546 45.07 -16.02 63.96
CA ALA A 546 43.82 -15.26 64.10
C ALA A 546 43.83 -14.09 63.15
N TYR A 547 45.01 -13.47 62.97
CA TYR A 547 45.13 -12.34 62.05
C TYR A 547 44.82 -12.78 60.64
N LEU A 548 45.36 -13.93 60.22
CA LEU A 548 45.08 -14.40 58.87
C LEU A 548 43.65 -14.91 58.73
N GLU A 549 43.02 -15.31 59.84
CA GLU A 549 41.65 -15.78 59.77
C GLU A 549 40.71 -14.61 59.51
N LEU A 550 40.88 -13.54 60.30
CA LEU A 550 40.04 -12.37 60.11
C LEU A 550 40.38 -11.65 58.81
N GLY A 551 41.65 -11.73 58.38
CA GLY A 551 42.05 -11.09 57.14
C GLY A 551 41.49 -11.78 55.92
N GLY A 552 41.56 -13.12 55.90
CA GLY A 552 41.04 -13.86 54.77
C GLY A 552 39.54 -13.70 54.59
N LEU A 553 38.84 -13.30 55.65
CA LEU A 553 37.40 -13.09 55.63
C LEU A 553 37.02 -11.78 54.98
N GLY A 554 37.98 -11.07 54.38
CA GLY A 554 37.69 -9.80 53.75
C GLY A 554 37.46 -8.65 54.71
N GLU A 555 37.75 -8.87 55.99
CA GLU A 555 37.58 -7.88 57.03
C GLU A 555 38.88 -7.15 57.35
N ARG A 556 38.74 -5.99 57.98
CA ARG A 556 39.86 -5.14 58.38
C ARG A 556 39.99 -5.34 59.88
N VAL A 557 41.17 -5.73 60.34
CA VAL A 557 41.39 -5.96 61.77
C VAL A 557 42.25 -4.89 62.41
N LEU A 558 41.97 -4.63 63.68
CA LEU A 558 42.65 -3.65 64.50
C LEU A 558 43.00 -4.32 65.82
N GLY A 559 44.07 -3.83 66.46
CA GLY A 559 44.54 -4.36 67.74
C GLY A 559 44.37 -3.31 68.83
N PHE A 560 43.93 -3.75 70.00
CA PHE A 560 43.71 -2.90 71.15
C PHE A 560 44.50 -3.40 72.36
N CYS A 561 45.21 -2.48 73.02
CA CYS A 561 45.99 -2.83 74.19
C CYS A 561 45.93 -1.69 75.19
N HIS A 562 46.27 -2.00 76.43
CA HIS A 562 46.26 -1.00 77.48
C HIS A 562 47.29 -1.34 78.54
N PHE A 563 47.51 -0.40 79.44
CA PHE A 563 48.47 -0.60 80.51
C PHE A 563 48.17 0.35 81.66
N ALA A 564 48.42 -0.14 82.87
CA ALA A 564 48.20 0.63 84.08
C ALA A 564 49.51 1.34 84.41
N LEU A 565 49.51 2.66 84.31
CA LEU A 565 50.73 3.39 84.61
C LEU A 565 50.97 3.41 86.11
N PRO A 566 52.18 3.10 86.57
CA PRO A 566 52.46 3.10 88.02
C PRO A 566 52.33 4.51 88.58
N GLU A 567 51.42 4.68 89.54
CA GLU A 567 51.24 5.99 90.14
C GLU A 567 52.42 6.43 90.98
N ASP A 568 53.44 5.59 91.14
CA ASP A 568 54.62 5.95 91.92
C ASP A 568 55.63 6.70 91.07
N LYS A 569 55.69 6.39 89.78
CA LYS A 569 56.61 7.03 88.86
C LYS A 569 55.94 8.17 88.11
N TYR A 570 54.60 8.19 88.11
CA TYR A 570 53.77 9.20 87.46
C TYR A 570 52.60 9.43 88.42
N ASN A 571 52.80 10.36 89.36
CA ASN A 571 51.76 10.66 90.35
C ASN A 571 50.53 11.27 89.69
N GLU A 572 49.48 11.45 90.51
CA GLU A 572 48.23 12.03 90.03
C GLU A 572 48.37 13.49 89.64
N GLY A 573 49.44 14.15 90.06
CA GLY A 573 49.65 15.55 89.74
C GLY A 573 50.54 15.81 88.55
N TYR A 574 51.39 14.84 88.21
CA TYR A 574 52.29 15.02 87.08
C TYR A 574 51.52 15.14 85.77
N PRO A 575 51.90 16.10 84.91
CA PRO A 575 51.19 16.26 83.62
C PRO A 575 52.03 15.68 82.50
N PHE A 576 51.50 14.70 81.77
CA PHE A 576 52.23 14.07 80.67
C PHE A 576 52.02 14.80 79.35
N ASP A 577 52.71 15.93 79.19
CA ASP A 577 52.58 16.68 77.95
C ASP A 577 53.05 15.83 76.79
N ALA A 578 52.32 15.87 75.68
CA ALA A 578 52.65 15.09 74.48
C ALA A 578 53.87 15.67 73.76
N ASP A 579 55.05 15.42 74.32
CA ASP A 579 56.27 15.92 73.70
C ASP A 579 57.40 14.88 73.65
N GLU A 580 57.72 14.29 74.81
CA GLU A 580 58.76 13.29 74.93
C GLU A 580 58.22 11.91 75.34
N PRO A 581 59.07 10.88 75.52
CA PRO A 581 58.54 9.57 75.91
C PRO A 581 58.11 9.51 77.37
N ASN A 582 56.87 9.91 77.62
CA ASN A 582 56.30 9.91 78.95
C ASN A 582 55.56 8.61 79.25
N PHE A 583 55.30 7.82 78.21
CA PHE A 583 54.59 6.57 78.42
C PHE A 583 55.40 5.42 77.85
N PRO A 584 55.40 4.27 78.50
CA PRO A 584 56.17 3.14 77.97
C PRO A 584 55.52 2.62 76.70
N THR A 585 56.17 2.84 75.56
CA THR A 585 55.60 2.38 74.30
C THR A 585 55.48 0.86 74.29
N THR A 586 56.51 0.17 74.77
CA THR A 586 56.50 -1.28 74.82
C THR A 586 56.00 -1.73 76.18
N ASP A 587 56.08 -3.05 76.44
CA ASP A 587 55.64 -3.65 77.69
C ASP A 587 54.15 -3.42 77.99
N LEU A 588 53.35 -3.20 76.95
CA LEU A 588 51.92 -2.98 77.14
C LEU A 588 51.21 -4.32 77.31
N CYS A 589 49.90 -4.29 77.56
CA CYS A 589 49.11 -5.49 77.73
C CYS A 589 48.09 -5.57 76.59
N PHE A 590 48.33 -6.48 75.65
CA PHE A 590 47.44 -6.66 74.51
C PHE A 590 46.18 -7.38 74.99
N VAL A 591 45.01 -6.84 74.66
CA VAL A 591 43.77 -7.48 75.09
C VAL A 591 43.13 -8.27 73.97
N GLY A 592 43.10 -7.74 72.75
CA GLY A 592 42.49 -8.47 71.66
C GLY A 592 42.22 -7.72 70.39
N LEU A 593 42.10 -8.45 69.28
CA LEU A 593 41.83 -7.88 67.97
C LEU A 593 40.35 -7.58 67.78
N MET A 594 40.07 -6.65 66.87
CA MET A 594 38.71 -6.22 66.55
C MET A 594 38.60 -5.97 65.05
N ALA A 595 37.87 -6.84 64.35
CA ALA A 595 37.65 -6.76 62.93
C ALA A 595 36.35 -5.98 62.65
N MET A 596 36.09 -5.73 61.37
CA MET A 596 34.87 -4.99 61.00
C MET A 596 34.58 -5.24 59.52
N ILE A 597 33.30 -5.09 59.17
CA ILE A 597 32.78 -5.31 57.82
C ILE A 597 32.43 -4.07 57.01
N ASP A 598 32.78 -4.13 55.73
CA ASP A 598 32.52 -3.12 54.71
C ASP A 598 32.00 -4.01 53.57
N PRO A 599 30.69 -4.08 53.34
CA PRO A 599 30.22 -4.96 52.26
C PRO A 599 30.36 -4.29 50.91
N PRO A 600 30.05 -5.00 49.82
CA PRO A 600 30.18 -4.38 48.50
C PRO A 600 28.86 -3.80 48.04
N ARG A 601 28.91 -2.96 47.01
CA ARG A 601 27.68 -2.38 46.52
C ARG A 601 26.91 -3.42 45.71
N ALA A 602 25.64 -3.14 45.49
CA ALA A 602 24.76 -4.03 44.74
C ALA A 602 25.33 -4.43 43.37
N ALA A 603 25.56 -3.46 42.50
CA ALA A 603 26.07 -3.70 41.16
C ALA A 603 27.59 -3.90 41.04
N VAL A 604 28.38 -3.85 42.12
CA VAL A 604 29.82 -4.05 41.98
C VAL A 604 30.16 -5.36 41.30
N PRO A 605 29.65 -6.52 41.75
CA PRO A 605 30.01 -7.76 41.03
C PRO A 605 29.51 -7.73 39.60
N ASP A 606 28.31 -7.21 39.38
CA ASP A 606 27.76 -7.13 38.04
C ASP A 606 28.57 -6.16 37.20
N ALA A 607 28.99 -5.03 37.78
CA ALA A 607 29.79 -4.07 37.03
C ALA A 607 31.13 -4.67 36.62
N VAL A 608 31.77 -5.42 37.53
CA VAL A 608 33.04 -6.04 37.20
C VAL A 608 32.84 -7.05 36.08
N GLY A 609 31.72 -7.80 36.15
CA GLY A 609 31.45 -8.77 35.11
C GLY A 609 31.23 -8.08 33.78
N LYS A 610 30.55 -6.93 33.81
CA LYS A 610 30.28 -6.17 32.60
C LYS A 610 31.58 -5.66 31.99
N CYS A 611 32.51 -5.22 32.86
CA CYS A 611 33.79 -4.71 32.36
C CYS A 611 34.59 -5.85 31.74
N ARG A 612 34.59 -7.02 32.39
CA ARG A 612 35.33 -8.15 31.84
C ARG A 612 34.70 -8.61 30.53
N SER A 613 33.38 -8.52 30.43
CA SER A 613 32.68 -8.92 29.21
C SER A 613 33.03 -8.00 28.05
N ALA A 614 33.19 -6.71 28.35
CA ALA A 614 33.52 -5.74 27.31
C ALA A 614 35.01 -5.78 26.96
N GLY A 615 35.86 -5.92 27.96
CA GLY A 615 37.27 -5.97 27.67
C GLY A 615 38.00 -4.80 28.29
N ILE A 616 37.44 -4.24 29.35
CA ILE A 616 38.05 -3.10 30.02
C ILE A 616 38.91 -3.66 31.13
N LYS A 617 40.20 -3.35 31.08
CA LYS A 617 41.14 -3.84 32.09
C LYS A 617 40.92 -3.02 33.35
N VAL A 618 40.43 -3.65 34.39
CA VAL A 618 40.18 -2.95 35.64
C VAL A 618 41.44 -3.14 36.48
N ILE A 619 41.75 -2.14 37.30
CA ILE A 619 42.94 -2.18 38.14
C ILE A 619 42.58 -1.65 39.50
N MET A 620 42.61 -2.51 40.52
CA MET A 620 42.29 -2.07 41.87
C MET A 620 43.49 -1.41 42.49
N VAL A 621 43.30 -0.20 42.99
CA VAL A 621 44.35 0.57 43.65
C VAL A 621 43.71 1.04 44.94
N THR A 622 44.29 0.66 46.07
CA THR A 622 43.66 1.13 47.30
C THR A 622 44.75 1.34 48.33
N GLY A 623 44.37 1.39 49.60
CA GLY A 623 45.41 1.62 50.59
C GLY A 623 45.32 0.76 51.83
N ASP A 624 44.74 -0.42 51.72
CA ASP A 624 44.64 -1.28 52.88
C ASP A 624 45.68 -2.39 52.74
N HIS A 625 45.68 -3.34 53.67
CA HIS A 625 46.62 -4.46 53.67
C HIS A 625 46.37 -5.48 52.56
N PRO A 626 47.45 -6.01 51.94
CA PRO A 626 47.28 -7.01 50.88
C PRO A 626 46.55 -8.27 51.32
N ILE A 627 46.62 -8.64 52.60
CA ILE A 627 45.93 -9.84 53.07
C ILE A 627 44.43 -9.62 52.95
N THR A 628 44.00 -8.37 53.04
CA THR A 628 42.60 -7.98 52.92
C THR A 628 42.32 -7.64 51.47
N ALA A 629 43.30 -7.01 50.80
CA ALA A 629 43.17 -6.64 49.40
C ALA A 629 42.85 -7.86 48.55
N LYS A 630 43.52 -8.99 48.82
CA LYS A 630 43.26 -10.20 48.05
C LYS A 630 41.84 -10.68 48.24
N ALA A 631 41.33 -10.57 49.47
CA ALA A 631 39.96 -10.99 49.74
C ALA A 631 38.97 -10.11 49.02
N ILE A 632 39.19 -8.79 49.03
CA ILE A 632 38.28 -7.89 48.34
C ILE A 632 38.36 -8.12 46.84
N ALA A 633 39.56 -8.46 46.34
CA ALA A 633 39.73 -8.72 44.91
C ALA A 633 38.90 -9.93 44.52
N LYS A 634 39.00 -11.00 45.30
CA LYS A 634 38.23 -12.20 45.01
C LYS A 634 36.75 -11.94 45.17
N GLY A 635 36.39 -11.01 46.07
CA GLY A 635 35.01 -10.67 46.32
C GLY A 635 34.34 -9.81 45.27
N VAL A 636 35.08 -9.03 44.49
CA VAL A 636 34.44 -8.19 43.48
C VAL A 636 34.62 -8.68 42.04
N GLY A 637 35.55 -9.59 41.76
CA GLY A 637 35.74 -10.10 40.40
C GLY A 637 37.11 -9.88 39.80
N ILE A 638 37.84 -8.85 40.23
CA ILE A 638 39.18 -8.54 39.73
C ILE A 638 40.00 -9.81 39.59
N ILE A 639 39.89 -10.69 40.57
CA ILE A 639 40.62 -11.95 40.55
C ILE A 639 39.52 -12.97 40.28
N SER A 640 39.36 -13.31 39.00
CA SER A 640 38.35 -14.26 38.56
C SER A 640 38.52 -15.61 39.25
N GLU A 641 37.38 -16.25 39.53
CA GLU A 641 37.40 -17.54 40.20
C GLU A 641 38.11 -18.55 39.30
N GLY A 642 39.40 -18.72 39.55
CA GLY A 642 40.24 -19.63 38.80
C GLY A 642 41.66 -19.13 38.56
N ASN A 643 41.83 -17.82 38.37
CA ASN A 643 43.17 -17.27 38.13
C ASN A 643 44.02 -17.41 39.40
N GLU A 644 45.34 -17.36 39.22
CA GLU A 644 46.24 -17.51 40.37
C GLU A 644 47.53 -16.69 40.26
N THR A 645 48.04 -16.28 41.42
CA THR A 645 49.26 -15.50 41.62
C THR A 645 50.44 -16.46 41.86
N ILE A 646 51.66 -15.94 41.71
CA ILE A 646 52.85 -16.76 41.92
C ILE A 646 52.92 -17.30 43.34
N GLU A 647 52.49 -16.52 44.34
CA GLU A 647 52.55 -17.02 45.71
C GLU A 647 51.53 -18.12 45.91
N ASP A 648 50.37 -18.02 45.24
CA ASP A 648 49.35 -19.05 45.38
C ASP A 648 49.87 -20.38 44.84
N ILE A 649 50.63 -20.33 43.74
CA ILE A 649 51.18 -21.56 43.17
C ILE A 649 52.24 -22.13 44.09
N ALA A 650 53.08 -21.25 44.66
CA ALA A 650 54.12 -21.75 45.56
C ALA A 650 53.51 -22.35 46.81
N ALA A 651 52.32 -21.88 47.21
CA ALA A 651 51.66 -22.41 48.39
C ALA A 651 50.95 -23.72 48.07
N ARG A 652 50.41 -23.84 46.86
CA ARG A 652 49.71 -25.07 46.48
C ARG A 652 50.70 -26.20 46.24
N LEU A 653 51.93 -25.87 45.84
CA LEU A 653 52.98 -26.85 45.58
C LEU A 653 54.08 -26.84 46.62
N ASN A 654 53.85 -26.19 47.78
CA ASN A 654 54.80 -26.05 48.88
C ASN A 654 56.26 -26.09 48.44
N ILE A 655 56.61 -25.15 47.58
CA ILE A 655 57.95 -24.97 47.02
C ILE A 655 58.28 -23.49 47.12
N PRO A 656 59.56 -23.12 47.06
CA PRO A 656 59.91 -21.70 47.14
C PRO A 656 59.29 -20.93 45.99
N ILE A 657 59.20 -19.61 46.16
CA ILE A 657 58.61 -18.77 45.11
C ILE A 657 59.58 -18.46 43.98
N GLY A 658 60.89 -18.50 44.23
CA GLY A 658 61.86 -18.21 43.19
C GLY A 658 61.98 -19.28 42.11
N GLN A 659 61.32 -20.42 42.27
CA GLN A 659 61.39 -21.49 41.30
C GLN A 659 60.31 -21.41 40.20
N VAL A 660 59.09 -21.05 40.56
CA VAL A 660 58.01 -20.96 39.59
C VAL A 660 58.28 -19.88 38.54
N ASN A 661 57.73 -20.09 37.34
CA ASN A 661 57.84 -19.20 36.19
C ASN A 661 56.72 -18.18 36.26
N PRO A 662 57.00 -16.89 36.09
CA PRO A 662 55.93 -15.87 36.17
C PRO A 662 54.90 -15.93 35.05
N ARG A 663 55.04 -16.80 34.05
CA ARG A 663 54.03 -16.85 33.00
C ARG A 663 52.82 -17.67 33.39
N ASP A 664 52.97 -18.56 34.37
CA ASP A 664 51.88 -19.41 34.84
C ASP A 664 50.96 -18.69 35.82
N ALA A 665 51.21 -17.42 36.13
CA ALA A 665 50.40 -16.64 37.06
C ALA A 665 49.65 -15.55 36.31
N LYS A 666 48.32 -15.65 36.29
CA LYS A 666 47.48 -14.68 35.60
C LYS A 666 47.35 -13.34 36.34
N ALA A 667 47.17 -13.36 37.66
CA ALA A 667 47.01 -12.13 38.44
C ALA A 667 48.26 -11.81 39.26
N CYS A 668 48.20 -10.70 40.00
CA CYS A 668 49.35 -10.31 40.82
C CYS A 668 49.04 -9.10 41.71
N VAL A 669 49.60 -9.16 42.93
CA VAL A 669 49.47 -8.13 43.96
C VAL A 669 50.80 -7.38 44.06
N VAL A 670 50.81 -6.13 43.59
CA VAL A 670 52.00 -5.29 43.61
C VAL A 670 51.92 -4.35 44.81
N HIS A 671 52.94 -4.44 45.66
CA HIS A 671 53.07 -3.63 46.87
C HIS A 671 53.61 -2.23 46.55
N GLY A 672 53.16 -1.26 47.35
CA GLY A 672 53.59 0.12 47.15
C GLY A 672 55.09 0.35 47.32
N SER A 673 55.68 -0.21 48.37
CA SER A 673 57.12 -0.02 48.59
C SER A 673 57.92 -0.52 47.37
N ASP A 674 57.49 -1.64 46.80
CA ASP A 674 58.17 -2.19 45.65
C ASP A 674 57.87 -1.35 44.42
N LEU A 675 56.91 -0.44 44.55
CA LEU A 675 56.51 0.46 43.49
C LEU A 675 57.35 1.72 43.62
N LYS A 676 57.71 2.06 44.85
CA LYS A 676 58.54 3.23 45.11
C LYS A 676 59.90 3.00 44.50
N ASP A 677 60.35 1.75 44.52
CA ASP A 677 61.67 1.41 43.95
C ASP A 677 61.56 0.77 42.56
N LEU A 678 60.70 1.23 41.64
CA LEU A 678 60.63 0.58 40.33
C LEU A 678 60.80 1.52 39.14
N SER A 679 61.57 1.04 38.16
CA SER A 679 61.91 1.70 36.89
C SER A 679 60.72 1.74 35.93
N THR A 680 60.88 2.52 34.84
CA THR A 680 59.84 2.67 33.83
C THR A 680 59.61 1.39 33.01
N GLU A 681 60.63 0.91 32.27
CA GLU A 681 60.45 -0.29 31.46
C GLU A 681 59.84 -1.45 32.26
N VAL A 682 60.26 -1.59 33.52
CA VAL A 682 59.71 -2.67 34.35
C VAL A 682 58.20 -2.50 34.45
N LEU A 683 57.74 -1.27 34.66
CA LEU A 683 56.30 -1.03 34.76
C LEU A 683 55.62 -1.34 33.44
N ASP A 684 56.29 -1.01 32.33
CA ASP A 684 55.69 -1.30 31.02
C ASP A 684 55.48 -2.79 30.87
N ASP A 685 56.47 -3.58 31.30
CA ASP A 685 56.35 -5.03 31.21
C ASP A 685 55.29 -5.56 32.18
N ILE A 686 55.16 -4.91 33.35
CA ILE A 686 54.17 -5.32 34.33
C ILE A 686 52.77 -5.19 33.76
N LEU A 687 52.52 -4.08 33.05
CA LEU A 687 51.20 -3.88 32.45
C LEU A 687 51.03 -4.66 31.16
N HIS A 688 52.13 -4.99 30.48
CA HIS A 688 52.12 -5.73 29.22
C HIS A 688 51.98 -7.24 29.39
N TYR A 689 52.34 -7.80 30.56
CA TYR A 689 52.25 -9.23 30.80
C TYR A 689 51.18 -9.71 31.78
N HIS A 690 50.41 -8.83 32.42
CA HIS A 690 49.40 -9.30 33.37
C HIS A 690 48.01 -8.73 33.10
N THR A 691 46.99 -9.60 33.19
CA THR A 691 45.60 -9.21 32.95
C THR A 691 44.83 -8.77 34.19
N GLU A 692 45.27 -9.11 35.41
CA GLU A 692 44.57 -8.72 36.64
C GLU A 692 45.60 -8.31 37.69
N ILE A 693 45.88 -7.00 37.71
CA ILE A 693 46.83 -6.37 38.61
C ILE A 693 46.10 -5.64 39.74
N VAL A 694 46.63 -5.75 40.96
CA VAL A 694 46.06 -5.11 42.14
C VAL A 694 47.20 -4.46 42.91
N PHE A 695 47.05 -3.18 43.23
CA PHE A 695 48.06 -2.39 43.94
C PHE A 695 47.61 -2.06 45.36
N ALA A 696 48.37 -2.57 46.34
CA ALA A 696 48.08 -2.34 47.75
C ALA A 696 49.16 -1.45 48.37
N ARG A 697 48.89 -0.95 49.58
CA ARG A 697 49.84 -0.08 50.29
C ARG A 697 50.31 1.04 49.38
N THR A 698 49.41 1.50 48.53
CA THR A 698 49.72 2.55 47.57
C THR A 698 49.31 3.94 48.03
N SER A 699 50.24 4.87 47.85
CA SER A 699 50.04 6.26 48.17
C SER A 699 49.53 6.84 46.86
N PRO A 700 48.33 7.44 46.81
CA PRO A 700 47.84 7.95 45.53
C PRO A 700 48.77 8.82 44.66
N GLN A 701 50.05 8.95 45.00
CA GLN A 701 50.94 9.71 44.14
C GLN A 701 51.24 8.77 42.99
N GLN A 702 51.83 7.62 43.33
CA GLN A 702 52.22 6.49 42.49
C GLN A 702 51.13 6.27 41.44
N LYS A 703 49.89 6.54 41.84
CA LYS A 703 48.73 6.40 40.97
C LYS A 703 49.06 7.00 39.60
N LEU A 704 49.37 8.30 39.56
CA LEU A 704 49.75 8.99 38.33
C LEU A 704 50.74 8.17 37.52
N ILE A 705 51.73 7.58 38.20
CA ILE A 705 52.74 6.77 37.54
C ILE A 705 52.08 5.60 36.80
N ILE A 706 51.12 4.95 37.47
CA ILE A 706 50.44 3.82 36.85
C ILE A 706 49.57 4.29 35.69
N VAL A 707 48.98 5.47 35.82
CA VAL A 707 48.14 5.98 34.74
C VAL A 707 48.99 6.28 33.52
N GLU A 708 50.14 6.93 33.75
CA GLU A 708 51.06 7.27 32.67
C GLU A 708 51.63 6.01 32.05
N GLY A 709 51.55 4.89 32.77
CA GLY A 709 52.07 3.66 32.23
C GLY A 709 50.97 2.97 31.44
N CYS A 710 49.72 3.27 31.78
CA CYS A 710 48.62 2.64 31.06
C CYS A 710 48.38 3.34 29.72
N GLN A 711 48.56 4.66 29.66
CA GLN A 711 48.34 5.35 28.38
C GLN A 711 49.43 5.00 27.37
N ARG A 712 50.67 4.90 27.83
CA ARG A 712 51.82 4.58 26.98
C ARG A 712 51.60 3.39 26.03
N GLN A 713 51.01 2.30 26.52
CA GLN A 713 50.81 1.14 25.65
C GLN A 713 49.81 1.33 24.51
N GLY A 714 48.98 2.38 24.52
CA GLY A 714 48.07 2.49 23.41
C GLY A 714 46.60 2.26 23.74
N ALA A 715 46.15 2.75 24.88
CA ALA A 715 44.76 2.55 25.26
C ALA A 715 44.21 3.79 25.94
N ILE A 716 42.92 4.03 25.73
CA ILE A 716 42.28 5.18 26.34
C ILE A 716 42.24 4.91 27.83
N VAL A 717 42.47 5.93 28.65
CA VAL A 717 42.47 5.75 30.08
C VAL A 717 41.57 6.72 30.81
N ALA A 718 40.86 6.16 31.79
CA ALA A 718 39.94 6.85 32.66
C ALA A 718 40.52 6.68 34.04
N VAL A 719 40.09 7.50 34.98
CA VAL A 719 40.61 7.40 36.35
C VAL A 719 39.51 7.89 37.29
N THR A 720 39.58 7.48 38.55
CA THR A 720 38.60 7.87 39.56
C THR A 720 39.36 8.50 40.71
N GLY A 721 39.09 9.78 41.00
CA GLY A 721 39.79 10.41 42.10
C GLY A 721 38.90 11.23 43.01
N ASP A 722 39.53 11.73 44.08
CA ASP A 722 38.87 12.55 45.09
C ASP A 722 39.61 13.80 45.51
N GLY A 723 40.94 13.80 45.46
CA GLY A 723 41.67 14.98 45.88
C GLY A 723 42.65 15.64 44.93
N VAL A 724 43.63 16.36 45.47
CA VAL A 724 44.59 17.03 44.62
C VAL A 724 45.73 16.14 44.15
N ASN A 725 46.02 15.03 44.83
CA ASN A 725 47.11 14.19 44.34
C ASN A 725 46.74 13.59 43.00
N ASP A 726 45.45 13.51 42.72
CA ASP A 726 44.90 12.98 41.49
C ASP A 726 44.81 14.04 40.41
N SER A 727 45.05 15.32 40.74
CA SER A 727 44.97 16.37 39.73
C SER A 727 45.89 16.10 38.54
N PRO A 728 47.19 15.84 38.72
CA PRO A 728 48.02 15.57 37.54
C PRO A 728 47.65 14.29 36.83
N ALA A 729 46.90 13.39 37.48
CA ALA A 729 46.50 12.14 36.87
C ALA A 729 45.21 12.28 36.09
N LEU A 730 44.28 13.10 36.60
CA LEU A 730 43.02 13.30 35.90
C LEU A 730 43.21 14.17 34.67
N LYS A 731 44.17 15.10 34.73
CA LYS A 731 44.42 16.00 33.60
C LYS A 731 45.06 15.29 32.40
N LYS A 732 45.98 14.37 32.64
CA LYS A 732 46.61 13.68 31.51
C LYS A 732 45.85 12.45 31.07
N ALA A 733 44.77 12.10 31.75
CA ALA A 733 44.05 10.92 31.33
C ALA A 733 43.08 11.33 30.23
N ASP A 734 42.74 10.36 29.37
CA ASP A 734 41.80 10.67 28.31
C ASP A 734 40.49 11.13 28.92
N ILE A 735 40.12 10.52 30.06
CA ILE A 735 38.90 10.92 30.75
C ILE A 735 39.09 10.73 32.25
N GLY A 736 38.82 11.81 32.97
CA GLY A 736 38.94 11.85 34.41
C GLY A 736 37.59 11.85 35.07
N VAL A 737 37.32 10.79 35.82
CA VAL A 737 36.08 10.60 36.56
C VAL A 737 36.39 10.99 37.99
N ALA A 738 35.77 12.07 38.44
CA ALA A 738 35.97 12.54 39.80
C ALA A 738 34.72 12.28 40.62
N MET A 739 34.93 12.04 41.91
CA MET A 739 33.77 11.79 42.75
C MET A 739 33.09 13.13 43.03
N GLY A 740 31.80 13.07 43.36
CA GLY A 740 31.07 14.30 43.64
C GLY A 740 30.69 14.66 45.06
N ILE A 741 30.20 13.70 45.84
CA ILE A 741 29.82 14.02 47.21
C ILE A 741 31.06 14.23 48.07
N SER A 742 31.95 13.24 48.08
CA SER A 742 33.18 13.29 48.87
C SER A 742 34.29 14.10 48.22
N GLY A 743 34.21 14.40 46.93
CA GLY A 743 35.28 15.15 46.29
C GLY A 743 35.33 16.63 46.62
N SER A 744 36.55 17.16 46.53
CA SER A 744 36.94 18.54 46.77
C SER A 744 36.85 19.36 45.49
N ASP A 745 36.70 20.67 45.66
CA ASP A 745 36.59 21.58 44.51
C ASP A 745 37.73 21.40 43.51
N VAL A 746 38.97 21.29 43.99
CA VAL A 746 40.11 21.11 43.10
C VAL A 746 39.93 19.90 42.18
N SER A 747 39.75 18.72 42.77
CA SER A 747 39.59 17.49 42.00
C SER A 747 38.42 17.54 41.01
N LYS A 748 37.27 18.06 41.43
CA LYS A 748 36.13 18.11 40.51
C LYS A 748 36.31 19.18 39.43
N GLN A 749 36.78 20.37 39.80
CA GLN A 749 36.96 21.42 38.82
C GLN A 749 38.05 21.08 37.81
N ALA A 750 38.99 20.19 38.14
CA ALA A 750 40.04 19.84 37.21
C ALA A 750 39.75 18.59 36.38
N ALA A 751 38.66 17.88 36.66
CA ALA A 751 38.28 16.66 35.94
C ALA A 751 37.36 16.96 34.75
N ASP A 752 37.05 15.92 33.97
CA ASP A 752 36.17 16.05 32.82
C ASP A 752 34.78 15.48 33.05
N MET A 753 34.62 14.52 33.95
CA MET A 753 33.31 13.94 34.24
C MET A 753 33.20 13.86 35.75
N ILE A 754 32.03 14.22 36.27
CA ILE A 754 31.76 14.21 37.70
C ILE A 754 30.63 13.24 38.00
N LEU A 755 30.78 12.51 39.09
CA LEU A 755 29.78 11.54 39.53
C LEU A 755 29.06 12.15 40.72
N LEU A 756 27.74 11.96 40.80
CA LEU A 756 27.01 12.53 41.91
C LEU A 756 26.64 11.54 43.00
N ASP A 757 26.63 10.24 42.72
CA ASP A 757 26.30 9.25 43.73
C ASP A 757 27.52 8.48 44.21
N ASP A 758 28.69 8.73 43.63
CA ASP A 758 29.94 8.06 44.00
C ASP A 758 29.85 6.55 43.82
N ASN A 759 28.99 6.10 42.92
CA ASN A 759 28.84 4.68 42.68
C ASN A 759 29.75 4.23 41.54
N PHE A 760 29.83 2.92 41.36
CA PHE A 760 30.67 2.38 40.29
C PHE A 760 29.84 1.87 39.12
N ALA A 761 28.54 1.63 39.33
CA ALA A 761 27.69 1.15 38.24
C ALA A 761 27.53 2.24 37.20
N SER A 762 27.64 3.50 37.63
CA SER A 762 27.50 4.62 36.72
C SER A 762 28.64 4.62 35.70
N ILE A 763 29.79 4.04 36.04
CA ILE A 763 30.91 4.01 35.09
C ILE A 763 30.54 3.09 33.93
N VAL A 764 29.89 1.97 34.26
CA VAL A 764 29.48 1.02 33.23
C VAL A 764 28.40 1.66 32.37
N THR A 765 27.46 2.35 33.02
CA THR A 765 26.40 3.01 32.26
C THR A 765 27.00 4.03 31.31
N GLY A 766 28.05 4.73 31.76
CA GLY A 766 28.71 5.72 30.93
C GLY A 766 29.30 5.09 29.69
N VAL A 767 29.99 3.96 29.86
CA VAL A 767 30.61 3.28 28.72
C VAL A 767 29.54 2.84 27.73
N GLU A 768 28.44 2.27 28.24
CA GLU A 768 27.38 1.83 27.34
C GLU A 768 26.82 3.01 26.54
N GLU A 769 26.49 4.11 27.22
CA GLU A 769 25.96 5.26 26.52
C GLU A 769 26.95 5.85 25.53
N GLY A 770 28.25 5.62 25.75
CA GLY A 770 29.26 6.15 24.84
C GLY A 770 29.25 5.37 23.54
N ARG A 771 28.90 4.09 23.63
CA ARG A 771 28.85 3.25 22.44
C ARG A 771 27.56 3.57 21.67
N LEU A 772 26.45 3.53 22.41
CA LEU A 772 25.13 3.82 21.85
C LEU A 772 25.12 5.10 21.01
N ILE A 773 25.68 6.20 21.53
CA ILE A 773 25.69 7.44 20.74
C ILE A 773 26.65 7.39 19.55
N PHE A 774 27.40 6.32 19.41
CA PHE A 774 28.35 6.20 18.30
C PHE A 774 27.68 5.55 17.10
N ASP A 775 27.01 4.42 17.34
CA ASP A 775 26.33 3.75 16.22
C ASP A 775 25.25 4.63 15.60
N ASN A 776 24.69 5.54 16.40
CA ASN A 776 23.66 6.42 15.88
C ASN A 776 24.28 7.50 15.02
N LEU A 777 25.48 7.95 15.36
CA LEU A 777 26.11 8.97 14.55
C LEU A 777 26.38 8.37 13.18
N LYS A 778 26.78 7.10 13.15
CA LYS A 778 27.02 6.46 11.86
C LYS A 778 25.75 6.46 11.01
N LYS A 779 24.63 6.06 11.62
CA LYS A 779 23.37 6.02 10.87
C LYS A 779 22.97 7.40 10.35
N SER A 780 23.03 8.42 11.21
CA SER A 780 22.65 9.78 10.80
C SER A 780 23.56 10.31 9.69
N ILE A 781 24.86 9.98 9.75
CA ILE A 781 25.76 10.48 8.72
C ILE A 781 25.40 9.85 7.38
N ALA A 782 25.11 8.54 7.37
CA ALA A 782 24.75 7.91 6.10
C ALA A 782 23.47 8.53 5.57
N TYR A 783 22.57 8.91 6.48
CA TYR A 783 21.30 9.53 6.11
C TYR A 783 21.57 10.82 5.36
N THR A 784 22.08 11.82 6.09
CA THR A 784 22.40 13.11 5.50
C THR A 784 23.15 13.00 4.17
N LEU A 785 24.14 12.10 4.09
CA LEU A 785 24.92 11.96 2.86
C LEU A 785 24.11 11.44 1.67
N THR A 786 23.32 10.38 1.86
CA THR A 786 22.53 9.81 0.75
C THR A 786 21.81 10.83 -0.13
N SER A 787 21.22 11.87 0.46
CA SER A 787 20.52 12.84 -0.39
C SER A 787 21.45 13.76 -1.18
N ASN A 788 22.76 13.66 -1.04
CA ASN A 788 23.66 14.53 -1.81
C ASN A 788 23.66 14.18 -3.29
N ILE A 789 23.56 12.90 -3.62
CA ILE A 789 23.56 12.49 -5.02
C ILE A 789 22.41 13.08 -5.82
N PRO A 790 21.14 13.00 -5.39
CA PRO A 790 20.07 13.61 -6.18
C PRO A 790 20.20 15.11 -6.33
N GLU A 791 21.13 15.76 -5.62
CA GLU A 791 21.33 17.19 -5.72
C GLU A 791 22.52 17.51 -6.62
N ILE A 792 23.47 16.58 -6.71
CA ILE A 792 24.67 16.73 -7.53
C ILE A 792 24.39 16.33 -8.98
N THR A 793 23.64 15.24 -9.17
CA THR A 793 23.35 14.77 -10.52
C THR A 793 22.59 15.75 -11.42
N PRO A 794 21.57 16.49 -10.97
CA PRO A 794 20.91 17.41 -11.92
C PRO A 794 21.88 18.37 -12.58
N PHE A 795 22.81 18.90 -11.79
CA PHE A 795 23.83 19.83 -12.26
C PHE A 795 24.74 19.17 -13.29
N LEU A 796 25.15 17.94 -13.00
CA LEU A 796 26.04 17.22 -13.88
C LEU A 796 25.37 16.94 -15.22
N VAL A 797 24.09 16.58 -15.19
CA VAL A 797 23.44 16.35 -16.48
C VAL A 797 23.23 17.69 -17.16
N PHE A 798 23.08 18.76 -16.37
CA PHE A 798 22.90 20.10 -16.93
C PHE A 798 24.08 20.47 -17.81
N ILE A 799 25.27 20.00 -17.45
CA ILE A 799 26.45 20.32 -18.25
C ILE A 799 26.74 19.27 -19.33
N ILE A 800 26.57 17.98 -19.04
CA ILE A 800 26.86 16.97 -20.05
C ILE A 800 25.76 16.88 -21.11
N GLY A 801 24.49 16.77 -20.71
CA GLY A 801 23.41 16.66 -21.66
C GLY A 801 22.70 17.91 -22.14
N ASN A 802 22.91 19.07 -21.51
CA ASN A 802 22.27 20.32 -21.93
C ASN A 802 20.75 20.30 -21.79
N VAL A 803 20.26 19.97 -20.59
CA VAL A 803 18.82 19.92 -20.36
C VAL A 803 18.49 21.06 -19.40
N PRO A 804 17.22 21.47 -19.26
CA PRO A 804 16.91 22.56 -18.33
C PRO A 804 17.27 22.16 -16.91
N LEU A 805 17.78 23.14 -16.15
CA LEU A 805 18.19 22.93 -14.77
C LEU A 805 17.13 22.20 -13.97
N PRO A 806 17.44 21.02 -13.43
CA PRO A 806 16.45 20.26 -12.64
C PRO A 806 16.29 20.70 -11.19
N LEU A 807 17.38 21.02 -10.48
CA LEU A 807 17.31 21.43 -9.08
C LEU A 807 18.12 22.69 -8.79
N GLY A 808 17.43 23.78 -8.50
CA GLY A 808 18.04 25.06 -8.19
C GLY A 808 18.86 25.02 -6.90
N THR A 809 19.52 26.15 -6.55
CA THR A 809 20.33 26.18 -5.33
C THR A 809 19.48 26.45 -4.09
N VAL A 810 18.43 27.25 -4.24
CA VAL A 810 17.55 27.57 -3.11
C VAL A 810 16.80 26.31 -2.67
N THR A 811 16.51 25.41 -3.62
CA THR A 811 15.80 24.20 -3.27
C THR A 811 16.73 23.28 -2.49
N ILE A 812 18.01 23.28 -2.84
CA ILE A 812 18.97 22.47 -2.12
C ILE A 812 18.98 22.93 -0.67
N LEU A 813 19.35 24.21 -0.46
CA LEU A 813 19.34 24.73 0.91
C LEU A 813 18.02 24.42 1.62
N CYS A 814 16.91 24.29 0.88
CA CYS A 814 15.65 23.98 1.54
C CYS A 814 15.57 22.51 1.92
N ILE A 815 16.44 21.69 1.34
CA ILE A 815 16.45 20.25 1.64
C ILE A 815 17.42 19.93 2.76
N ASP A 816 18.68 20.36 2.65
CA ASP A 816 19.66 20.07 3.71
C ASP A 816 19.43 20.85 5.00
N LEU A 817 18.87 22.05 4.92
CA LEU A 817 18.61 22.88 6.09
C LEU A 817 17.19 22.78 6.61
N GLY A 818 16.29 22.15 5.86
CA GLY A 818 14.92 22.02 6.26
C GLY A 818 14.36 20.66 6.61
N THR A 819 13.93 19.93 5.59
CA THR A 819 13.31 18.61 5.76
C THR A 819 14.24 17.53 6.32
N ASP A 820 15.56 17.60 6.14
CA ASP A 820 16.40 16.53 6.68
C ASP A 820 16.90 16.71 8.10
N MET A 821 16.82 17.92 8.68
CA MET A 821 17.31 18.12 10.05
C MET A 821 16.58 17.28 11.10
N VAL A 822 15.26 17.45 11.23
CA VAL A 822 14.50 16.68 12.23
C VAL A 822 14.73 15.17 12.16
N PRO A 823 14.66 14.52 10.99
CA PRO A 823 14.91 13.07 10.98
C PRO A 823 16.30 12.70 11.46
N ALA A 824 17.31 13.43 11.01
CA ALA A 824 18.68 13.15 11.43
C ALA A 824 18.82 13.30 12.94
N ILE A 825 18.09 14.26 13.53
CA ILE A 825 18.15 14.47 14.96
C ILE A 825 17.47 13.30 15.67
N SER A 826 16.38 12.79 15.08
CA SER A 826 15.65 11.68 15.66
C SER A 826 16.46 10.39 15.66
N LEU A 827 17.32 10.20 14.65
CA LEU A 827 18.10 8.97 14.60
C LEU A 827 18.96 8.73 15.85
N ALA A 828 19.05 9.70 16.76
CA ALA A 828 19.86 9.52 17.97
C ALA A 828 19.14 8.71 19.03
N TYR A 829 17.83 8.83 19.11
CA TYR A 829 16.96 8.14 20.05
C TYR A 829 16.83 6.65 19.78
N GLU A 830 17.65 6.07 18.90
CA GLU A 830 17.54 4.65 18.60
C GLU A 830 18.19 3.81 19.68
N GLN A 831 17.47 2.77 20.11
CA GLN A 831 17.92 1.86 21.14
C GLN A 831 18.91 0.85 20.55
N ALA A 832 19.51 0.06 21.42
CA ALA A 832 20.47 -0.94 20.96
C ALA A 832 19.77 -2.05 20.19
N GLU A 833 20.55 -2.76 19.38
CA GLU A 833 20.10 -3.86 18.55
C GLU A 833 20.50 -5.22 19.13
N SER A 834 21.73 -5.32 19.58
CA SER A 834 22.31 -6.52 20.17
C SER A 834 22.86 -6.10 21.52
N ASP A 835 23.90 -6.76 22.01
CA ASP A 835 24.47 -6.40 23.30
C ASP A 835 25.75 -5.63 23.03
N ILE A 836 25.79 -4.38 23.47
CA ILE A 836 26.95 -3.51 23.29
C ILE A 836 27.99 -3.76 24.36
N MET A 837 27.55 -3.93 25.60
CA MET A 837 28.44 -4.16 26.74
C MET A 837 29.13 -5.52 26.68
N LYS A 838 29.11 -6.17 25.51
CA LYS A 838 29.72 -7.47 25.32
C LYS A 838 30.87 -7.49 24.32
N ARG A 839 30.88 -6.59 23.34
CA ARG A 839 31.96 -6.56 22.35
C ARG A 839 33.18 -5.81 22.88
N GLN A 840 34.33 -6.13 22.29
CA GLN A 840 35.59 -5.52 22.68
C GLN A 840 35.65 -4.07 22.20
N PRO A 841 36.49 -3.23 22.83
CA PRO A 841 36.58 -1.83 22.41
C PRO A 841 37.06 -1.66 20.97
N ARG A 842 36.52 -0.63 20.31
CA ARG A 842 36.89 -0.36 18.93
C ARG A 842 38.34 0.07 18.80
N ASN A 843 38.99 -0.39 17.73
CA ASN A 843 40.38 -0.05 17.50
C ASN A 843 40.47 1.33 16.85
N PRO A 844 41.30 2.24 17.38
CA PRO A 844 41.37 3.57 16.76
C PRO A 844 42.14 3.61 15.45
N LYS A 845 43.19 2.78 15.31
CA LYS A 845 43.97 2.76 14.08
C LYS A 845 43.33 2.01 12.92
N THR A 846 42.27 1.23 13.14
CA THR A 846 41.68 0.53 12.00
C THR A 846 40.19 0.79 11.80
N ASP A 847 39.38 0.71 12.84
CA ASP A 847 37.95 0.95 12.71
C ASP A 847 37.72 2.44 12.85
N LYS A 848 36.91 3.00 11.96
CA LYS A 848 36.61 4.43 11.97
C LYS A 848 35.11 4.68 12.07
N LEU A 849 34.74 5.93 11.84
CA LEU A 849 33.36 6.41 11.87
C LEU A 849 32.77 6.50 10.48
N VAL A 850 33.58 6.93 9.51
CA VAL A 850 33.18 7.07 8.13
C VAL A 850 34.24 6.34 7.32
N ASN A 851 33.93 5.13 6.89
CA ASN A 851 34.82 4.29 6.11
C ASN A 851 34.36 4.36 4.66
N GLU A 852 34.79 3.40 3.85
CA GLU A 852 34.39 3.38 2.45
C GLU A 852 33.09 2.63 2.24
N ARG A 853 32.72 1.74 3.17
CA ARG A 853 31.48 0.99 3.07
C ARG A 853 30.28 1.94 3.03
N LEU A 854 30.31 2.98 3.88
CA LEU A 854 29.22 3.93 3.92
C LEU A 854 29.17 4.70 2.61
N ILE A 855 30.35 5.10 2.09
CA ILE A 855 30.39 5.83 0.83
C ILE A 855 29.78 4.97 -0.27
N SER A 856 30.04 3.65 -0.21
CA SER A 856 29.51 2.75 -1.22
C SER A 856 28.00 2.65 -1.11
N MET A 857 27.45 2.90 0.08
CA MET A 857 26.00 2.83 0.24
C MET A 857 25.28 4.13 -0.09
N ALA A 858 25.62 5.20 0.64
CA ALA A 858 24.99 6.50 0.43
C ALA A 858 25.28 7.07 -0.96
N TYR A 859 26.56 7.26 -1.28
CA TYR A 859 26.94 7.83 -2.57
C TYR A 859 26.80 6.84 -3.72
N GLY A 860 26.97 5.55 -3.46
CA GLY A 860 26.87 4.56 -4.51
C GLY A 860 25.56 3.87 -4.86
N GLN A 861 24.75 3.49 -3.88
CA GLN A 861 23.51 2.79 -4.17
C GLN A 861 22.22 3.53 -3.86
N ILE A 862 21.93 3.84 -2.60
CA ILE A 862 20.69 4.54 -2.25
C ILE A 862 20.58 5.90 -2.95
N GLY A 863 21.63 6.72 -2.86
CA GLY A 863 21.59 8.03 -3.51
C GLY A 863 21.34 7.96 -5.00
N MET A 864 21.82 6.90 -5.65
CA MET A 864 21.63 6.76 -7.08
C MET A 864 20.15 6.57 -7.39
N ILE A 865 19.48 5.72 -6.61
CA ILE A 865 18.06 5.47 -6.83
C ILE A 865 17.26 6.75 -6.58
N GLN A 866 17.64 7.50 -5.53
CA GLN A 866 16.91 8.73 -5.26
C GLN A 866 17.08 9.72 -6.41
N ALA A 867 18.27 9.78 -7.00
CA ALA A 867 18.50 10.68 -8.12
C ALA A 867 17.66 10.26 -9.32
N LEU A 868 17.56 8.95 -9.56
CA LEU A 868 16.76 8.48 -10.69
C LEU A 868 15.29 8.83 -10.49
N GLY A 869 14.81 8.70 -9.25
CA GLY A 869 13.41 9.05 -9.00
C GLY A 869 13.15 10.52 -9.24
N GLY A 870 14.10 11.37 -8.84
CA GLY A 870 13.93 12.80 -9.07
C GLY A 870 13.87 13.11 -10.55
N PHE A 871 14.77 12.49 -11.33
CA PHE A 871 14.76 12.75 -12.77
C PHE A 871 13.46 12.24 -13.38
N PHE A 872 12.92 11.14 -12.84
CA PHE A 872 11.66 10.63 -13.35
C PHE A 872 10.58 11.68 -13.23
N SER A 873 10.33 12.14 -12.00
CA SER A 873 9.31 13.17 -11.79
C SER A 873 9.56 14.37 -12.69
N TYR A 874 10.83 14.71 -12.90
CA TYR A 874 11.20 15.83 -13.75
C TYR A 874 10.65 15.63 -15.17
N PHE A 875 11.13 14.58 -15.84
CA PHE A 875 10.69 14.28 -17.19
C PHE A 875 9.17 14.18 -17.27
N VAL A 876 8.51 13.70 -16.21
CA VAL A 876 7.06 13.59 -16.25
C VAL A 876 6.41 14.97 -16.32
N ILE A 877 6.87 15.89 -15.48
CA ILE A 877 6.32 17.24 -15.49
C ILE A 877 6.52 17.90 -16.84
N LEU A 878 7.72 17.76 -17.43
CA LEU A 878 7.95 18.38 -18.72
C LEU A 878 7.16 17.69 -19.85
N ALA A 879 7.03 16.37 -19.80
CA ALA A 879 6.31 15.66 -20.84
C ALA A 879 4.81 15.97 -20.82
N GLU A 880 4.25 16.23 -19.63
CA GLU A 880 2.82 16.53 -19.58
C GLU A 880 2.51 17.93 -20.09
N ASN A 881 3.45 18.86 -20.00
CA ASN A 881 3.20 20.21 -20.48
C ASN A 881 3.54 20.42 -21.95
N GLY A 882 4.15 19.44 -22.62
CA GLY A 882 4.47 19.64 -24.02
C GLY A 882 5.91 19.42 -24.46
N PHE A 883 6.85 19.28 -23.53
CA PHE A 883 8.25 19.08 -23.86
C PHE A 883 8.63 17.62 -23.65
N LEU A 884 8.60 16.85 -24.74
CA LEU A 884 8.95 15.43 -24.70
C LEU A 884 10.45 15.24 -24.47
N PRO A 885 10.85 14.08 -23.94
CA PRO A 885 12.29 13.84 -23.69
C PRO A 885 13.21 13.93 -24.89
N MET A 886 12.72 13.69 -26.12
CA MET A 886 13.61 13.78 -27.27
C MET A 886 13.98 15.22 -27.62
N ASP A 887 13.10 16.17 -27.37
CA ASP A 887 13.36 17.57 -27.68
C ASP A 887 14.04 18.35 -26.55
N LEU A 888 14.28 17.74 -25.38
CA LEU A 888 14.92 18.49 -24.31
C LEU A 888 16.44 18.54 -24.43
N ILE A 889 17.05 17.54 -25.07
CA ILE A 889 18.50 17.51 -25.23
C ILE A 889 18.95 18.55 -26.24
N GLY A 890 19.71 19.56 -25.79
CA GLY A 890 20.19 20.59 -26.69
C GLY A 890 19.46 21.92 -26.63
N LYS A 891 18.37 22.01 -25.88
CA LYS A 891 17.56 23.21 -25.76
C LYS A 891 18.07 24.27 -24.78
N ARG A 892 18.88 23.92 -23.78
CA ARG A 892 19.37 24.89 -22.80
C ARG A 892 19.79 26.26 -23.35
N VAL A 893 20.64 26.32 -24.39
CA VAL A 893 21.06 27.61 -24.93
C VAL A 893 19.88 28.53 -25.20
N ARG A 894 18.78 27.98 -25.72
CA ARG A 894 17.62 28.80 -25.99
C ARG A 894 16.62 28.77 -24.84
N TRP A 895 16.67 27.73 -24.01
CA TRP A 895 15.75 27.66 -22.87
C TRP A 895 16.09 28.72 -21.84
N ASP A 896 17.36 29.15 -21.80
CA ASP A 896 17.81 30.16 -20.87
C ASP A 896 17.87 31.53 -21.50
N ASP A 897 17.89 31.60 -22.83
CA ASP A 897 17.93 32.87 -23.56
C ASP A 897 16.77 33.75 -23.11
N ARG A 898 17.09 34.89 -22.51
CA ARG A 898 16.07 35.82 -22.03
C ARG A 898 15.39 36.62 -23.13
N TRP A 899 15.87 36.57 -24.38
CA TRP A 899 15.26 37.35 -25.45
C TRP A 899 14.61 36.50 -26.54
N ILE A 900 14.34 35.22 -26.29
CA ILE A 900 13.70 34.36 -27.29
C ILE A 900 12.29 34.09 -26.80
N SER A 901 11.32 34.87 -27.29
CA SER A 901 9.93 34.71 -26.90
C SER A 901 9.16 33.73 -27.79
N ASP A 902 9.85 32.75 -28.39
CA ASP A 902 9.20 31.77 -29.26
C ASP A 902 10.01 30.47 -29.28
N VAL A 903 9.76 29.61 -28.29
CA VAL A 903 10.46 28.33 -28.18
C VAL A 903 9.47 27.23 -28.52
N GLU A 904 9.70 26.57 -29.65
CA GLU A 904 8.85 25.49 -30.11
C GLU A 904 9.04 24.23 -29.28
N ASP A 905 7.93 23.59 -28.91
CA ASP A 905 7.99 22.38 -28.11
C ASP A 905 7.76 21.19 -29.05
N SER A 906 7.65 19.99 -28.46
CA SER A 906 7.43 18.79 -29.26
C SER A 906 6.14 18.81 -30.06
N PHE A 907 5.16 19.65 -29.71
CA PHE A 907 3.91 19.69 -30.45
C PHE A 907 3.78 20.90 -31.38
N GLY A 908 4.72 21.84 -31.34
CA GLY A 908 4.66 23.00 -32.20
C GLY A 908 4.20 24.29 -31.55
N GLN A 909 3.91 24.29 -30.25
CA GLN A 909 3.46 25.48 -29.57
C GLN A 909 4.63 26.42 -29.30
N GLN A 910 4.33 27.72 -29.22
CA GLN A 910 5.34 28.75 -28.97
C GLN A 910 5.23 29.22 -27.52
N TRP A 911 6.31 29.05 -26.77
CA TRP A 911 6.39 29.41 -25.36
C TRP A 911 7.28 30.61 -25.08
N THR A 912 6.74 31.61 -24.38
CA THR A 912 7.54 32.77 -24.06
C THR A 912 8.56 32.39 -22.98
N TYR A 913 9.47 33.31 -22.66
CA TYR A 913 10.50 33.04 -21.65
C TYR A 913 9.95 32.78 -20.25
N GLU A 914 9.12 33.71 -19.73
CA GLU A 914 8.58 33.52 -18.38
C GLU A 914 7.68 32.29 -18.28
N GLN A 915 7.01 31.92 -19.37
CA GLN A 915 6.14 30.75 -19.31
C GLN A 915 6.95 29.47 -19.13
N ARG A 916 8.06 29.33 -19.85
CA ARG A 916 8.87 28.12 -19.70
C ARG A 916 9.58 28.14 -18.35
N LYS A 917 9.89 29.33 -17.83
CA LYS A 917 10.57 29.39 -16.54
C LYS A 917 9.63 28.93 -15.43
N ILE A 918 8.34 29.25 -15.54
CA ILE A 918 7.40 28.82 -14.51
C ILE A 918 7.37 27.29 -14.43
N VAL A 919 7.43 26.63 -15.59
CA VAL A 919 7.42 25.18 -15.61
C VAL A 919 8.71 24.63 -15.00
N GLU A 920 9.85 25.27 -15.27
CA GLU A 920 11.09 24.78 -14.69
C GLU A 920 11.03 24.87 -13.17
N PHE A 921 10.42 25.95 -12.65
CA PHE A 921 10.33 26.09 -11.21
C PHE A 921 9.39 25.02 -10.64
N THR A 922 8.29 24.73 -11.35
CA THR A 922 7.40 23.70 -10.82
C THR A 922 8.13 22.35 -10.83
N CYS A 923 9.14 22.22 -11.70
CA CYS A 923 9.89 20.97 -11.74
C CYS A 923 10.85 20.92 -10.58
N HIS A 924 11.20 22.09 -10.05
CA HIS A 924 12.11 22.11 -8.91
C HIS A 924 11.31 21.70 -7.68
N THR A 925 10.09 22.22 -7.59
CA THR A 925 9.22 21.90 -6.47
C THR A 925 8.95 20.40 -6.42
N SER A 926 8.61 19.81 -7.58
CA SER A 926 8.34 18.38 -7.55
C SER A 926 9.62 17.58 -7.31
N PHE A 927 10.79 18.09 -7.71
CA PHE A 927 12.01 17.35 -7.47
C PHE A 927 12.26 17.28 -5.96
N PHE A 928 12.03 18.41 -5.28
CA PHE A 928 12.21 18.49 -3.83
C PHE A 928 11.24 17.55 -3.11
N ILE A 929 10.02 17.46 -3.63
CA ILE A 929 9.04 16.58 -2.99
C ILE A 929 9.44 15.12 -3.23
N SER A 930 10.05 14.84 -4.39
CA SER A 930 10.47 13.48 -4.66
C SER A 930 11.57 13.10 -3.69
N ILE A 931 12.43 14.08 -3.38
CA ILE A 931 13.52 13.85 -2.43
C ILE A 931 12.93 13.44 -1.09
N VAL A 932 11.90 14.16 -0.64
CA VAL A 932 11.28 13.81 0.64
C VAL A 932 10.68 12.40 0.60
N VAL A 933 10.02 12.07 -0.51
CA VAL A 933 9.41 10.74 -0.64
C VAL A 933 10.46 9.63 -0.53
N VAL A 934 11.61 9.81 -1.19
CA VAL A 934 12.62 8.76 -1.09
C VAL A 934 13.31 8.82 0.27
N GLN A 935 13.30 9.97 0.93
CA GLN A 935 13.92 10.05 2.23
C GLN A 935 13.12 9.27 3.24
N TRP A 936 11.84 9.02 2.97
CA TRP A 936 11.05 8.24 3.91
C TRP A 936 11.68 6.85 4.06
N ALA A 937 11.85 6.16 2.93
CA ALA A 937 12.45 4.84 2.95
C ALA A 937 13.91 4.90 3.35
N ASP A 938 14.56 6.05 3.17
CA ASP A 938 15.96 6.08 3.58
C ASP A 938 16.05 6.18 5.09
N LEU A 939 15.14 6.92 5.72
CA LEU A 939 15.15 7.04 7.17
C LEU A 939 14.73 5.73 7.81
N ILE A 940 13.96 4.92 7.08
CA ILE A 940 13.53 3.65 7.64
C ILE A 940 14.63 2.61 7.47
N ILE A 941 15.36 2.66 6.35
CA ILE A 941 16.42 1.68 6.19
C ILE A 941 17.65 2.10 6.98
N CYS A 942 17.71 3.36 7.42
CA CYS A 942 18.83 3.86 8.19
C CYS A 942 18.56 3.68 9.67
N LYS A 943 17.30 3.43 10.05
CA LYS A 943 16.95 3.23 11.45
C LYS A 943 17.77 2.09 12.05
N THR A 944 17.87 0.97 11.34
CA THR A 944 18.62 -0.21 11.78
C THR A 944 19.75 -0.49 10.80
N ARG A 945 20.90 -0.92 11.33
CA ARG A 945 22.06 -1.23 10.50
C ARG A 945 22.14 -2.70 10.12
N ARG A 946 21.69 -3.60 10.99
CA ARG A 946 21.73 -5.03 10.70
C ARG A 946 20.35 -5.66 10.83
N ASN A 947 19.75 -5.56 12.02
CA ASN A 947 18.43 -6.09 12.32
C ASN A 947 17.35 -5.65 11.34
N SER A 948 16.21 -6.32 11.38
CA SER A 948 15.08 -6.02 10.50
C SER A 948 14.11 -5.07 11.20
N ILE A 949 13.26 -4.44 10.39
CA ILE A 949 12.28 -3.51 10.96
C ILE A 949 11.21 -4.27 11.73
N PHE A 950 10.84 -5.47 11.27
CA PHE A 950 9.82 -6.25 11.97
C PHE A 950 10.33 -6.85 13.27
N GLN A 951 11.59 -6.62 13.61
CA GLN A 951 12.18 -7.14 14.85
C GLN A 951 12.32 -5.98 15.83
N GLN A 952 13.20 -5.01 15.53
CA GLN A 952 13.41 -3.83 16.37
C GLN A 952 12.06 -3.22 16.69
N GLY A 953 11.43 -2.64 15.69
CA GLY A 953 10.12 -2.03 15.84
C GLY A 953 10.17 -0.50 15.74
N MET A 954 9.02 0.07 15.36
CA MET A 954 8.88 1.52 15.22
C MET A 954 8.36 2.12 16.53
N LYS A 955 9.16 1.92 17.58
CA LYS A 955 8.81 2.44 18.90
C LYS A 955 9.36 3.84 19.13
N ASN A 956 10.17 4.34 18.19
CA ASN A 956 10.77 5.67 18.27
C ASN A 956 9.72 6.68 17.80
N LYS A 957 9.10 7.38 18.76
CA LYS A 957 8.07 8.36 18.43
C LYS A 957 8.65 9.58 17.70
N ILE A 958 9.91 9.93 17.99
CA ILE A 958 10.52 11.09 17.33
C ILE A 958 10.64 10.85 15.83
N LEU A 959 11.05 9.66 15.42
CA LEU A 959 11.18 9.37 13.99
C LEU A 959 9.83 9.52 13.28
N ILE A 960 8.75 9.02 13.91
CA ILE A 960 7.42 9.12 13.32
C ILE A 960 7.05 10.59 13.16
N PHE A 961 7.36 11.39 14.19
CA PHE A 961 7.06 12.81 14.14
C PHE A 961 7.88 13.48 13.06
N GLY A 962 9.10 12.97 12.84
CA GLY A 962 9.96 13.54 11.81
C GLY A 962 9.35 13.33 10.44
N LEU A 963 8.85 12.12 10.17
CA LEU A 963 8.24 11.86 8.88
C LEU A 963 7.02 12.75 8.65
N PHE A 964 6.13 12.82 9.64
CA PHE A 964 4.93 13.64 9.52
C PHE A 964 5.28 15.12 9.26
N GLU A 965 6.22 15.66 10.05
CA GLU A 965 6.60 17.06 9.86
C GLU A 965 7.29 17.27 8.52
N GLU A 966 8.13 16.33 8.11
CA GLU A 966 8.83 16.42 6.84
C GLU A 966 7.85 16.54 5.69
N THR A 967 6.70 15.86 5.79
CA THR A 967 5.72 15.94 4.71
C THR A 967 4.92 17.24 4.79
N ALA A 968 4.53 17.63 6.02
CA ALA A 968 3.75 18.85 6.18
C ALA A 968 4.52 20.07 5.71
N LEU A 969 5.83 20.10 5.92
CA LEU A 969 6.62 21.26 5.50
C LEU A 969 6.66 21.37 3.98
N ALA A 970 6.82 20.25 3.27
CA ALA A 970 6.85 20.31 1.81
C ALA A 970 5.51 20.78 1.26
N ALA A 971 4.41 20.30 1.85
CA ALA A 971 3.10 20.73 1.36
C ALA A 971 2.89 22.20 1.65
N PHE A 972 3.37 22.67 2.81
CA PHE A 972 3.22 24.07 3.14
C PHE A 972 4.02 24.97 2.21
N LEU A 973 5.27 24.59 1.92
CA LEU A 973 6.08 25.41 1.02
C LEU A 973 5.51 25.44 -0.38
N SER A 974 4.76 24.42 -0.78
CA SER A 974 4.25 24.51 -2.15
C SER A 974 2.87 25.18 -2.27
N TYR A 975 1.92 24.84 -1.39
CA TYR A 975 0.57 25.39 -1.43
C TYR A 975 0.35 26.77 -0.79
N CYS A 976 1.27 27.32 -0.02
CA CYS A 976 0.99 28.62 0.57
C CYS A 976 1.08 29.77 -0.44
N PRO A 977 0.08 30.65 -0.47
CA PRO A 977 0.10 31.78 -1.42
C PRO A 977 1.32 32.67 -1.23
N GLY A 978 1.79 33.22 -2.35
CA GLY A 978 2.95 34.10 -2.29
C GLY A 978 4.27 33.40 -2.18
N THR A 979 4.33 32.11 -2.46
CA THR A 979 5.60 31.41 -2.36
C THR A 979 6.34 31.49 -3.69
N ASP A 980 5.72 32.12 -4.68
CA ASP A 980 6.29 32.30 -6.00
C ASP A 980 7.04 33.62 -6.07
N VAL A 981 6.92 34.43 -5.01
CA VAL A 981 7.55 35.72 -4.86
C VAL A 981 8.75 35.58 -3.94
N ALA A 982 8.69 34.61 -3.02
CA ALA A 982 9.78 34.40 -2.08
C ALA A 982 10.75 33.26 -2.41
N LEU A 983 10.27 32.02 -2.41
CA LEU A 983 11.12 30.88 -2.70
C LEU A 983 11.05 30.35 -4.13
N ARG A 984 10.12 30.82 -4.96
CA ARG A 984 9.99 30.33 -6.34
C ARG A 984 9.54 28.89 -6.38
N MET A 985 8.40 28.59 -5.76
CA MET A 985 7.85 27.23 -5.71
C MET A 985 6.37 27.32 -6.01
N TYR A 986 5.95 26.71 -7.13
CA TYR A 986 4.57 26.70 -7.60
C TYR A 986 3.82 25.47 -7.15
N PRO A 987 2.49 25.54 -7.09
CA PRO A 987 1.69 24.38 -6.67
C PRO A 987 1.79 23.22 -7.64
N LEU A 988 1.61 22.02 -7.10
CA LEU A 988 1.66 20.78 -7.87
C LEU A 988 0.27 20.18 -8.05
N LYS A 989 0.11 19.47 -9.13
CA LYS A 989 -1.14 18.81 -9.47
C LYS A 989 -1.14 17.43 -8.82
N PRO A 990 -2.18 17.09 -8.05
CA PRO A 990 -2.25 15.80 -7.35
C PRO A 990 -1.78 14.52 -8.03
N SER A 991 -1.56 14.49 -9.34
CA SER A 991 -1.10 13.24 -9.93
C SER A 991 0.41 13.12 -9.92
N TRP A 992 1.12 14.23 -9.76
CA TRP A 992 2.58 14.23 -9.74
C TRP A 992 3.14 13.63 -8.45
N TRP A 993 2.61 14.02 -7.28
CA TRP A 993 3.07 13.51 -5.99
C TRP A 993 3.30 12.00 -5.91
N PHE A 994 2.79 11.23 -6.87
CA PHE A 994 2.95 9.79 -6.87
C PHE A 994 4.02 9.28 -7.83
N CYS A 995 4.91 10.13 -8.33
CA CYS A 995 5.94 9.67 -9.25
C CYS A 995 7.16 9.08 -8.56
N ALA A 996 7.36 9.36 -7.26
CA ALA A 996 8.51 8.84 -6.52
C ALA A 996 8.20 7.62 -5.65
N PHE A 997 6.92 7.26 -5.49
CA PHE A 997 6.54 6.12 -4.66
C PHE A 997 7.21 4.79 -5.04
N PRO A 998 7.24 4.37 -6.31
CA PRO A 998 7.88 3.08 -6.62
C PRO A 998 9.35 3.03 -6.25
N TYR A 999 10.07 4.12 -6.46
CA TYR A 999 11.49 4.15 -6.13
C TYR A 999 11.68 3.95 -4.63
N SER A 1000 10.81 4.57 -3.83
CA SER A 1000 10.91 4.45 -2.38
C SER A 1000 10.67 3.00 -1.94
N LEU A 1001 9.61 2.38 -2.45
CA LEU A 1001 9.37 1.00 -2.04
C LEU A 1001 10.53 0.11 -2.47
N ILE A 1002 11.10 0.37 -3.66
CA ILE A 1002 12.22 -0.43 -4.12
C ILE A 1002 13.41 -0.27 -3.18
N ILE A 1003 13.65 0.96 -2.72
CA ILE A 1003 14.77 1.19 -1.80
C ILE A 1003 14.56 0.38 -0.53
N PHE A 1004 13.32 0.34 -0.06
CA PHE A 1004 13.00 -0.41 1.15
C PHE A 1004 13.23 -1.91 0.95
N LEU A 1005 12.79 -2.44 -0.18
CA LEU A 1005 12.98 -3.88 -0.43
C LEU A 1005 14.44 -4.23 -0.61
N TYR A 1006 15.20 -3.39 -1.31
CA TYR A 1006 16.62 -3.67 -1.53
C TYR A 1006 17.36 -3.70 -0.21
N ASP A 1007 17.19 -2.65 0.62
CA ASP A 1007 17.90 -2.65 1.90
C ASP A 1007 17.39 -3.77 2.80
N GLU A 1008 16.12 -4.18 2.67
CA GLU A 1008 15.64 -5.25 3.53
C GLU A 1008 16.33 -6.55 3.18
N MET A 1009 16.47 -6.85 1.88
CA MET A 1009 17.16 -8.09 1.53
C MET A 1009 18.64 -7.96 1.83
N ARG A 1010 19.17 -6.73 1.84
CA ARG A 1010 20.57 -6.52 2.14
C ARG A 1010 20.86 -6.94 3.57
N ARG A 1011 20.07 -6.40 4.52
CA ARG A 1011 20.17 -6.67 5.96
C ARG A 1011 19.74 -8.08 6.33
N PHE A 1012 19.63 -8.96 5.35
CA PHE A 1012 19.22 -10.34 5.55
C PHE A 1012 20.34 -11.34 5.30
N ILE A 1013 21.10 -11.14 4.22
CA ILE A 1013 22.20 -12.04 3.93
C ILE A 1013 23.28 -11.84 4.97
N ILE A 1014 23.36 -10.62 5.53
CA ILE A 1014 24.35 -10.34 6.56
C ILE A 1014 24.06 -11.20 7.78
N ARG A 1015 22.78 -11.35 8.11
CA ARG A 1015 22.38 -12.15 9.25
C ARG A 1015 22.60 -13.63 8.99
N ARG A 1016 22.34 -14.08 7.76
CA ARG A 1016 22.53 -15.51 7.47
C ARG A 1016 23.98 -15.87 7.15
N SER A 1017 24.71 -15.00 6.44
CA SER A 1017 26.10 -15.26 6.07
C SER A 1017 27.06 -14.35 6.82
N PRO A 1018 27.51 -14.72 8.02
CA PRO A 1018 28.44 -13.86 8.77
C PRO A 1018 29.86 -13.97 8.25
N GLY A 1019 30.44 -12.83 7.90
CA GLY A 1019 31.79 -12.76 7.39
C GLY A 1019 31.89 -12.82 5.89
N GLY A 1020 30.77 -12.92 5.19
CA GLY A 1020 30.74 -12.98 3.75
C GLY A 1020 31.00 -11.70 2.98
N TRP A 1021 30.52 -11.69 1.74
CA TRP A 1021 30.68 -10.55 0.85
C TRP A 1021 29.82 -9.35 1.25
N VAL A 1022 28.52 -9.58 1.49
CA VAL A 1022 27.64 -8.47 1.85
C VAL A 1022 28.09 -7.79 3.14
N GLU A 1023 28.77 -8.52 4.02
CA GLU A 1023 29.22 -7.92 5.27
C GLU A 1023 30.50 -7.12 5.09
N GLN A 1024 31.52 -7.70 4.46
CA GLN A 1024 32.74 -6.92 4.30
C GLN A 1024 32.64 -5.91 3.17
N GLU A 1025 31.48 -5.77 2.54
CA GLU A 1025 31.32 -4.82 1.46
C GLU A 1025 30.30 -3.73 1.78
N THR A 1026 29.18 -4.08 2.44
CA THR A 1026 28.14 -3.11 2.77
C THR A 1026 27.84 -2.89 4.26
N TYR A 1027 28.55 -3.56 5.19
CA TYR A 1027 28.25 -3.40 6.63
C TYR A 1027 28.95 -2.22 7.33
N TYR A 1028 28.58 -1.02 6.92
CA TYR A 1028 29.09 0.24 7.49
C TYR A 1028 30.44 0.24 8.22
N GLY B 12 53.44 4.24 3.93
CA GLY B 12 52.15 4.85 3.69
C GLY B 12 51.93 5.25 2.25
N TRP B 13 52.46 6.42 1.88
CA TRP B 13 52.35 6.95 0.53
C TRP B 13 52.59 5.91 -0.56
N LYS B 14 53.71 5.21 -0.47
CA LYS B 14 54.09 4.19 -1.45
C LYS B 14 53.34 2.87 -1.26
N LYS B 15 53.29 2.35 -0.02
CA LYS B 15 52.61 1.07 0.22
C LYS B 15 51.14 1.08 -0.18
N PHE B 16 50.34 1.99 0.39
CA PHE B 16 48.91 2.02 0.02
C PHE B 16 48.67 2.17 -1.47
N LEU B 17 49.72 2.27 -2.26
CA LEU B 17 49.64 2.40 -3.71
C LEU B 17 49.98 1.10 -4.42
N TRP B 18 51.00 0.40 -3.91
CA TRP B 18 51.42 -0.85 -4.50
C TRP B 18 52.43 -1.59 -3.62
N ASP B 19 52.02 -2.73 -3.08
CA ASP B 19 52.85 -3.57 -2.25
C ASP B 19 53.12 -4.82 -3.08
N SER B 20 54.25 -5.49 -2.85
CA SER B 20 54.51 -6.67 -3.66
C SER B 20 54.45 -7.98 -2.91
N GLU B 21 53.93 -8.02 -1.69
CA GLU B 21 53.85 -9.30 -1.00
C GLU B 21 52.45 -9.86 -1.18
N LYS B 22 51.43 -9.04 -0.92
CA LYS B 22 50.04 -9.41 -1.07
C LYS B 22 49.52 -9.12 -2.48
N LYS B 23 50.37 -8.57 -3.36
CA LYS B 23 50.01 -8.23 -4.73
C LYS B 23 48.73 -7.40 -4.79
N GLU B 24 48.72 -6.33 -3.98
CA GLU B 24 47.60 -5.41 -3.87
C GLU B 24 47.85 -4.06 -4.53
N PHE B 25 46.80 -3.51 -5.13
CA PHE B 25 46.85 -2.21 -5.80
C PHE B 25 45.77 -1.34 -5.15
N LEU B 26 46.17 -0.20 -4.58
CA LEU B 26 45.27 0.74 -3.92
C LEU B 26 44.62 0.17 -2.67
N GLY B 27 44.75 -1.13 -2.43
CA GLY B 27 44.15 -1.73 -1.25
C GLY B 27 43.60 -3.14 -1.42
N ARG B 28 43.16 -3.48 -2.62
CA ARG B 28 42.62 -4.81 -2.89
C ARG B 28 43.46 -5.53 -3.94
N THR B 29 43.09 -6.78 -4.19
CA THR B 29 43.77 -7.62 -5.18
C THR B 29 42.97 -7.55 -6.47
N GLY B 30 43.37 -8.33 -7.48
CA GLY B 30 42.63 -8.29 -8.74
C GLY B 30 41.23 -8.87 -8.65
N SER B 31 41.02 -9.83 -7.73
CA SER B 31 39.70 -10.43 -7.62
C SER B 31 38.74 -9.55 -6.86
N SER B 32 39.23 -8.61 -6.05
CA SER B 32 38.31 -7.75 -5.35
C SER B 32 37.81 -6.69 -6.31
N TRP B 33 38.75 -6.00 -6.98
CA TRP B 33 38.36 -5.00 -7.95
C TRP B 33 37.40 -5.62 -8.96
N PHE B 34 37.60 -6.92 -9.28
CA PHE B 34 36.70 -7.54 -10.24
C PHE B 34 35.32 -7.84 -9.66
N LYS B 35 35.25 -8.21 -8.37
CA LYS B 35 33.93 -8.48 -7.84
C LYS B 35 33.15 -7.19 -7.64
N ILE B 36 33.83 -6.14 -7.17
CA ILE B 36 33.15 -4.85 -6.98
C ILE B 36 32.68 -4.30 -8.32
N PHE B 37 33.55 -4.34 -9.34
CA PHE B 37 33.16 -3.83 -10.65
C PHE B 37 31.99 -4.61 -11.22
N LEU B 38 32.01 -5.94 -11.10
CA LEU B 38 30.91 -6.73 -11.63
C LEU B 38 29.60 -6.41 -10.91
N PHE B 39 29.68 -6.23 -9.58
CA PHE B 39 28.47 -5.91 -8.83
C PHE B 39 27.91 -4.57 -9.26
N TYR B 40 28.76 -3.55 -9.35
CA TYR B 40 28.26 -2.24 -9.76
C TYR B 40 27.72 -2.28 -11.18
N LEU B 41 28.31 -3.09 -12.06
CA LEU B 41 27.79 -3.13 -13.43
C LEU B 41 26.40 -3.73 -13.45
N ILE B 42 26.19 -4.82 -12.70
CA ILE B 42 24.86 -5.44 -12.68
C ILE B 42 23.84 -4.52 -12.01
N PHE B 43 24.23 -3.90 -10.90
CA PHE B 43 23.34 -3.00 -10.18
C PHE B 43 22.91 -1.83 -11.05
N TYR B 44 23.89 -1.12 -11.62
CA TYR B 44 23.57 0.02 -12.48
C TYR B 44 22.80 -0.42 -13.71
N GLY B 45 23.03 -1.64 -14.21
CA GLY B 45 22.30 -2.10 -15.38
C GLY B 45 20.83 -2.25 -15.03
N CYS B 46 20.55 -2.83 -13.86
CA CYS B 46 19.17 -3.00 -13.44
C CYS B 46 18.51 -1.64 -13.24
N LEU B 47 19.27 -0.69 -12.67
CA LEU B 47 18.75 0.65 -12.44
C LEU B 47 18.34 1.30 -13.77
N ALA B 48 19.19 1.16 -14.78
CA ALA B 48 18.90 1.73 -16.10
C ALA B 48 17.68 1.08 -16.72
N GLY B 49 17.59 -0.25 -16.65
CA GLY B 49 16.44 -0.92 -17.24
C GLY B 49 15.12 -0.53 -16.58
N ILE B 50 15.15 -0.33 -15.26
CA ILE B 50 13.94 0.05 -14.55
C ILE B 50 13.52 1.46 -14.94
N PHE B 51 14.48 2.39 -14.98
CA PHE B 51 14.16 3.76 -15.35
C PHE B 51 13.59 3.80 -16.77
N ILE B 52 14.16 2.99 -17.67
CA ILE B 52 13.67 2.96 -19.05
C ILE B 52 12.25 2.42 -19.11
N GLY B 53 11.95 1.37 -18.34
CA GLY B 53 10.60 0.84 -18.37
C GLY B 53 9.59 1.85 -17.86
N THR B 54 9.95 2.55 -16.77
CA THR B 54 9.03 3.54 -16.23
C THR B 54 8.89 4.74 -17.15
N ILE B 55 9.80 4.90 -18.12
CA ILE B 55 9.68 6.03 -19.03
C ILE B 55 8.85 5.58 -20.24
N GLN B 56 8.89 4.28 -20.55
CA GLN B 56 8.12 3.80 -21.69
C GLN B 56 6.64 3.83 -21.35
N VAL B 57 6.30 3.48 -20.11
CA VAL B 57 4.88 3.54 -19.75
C VAL B 57 4.42 4.98 -19.85
N LEU B 58 5.36 5.92 -19.67
CA LEU B 58 5.01 7.33 -19.77
C LEU B 58 4.77 7.71 -21.21
N LEU B 59 5.52 7.10 -22.13
CA LEU B 59 5.28 7.43 -23.53
C LEU B 59 3.93 6.90 -23.93
N LEU B 60 3.48 5.83 -23.27
CA LEU B 60 2.18 5.27 -23.57
C LEU B 60 1.05 6.08 -22.94
N THR B 61 1.35 6.87 -21.89
CA THR B 61 0.33 7.69 -21.22
C THR B 61 0.02 9.04 -21.88
N LEU B 62 0.69 9.46 -22.95
CA LEU B 62 0.40 10.75 -23.57
C LEU B 62 -0.09 10.62 -25.01
N SER B 63 -0.84 11.64 -25.44
CA SER B 63 -1.38 11.71 -26.79
C SER B 63 -0.47 12.52 -27.71
N ASP B 64 -0.42 12.09 -28.98
CA ASP B 64 0.40 12.73 -30.01
C ASP B 64 -0.24 13.93 -30.69
N PHE B 65 -1.53 14.18 -30.53
CA PHE B 65 -2.17 15.31 -31.17
C PHE B 65 -2.58 16.43 -30.24
N GLU B 66 -2.26 16.34 -28.95
CA GLU B 66 -2.66 17.42 -28.06
C GLU B 66 -1.96 17.42 -26.71
N PRO B 67 -1.53 18.59 -26.21
CA PRO B 67 -0.87 18.63 -24.90
C PRO B 67 -1.94 18.53 -23.83
N LYS B 68 -1.73 17.63 -22.87
CA LYS B 68 -2.69 17.43 -21.79
C LYS B 68 -2.95 18.72 -21.01
N TYR B 69 -1.91 19.46 -20.65
CA TYR B 69 -2.07 20.70 -19.90
C TYR B 69 -1.73 21.91 -20.77
N GLN B 70 -2.69 22.82 -20.92
CA GLN B 70 -2.52 24.03 -21.72
C GLN B 70 -2.81 25.29 -20.90
N ASP B 71 -2.48 25.29 -19.60
CA ASP B 71 -2.76 26.47 -18.78
C ASP B 71 -1.56 27.40 -18.65
N ARG B 72 -0.34 26.92 -18.88
CA ARG B 72 0.82 27.79 -18.76
C ARG B 72 1.02 28.63 -20.02
N VAL B 73 0.18 28.43 -21.03
CA VAL B 73 0.24 29.15 -22.29
C VAL B 73 -1.14 29.68 -22.68
N ALA B 74 -1.98 30.02 -21.69
CA ALA B 74 -3.31 30.53 -22.05
C ALA B 74 -3.24 31.92 -22.66
N PRO B 75 -2.71 32.95 -22.01
CA PRO B 75 -2.66 34.27 -22.67
C PRO B 75 -1.48 34.31 -23.64
N PRO B 76 -1.75 34.36 -24.94
CA PRO B 76 -0.64 34.37 -25.92
C PRO B 76 0.26 35.59 -25.86
N GLY B 77 1.50 35.37 -26.28
CA GLY B 77 2.53 36.37 -26.33
C GLY B 77 2.46 37.20 -27.60
N LEU B 78 3.40 38.14 -27.71
CA LEU B 78 3.50 39.03 -28.86
C LEU B 78 4.98 39.24 -29.17
N SER B 79 5.52 38.47 -30.11
CA SER B 79 6.92 38.62 -30.43
C SER B 79 7.08 39.40 -31.74
N HIS B 80 8.33 39.67 -32.10
CA HIS B 80 8.62 40.41 -33.32
C HIS B 80 9.74 39.73 -34.11
N ALA B 81 10.01 40.27 -35.29
CA ALA B 81 11.03 39.77 -36.21
C ALA B 81 12.47 40.13 -35.85
N PRO B 82 12.79 41.37 -35.48
CA PRO B 82 14.19 41.68 -35.15
C PRO B 82 14.56 41.05 -33.83
N TYR B 83 15.83 40.70 -33.71
CA TYR B 83 16.36 40.08 -32.49
C TYR B 83 17.15 41.15 -31.77
N ALA B 84 16.53 41.72 -30.73
CA ALA B 84 17.15 42.76 -29.93
C ALA B 84 17.67 42.11 -28.66
N ILE B 85 18.89 42.48 -28.27
CA ILE B 85 19.48 41.89 -27.07
C ILE B 85 18.76 42.37 -25.82
N LYS B 86 18.52 43.67 -25.71
CA LYS B 86 17.83 44.23 -24.56
C LYS B 86 16.56 44.97 -24.99
N THR B 87 15.93 44.49 -26.06
CA THR B 87 14.71 45.07 -26.62
C THR B 87 15.01 46.49 -27.08
N GLU B 88 16.19 46.66 -27.69
CA GLU B 88 16.65 47.94 -28.21
C GLU B 88 17.13 47.78 -29.64
N ILE B 89 16.76 48.73 -30.49
CA ILE B 89 17.13 48.75 -31.90
C ILE B 89 17.93 50.04 -32.09
N SER B 90 19.26 49.92 -32.12
CA SER B 90 20.15 51.07 -32.29
C SER B 90 21.07 50.82 -33.46
N PHE B 91 21.03 51.71 -34.45
CA PHE B 91 21.89 51.55 -35.62
C PHE B 91 22.11 52.88 -36.32
N SER B 92 23.29 53.01 -36.93
CA SER B 92 23.71 54.20 -37.66
C SER B 92 23.26 54.12 -39.12
N ILE B 93 22.73 55.24 -39.64
CA ILE B 93 22.28 55.24 -41.04
C ILE B 93 23.44 55.33 -42.02
N SER B 94 24.67 55.50 -41.53
CA SER B 94 25.82 55.59 -42.42
C SER B 94 26.56 54.24 -42.49
N ASN B 95 27.07 53.76 -41.36
CA ASN B 95 27.79 52.51 -41.26
C ASN B 95 26.86 51.33 -41.59
N PRO B 96 27.11 50.62 -42.69
CA PRO B 96 26.24 49.49 -43.03
C PRO B 96 26.38 48.30 -42.10
N LYS B 97 27.56 48.07 -41.54
CA LYS B 97 27.81 46.96 -40.63
C LYS B 97 27.20 47.19 -39.25
N SER B 98 26.14 47.99 -39.17
CA SER B 98 25.47 48.29 -37.92
C SER B 98 24.12 47.61 -37.80
N TYR B 99 23.37 47.51 -38.90
CA TYR B 99 22.06 46.87 -38.91
C TYR B 99 22.08 45.51 -39.59
N GLU B 100 23.25 44.87 -39.68
CA GLU B 100 23.34 43.56 -40.33
C GLU B 100 22.74 42.47 -39.45
N SER B 101 23.00 42.51 -38.14
CA SER B 101 22.46 41.49 -37.23
C SER B 101 20.94 41.50 -37.24
N PHE B 102 20.35 42.66 -37.54
CA PHE B 102 18.89 42.80 -37.58
C PHE B 102 18.33 42.21 -38.88
N VAL B 103 18.82 42.72 -40.01
CA VAL B 103 18.36 42.23 -41.32
C VAL B 103 18.50 40.72 -41.43
N LYS B 104 19.63 40.16 -40.97
CA LYS B 104 19.79 38.71 -41.07
C LYS B 104 18.63 37.98 -40.38
N SER B 105 18.06 38.59 -39.35
CA SER B 105 16.95 37.96 -38.64
C SER B 105 15.68 38.18 -39.43
N MET B 106 15.29 39.46 -39.61
CA MET B 106 14.10 39.79 -40.38
C MET B 106 13.99 38.83 -41.56
N HIS B 107 15.10 38.73 -42.32
CA HIS B 107 15.17 37.86 -43.47
C HIS B 107 14.91 36.42 -43.08
N LYS B 108 15.50 35.94 -41.97
CA LYS B 108 15.26 34.56 -41.56
C LYS B 108 13.77 34.30 -41.35
N LEU B 109 13.06 35.28 -40.81
CA LEU B 109 11.62 35.13 -40.57
C LEU B 109 10.81 35.14 -41.87
N MET B 110 11.02 36.15 -42.71
CA MET B 110 10.27 36.23 -43.96
C MET B 110 10.64 35.14 -44.97
N ASP B 111 11.84 34.57 -44.86
CA ASP B 111 12.29 33.52 -45.77
C ASP B 111 11.42 32.27 -45.73
N LEU B 112 10.48 32.18 -44.78
CA LEU B 112 9.61 31.02 -44.66
C LEU B 112 8.26 31.23 -45.35
N TYR B 113 7.97 32.44 -45.81
CA TYR B 113 6.72 32.75 -46.49
C TYR B 113 6.91 32.84 -48.00
N ASN B 114 8.04 32.35 -48.50
CA ASN B 114 8.34 32.37 -49.93
C ASN B 114 7.24 31.66 -50.69
N GLU B 115 6.83 32.23 -51.84
CA GLU B 115 5.78 31.60 -52.63
C GLU B 115 6.17 30.21 -53.10
N SER B 116 7.45 30.01 -53.45
CA SER B 116 7.89 28.69 -53.91
C SER B 116 7.52 27.62 -52.92
N SER B 117 7.57 27.94 -51.62
CA SER B 117 7.22 26.97 -50.58
C SER B 117 5.72 26.66 -50.62
N GLN B 118 4.90 27.70 -50.80
CA GLN B 118 3.44 27.59 -50.85
C GLN B 118 3.02 27.33 -52.30
N ALA B 119 2.84 26.06 -52.65
CA ALA B 119 2.43 25.78 -54.03
C ALA B 119 1.62 24.50 -54.10
N GLY B 120 0.71 24.47 -55.08
CA GLY B 120 -0.15 23.33 -55.31
C GLY B 120 -1.41 23.39 -54.47
N ASN B 121 -2.19 22.31 -54.57
CA ASN B 121 -3.42 22.22 -53.80
C ASN B 121 -3.11 21.68 -52.42
N SER B 122 -2.12 20.79 -52.35
CA SER B 122 -1.70 20.22 -51.11
C SER B 122 -0.38 20.83 -50.70
N PRO B 123 -0.22 21.27 -49.46
CA PRO B 123 -1.35 21.15 -48.55
C PRO B 123 -2.01 22.53 -48.37
N PHE B 124 -1.61 23.49 -49.21
CA PHE B 124 -2.12 24.85 -49.16
C PHE B 124 -3.45 25.09 -49.89
N GLU B 125 -4.24 26.00 -49.33
CA GLU B 125 -5.54 26.39 -49.86
C GLU B 125 -5.72 27.90 -49.91
N ASP B 126 -6.24 28.40 -51.04
CA ASP B 126 -6.47 29.83 -51.21
C ASP B 126 -7.62 30.28 -50.32
N CYS B 127 -7.38 31.30 -49.50
CA CYS B 127 -8.42 31.80 -48.60
C CYS B 127 -8.73 33.26 -48.95
N SER B 128 -9.86 33.72 -48.42
CA SER B 128 -10.39 35.08 -48.60
C SER B 128 -9.31 36.15 -48.53
N ASP B 129 -9.22 36.97 -49.59
CA ASP B 129 -8.23 38.03 -49.62
C ASP B 129 -8.53 39.14 -48.61
N THR B 130 -9.72 39.13 -48.03
CA THR B 130 -10.22 40.06 -47.03
C THR B 130 -10.48 39.27 -45.75
N PRO B 131 -10.20 39.86 -44.58
CA PRO B 131 -10.43 39.13 -43.31
C PRO B 131 -11.75 38.39 -43.29
N ALA B 132 -11.76 37.19 -42.70
CA ALA B 132 -12.97 36.38 -42.62
C ALA B 132 -13.05 35.75 -41.24
N ASP B 133 -13.97 34.80 -41.09
CA ASP B 133 -14.18 34.11 -39.83
C ASP B 133 -13.32 32.86 -39.70
N TYR B 134 -13.51 32.17 -38.57
CA TYR B 134 -12.80 30.95 -38.25
C TYR B 134 -13.09 29.87 -39.30
N ILE B 135 -12.28 28.82 -39.28
CA ILE B 135 -12.44 27.71 -40.20
C ILE B 135 -12.05 26.47 -39.39
N LYS B 136 -12.98 25.53 -39.27
CA LYS B 136 -12.76 24.30 -38.52
C LYS B 136 -12.60 23.15 -39.49
N ARG B 137 -11.41 22.55 -39.50
CA ARG B 137 -11.11 21.42 -40.38
C ARG B 137 -11.34 20.10 -39.67
N GLY B 138 -12.37 20.07 -38.82
CA GLY B 138 -12.73 18.89 -38.07
C GLY B 138 -12.13 18.91 -36.68
N ASP B 139 -12.05 17.72 -36.10
CA ASP B 139 -11.51 17.55 -34.76
C ASP B 139 -10.00 17.40 -34.83
N LEU B 140 -9.39 17.01 -33.71
CA LEU B 140 -7.95 16.80 -33.62
C LEU B 140 -7.68 15.31 -33.71
N ASP B 141 -7.95 14.76 -34.89
CA ASP B 141 -7.77 13.35 -35.16
C ASP B 141 -6.95 13.12 -36.42
N ASP B 142 -6.70 11.83 -36.66
CA ASP B 142 -5.95 11.36 -37.81
C ASP B 142 -6.87 10.75 -38.86
N SER B 143 -8.19 10.77 -38.61
CA SER B 143 -9.18 10.22 -39.52
C SER B 143 -8.90 10.89 -40.86
N GLN B 144 -9.16 12.18 -40.96
CA GLN B 144 -8.88 12.85 -42.22
C GLN B 144 -7.37 13.04 -42.23
N GLY B 145 -6.77 13.00 -43.40
CA GLY B 145 -5.34 13.18 -43.44
C GLY B 145 -4.88 14.56 -43.01
N GLN B 146 -3.65 14.89 -43.34
CA GLN B 146 -3.08 16.18 -42.99
C GLN B 146 -4.03 17.32 -43.35
N LYS B 147 -4.43 18.09 -42.34
CA LYS B 147 -5.34 19.20 -42.58
C LYS B 147 -4.71 20.20 -43.55
N LYS B 148 -5.45 21.25 -43.90
CA LYS B 148 -4.95 22.27 -44.83
C LYS B 148 -4.92 23.64 -44.18
N ALA B 149 -3.83 24.37 -44.41
CA ALA B 149 -3.66 25.71 -43.86
C ALA B 149 -3.73 26.77 -44.95
N CYS B 150 -4.21 27.96 -44.57
CA CYS B 150 -4.34 29.08 -45.50
C CYS B 150 -2.98 29.64 -45.90
N ARG B 151 -2.91 30.13 -47.14
CA ARG B 151 -1.70 30.72 -47.67
C ARG B 151 -1.56 32.17 -47.22
N PHE B 152 -0.33 32.59 -46.92
CA PHE B 152 -0.04 33.94 -46.49
C PHE B 152 1.08 34.45 -47.39
N SER B 153 0.75 35.41 -48.26
CA SER B 153 1.71 35.95 -49.19
C SER B 153 2.60 37.04 -48.58
N ARG B 154 3.82 37.10 -49.11
CA ARG B 154 4.81 38.08 -48.68
C ARG B 154 4.33 39.48 -48.99
N MET B 155 4.13 39.75 -50.29
CA MET B 155 3.67 41.00 -50.86
C MET B 155 2.58 41.69 -50.03
N TRP B 156 1.80 40.92 -49.26
CA TRP B 156 0.77 41.55 -48.44
C TRP B 156 1.41 42.67 -47.63
N LEU B 157 2.59 42.40 -47.05
CA LEU B 157 3.34 43.40 -46.30
C LEU B 157 3.87 44.26 -47.44
N LYS B 158 3.43 45.51 -47.55
CA LYS B 158 3.87 46.36 -48.66
C LYS B 158 5.28 46.93 -48.63
N ASN B 159 5.61 47.83 -47.71
CA ASN B 159 6.97 48.34 -47.78
C ASN B 159 8.01 47.53 -47.01
N CYS B 160 7.62 46.51 -46.24
CA CYS B 160 8.60 45.68 -45.51
C CYS B 160 8.40 44.24 -45.96
N SER B 161 9.11 43.86 -47.01
CA SER B 161 9.01 42.50 -47.54
C SER B 161 10.36 41.97 -48.04
N GLY B 162 11.39 42.80 -48.11
CA GLY B 162 12.70 42.42 -48.57
C GLY B 162 12.71 42.01 -50.03
N LEU B 163 11.58 42.25 -50.72
CA LEU B 163 11.47 41.91 -52.14
C LEU B 163 11.86 43.11 -52.99
N ASP B 164 11.65 44.31 -52.46
CA ASP B 164 11.95 45.57 -53.11
C ASP B 164 13.23 46.18 -52.54
N ASP B 165 13.21 46.47 -51.23
CA ASP B 165 14.33 47.06 -50.50
C ASP B 165 14.75 46.03 -49.45
N THR B 166 15.54 45.04 -49.89
CA THR B 166 16.07 43.95 -49.10
C THR B 166 16.33 44.33 -47.65
N THR B 167 16.97 45.49 -47.43
CA THR B 167 17.28 45.98 -46.09
C THR B 167 16.04 46.13 -45.21
N TYR B 168 14.87 46.39 -45.82
CA TYR B 168 13.53 46.59 -45.21
C TYR B 168 13.31 47.97 -44.59
N GLY B 169 14.16 48.96 -44.83
CA GLY B 169 13.89 50.24 -44.20
C GLY B 169 15.07 50.88 -43.48
N TYR B 170 15.81 50.04 -42.76
CA TYR B 170 16.99 50.40 -41.98
C TYR B 170 18.01 51.22 -42.76
N ALA B 171 17.89 51.25 -44.09
CA ALA B 171 18.83 51.98 -44.92
C ALA B 171 18.66 53.50 -44.86
N GLU B 172 17.45 54.01 -44.67
CA GLU B 172 17.32 55.48 -44.64
C GLU B 172 16.54 56.00 -43.44
N GLY B 173 16.68 55.38 -42.27
CA GLY B 173 15.96 55.90 -41.12
C GLY B 173 14.47 55.62 -41.08
N LYS B 174 14.04 54.44 -41.52
CA LYS B 174 12.62 54.08 -41.54
C LYS B 174 12.52 52.58 -41.34
N PRO B 175 12.87 52.08 -40.15
CA PRO B 175 12.82 50.64 -39.90
C PRO B 175 11.40 50.11 -39.78
N CYS B 176 11.30 48.79 -39.99
CA CYS B 176 10.05 48.05 -39.92
C CYS B 176 10.17 47.07 -38.76
N VAL B 177 9.02 46.57 -38.32
CA VAL B 177 8.95 45.62 -37.22
C VAL B 177 7.79 44.67 -37.48
N VAL B 178 8.10 43.43 -37.82
CA VAL B 178 7.10 42.41 -38.11
C VAL B 178 6.66 41.75 -36.80
N ALA B 179 5.42 42.02 -36.38
CA ALA B 179 4.88 41.45 -35.17
C ALA B 179 4.21 40.13 -35.49
N LYS B 180 4.15 39.25 -34.48
CA LYS B 180 3.57 37.92 -34.62
C LYS B 180 2.98 37.43 -33.30
N LEU B 181 1.82 36.76 -33.43
CA LEU B 181 1.07 36.18 -32.33
C LEU B 181 1.53 34.74 -32.10
N ASN B 182 1.84 34.42 -30.84
CA ASN B 182 2.30 33.08 -30.48
C ASN B 182 1.26 31.99 -30.77
N ARG B 183 1.69 31.00 -31.56
CA ARG B 183 0.88 29.85 -31.97
C ARG B 183 0.44 28.96 -30.81
N ILE B 184 -0.87 28.82 -30.63
CA ILE B 184 -1.43 27.99 -29.56
C ILE B 184 -2.43 27.01 -30.20
N ILE B 185 -2.38 25.75 -29.78
CA ILE B 185 -3.27 24.73 -30.31
C ILE B 185 -4.70 24.95 -29.82
N GLY B 186 -5.66 24.90 -30.75
CA GLY B 186 -7.06 25.09 -30.41
C GLY B 186 -7.42 26.44 -29.83
N PHE B 187 -6.62 27.46 -30.08
CA PHE B 187 -6.89 28.80 -29.56
C PHE B 187 -7.64 29.65 -30.58
N TYR B 188 -8.82 30.14 -30.19
CA TYR B 188 -9.64 30.98 -31.04
C TYR B 188 -9.49 32.43 -30.61
N PRO B 189 -9.00 33.33 -31.45
CA PRO B 189 -8.88 34.73 -31.01
C PRO B 189 -10.26 35.36 -31.02
N LYS B 190 -10.54 36.12 -29.96
CA LYS B 190 -11.83 36.79 -29.81
C LYS B 190 -11.67 38.30 -29.66
N PRO B 191 -12.03 39.09 -30.66
CA PRO B 191 -11.89 40.55 -30.53
C PRO B 191 -13.01 41.18 -29.71
N LEU B 192 -12.73 42.40 -29.25
CA LEU B 192 -13.67 43.18 -28.46
C LEU B 192 -14.88 43.58 -29.29
N LYS B 193 -16.06 43.63 -28.67
CA LYS B 193 -17.25 44.01 -29.40
C LYS B 193 -17.43 45.53 -29.46
N ASN B 194 -18.31 45.96 -30.37
CA ASN B 194 -18.68 47.36 -30.65
C ASN B 194 -19.38 48.17 -29.55
N THR B 195 -19.62 47.60 -28.38
CA THR B 195 -20.30 48.32 -27.29
C THR B 195 -19.57 49.61 -26.90
N THR B 196 -20.30 50.51 -26.21
CA THR B 196 -19.79 51.81 -25.75
C THR B 196 -18.47 51.74 -25.00
N ASP B 197 -18.07 50.58 -24.49
CA ASP B 197 -16.80 50.49 -23.79
C ASP B 197 -15.90 49.75 -24.76
N LEU B 198 -14.86 50.43 -25.16
CA LEU B 198 -13.84 50.01 -26.09
C LEU B 198 -12.81 51.12 -26.03
N PRO B 199 -11.54 50.84 -26.24
CA PRO B 199 -10.56 51.93 -26.17
C PRO B 199 -10.87 52.98 -27.23
N GLU B 200 -10.16 54.09 -27.13
CA GLU B 200 -10.36 55.18 -28.08
C GLU B 200 -10.00 54.69 -29.49
N GLU B 201 -8.72 54.35 -29.66
CA GLU B 201 -8.10 53.86 -30.89
C GLU B 201 -8.93 52.90 -31.76
N LEU B 202 -9.41 51.81 -31.15
CA LEU B 202 -10.18 50.73 -31.79
C LEU B 202 -11.51 51.10 -32.45
N GLN B 203 -12.15 52.21 -32.08
CA GLN B 203 -13.44 52.53 -32.71
C GLN B 203 -13.43 52.48 -34.25
N ALA B 204 -12.58 53.26 -34.90
CA ALA B 204 -12.55 53.24 -36.37
C ALA B 204 -12.09 51.89 -36.93
N ASN B 205 -12.71 51.48 -38.05
CA ASN B 205 -12.38 50.24 -38.76
C ASN B 205 -12.59 48.98 -37.91
N TYR B 206 -13.81 48.82 -37.37
CA TYR B 206 -14.09 47.64 -36.52
C TYR B 206 -14.42 46.39 -37.34
N ASN B 207 -13.42 45.86 -38.03
CA ASN B 207 -13.74 44.63 -38.76
C ASN B 207 -13.78 43.56 -37.68
N GLN B 208 -14.96 43.00 -37.38
CA GLN B 208 -15.02 41.97 -36.33
C GLN B 208 -13.96 40.90 -36.50
N TYR B 209 -13.80 40.41 -37.72
CA TYR B 209 -12.83 39.38 -38.06
C TYR B 209 -11.35 39.73 -37.93
N VAL B 210 -11.01 40.89 -37.39
CA VAL B 210 -9.60 41.27 -37.25
C VAL B 210 -9.23 41.53 -35.81
N LEU B 211 -8.09 40.96 -35.37
CA LEU B 211 -7.61 41.16 -34.02
C LEU B 211 -6.71 42.38 -34.12
N PRO B 212 -7.06 43.50 -33.49
CA PRO B 212 -6.23 44.72 -33.59
C PRO B 212 -4.95 44.76 -32.79
N LEU B 213 -3.95 45.38 -33.41
CA LEU B 213 -2.62 45.59 -32.87
C LEU B 213 -2.38 47.08 -32.99
N ARG B 214 -2.02 47.75 -31.90
CA ARG B 214 -1.79 49.18 -31.95
C ARG B 214 -0.64 49.54 -31.03
N CYS B 215 0.34 50.24 -31.59
CA CYS B 215 1.54 50.68 -30.89
C CYS B 215 1.40 52.13 -30.43
N ALA B 216 2.13 52.48 -29.37
CA ALA B 216 2.11 53.83 -28.83
C ALA B 216 3.41 54.06 -28.08
N ALA B 217 3.47 55.14 -27.31
CA ALA B 217 4.64 55.52 -26.54
C ALA B 217 4.43 55.22 -25.06
N LYS B 218 5.47 54.68 -24.42
CA LYS B 218 5.40 54.34 -23.00
C LYS B 218 5.13 55.57 -22.14
N ARG B 219 5.87 56.64 -22.37
CA ARG B 219 5.70 57.86 -21.58
C ARG B 219 4.89 58.90 -22.35
N GLU B 220 4.28 59.81 -21.60
CA GLU B 220 3.46 60.85 -22.20
C GLU B 220 4.30 61.83 -23.02
N GLU B 221 5.55 62.06 -22.60
CA GLU B 221 6.43 62.98 -23.31
C GLU B 221 6.74 62.47 -24.72
N ASP B 222 7.29 61.25 -24.80
CA ASP B 222 7.68 60.61 -26.06
C ASP B 222 6.63 60.65 -27.18
N ARG B 223 5.35 60.87 -26.85
CA ARG B 223 4.32 60.93 -27.90
C ARG B 223 4.78 61.78 -29.08
N GLU B 224 5.05 63.05 -28.79
CA GLU B 224 5.50 64.03 -29.77
C GLU B 224 6.71 63.58 -30.59
N LYS B 225 7.68 62.92 -29.96
CA LYS B 225 8.87 62.48 -30.68
C LYS B 225 8.68 61.24 -31.54
N ILE B 226 7.53 60.59 -31.49
CA ILE B 226 7.27 59.41 -32.31
C ILE B 226 6.40 59.92 -33.46
N GLY B 227 6.79 59.62 -34.69
CA GLY B 227 6.00 60.14 -35.79
C GLY B 227 4.76 59.42 -36.30
N SER B 228 4.81 58.82 -37.50
CA SER B 228 3.61 58.16 -38.00
C SER B 228 3.74 56.65 -38.09
N ILE B 229 3.08 55.95 -37.18
CA ILE B 229 3.07 54.49 -37.12
C ILE B 229 2.23 53.98 -38.28
N GLU B 230 2.85 53.42 -39.31
CA GLU B 230 2.13 52.91 -40.47
C GLU B 230 2.13 51.38 -40.46
N TYR B 231 0.97 50.78 -40.18
CA TYR B 231 0.82 49.34 -40.13
C TYR B 231 0.40 48.75 -41.47
N PHE B 232 0.93 47.55 -41.76
CA PHE B 232 0.66 46.79 -42.98
C PHE B 232 0.15 45.42 -42.57
N GLY B 233 -0.88 44.92 -43.26
CA GLY B 233 -1.42 43.62 -42.92
C GLY B 233 -2.39 43.11 -43.96
N LEU B 234 -3.06 42.02 -43.60
CA LEU B 234 -4.03 41.38 -44.50
C LEU B 234 -5.24 42.28 -44.65
N GLY B 235 -5.51 42.72 -45.88
CA GLY B 235 -6.65 43.58 -46.11
C GLY B 235 -6.37 45.04 -45.86
N GLY B 236 -5.16 45.37 -45.42
CA GLY B 236 -4.78 46.73 -45.13
C GLY B 236 -5.05 47.13 -43.69
N TYR B 237 -5.65 46.24 -42.91
CA TYR B 237 -5.95 46.50 -41.51
C TYR B 237 -4.75 46.23 -40.62
N ALA B 238 -4.78 46.80 -39.42
CA ALA B 238 -3.71 46.64 -38.44
C ALA B 238 -4.08 45.52 -37.46
N GLY B 239 -4.13 44.31 -37.99
CA GLY B 239 -4.46 43.19 -37.12
C GLY B 239 -4.21 41.86 -37.79
N PHE B 240 -4.73 40.83 -37.14
CA PHE B 240 -4.61 39.45 -37.61
C PHE B 240 -5.97 38.89 -38.02
N PRO B 241 -6.09 38.36 -39.23
CA PRO B 241 -7.38 37.79 -39.68
C PRO B 241 -7.71 36.52 -38.93
N LEU B 242 -8.95 36.44 -38.45
CA LEU B 242 -9.42 35.28 -37.70
C LEU B 242 -9.44 33.99 -38.52
N GLN B 243 -9.38 34.09 -39.85
CA GLN B 243 -9.41 32.88 -40.69
C GLN B 243 -8.20 31.98 -40.52
N TYR B 244 -7.09 32.47 -39.99
CA TYR B 244 -5.90 31.64 -39.82
C TYR B 244 -5.93 30.85 -38.52
N TYR B 245 -7.10 30.74 -37.89
CA TYR B 245 -7.26 30.02 -36.63
C TYR B 245 -8.43 29.04 -36.68
N PRO B 246 -8.42 28.01 -35.82
CA PRO B 246 -7.34 27.76 -34.86
C PRO B 246 -6.17 26.98 -35.45
N TYR B 247 -5.17 26.73 -34.63
CA TYR B 247 -3.97 26.00 -34.99
C TYR B 247 -4.17 24.55 -34.56
N TYR B 248 -3.90 23.61 -35.45
CA TYR B 248 -4.08 22.20 -35.16
C TYR B 248 -2.80 21.50 -34.69
N GLY B 249 -1.72 22.23 -34.48
CA GLY B 249 -0.52 21.53 -34.04
C GLY B 249 0.32 21.03 -35.20
N LYS B 250 1.62 20.91 -34.93
CA LYS B 250 2.59 20.45 -35.92
C LYS B 250 2.20 19.12 -36.54
N ARG B 251 1.94 18.10 -35.71
CA ARG B 251 1.58 16.78 -36.21
C ARG B 251 0.38 16.78 -37.17
N LEU B 252 -0.64 17.58 -36.88
CA LEU B 252 -1.81 17.61 -37.74
C LEU B 252 -1.82 18.73 -38.77
N GLN B 253 -0.80 19.60 -38.81
CA GLN B 253 -0.80 20.68 -39.79
C GLN B 253 0.61 21.14 -40.18
N LYS B 254 1.52 20.21 -40.47
CA LYS B 254 2.84 20.67 -40.85
C LYS B 254 2.66 21.62 -42.04
N LYS B 255 3.62 22.51 -42.29
CA LYS B 255 3.51 23.47 -43.40
C LYS B 255 2.36 24.46 -43.13
N TYR B 256 2.34 25.00 -41.91
CA TYR B 256 1.32 25.96 -41.49
C TYR B 256 1.98 27.31 -41.28
N LEU B 257 1.35 28.36 -41.79
CA LEU B 257 1.86 29.71 -41.67
C LEU B 257 0.91 30.58 -40.84
N GLN B 258 1.46 31.28 -39.86
CA GLN B 258 0.75 32.17 -38.96
C GLN B 258 0.76 33.59 -39.54
N PRO B 259 -0.34 34.34 -39.40
CA PRO B 259 -0.35 35.70 -39.95
C PRO B 259 0.77 36.54 -39.35
N LEU B 260 1.05 37.67 -40.01
CA LEU B 260 2.09 38.59 -39.58
C LEU B 260 1.61 40.01 -39.82
N LEU B 261 2.16 40.96 -39.04
CA LEU B 261 1.76 42.35 -39.21
C LEU B 261 3.00 43.22 -39.24
N ALA B 262 3.18 44.02 -40.28
CA ALA B 262 4.35 44.87 -40.37
C ALA B 262 4.05 46.25 -39.80
N ILE B 263 5.05 46.86 -39.17
CA ILE B 263 4.90 48.19 -38.58
C ILE B 263 6.07 49.07 -38.96
N GLN B 264 5.81 50.15 -39.69
CA GLN B 264 6.86 51.08 -40.11
C GLN B 264 6.79 52.31 -39.22
N PHE B 265 7.92 52.62 -38.60
CA PHE B 265 8.02 53.78 -37.70
C PHE B 265 8.57 55.01 -38.43
N THR B 266 7.83 55.43 -39.46
CA THR B 266 8.26 56.60 -40.22
C THR B 266 8.31 57.83 -39.31
N ASN B 267 9.02 58.85 -39.80
CA ASN B 267 9.22 60.12 -39.11
C ASN B 267 9.68 59.93 -37.65
N LEU B 268 10.83 59.31 -37.49
CA LEU B 268 11.41 59.06 -36.18
C LEU B 268 12.50 60.06 -35.88
N THR B 269 12.38 60.75 -34.74
CA THR B 269 13.36 61.73 -34.33
C THR B 269 14.74 61.08 -34.29
N GLN B 270 15.73 61.82 -34.75
CA GLN B 270 17.10 61.35 -34.80
C GLN B 270 17.87 61.62 -33.51
N ASN B 271 18.79 60.72 -33.21
CA ASN B 271 19.68 60.76 -32.04
C ASN B 271 18.96 60.88 -30.69
N MET B 272 18.06 59.93 -30.40
CA MET B 272 17.33 59.93 -29.14
C MET B 272 16.55 58.62 -28.94
N GLU B 273 16.72 58.00 -27.77
CA GLU B 273 16.08 56.74 -27.38
C GLU B 273 14.57 56.85 -27.23
N LEU B 274 13.81 56.15 -28.08
CA LEU B 274 12.36 56.15 -28.03
C LEU B 274 11.82 54.78 -27.60
N ARG B 275 10.98 54.80 -26.55
CA ARG B 275 10.34 53.62 -25.95
C ARG B 275 8.96 53.44 -26.57
N ILE B 276 8.79 52.43 -27.42
CA ILE B 276 7.52 52.15 -28.10
C ILE B 276 6.93 50.83 -27.61
N GLU B 277 5.71 50.91 -27.06
CA GLU B 277 5.00 49.73 -26.57
C GLU B 277 3.86 49.38 -27.51
N CYS B 278 3.88 48.16 -28.05
CA CYS B 278 2.83 47.69 -28.95
C CYS B 278 1.90 46.80 -28.15
N LYS B 279 0.60 46.87 -28.43
CA LYS B 279 -0.36 46.05 -27.70
C LYS B 279 -1.54 45.58 -28.53
N VAL B 280 -1.92 44.32 -28.31
CA VAL B 280 -3.04 43.66 -28.97
C VAL B 280 -4.23 43.77 -28.02
N TYR B 281 -5.45 43.79 -28.56
CA TYR B 281 -6.65 43.89 -27.74
C TYR B 281 -7.58 42.74 -28.06
N GLY B 282 -8.22 42.19 -27.01
CA GLY B 282 -9.13 41.08 -27.20
C GLY B 282 -9.59 40.40 -25.93
N GLU B 283 -10.69 39.63 -26.03
CA GLU B 283 -11.25 38.92 -24.89
C GLU B 283 -10.30 37.91 -24.25
N ASN B 284 -9.91 36.84 -24.96
CA ASN B 284 -9.00 35.90 -24.30
C ASN B 284 -7.55 36.36 -24.36
N ILE B 285 -7.34 37.65 -24.16
CA ILE B 285 -6.02 38.27 -24.17
C ILE B 285 -5.89 39.00 -22.84
N ASP B 286 -4.84 38.70 -22.10
CA ASP B 286 -4.64 39.36 -20.81
C ASP B 286 -3.15 39.61 -20.65
N TYR B 287 -2.81 40.76 -20.10
CA TYR B 287 -1.42 41.11 -19.89
C TYR B 287 -0.94 40.72 -18.49
N SER B 288 0.38 40.77 -18.31
CA SER B 288 0.99 40.43 -17.04
C SER B 288 2.07 41.45 -16.67
N GLU B 289 2.04 41.91 -15.42
CA GLU B 289 3.03 42.87 -14.97
C GLU B 289 4.41 42.26 -14.81
N LYS B 290 4.51 40.93 -14.82
CA LYS B 290 5.77 40.21 -14.68
C LYS B 290 6.35 39.80 -16.03
N ASP B 291 5.51 39.31 -16.94
CA ASP B 291 5.94 38.89 -18.27
C ASP B 291 5.62 40.07 -19.17
N ARG B 292 6.66 40.74 -19.69
CA ARG B 292 6.48 41.89 -20.56
C ARG B 292 6.31 41.52 -22.03
N PHE B 293 5.97 40.27 -22.31
CA PHE B 293 5.78 39.80 -23.67
C PHE B 293 4.42 39.13 -23.83
N ARG B 294 3.60 39.13 -22.79
CA ARG B 294 2.28 38.53 -22.78
C ARG B 294 1.28 39.54 -23.33
N GLY B 295 0.92 39.38 -24.61
CA GLY B 295 -0.01 40.26 -25.28
C GLY B 295 0.58 41.53 -25.84
N ARG B 296 1.57 42.10 -25.17
CA ARG B 296 2.21 43.33 -25.61
C ARG B 296 3.71 43.10 -25.75
N PHE B 297 4.42 44.14 -26.17
CA PHE B 297 5.86 44.05 -26.31
C PHE B 297 6.43 45.46 -26.31
N GLU B 298 7.69 45.57 -25.93
CA GLU B 298 8.37 46.85 -25.86
C GLU B 298 9.62 46.86 -26.74
N VAL B 299 9.87 48.00 -27.37
CA VAL B 299 11.02 48.17 -28.25
C VAL B 299 11.65 49.54 -27.97
N LYS B 300 12.98 49.58 -27.99
CA LYS B 300 13.72 50.82 -27.75
C LYS B 300 14.44 51.15 -29.05
N ILE B 301 13.81 51.97 -29.88
CA ILE B 301 14.42 52.35 -31.15
C ILE B 301 15.22 53.63 -30.99
N GLU B 302 16.36 53.67 -31.68
CA GLU B 302 17.26 54.83 -31.65
C GLU B 302 18.02 54.82 -32.97
N VAL B 303 17.56 55.64 -33.92
CA VAL B 303 18.21 55.72 -35.23
C VAL B 303 19.20 56.88 -35.13
N LYS B 304 20.39 56.56 -34.63
CA LYS B 304 21.46 57.54 -34.45
C LYS B 304 22.27 57.68 -35.74
N SER B 305 22.26 58.88 -36.32
CA SER B 305 23.00 59.12 -37.55
C SER B 305 23.63 60.51 -37.56
N GLU C 24 -18.94 22.13 -27.48
CA GLU C 24 -17.66 22.81 -27.40
C GLU C 24 -17.47 23.73 -28.61
N GLY C 25 -16.23 23.80 -29.10
CA GLY C 25 -15.93 24.63 -30.25
C GLY C 25 -15.29 25.97 -29.92
N PRO C 26 -15.91 27.04 -30.43
CA PRO C 26 -15.37 28.39 -30.17
C PRO C 26 -15.26 28.78 -28.69
N ASP C 27 -16.27 28.47 -27.88
CA ASP C 27 -16.25 28.81 -26.46
C ASP C 27 -15.54 27.78 -25.59
N ASN C 28 -14.52 27.09 -26.11
CA ASN C 28 -13.79 26.09 -25.33
C ASN C 28 -12.74 26.73 -24.42
N ASP C 29 -13.11 27.82 -23.74
CA ASP C 29 -12.18 28.51 -22.85
C ASP C 29 -11.84 27.69 -21.60
N GLU C 30 -12.74 26.82 -21.16
CA GLU C 30 -12.47 26.00 -19.98
C GLU C 30 -11.21 25.13 -20.17
N ARG C 31 -10.90 24.78 -21.41
CA ARG C 31 -9.74 23.96 -21.75
C ARG C 31 -8.42 24.65 -21.37
N PHE C 32 -8.49 25.87 -20.84
CA PHE C 32 -7.30 26.61 -20.45
C PHE C 32 -7.40 27.15 -19.04
N THR C 33 -8.24 26.57 -18.18
CA THR C 33 -8.40 27.03 -16.82
C THR C 33 -8.18 25.89 -15.84
N TYR C 34 -7.60 26.24 -14.69
CA TYR C 34 -7.33 25.28 -13.63
C TYR C 34 -7.63 25.97 -12.31
N ASP C 35 -8.34 25.27 -11.42
CA ASP C 35 -8.71 25.82 -10.12
C ASP C 35 -7.59 25.63 -9.09
N TYR C 36 -6.55 26.45 -9.24
CA TYR C 36 -5.43 26.36 -8.31
C TYR C 36 -5.85 26.78 -6.90
N TYR C 37 -6.85 27.66 -6.79
CA TYR C 37 -7.32 28.11 -5.48
C TYR C 37 -7.78 26.93 -4.62
N ARG C 38 -8.74 26.15 -5.13
CA ARG C 38 -9.25 25.00 -4.39
C ARG C 38 -8.12 24.03 -4.06
N LEU C 39 -7.16 23.89 -4.98
CA LEU C 39 -6.06 22.96 -4.74
C LEU C 39 -5.21 23.44 -3.56
N ARG C 40 -4.93 24.74 -3.51
CA ARG C 40 -4.14 25.27 -2.40
C ARG C 40 -4.89 25.11 -1.09
N VAL C 41 -6.19 25.38 -1.09
CA VAL C 41 -6.99 25.25 0.13
C VAL C 41 -6.89 23.82 0.66
N VAL C 42 -7.14 22.83 -0.19
CA VAL C 42 -7.08 21.44 0.25
C VAL C 42 -5.67 21.08 0.72
N GLY C 43 -4.64 21.43 -0.07
CA GLY C 43 -3.29 21.11 0.34
C GLY C 43 -2.92 21.70 1.69
N LEU C 44 -3.53 22.83 2.04
CA LEU C 44 -3.20 23.42 3.32
C LEU C 44 -3.94 22.68 4.43
N ILE C 45 -5.21 22.34 4.18
CA ILE C 45 -5.97 21.60 5.18
C ILE C 45 -5.21 20.32 5.53
N VAL C 46 -4.74 19.62 4.50
CA VAL C 46 -3.99 18.38 4.69
C VAL C 46 -2.71 18.63 5.47
N ALA C 47 -1.94 19.66 5.08
CA ALA C 47 -0.70 19.95 5.79
C ALA C 47 -0.97 20.17 7.28
N ALA C 48 -2.00 20.97 7.57
CA ALA C 48 -2.39 21.25 8.95
C ALA C 48 -2.70 19.97 9.71
N VAL C 49 -3.52 19.10 9.11
CA VAL C 49 -3.87 17.83 9.75
C VAL C 49 -2.63 17.02 10.07
N LEU C 50 -1.74 16.85 9.08
CA LEU C 50 -0.52 16.08 9.32
C LEU C 50 0.29 16.67 10.46
N CYS C 51 0.36 18.00 10.53
CA CYS C 51 1.11 18.66 11.59
C CYS C 51 0.51 18.35 12.95
N VAL C 52 -0.82 18.41 13.05
CA VAL C 52 -1.47 18.12 14.32
C VAL C 52 -1.17 16.68 14.73
N ILE C 53 -1.52 15.72 13.88
CA ILE C 53 -1.27 14.29 14.14
C ILE C 53 0.15 14.14 14.69
N GLY C 54 1.11 14.81 14.04
CA GLY C 54 2.48 14.75 14.50
C GLY C 54 2.60 15.14 15.96
N ILE C 55 2.08 16.32 16.29
CA ILE C 55 2.14 16.80 17.67
C ILE C 55 1.51 15.79 18.63
N ILE C 56 0.34 15.26 18.24
CA ILE C 56 -0.35 14.28 19.07
C ILE C 56 0.58 13.13 19.42
N ILE C 57 1.18 12.52 18.39
CA ILE C 57 2.10 11.40 18.60
C ILE C 57 3.26 11.82 19.51
N LEU C 58 3.83 13.00 19.27
CA LEU C 58 4.95 13.47 20.07
C LEU C 58 4.62 13.61 21.55
N LEU C 59 3.50 14.24 21.88
CA LEU C 59 3.14 14.42 23.29
C LEU C 59 2.36 13.26 23.90
N ALA C 60 1.96 12.26 23.12
CA ALA C 60 1.22 11.11 23.64
C ALA C 60 2.12 10.22 24.49
N GLY C 61 2.05 10.38 25.81
CA GLY C 61 2.85 9.61 26.74
C GLY C 61 3.23 10.47 27.92
N LYS C 62 3.37 11.76 27.65
CA LYS C 62 3.71 12.76 28.66
C LYS C 62 2.47 13.31 29.33
N CYS C 63 1.42 12.51 29.36
CA CYS C 63 0.13 12.84 29.95
C CYS C 63 -0.75 11.59 29.96
N ASP D 36 -50.47 -31.83 -39.24
CA ASP D 36 -50.48 -30.38 -39.30
C ASP D 36 -49.46 -29.92 -40.33
N LEU D 37 -49.77 -30.14 -41.61
CA LEU D 37 -48.87 -29.74 -42.68
C LEU D 37 -48.75 -28.22 -42.69
N ASP D 38 -47.55 -27.73 -42.40
CA ASP D 38 -47.34 -26.28 -42.37
C ASP D 38 -47.29 -25.67 -43.76
N GLU D 39 -46.68 -26.34 -44.73
CA GLU D 39 -46.63 -25.75 -46.06
C GLU D 39 -48.01 -25.58 -46.66
N LEU D 40 -48.96 -26.48 -46.35
CA LEU D 40 -50.29 -26.33 -46.91
C LEU D 40 -51.06 -25.28 -46.15
N LYS D 41 -50.49 -24.81 -45.05
CA LYS D 41 -51.07 -23.79 -44.22
C LYS D 41 -50.35 -22.48 -44.47
N LYS D 42 -49.16 -22.55 -45.09
CA LYS D 42 -48.41 -21.33 -45.39
C LYS D 42 -48.87 -20.73 -46.69
N GLU D 43 -49.48 -21.55 -47.54
CA GLU D 43 -50.00 -21.12 -48.83
C GLU D 43 -51.11 -20.11 -48.62
N VAL D 44 -51.36 -19.30 -49.65
CA VAL D 44 -52.41 -18.29 -49.54
C VAL D 44 -53.76 -18.96 -49.72
N SER D 45 -54.72 -18.53 -48.90
CA SER D 45 -56.07 -19.06 -48.91
C SER D 45 -56.70 -19.01 -50.30
N MET D 46 -57.45 -20.06 -50.61
CA MET D 46 -58.17 -20.25 -51.86
C MET D 46 -59.63 -20.39 -51.46
N ASP D 47 -60.54 -20.34 -52.43
CA ASP D 47 -61.95 -20.46 -52.05
C ASP D 47 -62.81 -20.74 -53.28
N ASP D 48 -64.12 -20.84 -53.02
CA ASP D 48 -65.16 -21.11 -54.02
C ASP D 48 -66.14 -19.94 -54.07
N HIS D 49 -65.69 -18.75 -53.68
CA HIS D 49 -66.53 -17.56 -53.68
C HIS D 49 -67.14 -17.27 -55.05
N LYS D 50 -66.31 -17.25 -56.09
CA LYS D 50 -66.78 -16.98 -57.45
C LYS D 50 -67.66 -18.13 -57.92
N LEU D 51 -68.89 -18.13 -57.43
CA LEU D 51 -69.86 -19.15 -57.77
C LEU D 51 -71.23 -18.49 -57.77
N SER D 52 -72.29 -19.29 -57.64
CA SER D 52 -73.65 -18.79 -57.63
C SER D 52 -74.37 -19.36 -56.41
N LEU D 53 -75.62 -18.97 -56.22
CA LEU D 53 -76.37 -19.48 -55.08
C LEU D 53 -76.84 -20.89 -55.34
N ASP D 54 -77.05 -21.24 -56.61
CA ASP D 54 -77.49 -22.58 -56.96
C ASP D 54 -76.33 -23.56 -56.85
N GLU D 55 -75.15 -23.14 -57.32
CA GLU D 55 -73.94 -23.95 -57.31
C GLU D 55 -73.41 -24.24 -55.90
N LEU D 56 -73.81 -23.48 -54.87
CA LEU D 56 -73.29 -23.73 -53.53
C LEU D 56 -74.18 -24.64 -52.67
N HIS D 57 -75.50 -24.60 -52.86
CA HIS D 57 -76.34 -25.48 -52.06
C HIS D 57 -76.09 -26.91 -52.47
N ASN D 58 -75.94 -27.14 -53.78
CA ASN D 58 -75.67 -28.49 -54.26
C ASN D 58 -74.41 -29.02 -53.61
N LYS D 59 -73.38 -28.17 -53.52
CA LYS D 59 -72.12 -28.56 -52.91
C LYS D 59 -72.31 -28.90 -51.45
N TYR D 60 -73.27 -28.28 -50.78
CA TYR D 60 -73.47 -28.60 -49.37
C TYR D 60 -74.83 -29.24 -49.07
N GLY D 61 -75.58 -29.64 -50.10
CA GLY D 61 -76.87 -30.28 -49.88
C GLY D 61 -77.88 -29.48 -49.09
N THR D 62 -78.15 -28.22 -49.46
CA THR D 62 -79.10 -27.45 -48.69
C THR D 62 -80.15 -26.71 -49.51
N ASP D 63 -81.10 -26.16 -48.76
CA ASP D 63 -82.24 -25.39 -49.24
C ASP D 63 -82.00 -23.92 -48.91
N LEU D 64 -82.25 -23.04 -49.88
CA LEU D 64 -82.04 -21.61 -49.62
C LEU D 64 -83.15 -21.00 -48.77
N THR D 65 -84.36 -21.57 -48.80
CA THR D 65 -85.48 -21.06 -48.01
C THR D 65 -85.91 -21.96 -46.86
N ARG D 66 -85.40 -23.19 -46.79
CA ARG D 66 -85.77 -24.11 -45.72
C ARG D 66 -84.59 -24.64 -44.94
N GLY D 67 -83.36 -24.47 -45.43
CA GLY D 67 -82.21 -24.98 -44.73
C GLY D 67 -82.16 -26.50 -44.74
N LEU D 68 -81.40 -27.04 -43.80
CA LEU D 68 -81.23 -28.47 -43.65
C LEU D 68 -82.28 -29.06 -42.72
N THR D 69 -82.30 -30.38 -42.67
CA THR D 69 -83.20 -31.14 -41.83
C THR D 69 -82.43 -31.52 -40.58
N ASN D 70 -83.14 -31.73 -39.47
CA ASN D 70 -82.47 -32.08 -38.23
C ASN D 70 -81.71 -33.40 -38.36
N ALA D 71 -82.31 -34.41 -39.00
CA ALA D 71 -81.61 -35.68 -39.16
C ALA D 71 -80.35 -35.52 -40.00
N ARG D 72 -80.43 -34.75 -41.08
CA ARG D 72 -79.28 -34.53 -41.94
C ARG D 72 -78.22 -33.71 -41.19
N ALA D 73 -78.69 -32.75 -40.39
CA ALA D 73 -77.79 -31.91 -39.64
C ALA D 73 -76.97 -32.75 -38.66
N LYS D 74 -77.64 -33.66 -37.95
CA LYS D 74 -76.90 -34.51 -37.01
C LYS D 74 -75.99 -35.48 -37.75
N GLU D 75 -76.40 -35.92 -38.95
CA GLU D 75 -75.57 -36.84 -39.71
C GLU D 75 -74.27 -36.16 -40.11
N ILE D 76 -74.35 -34.86 -40.39
CA ILE D 76 -73.13 -34.15 -40.76
C ILE D 76 -72.34 -33.79 -39.51
N LEU D 77 -73.06 -33.45 -38.42
CA LEU D 77 -72.39 -33.11 -37.18
C LEU D 77 -71.52 -34.27 -36.74
N ALA D 78 -71.91 -35.49 -37.09
CA ALA D 78 -71.14 -36.66 -36.73
C ALA D 78 -70.11 -36.98 -37.80
N ARG D 79 -70.36 -36.53 -39.03
CA ARG D 79 -69.41 -36.77 -40.13
C ARG D 79 -68.16 -35.90 -40.04
N ASP D 80 -68.33 -34.59 -39.91
CA ASP D 80 -67.23 -33.62 -39.85
C ASP D 80 -66.63 -33.32 -38.48
N GLY D 81 -67.37 -33.41 -37.38
CA GLY D 81 -66.77 -33.07 -36.11
C GLY D 81 -67.31 -31.73 -35.64
N PRO D 82 -67.04 -31.37 -34.39
CA PRO D 82 -67.56 -30.09 -33.88
C PRO D 82 -66.87 -28.86 -34.44
N ASN D 83 -67.59 -27.74 -34.33
CA ASN D 83 -67.14 -26.42 -34.79
C ASN D 83 -66.37 -25.72 -33.66
N SER D 84 -65.33 -26.39 -33.20
CA SER D 84 -64.50 -25.85 -32.12
C SER D 84 -63.03 -26.11 -32.42
N LEU D 85 -62.21 -25.09 -32.19
CA LEU D 85 -60.78 -25.21 -32.42
C LEU D 85 -60.18 -26.30 -31.54
N THR D 86 -59.36 -27.15 -32.14
CA THR D 86 -58.73 -28.25 -31.44
C THR D 86 -57.80 -27.76 -30.33
N PRO D 87 -57.73 -28.45 -29.19
CA PRO D 87 -56.85 -28.02 -28.11
C PRO D 87 -55.41 -28.31 -28.49
N PRO D 88 -54.46 -27.57 -27.94
CA PRO D 88 -53.05 -27.80 -28.28
C PRO D 88 -52.48 -29.09 -27.74
N PRO D 89 -51.37 -29.55 -28.30
CA PRO D 89 -50.70 -30.78 -27.84
C PRO D 89 -49.96 -30.30 -26.60
N THR D 90 -50.00 -31.03 -25.50
CA THR D 90 -49.26 -30.41 -24.41
C THR D 90 -48.04 -31.17 -23.91
N THR D 91 -47.29 -30.40 -23.12
CA THR D 91 -46.04 -30.73 -22.44
C THR D 91 -46.11 -30.84 -20.93
N PRO D 92 -46.17 -32.04 -20.35
CA PRO D 92 -46.22 -32.14 -18.88
C PRO D 92 -45.01 -31.42 -18.28
N GLU D 93 -45.11 -31.06 -17.00
CA GLU D 93 -44.04 -30.32 -16.35
C GLU D 93 -42.88 -31.16 -15.80
N TRP D 94 -43.12 -32.42 -15.40
CA TRP D 94 -41.95 -33.12 -14.89
C TRP D 94 -41.01 -33.49 -16.02
N ILE D 95 -41.47 -33.43 -17.27
CA ILE D 95 -40.62 -33.76 -18.40
C ILE D 95 -39.53 -32.71 -18.56
N LYS D 96 -39.90 -31.44 -18.68
CA LYS D 96 -38.81 -30.48 -18.83
C LYS D 96 -38.04 -30.28 -17.54
N PHE D 97 -38.60 -30.63 -16.37
CA PHE D 97 -37.75 -30.43 -15.21
C PHE D 97 -36.67 -31.52 -15.21
N CYS D 98 -37.09 -32.75 -15.55
CA CYS D 98 -36.15 -33.85 -15.62
C CYS D 98 -35.17 -33.62 -16.77
N ARG D 99 -35.56 -32.81 -17.76
CA ARG D 99 -34.67 -32.53 -18.87
C ARG D 99 -33.56 -31.62 -18.39
N GLN D 100 -33.94 -30.59 -17.62
CA GLN D 100 -32.93 -29.68 -17.10
C GLN D 100 -31.97 -30.40 -16.19
N LEU D 101 -32.37 -31.55 -15.61
CA LEU D 101 -31.42 -32.21 -14.75
C LEU D 101 -30.29 -32.93 -15.51
N PHE D 102 -30.43 -33.13 -16.82
CA PHE D 102 -29.41 -33.80 -17.65
C PHE D 102 -28.83 -32.89 -18.74
N GLY D 103 -27.80 -32.10 -18.43
CA GLY D 103 -27.26 -31.26 -19.49
C GLY D 103 -25.86 -30.67 -19.39
N GLY D 104 -24.86 -31.45 -19.82
CA GLY D 104 -23.46 -31.06 -19.82
C GLY D 104 -22.78 -31.02 -18.46
N PHE D 105 -22.96 -29.90 -17.73
CA PHE D 105 -22.36 -29.78 -16.41
C PHE D 105 -22.99 -30.75 -15.42
N SER D 106 -24.26 -31.07 -15.63
CA SER D 106 -24.93 -31.97 -14.72
C SER D 106 -24.52 -33.41 -14.95
N ILE D 107 -24.15 -33.78 -16.17
CA ILE D 107 -23.74 -35.17 -16.36
C ILE D 107 -22.38 -35.38 -15.71
N LEU D 108 -21.49 -34.39 -15.82
CA LEU D 108 -20.17 -34.51 -15.20
C LEU D 108 -20.32 -34.57 -13.69
N LEU D 109 -21.20 -33.72 -13.14
CA LEU D 109 -21.38 -33.75 -11.69
C LEU D 109 -22.06 -35.06 -11.27
N TRP D 110 -22.84 -35.64 -12.18
CA TRP D 110 -23.50 -36.91 -11.87
C TRP D 110 -22.47 -38.00 -11.76
N ILE D 111 -21.54 -38.05 -12.73
CA ILE D 111 -20.50 -39.07 -12.67
C ILE D 111 -19.61 -38.82 -11.47
N GLY D 112 -19.66 -37.61 -10.91
CA GLY D 112 -18.84 -37.33 -9.76
C GLY D 112 -19.52 -37.95 -8.56
N ALA D 113 -20.84 -37.80 -8.48
CA ALA D 113 -21.56 -38.40 -7.36
C ALA D 113 -21.45 -39.92 -7.41
N ILE D 114 -21.56 -40.49 -8.62
CA ILE D 114 -21.44 -41.93 -8.80
C ILE D 114 -20.07 -42.40 -8.34
N LEU D 115 -19.03 -41.68 -8.73
CA LEU D 115 -17.68 -42.05 -8.33
C LEU D 115 -17.54 -41.98 -6.81
N CYS D 116 -18.11 -40.96 -6.19
CA CYS D 116 -18.02 -40.83 -4.74
C CYS D 116 -18.64 -42.04 -4.06
N PHE D 117 -19.81 -42.48 -4.53
CA PHE D 117 -20.41 -43.65 -3.90
C PHE D 117 -19.62 -44.91 -4.21
N LEU D 118 -18.94 -44.95 -5.36
CA LEU D 118 -18.15 -46.14 -5.65
C LEU D 118 -16.99 -46.24 -4.68
N ALA D 119 -16.31 -45.11 -4.45
CA ALA D 119 -15.19 -45.10 -3.51
C ALA D 119 -15.67 -45.40 -2.10
N TYR D 120 -16.92 -45.02 -1.78
CA TYR D 120 -17.41 -45.31 -0.45
C TYR D 120 -17.67 -46.80 -0.33
N GLY D 121 -18.32 -47.38 -1.34
CA GLY D 121 -18.58 -48.81 -1.31
C GLY D 121 -17.29 -49.58 -1.12
N ILE D 122 -16.26 -49.19 -1.89
CA ILE D 122 -14.96 -49.86 -1.78
C ILE D 122 -14.42 -49.74 -0.37
N GLN D 123 -14.49 -48.54 0.22
CA GLN D 123 -13.99 -48.38 1.59
C GLN D 123 -14.78 -49.22 2.59
N ALA D 124 -16.11 -49.19 2.48
CA ALA D 124 -16.99 -49.94 3.37
C ALA D 124 -16.79 -51.45 3.27
N ALA D 125 -16.40 -51.95 2.10
CA ALA D 125 -16.21 -53.38 1.95
C ALA D 125 -14.77 -53.80 2.19
N THR D 126 -13.82 -52.87 2.11
CA THR D 126 -12.41 -53.15 2.31
C THR D 126 -11.89 -52.82 3.71
N GLU D 127 -12.34 -51.71 4.32
CA GLU D 127 -11.88 -51.33 5.64
C GLU D 127 -13.01 -51.06 6.63
N ASP D 128 -12.68 -51.22 7.91
CA ASP D 128 -13.57 -51.01 9.04
C ASP D 128 -13.35 -49.58 9.53
N GLU D 129 -14.42 -48.99 10.11
CA GLU D 129 -14.48 -47.63 10.63
C GLU D 129 -14.33 -46.61 9.51
N PRO D 130 -14.83 -46.91 8.29
CA PRO D 130 -14.72 -45.98 7.15
C PRO D 130 -15.20 -44.54 7.34
N ALA D 131 -14.33 -43.54 7.39
CA ALA D 131 -14.81 -42.17 7.53
C ALA D 131 -15.92 -41.94 6.51
N ASN D 132 -16.90 -41.10 6.86
CA ASN D 132 -18.03 -40.83 5.96
C ASN D 132 -17.87 -39.58 5.09
N ASP D 133 -16.64 -39.09 4.92
CA ASP D 133 -16.40 -37.90 4.09
C ASP D 133 -16.91 -38.00 2.66
N ASN D 134 -16.66 -39.14 1.99
CA ASN D 134 -17.08 -39.32 0.61
C ASN D 134 -18.59 -39.39 0.42
N LEU D 135 -19.32 -40.00 1.35
CA LEU D 135 -20.76 -40.05 1.15
C LEU D 135 -21.38 -38.67 1.26
N TYR D 136 -20.77 -37.82 2.09
CA TYR D 136 -21.28 -36.46 2.25
C TYR D 136 -21.00 -35.68 0.98
N LEU D 137 -19.76 -35.77 0.48
CA LEU D 137 -19.40 -35.05 -0.74
C LEU D 137 -20.31 -35.46 -1.90
N GLY D 138 -20.72 -36.73 -1.94
CA GLY D 138 -21.59 -37.16 -3.03
C GLY D 138 -22.99 -36.61 -2.90
N VAL D 139 -23.57 -36.70 -1.69
CA VAL D 139 -24.92 -36.18 -1.50
C VAL D 139 -24.94 -34.68 -1.84
N VAL D 140 -23.84 -33.99 -1.56
CA VAL D 140 -23.78 -32.55 -1.85
C VAL D 140 -23.71 -32.31 -3.35
N LEU D 141 -22.88 -33.08 -4.08
CA LEU D 141 -22.81 -32.86 -5.52
C LEU D 141 -24.19 -33.06 -6.15
N SER D 142 -24.91 -34.09 -5.68
CA SER D 142 -26.25 -34.33 -6.23
C SER D 142 -27.18 -33.17 -5.90
N THR D 143 -26.94 -32.50 -4.76
CA THR D 143 -27.79 -31.38 -4.41
C THR D 143 -27.51 -30.19 -5.31
N VAL D 144 -26.24 -30.00 -5.66
CA VAL D 144 -25.86 -28.89 -6.55
C VAL D 144 -26.56 -29.06 -7.90
N VAL D 145 -26.53 -30.28 -8.43
CA VAL D 145 -27.17 -30.52 -9.72
C VAL D 145 -28.68 -30.27 -9.65
N ILE D 146 -29.31 -30.76 -8.58
CA ILE D 146 -30.76 -30.59 -8.41
C ILE D 146 -31.17 -29.12 -8.30
N VAL D 147 -30.38 -28.30 -7.59
CA VAL D 147 -30.74 -26.88 -7.45
C VAL D 147 -30.47 -26.09 -8.73
N THR D 148 -29.33 -26.33 -9.39
CA THR D 148 -29.10 -25.57 -10.62
C THR D 148 -30.23 -25.84 -11.59
N GLY D 149 -30.66 -27.11 -11.69
CA GLY D 149 -31.76 -27.46 -12.56
C GLY D 149 -32.92 -26.48 -12.40
N CYS D 150 -33.20 -26.12 -11.14
CA CYS D 150 -34.28 -25.18 -10.85
C CYS D 150 -34.00 -23.82 -11.45
N PHE D 151 -32.73 -23.40 -11.42
CA PHE D 151 -32.45 -22.09 -12.00
C PHE D 151 -32.64 -22.11 -13.52
N SER D 152 -32.36 -23.25 -14.13
CA SER D 152 -32.53 -23.32 -15.58
C SER D 152 -33.99 -23.44 -15.94
N TYR D 153 -34.79 -24.10 -15.08
CA TYR D 153 -36.21 -24.21 -15.36
C TYR D 153 -36.82 -22.82 -15.34
N TYR D 154 -36.42 -22.03 -14.34
CA TYR D 154 -36.91 -20.66 -14.22
C TYR D 154 -36.55 -19.85 -15.47
N GLN D 155 -35.36 -20.11 -16.04
CA GLN D 155 -34.94 -19.39 -17.24
C GLN D 155 -35.61 -19.84 -18.54
N GLU D 156 -35.94 -21.12 -18.69
CA GLU D 156 -36.56 -21.64 -19.91
C GLU D 156 -38.09 -21.75 -19.84
N ALA D 157 -38.78 -20.78 -19.25
CA ALA D 157 -40.22 -20.87 -19.17
C ALA D 157 -40.88 -20.58 -20.52
N LYS D 158 -42.04 -21.23 -20.75
CA LYS D 158 -42.79 -21.07 -22.01
C LYS D 158 -44.28 -20.97 -21.66
N SER D 159 -44.67 -19.79 -21.16
CA SER D 159 -46.05 -19.49 -20.78
C SER D 159 -46.86 -19.23 -22.05
N SER D 160 -47.49 -20.28 -22.59
CA SER D 160 -48.27 -20.14 -23.82
C SER D 160 -49.67 -20.71 -23.69
N ARG D 161 -50.68 -19.83 -23.81
CA ARG D 161 -52.10 -20.16 -23.73
C ARG D 161 -52.83 -19.51 -24.92
N ILE D 162 -52.29 -19.71 -26.12
CA ILE D 162 -52.81 -19.18 -27.38
C ILE D 162 -54.23 -19.66 -27.68
N MET D 163 -54.33 -20.94 -28.02
CA MET D 163 -55.61 -21.56 -28.35
C MET D 163 -56.70 -21.18 -27.35
N ASP D 164 -56.34 -20.96 -26.08
CA ASP D 164 -57.35 -20.58 -25.09
C ASP D 164 -57.94 -19.21 -25.43
N SER D 165 -57.07 -18.25 -25.77
CA SER D 165 -57.55 -16.92 -26.12
C SER D 165 -58.46 -17.03 -27.33
N PHE D 166 -58.04 -17.85 -28.30
CA PHE D 166 -58.88 -18.02 -29.49
C PHE D 166 -60.21 -18.65 -29.11
N LYS D 167 -60.20 -19.67 -28.24
CA LYS D 167 -61.43 -20.31 -27.82
C LYS D 167 -62.41 -19.34 -27.19
N ASN D 168 -61.91 -18.30 -26.52
CA ASN D 168 -62.87 -17.37 -25.92
C ASN D 168 -63.62 -16.53 -26.97
N MET D 169 -63.28 -16.71 -28.25
CA MET D 169 -63.84 -16.04 -29.44
C MET D 169 -65.26 -16.34 -29.88
N VAL D 170 -65.49 -17.58 -30.30
CA VAL D 170 -66.78 -18.02 -30.82
C VAL D 170 -67.88 -17.95 -29.78
N PRO D 171 -68.93 -17.14 -30.07
CA PRO D 171 -70.05 -17.00 -29.15
C PRO D 171 -70.51 -18.36 -28.69
N GLN D 172 -71.35 -18.42 -27.67
CA GLN D 172 -71.74 -19.75 -27.25
C GLN D 172 -72.81 -20.35 -28.17
N GLN D 173 -73.80 -19.57 -28.59
CA GLN D 173 -74.84 -20.13 -29.45
C GLN D 173 -75.17 -19.27 -30.68
N ALA D 174 -75.28 -19.96 -31.82
CA ALA D 174 -75.59 -19.41 -33.13
C ALA D 174 -77.08 -19.59 -33.46
N LEU D 175 -77.55 -18.82 -34.46
CA LEU D 175 -78.94 -18.88 -34.91
C LEU D 175 -78.96 -19.58 -36.27
N VAL D 176 -79.46 -20.82 -36.28
CA VAL D 176 -79.56 -21.66 -37.46
C VAL D 176 -81.03 -21.90 -37.80
N ILE D 177 -81.32 -22.03 -39.09
CA ILE D 177 -82.67 -22.27 -39.59
C ILE D 177 -82.70 -23.67 -40.19
N ARG D 178 -83.46 -24.55 -39.53
CA ARG D 178 -83.61 -25.94 -39.98
C ARG D 178 -85.09 -26.27 -40.11
N ASP D 179 -85.44 -26.95 -41.21
CA ASP D 179 -86.81 -27.34 -41.50
C ASP D 179 -87.73 -26.13 -41.58
N GLY D 180 -87.15 -24.95 -41.82
CA GLY D 180 -87.90 -23.73 -41.92
C GLY D 180 -88.11 -23.01 -40.60
N GLU D 181 -87.48 -23.46 -39.52
CA GLU D 181 -87.64 -22.82 -38.22
C GLU D 181 -86.31 -22.30 -37.68
N LYS D 182 -86.40 -21.22 -36.92
CA LYS D 182 -85.26 -20.55 -36.31
C LYS D 182 -84.96 -21.13 -34.94
N SER D 183 -83.72 -21.53 -34.71
CA SER D 183 -83.31 -22.10 -33.44
C SER D 183 -81.91 -21.62 -33.09
N THR D 184 -81.66 -21.42 -31.81
CA THR D 184 -80.36 -20.98 -31.33
C THR D 184 -79.73 -22.22 -30.71
N ILE D 185 -78.69 -22.73 -31.35
CA ILE D 185 -78.02 -23.92 -30.88
C ILE D 185 -76.54 -23.65 -30.60
N ASN D 186 -75.98 -24.55 -29.79
CA ASN D 186 -74.58 -24.50 -29.42
C ASN D 186 -73.78 -24.30 -30.70
N ALA D 187 -72.90 -23.30 -30.71
CA ALA D 187 -72.14 -23.06 -31.94
C ALA D 187 -71.34 -24.30 -32.35
N GLU D 188 -70.84 -25.07 -31.39
CA GLU D 188 -70.09 -26.28 -31.74
C GLU D 188 -70.91 -27.22 -32.61
N PHE D 189 -72.24 -27.13 -32.55
CA PHE D 189 -73.15 -27.97 -33.31
C PHE D 189 -73.48 -27.47 -34.71
N VAL D 190 -72.82 -26.41 -35.19
CA VAL D 190 -73.13 -25.92 -36.53
C VAL D 190 -72.38 -26.77 -37.54
N VAL D 191 -73.04 -27.10 -38.65
CA VAL D 191 -72.40 -27.91 -39.68
C VAL D 191 -72.38 -27.19 -41.01
N ALA D 192 -71.78 -27.82 -42.02
CA ALA D 192 -71.70 -27.25 -43.35
C ALA D 192 -73.00 -27.51 -44.10
N GLY D 193 -73.62 -26.45 -44.61
CA GLY D 193 -74.86 -26.58 -45.35
C GLY D 193 -76.09 -25.93 -44.72
N ASP D 194 -76.18 -25.91 -43.39
CA ASP D 194 -77.39 -25.30 -42.86
C ASP D 194 -77.38 -23.79 -43.06
N LEU D 195 -78.56 -23.20 -42.86
CA LEU D 195 -78.77 -21.77 -43.00
C LEU D 195 -78.45 -21.11 -41.67
N VAL D 196 -77.73 -20.00 -41.71
CA VAL D 196 -77.37 -19.28 -40.49
C VAL D 196 -77.69 -17.81 -40.67
N GLU D 197 -78.34 -17.24 -39.66
CA GLU D 197 -78.72 -15.84 -39.65
C GLU D 197 -77.88 -15.13 -38.61
N VAL D 198 -77.48 -13.90 -38.92
CA VAL D 198 -76.67 -13.11 -38.01
C VAL D 198 -77.38 -11.77 -37.83
N LYS D 199 -77.04 -11.11 -36.73
CA LYS D 199 -77.60 -9.83 -36.34
C LYS D 199 -76.51 -8.97 -35.70
N GLY D 200 -76.55 -7.67 -35.99
CA GLY D 200 -75.58 -6.73 -35.47
C GLY D 200 -75.32 -6.86 -33.99
N GLY D 201 -74.13 -7.35 -33.65
CA GLY D 201 -73.74 -7.54 -32.27
C GLY D 201 -73.31 -8.96 -32.01
N ASP D 202 -73.68 -9.87 -32.90
CA ASP D 202 -73.32 -11.27 -32.76
C ASP D 202 -72.06 -11.60 -33.56
N ARG D 203 -71.38 -12.66 -33.13
CA ARG D 203 -70.15 -13.12 -33.74
C ARG D 203 -70.46 -14.15 -34.82
N ILE D 204 -69.75 -14.06 -35.94
CA ILE D 204 -69.93 -14.98 -37.06
C ILE D 204 -69.50 -16.34 -36.55
N PRO D 205 -70.41 -17.33 -36.45
CA PRO D 205 -70.02 -18.65 -35.92
C PRO D 205 -69.19 -19.53 -36.84
N ALA D 206 -69.12 -19.25 -38.14
CA ALA D 206 -68.34 -20.07 -39.04
C ALA D 206 -68.16 -19.29 -40.35
N ASP D 207 -67.48 -19.89 -41.32
CA ASP D 207 -67.32 -19.18 -42.57
C ASP D 207 -68.60 -19.43 -43.34
N LEU D 208 -69.23 -18.33 -43.74
CA LEU D 208 -70.50 -18.29 -44.46
C LEU D 208 -70.38 -17.67 -45.85
N ARG D 209 -71.43 -17.94 -46.63
CA ARG D 209 -71.58 -17.46 -47.99
C ARG D 209 -72.91 -16.72 -47.91
N ILE D 210 -72.83 -15.39 -47.82
CA ILE D 210 -74.01 -14.54 -47.71
C ILE D 210 -74.96 -14.76 -48.86
N ILE D 211 -76.24 -14.94 -48.52
CA ILE D 211 -77.28 -15.16 -49.52
C ILE D 211 -78.26 -13.99 -49.57
N SER D 212 -78.44 -13.26 -48.48
CA SER D 212 -79.35 -12.12 -48.40
C SER D 212 -78.89 -11.25 -47.23
N ALA D 213 -78.67 -9.97 -47.49
CA ALA D 213 -78.23 -9.06 -46.43
C ALA D 213 -79.13 -7.83 -46.38
N HIS D 214 -79.10 -7.15 -45.23
CA HIS D 214 -79.90 -5.93 -45.02
C HIS D 214 -78.98 -4.92 -44.32
N GLY D 215 -78.17 -4.22 -45.11
CA GLY D 215 -77.26 -3.23 -44.55
C GLY D 215 -76.32 -3.83 -43.53
N CYS D 216 -75.86 -5.06 -43.77
CA CYS D 216 -74.96 -5.74 -42.86
C CYS D 216 -73.51 -5.29 -43.04
N LYS D 217 -72.84 -5.05 -41.91
CA LYS D 217 -71.46 -4.61 -41.87
C LYS D 217 -70.69 -5.49 -40.90
N VAL D 218 -69.45 -5.84 -41.26
CA VAL D 218 -68.61 -6.68 -40.43
C VAL D 218 -67.31 -5.92 -40.12
N ASP D 219 -66.62 -6.37 -39.07
CA ASP D 219 -65.37 -5.79 -38.57
C ASP D 219 -64.23 -6.78 -38.75
N ASN D 220 -63.59 -6.75 -39.93
CA ASN D 220 -62.48 -7.65 -40.20
C ASN D 220 -61.16 -7.20 -39.60
N SER D 221 -61.16 -6.88 -38.30
CA SER D 221 -59.94 -6.44 -37.65
C SER D 221 -58.92 -7.56 -37.62
N SER D 222 -59.39 -8.82 -37.55
CA SER D 222 -58.49 -9.96 -37.48
C SER D 222 -57.81 -10.36 -38.79
N LEU D 223 -58.36 -10.04 -39.97
CA LEU D 223 -57.64 -10.42 -41.17
C LEU D 223 -57.07 -9.23 -41.88
N THR D 224 -57.80 -8.12 -41.84
CA THR D 224 -57.34 -6.90 -42.48
C THR D 224 -56.56 -6.03 -41.52
N GLY D 225 -56.63 -6.28 -40.22
CA GLY D 225 -55.88 -5.44 -39.32
C GLY D 225 -56.51 -4.10 -39.12
N GLU D 226 -57.68 -3.86 -39.74
CA GLU D 226 -58.38 -2.60 -39.66
C GLU D 226 -59.80 -2.70 -39.13
N SER D 227 -60.14 -1.73 -38.28
CA SER D 227 -61.44 -1.56 -37.65
C SER D 227 -62.42 -1.02 -38.68
N GLU D 228 -62.09 -1.13 -39.96
CA GLU D 228 -62.94 -0.62 -41.03
C GLU D 228 -64.20 -1.47 -41.20
N PRO D 229 -65.38 -0.87 -41.13
CA PRO D 229 -66.63 -1.62 -41.27
C PRO D 229 -66.94 -2.04 -42.69
N GLN D 230 -66.50 -3.23 -43.09
CA GLN D 230 -66.76 -3.71 -44.44
C GLN D 230 -68.19 -4.24 -44.51
N THR D 231 -68.91 -3.87 -45.56
CA THR D 231 -70.29 -4.33 -45.72
C THR D 231 -70.28 -5.66 -46.45
N ARG D 232 -71.18 -6.55 -46.05
CA ARG D 232 -71.32 -7.87 -46.65
C ARG D 232 -72.54 -7.87 -47.54
N SER D 233 -72.33 -8.02 -48.84
CA SER D 233 -73.42 -8.04 -49.80
C SER D 233 -73.49 -9.41 -50.47
N PRO D 234 -74.68 -9.87 -50.84
CA PRO D 234 -74.80 -11.19 -51.48
C PRO D 234 -74.09 -11.27 -52.82
N GLU D 235 -73.85 -10.14 -53.48
CA GLU D 235 -73.19 -10.14 -54.77
C GLU D 235 -71.68 -10.29 -54.58
N PHE D 236 -71.00 -10.71 -55.64
CA PHE D 236 -69.56 -10.91 -55.62
C PHE D 236 -68.88 -9.63 -56.12
N SER D 237 -67.69 -9.34 -55.59
CA SER D 237 -67.02 -8.11 -56.02
C SER D 237 -65.51 -8.18 -56.23
N SER D 238 -64.80 -9.21 -55.78
CA SER D 238 -63.35 -9.22 -56.00
C SER D 238 -62.87 -10.66 -56.15
N GLU D 239 -61.84 -10.83 -57.00
CA GLU D 239 -61.28 -12.15 -57.23
C GLU D 239 -60.66 -12.73 -55.96
N ASN D 240 -60.24 -11.87 -55.03
CA ASN D 240 -59.63 -12.31 -53.79
C ASN D 240 -60.74 -12.58 -52.77
N PRO D 241 -60.84 -13.79 -52.22
CA PRO D 241 -61.90 -14.06 -51.24
C PRO D 241 -61.89 -13.15 -50.03
N LEU D 242 -60.72 -12.65 -49.61
CA LEU D 242 -60.68 -11.78 -48.45
C LEU D 242 -61.26 -10.41 -48.75
N GLU D 243 -61.33 -10.02 -50.02
CA GLU D 243 -61.87 -8.71 -50.42
C GLU D 243 -63.34 -8.75 -50.80
N THR D 244 -63.88 -9.89 -51.22
CA THR D 244 -65.28 -9.93 -51.60
C THR D 244 -66.18 -9.73 -50.36
N ARG D 245 -67.45 -9.46 -50.63
CA ARG D 245 -68.44 -9.22 -49.58
C ARG D 245 -69.40 -10.37 -49.36
N ASN D 246 -69.48 -11.33 -50.27
CA ASN D 246 -70.39 -12.46 -50.12
C ASN D 246 -69.86 -13.53 -49.19
N ILE D 247 -68.88 -13.22 -48.34
CA ILE D 247 -68.33 -14.21 -47.42
C ILE D 247 -68.10 -13.58 -46.06
N ALA D 248 -68.66 -14.21 -45.03
CA ALA D 248 -68.48 -13.75 -43.66
C ALA D 248 -67.38 -14.65 -43.13
N PHE D 249 -66.56 -14.14 -42.22
CA PHE D 249 -65.48 -14.97 -41.72
C PHE D 249 -65.53 -15.17 -40.22
N PHE D 250 -65.19 -16.40 -39.80
CA PHE D 250 -65.16 -16.68 -38.38
C PHE D 250 -64.16 -15.67 -37.80
N SER D 251 -64.22 -15.41 -36.51
CA SER D 251 -63.34 -14.45 -35.80
C SER D 251 -63.69 -13.01 -36.07
N THR D 252 -64.87 -12.71 -36.61
CA THR D 252 -65.23 -11.33 -36.86
C THR D 252 -66.62 -11.13 -36.27
N ASN D 253 -67.09 -9.90 -36.31
CA ASN D 253 -68.40 -9.60 -35.74
C ASN D 253 -69.20 -8.69 -36.66
N CYS D 254 -70.51 -8.90 -36.65
CA CYS D 254 -71.43 -8.11 -37.47
C CYS D 254 -71.73 -6.87 -36.64
N VAL D 255 -71.16 -5.74 -37.05
CA VAL D 255 -71.34 -4.48 -36.33
C VAL D 255 -72.78 -3.98 -36.44
N GLU D 256 -73.37 -4.02 -37.63
CA GLU D 256 -74.73 -3.54 -37.79
C GLU D 256 -75.41 -4.24 -38.94
N GLY D 257 -76.73 -4.41 -38.80
CA GLY D 257 -77.52 -5.06 -39.81
C GLY D 257 -77.70 -6.53 -39.52
N THR D 258 -78.46 -7.17 -40.41
CA THR D 258 -78.74 -8.59 -40.30
C THR D 258 -78.46 -9.25 -41.64
N ALA D 259 -78.10 -10.52 -41.59
CA ALA D 259 -77.81 -11.22 -42.84
C ALA D 259 -78.07 -12.71 -42.69
N ARG D 260 -78.10 -13.38 -43.84
CA ARG D 260 -78.32 -14.82 -43.96
C ARG D 260 -77.15 -15.40 -44.72
N GLY D 261 -76.92 -16.70 -44.57
CA GLY D 261 -75.83 -17.30 -45.29
C GLY D 261 -75.74 -18.79 -45.07
N VAL D 262 -75.08 -19.42 -46.02
CA VAL D 262 -74.87 -20.86 -46.01
C VAL D 262 -73.50 -21.07 -45.40
N VAL D 263 -73.31 -22.17 -44.68
CA VAL D 263 -72.04 -22.45 -44.03
C VAL D 263 -71.13 -23.22 -44.98
N VAL D 264 -70.02 -22.59 -45.34
CA VAL D 264 -69.03 -23.18 -46.25
C VAL D 264 -67.87 -23.77 -45.46
N TYR D 265 -67.57 -23.21 -44.29
CA TYR D 265 -66.45 -23.75 -43.52
C TYR D 265 -66.72 -23.73 -42.01
N THR D 266 -66.31 -24.79 -41.32
CA THR D 266 -66.52 -24.86 -39.88
C THR D 266 -65.36 -25.57 -39.21
N GLY D 267 -65.16 -25.28 -37.92
CA GLY D 267 -64.09 -25.89 -37.14
C GLY D 267 -62.71 -25.35 -37.49
N ASP D 268 -61.70 -26.21 -37.32
CA ASP D 268 -60.31 -25.86 -37.62
C ASP D 268 -60.13 -25.40 -39.06
N ARG D 269 -61.16 -25.53 -39.90
CA ARG D 269 -61.09 -25.14 -41.29
C ARG D 269 -61.51 -23.70 -41.54
N THR D 270 -62.06 -23.01 -40.53
CA THR D 270 -62.45 -21.64 -40.78
C THR D 270 -61.19 -20.79 -40.94
N VAL D 271 -61.36 -19.53 -41.32
CA VAL D 271 -60.20 -18.65 -41.47
C VAL D 271 -59.49 -18.53 -40.13
N MET D 272 -60.23 -18.08 -39.12
CA MET D 272 -59.64 -17.96 -37.80
C MET D 272 -59.12 -19.31 -37.31
N GLY D 273 -59.50 -20.39 -37.99
CA GLY D 273 -59.06 -21.71 -37.63
C GLY D 273 -57.65 -21.86 -38.13
N ARG D 274 -57.35 -21.37 -39.34
CA ARG D 274 -55.98 -21.53 -39.75
C ARG D 274 -55.10 -20.56 -38.99
N ILE D 275 -55.67 -19.45 -38.52
CA ILE D 275 -54.88 -18.48 -37.76
C ILE D 275 -54.48 -19.08 -36.41
N ALA D 276 -55.47 -19.62 -35.68
CA ALA D 276 -55.16 -20.20 -34.37
C ALA D 276 -54.32 -21.46 -34.49
N THR D 277 -54.62 -22.34 -35.45
CA THR D 277 -53.82 -23.55 -35.56
C THR D 277 -52.39 -23.21 -35.97
N LEU D 278 -52.21 -22.16 -36.78
CA LEU D 278 -50.87 -21.77 -37.18
C LEU D 278 -50.11 -21.17 -36.01
N ALA D 279 -50.80 -20.39 -35.17
CA ALA D 279 -50.12 -19.78 -34.02
C ALA D 279 -49.67 -20.84 -33.03
N SER D 280 -50.56 -21.77 -32.68
CA SER D 280 -50.20 -22.82 -31.72
C SER D 280 -49.15 -23.79 -32.28
N GLY D 281 -49.11 -23.96 -33.60
CA GLY D 281 -48.16 -24.88 -34.24
C GLY D 281 -46.70 -24.50 -34.37
N LEU D 282 -46.38 -23.22 -34.51
CA LEU D 282 -44.98 -22.81 -34.69
C LEU D 282 -43.93 -23.25 -33.67
N GLU D 283 -43.12 -24.24 -34.05
CA GLU D 283 -42.05 -24.74 -33.20
C GLU D 283 -41.30 -23.54 -32.63
N VAL D 284 -41.10 -23.53 -31.31
CA VAL D 284 -40.42 -22.43 -30.63
C VAL D 284 -39.03 -22.12 -31.17
N GLY D 285 -38.07 -23.01 -30.95
CA GLY D 285 -36.71 -22.80 -31.41
C GLY D 285 -35.69 -22.52 -30.32
N ARG D 286 -34.59 -21.82 -30.63
CA ARG D 286 -33.57 -21.55 -29.62
C ARG D 286 -32.97 -20.15 -29.75
N THR D 287 -33.34 -19.25 -28.83
CA THR D 287 -32.89 -17.86 -28.72
C THR D 287 -31.37 -17.71 -28.81
N PRO D 288 -30.87 -16.58 -29.31
CA PRO D 288 -29.40 -16.39 -29.41
C PRO D 288 -28.60 -16.67 -28.14
N ILE D 289 -29.06 -16.16 -26.98
CA ILE D 289 -28.33 -16.40 -25.74
C ILE D 289 -28.26 -17.89 -25.43
N ALA D 290 -29.25 -18.67 -25.88
CA ALA D 290 -29.22 -20.11 -25.63
C ALA D 290 -28.11 -20.77 -26.43
N ILE D 291 -27.96 -20.36 -27.70
CA ILE D 291 -26.92 -20.92 -28.56
C ILE D 291 -25.56 -20.56 -27.99
N GLU D 292 -25.48 -19.39 -27.35
CA GLU D 292 -24.21 -18.98 -26.78
C GLU D 292 -23.91 -19.81 -25.54
N ILE D 293 -24.93 -20.11 -24.73
CA ILE D 293 -24.68 -20.92 -23.54
C ILE D 293 -24.27 -22.34 -23.93
N GLU D 294 -24.70 -22.81 -25.11
CA GLU D 294 -24.33 -24.16 -25.54
C GLU D 294 -22.85 -24.23 -25.96
N HIS D 295 -22.44 -23.24 -26.75
CA HIS D 295 -21.06 -23.16 -27.25
C HIS D 295 -19.99 -23.29 -26.14
N PHE D 296 -20.22 -22.67 -24.98
CA PHE D 296 -19.16 -22.81 -23.99
C PHE D 296 -19.30 -24.09 -23.17
N ILE D 297 -20.49 -24.69 -23.07
CA ILE D 297 -20.50 -25.92 -22.30
C ILE D 297 -19.70 -26.92 -23.11
N HIS D 298 -19.69 -26.72 -24.44
CA HIS D 298 -18.94 -27.62 -25.30
C HIS D 298 -17.44 -27.46 -25.07
N ILE D 299 -16.97 -26.21 -24.99
CA ILE D 299 -15.53 -26.01 -24.76
C ILE D 299 -15.11 -26.51 -23.38
N ILE D 300 -15.85 -26.11 -22.34
CA ILE D 300 -15.55 -26.53 -20.97
C ILE D 300 -15.48 -28.05 -20.87
N THR D 301 -16.46 -28.75 -21.49
CA THR D 301 -16.44 -30.21 -21.42
C THR D 301 -15.23 -30.74 -22.18
N GLY D 302 -14.80 -30.03 -23.22
CA GLY D 302 -13.64 -30.49 -23.96
C GLY D 302 -12.43 -30.59 -23.05
N VAL D 303 -12.11 -29.49 -22.35
CA VAL D 303 -10.95 -29.57 -21.46
C VAL D 303 -11.18 -30.50 -20.28
N ALA D 304 -12.43 -30.76 -19.92
CA ALA D 304 -12.68 -31.64 -18.79
C ALA D 304 -12.40 -33.09 -19.14
N VAL D 305 -12.89 -33.55 -20.31
CA VAL D 305 -12.62 -34.94 -20.66
C VAL D 305 -11.15 -35.11 -21.04
N PHE D 306 -10.56 -34.09 -21.70
CA PHE D 306 -9.15 -34.20 -22.07
C PHE D 306 -8.29 -34.42 -20.82
N LEU D 307 -8.58 -33.68 -19.75
CA LEU D 307 -7.77 -33.86 -18.54
C LEU D 307 -8.13 -35.15 -17.81
N GLY D 308 -9.41 -35.51 -17.78
CA GLY D 308 -9.83 -36.71 -17.09
C GLY D 308 -9.42 -38.06 -17.65
N VAL D 309 -9.84 -38.40 -18.87
CA VAL D 309 -9.46 -39.69 -19.43
C VAL D 309 -7.94 -39.85 -19.47
N SER D 310 -7.22 -38.76 -19.68
CA SER D 310 -5.77 -38.79 -19.75
C SER D 310 -5.16 -39.05 -18.39
N PHE D 311 -5.55 -38.30 -17.35
CA PHE D 311 -4.90 -38.62 -16.09
C PHE D 311 -5.40 -39.93 -15.51
N PHE D 312 -6.56 -40.46 -15.93
CA PHE D 312 -6.96 -41.73 -15.36
C PHE D 312 -6.05 -42.83 -15.91
N ILE D 313 -5.72 -42.70 -17.21
CA ILE D 313 -4.84 -43.69 -17.82
C ILE D 313 -3.45 -43.53 -17.22
N LEU D 314 -3.09 -42.28 -16.90
CA LEU D 314 -1.78 -42.02 -16.31
C LEU D 314 -1.69 -42.62 -14.91
N SER D 315 -2.76 -42.46 -14.12
CA SER D 315 -2.78 -43.01 -12.77
C SER D 315 -2.53 -44.50 -12.82
N LEU D 316 -3.13 -45.20 -13.79
CA LEU D 316 -2.78 -46.62 -13.72
C LEU D 316 -1.47 -46.92 -14.44
N ILE D 317 -0.88 -45.97 -15.15
CA ILE D 317 0.39 -46.29 -15.79
C ILE D 317 1.49 -46.12 -14.76
N LEU D 318 1.17 -45.46 -13.64
CA LEU D 318 2.14 -45.24 -12.56
C LEU D 318 1.94 -46.17 -11.36
N GLY D 319 0.99 -47.10 -11.41
CA GLY D 319 0.74 -48.02 -10.32
C GLY D 319 -0.27 -47.63 -9.25
N TYR D 320 -1.04 -46.56 -9.48
CA TYR D 320 -2.04 -46.12 -8.50
C TYR D 320 -3.17 -47.15 -8.36
N SER D 321 -3.59 -47.41 -7.13
CA SER D 321 -4.67 -48.37 -6.90
C SER D 321 -6.02 -47.73 -7.27
N TRP D 322 -7.09 -48.51 -7.20
CA TRP D 322 -8.44 -48.02 -7.54
C TRP D 322 -9.01 -46.99 -6.57
N LEU D 323 -8.81 -47.16 -5.25
CA LEU D 323 -9.43 -46.15 -4.40
C LEU D 323 -8.72 -44.81 -4.46
N GLU D 324 -7.55 -44.72 -5.08
CA GLU D 324 -6.90 -43.43 -5.17
C GLU D 324 -7.30 -42.75 -6.47
N ALA D 325 -7.32 -43.52 -7.55
CA ALA D 325 -7.70 -43.00 -8.86
C ALA D 325 -9.13 -42.46 -8.83
N VAL D 326 -10.03 -43.09 -8.06
CA VAL D 326 -11.40 -42.58 -8.03
C VAL D 326 -11.41 -41.18 -7.42
N ILE D 327 -10.62 -40.97 -6.37
CA ILE D 327 -10.55 -39.67 -5.71
C ILE D 327 -10.00 -38.65 -6.69
N PHE D 328 -9.02 -39.06 -7.49
CA PHE D 328 -8.44 -38.16 -8.47
C PHE D 328 -9.56 -37.72 -9.40
N LEU D 329 -10.05 -38.66 -10.21
CA LEU D 329 -11.16 -38.43 -11.15
C LEU D 329 -12.15 -37.40 -10.61
N ILE D 330 -12.58 -37.60 -9.36
CA ILE D 330 -13.55 -36.67 -8.75
C ILE D 330 -12.96 -35.27 -8.65
N GLY D 331 -11.80 -35.15 -8.02
CA GLY D 331 -11.17 -33.85 -7.88
C GLY D 331 -11.02 -33.10 -9.19
N ILE D 332 -10.64 -33.81 -10.25
CA ILE D 332 -10.46 -33.18 -11.57
C ILE D 332 -11.80 -32.74 -12.17
N ILE D 333 -12.84 -33.56 -12.01
CA ILE D 333 -14.13 -33.17 -12.58
C ILE D 333 -14.68 -31.94 -11.87
N VAL D 334 -14.59 -31.91 -10.53
CA VAL D 334 -15.09 -30.75 -9.81
C VAL D 334 -14.26 -29.51 -10.17
N ALA D 335 -12.94 -29.66 -10.20
CA ALA D 335 -12.06 -28.55 -10.53
C ALA D 335 -12.43 -27.89 -11.86
N ASN D 336 -12.70 -28.70 -12.90
CA ASN D 336 -13.02 -28.12 -14.21
C ASN D 336 -14.42 -27.51 -14.32
N VAL D 337 -15.43 -28.11 -13.70
CA VAL D 337 -16.78 -27.56 -13.81
C VAL D 337 -17.07 -26.33 -12.95
N PRO D 338 -17.48 -25.19 -13.55
CA PRO D 338 -17.79 -24.01 -12.74
C PRO D 338 -19.20 -24.20 -12.21
N GLU D 339 -19.29 -24.86 -11.06
CA GLU D 339 -20.54 -25.18 -10.37
C GLU D 339 -21.49 -24.02 -10.09
N GLY D 340 -21.03 -22.78 -10.22
CA GLY D 340 -21.87 -21.63 -9.94
C GLY D 340 -22.22 -20.67 -11.08
N LEU D 341 -21.63 -20.87 -12.25
CA LEU D 341 -21.86 -20.00 -13.41
C LEU D 341 -23.32 -19.86 -13.88
N LEU D 342 -23.86 -20.87 -14.55
CA LEU D 342 -25.24 -20.84 -15.06
C LEU D 342 -26.23 -20.14 -14.12
N ALA D 343 -26.12 -20.36 -12.81
CA ALA D 343 -27.05 -19.70 -11.89
C ALA D 343 -26.76 -18.21 -11.81
N THR D 344 -25.51 -17.84 -12.08
CA THR D 344 -25.13 -16.43 -12.04
C THR D 344 -25.78 -15.75 -13.22
N VAL D 345 -25.66 -16.37 -14.39
CA VAL D 345 -26.26 -15.81 -15.60
C VAL D 345 -27.76 -15.61 -15.38
N THR D 346 -28.44 -16.65 -14.88
CA THR D 346 -29.89 -16.54 -14.63
C THR D 346 -30.23 -15.35 -13.73
N VAL D 347 -29.37 -15.06 -12.76
CA VAL D 347 -29.68 -13.93 -11.88
C VAL D 347 -29.46 -12.64 -12.65
N CYS D 348 -28.25 -12.47 -13.18
CA CYS D 348 -27.87 -11.29 -13.98
C CYS D 348 -29.03 -10.86 -14.87
N LEU D 349 -29.54 -11.82 -15.66
CA LEU D 349 -30.65 -11.56 -16.57
C LEU D 349 -31.91 -11.15 -15.81
N THR D 350 -32.10 -11.67 -14.59
CA THR D 350 -33.30 -11.28 -13.85
C THR D 350 -33.21 -9.83 -13.38
N LEU D 351 -32.00 -9.41 -13.02
CA LEU D 351 -31.80 -8.04 -12.57
C LEU D 351 -32.08 -7.07 -13.71
N THR D 352 -31.54 -7.35 -14.90
CA THR D 352 -31.82 -6.43 -16.00
C THR D 352 -33.30 -6.46 -16.38
N ALA D 353 -34.02 -7.55 -16.08
CA ALA D 353 -35.42 -7.50 -16.46
C ALA D 353 -36.17 -6.60 -15.50
N LYS D 354 -35.68 -6.50 -14.26
CA LYS D 354 -36.36 -5.62 -13.32
C LYS D 354 -36.08 -4.16 -13.70
N ARG D 355 -34.88 -3.90 -14.23
CA ARG D 355 -34.56 -2.53 -14.62
C ARG D 355 -35.44 -2.13 -15.80
N MET D 356 -35.71 -3.08 -16.69
CA MET D 356 -36.56 -2.76 -17.83
C MET D 356 -37.98 -2.51 -17.34
N ALA D 357 -38.46 -3.28 -16.35
CA ALA D 357 -39.82 -3.00 -15.90
C ALA D 357 -39.87 -1.62 -15.25
N ARG D 358 -38.73 -1.11 -14.79
CA ARG D 358 -38.76 0.23 -14.20
C ARG D 358 -38.82 1.26 -15.31
N LYS D 359 -38.30 0.90 -16.48
CA LYS D 359 -38.31 1.82 -17.62
C LYS D 359 -39.54 1.61 -18.52
N ASN D 360 -40.55 0.89 -18.00
CA ASN D 360 -41.85 0.56 -18.62
C ASN D 360 -41.84 -0.60 -19.63
N CYS D 361 -40.82 -1.44 -19.66
CA CYS D 361 -40.77 -2.56 -20.60
C CYS D 361 -40.89 -3.85 -19.79
N LEU D 362 -42.00 -4.59 -19.94
CA LEU D 362 -42.14 -5.82 -19.20
C LEU D 362 -41.82 -6.98 -20.14
N VAL D 363 -40.98 -7.90 -19.70
CA VAL D 363 -40.57 -9.05 -20.49
C VAL D 363 -41.19 -10.32 -19.92
N LYS D 364 -41.81 -11.12 -20.80
CA LYS D 364 -42.42 -12.36 -20.36
C LYS D 364 -41.40 -13.49 -20.23
N ASN D 365 -40.56 -13.68 -21.26
CA ASN D 365 -39.54 -14.73 -21.26
C ASN D 365 -38.15 -14.16 -20.99
N LEU D 366 -37.55 -14.57 -19.86
CA LEU D 366 -36.21 -14.18 -19.41
C LEU D 366 -35.16 -13.91 -20.48
N GLU D 367 -35.06 -14.77 -21.50
CA GLU D 367 -34.04 -14.54 -22.52
C GLU D 367 -34.39 -13.45 -23.53
N ALA D 368 -35.64 -12.98 -23.56
CA ALA D 368 -35.96 -11.92 -24.51
C ALA D 368 -35.20 -10.65 -24.16
N VAL D 369 -34.69 -10.59 -22.93
CA VAL D 369 -33.92 -9.43 -22.45
C VAL D 369 -32.70 -9.20 -23.34
N GLU D 370 -32.09 -10.28 -23.82
CA GLU D 370 -30.90 -10.19 -24.67
C GLU D 370 -31.24 -10.14 -26.16
N THR D 371 -32.34 -10.75 -26.58
CA THR D 371 -32.71 -10.75 -27.99
C THR D 371 -32.84 -9.33 -28.55
N LEU D 372 -33.23 -8.37 -27.71
CA LEU D 372 -33.37 -6.98 -28.18
C LEU D 372 -32.06 -6.37 -28.62
N GLY D 373 -30.97 -6.61 -27.88
CA GLY D 373 -29.70 -6.03 -28.27
C GLY D 373 -29.21 -6.56 -29.59
N SER D 374 -29.37 -7.85 -29.82
CA SER D 374 -28.96 -8.49 -31.06
C SER D 374 -29.89 -8.20 -32.22
N THR D 375 -30.83 -7.25 -32.09
CA THR D 375 -31.77 -6.93 -33.15
C THR D 375 -31.17 -5.93 -34.13
N SER D 376 -31.52 -6.12 -35.42
CA SER D 376 -31.05 -5.26 -36.49
C SER D 376 -32.17 -4.87 -37.47
N THR D 377 -33.42 -5.22 -37.18
CA THR D 377 -34.55 -4.90 -38.06
C THR D 377 -35.81 -4.76 -37.22
N ILE D 378 -36.52 -3.64 -37.37
CA ILE D 378 -37.75 -3.37 -36.63
C ILE D 378 -38.88 -3.01 -37.57
N CYS D 379 -40.06 -3.57 -37.30
CA CYS D 379 -41.30 -3.36 -38.07
C CYS D 379 -42.28 -2.70 -37.12
N SER D 380 -42.27 -1.37 -37.06
CA SER D 380 -43.16 -0.65 -36.17
C SER D 380 -44.30 0.00 -36.93
N ASP D 381 -45.24 0.51 -36.16
CA ASP D 381 -46.43 1.20 -36.65
C ASP D 381 -46.31 2.66 -36.26
N LYS D 382 -47.08 3.49 -36.93
CA LYS D 382 -47.08 4.92 -36.69
C LYS D 382 -48.24 5.37 -35.82
N THR D 383 -49.42 4.80 -36.03
CA THR D 383 -50.57 5.18 -35.23
C THR D 383 -50.45 4.61 -33.82
N GLY D 384 -50.55 5.50 -32.84
CA GLY D 384 -50.47 5.21 -31.42
C GLY D 384 -49.12 4.81 -30.85
N THR D 385 -48.02 5.02 -31.56
CA THR D 385 -46.71 4.66 -31.02
C THR D 385 -45.79 5.83 -31.23
N LEU D 386 -45.51 6.16 -32.49
CA LEU D 386 -44.65 7.30 -32.78
C LEU D 386 -45.42 8.58 -32.51
N THR D 387 -46.61 8.67 -33.09
CA THR D 387 -47.51 9.79 -32.94
C THR D 387 -48.25 9.65 -31.61
N GLN D 388 -49.03 10.67 -31.27
CA GLN D 388 -49.78 10.67 -30.02
C GLN D 388 -51.26 10.38 -30.23
N ASN D 389 -51.71 10.25 -31.48
CA ASN D 389 -53.09 9.98 -31.85
C ASN D 389 -54.07 11.04 -31.34
N ARG D 390 -53.65 11.92 -30.43
CA ARG D 390 -54.55 12.96 -29.93
C ARG D 390 -54.58 14.01 -31.04
N MET D 391 -55.70 14.06 -31.75
CA MET D 391 -55.92 14.97 -32.88
C MET D 391 -56.55 16.31 -32.56
N THR D 392 -56.07 17.35 -33.26
CA THR D 392 -56.52 18.73 -33.14
C THR D 392 -56.71 19.27 -34.57
N VAL D 393 -57.75 20.08 -34.77
CA VAL D 393 -58.08 20.66 -36.07
C VAL D 393 -57.09 21.77 -36.41
N ALA D 394 -56.25 21.55 -37.42
CA ALA D 394 -55.23 22.53 -37.84
C ALA D 394 -55.65 23.50 -38.96
N HIS D 395 -55.98 22.98 -40.16
CA HIS D 395 -56.35 23.82 -41.30
C HIS D 395 -57.71 23.47 -41.88
N MET D 396 -58.31 24.43 -42.61
CA MET D 396 -59.61 24.25 -43.24
C MET D 396 -59.69 24.89 -44.62
N TRP D 397 -60.38 24.23 -45.55
CA TRP D 397 -60.57 24.72 -46.90
C TRP D 397 -62.02 25.11 -47.14
N PHE D 398 -62.24 26.32 -47.69
CA PHE D 398 -63.57 26.83 -47.99
C PHE D 398 -63.42 28.16 -48.72
N ASP D 399 -64.30 28.38 -49.71
CA ASP D 399 -64.31 29.58 -50.55
C ASP D 399 -62.95 29.77 -51.21
N ASN D 400 -62.46 28.70 -51.85
CA ASN D 400 -61.18 28.68 -52.55
C ASN D 400 -60.13 29.46 -51.75
N GLN D 401 -60.02 29.12 -50.47
CA GLN D 401 -59.07 29.81 -49.62
C GLN D 401 -58.73 28.98 -48.39
N ILE D 402 -57.43 28.84 -48.12
CA ILE D 402 -56.95 28.08 -46.97
C ILE D 402 -57.06 28.96 -45.73
N HIS D 403 -57.65 28.42 -44.68
CA HIS D 403 -57.84 29.12 -43.42
C HIS D 403 -57.10 28.34 -42.33
N GLU D 404 -56.48 29.07 -41.41
CA GLU D 404 -55.74 28.46 -40.32
C GLU D 404 -56.49 28.67 -39.01
N ALA D 405 -56.48 27.64 -38.17
CA ALA D 405 -57.15 27.67 -36.88
C ALA D 405 -56.10 27.65 -35.77
N ASP D 406 -56.50 28.14 -34.60
CA ASP D 406 -55.59 28.18 -33.46
C ASP D 406 -55.46 26.79 -32.87
N THR D 407 -54.24 26.28 -32.84
CA THR D 407 -53.93 24.95 -32.32
C THR D 407 -53.01 25.05 -31.10
N THR D 408 -53.31 25.96 -30.18
CA THR D 408 -52.50 26.15 -28.99
C THR D 408 -53.34 25.95 -27.72
N GLU D 409 -52.74 25.23 -26.77
CA GLU D 409 -53.31 24.88 -25.47
C GLU D 409 -54.18 25.94 -24.81
N ASN D 410 -53.63 27.13 -24.56
CA ASN D 410 -54.38 28.20 -23.91
C ASN D 410 -55.19 29.07 -24.85
N GLN D 411 -55.24 28.73 -26.15
CA GLN D 411 -56.00 29.50 -27.14
C GLN D 411 -55.58 30.98 -27.14
N SER D 412 -54.32 31.19 -27.54
CA SER D 412 -53.74 32.53 -27.62
C SER D 412 -53.25 32.75 -29.05
N GLY D 413 -54.17 33.11 -29.94
CA GLY D 413 -53.77 33.34 -31.31
C GLY D 413 -54.69 34.16 -32.20
N ALA D 414 -54.84 33.73 -33.45
CA ALA D 414 -55.67 34.40 -34.44
C ALA D 414 -56.92 33.62 -34.83
N ALA D 415 -58.06 34.30 -34.87
CA ALA D 415 -59.31 33.67 -35.26
C ALA D 415 -59.28 33.43 -36.76
N PHE D 416 -60.28 32.71 -37.30
CA PHE D 416 -60.26 32.45 -38.74
C PHE D 416 -61.37 33.14 -39.54
N ASP D 417 -61.85 34.31 -39.11
CA ASP D 417 -62.90 34.99 -39.88
C ASP D 417 -64.23 34.25 -39.93
N LYS D 418 -64.94 34.17 -38.81
CA LYS D 418 -66.23 33.48 -38.74
C LYS D 418 -67.41 34.34 -39.21
N THR D 419 -67.31 34.94 -40.40
CA THR D 419 -68.40 35.78 -40.90
C THR D 419 -69.07 35.30 -42.19
N SER D 420 -68.63 34.22 -42.80
CA SER D 420 -69.27 33.75 -44.02
C SER D 420 -70.28 32.65 -43.74
N ALA D 421 -71.21 32.47 -44.69
CA ALA D 421 -72.22 31.43 -44.52
C ALA D 421 -71.60 30.05 -44.71
N THR D 422 -70.57 29.98 -45.57
CA THR D 422 -69.89 28.72 -45.83
C THR D 422 -69.43 28.08 -44.53
N TRP D 423 -68.80 28.88 -43.67
CA TRP D 423 -68.33 28.36 -42.39
C TRP D 423 -69.49 27.81 -41.56
N SER D 424 -70.64 28.49 -41.58
CA SER D 424 -71.79 28.00 -40.82
C SER D 424 -72.22 26.63 -41.34
N ALA D 425 -72.31 26.50 -42.67
CA ALA D 425 -72.70 25.21 -43.23
C ALA D 425 -71.68 24.14 -42.86
N LEU D 426 -70.41 24.52 -42.81
CA LEU D 426 -69.36 23.57 -42.44
C LEU D 426 -69.54 23.12 -41.01
N SER D 427 -69.88 24.08 -40.13
CA SER D 427 -70.09 23.77 -38.73
C SER D 427 -71.27 22.81 -38.59
N ARG D 428 -72.29 22.98 -39.42
CA ARG D 428 -73.44 22.08 -39.32
C ARG D 428 -73.07 20.69 -39.81
N ILE D 429 -72.27 20.61 -40.88
CA ILE D 429 -71.87 19.31 -41.41
C ILE D 429 -71.05 18.54 -40.37
N ALA D 430 -69.97 19.15 -39.89
CA ALA D 430 -69.12 18.49 -38.91
C ALA D 430 -69.83 18.23 -37.59
N ALA D 431 -70.56 19.22 -37.05
CA ALA D 431 -71.25 19.03 -35.78
C ALA D 431 -72.37 18.01 -35.85
N LEU D 432 -72.96 17.79 -37.03
CA LEU D 432 -74.04 16.81 -37.11
C LEU D 432 -73.50 15.43 -37.47
N CYS D 433 -72.79 15.32 -38.58
CA CYS D 433 -72.22 14.04 -39.02
C CYS D 433 -71.00 13.71 -38.16
N ASN D 434 -71.27 13.41 -36.89
CA ASN D 434 -70.26 13.07 -35.90
C ASN D 434 -71.00 12.42 -34.74
N ARG D 435 -70.53 11.26 -34.28
CA ARG D 435 -71.16 10.51 -33.20
C ARG D 435 -70.50 10.66 -31.82
N ALA D 436 -69.37 11.35 -31.69
CA ALA D 436 -68.75 11.47 -30.37
C ALA D 436 -69.38 12.57 -29.54
N VAL D 437 -69.30 12.42 -28.22
CA VAL D 437 -69.85 13.39 -27.26
C VAL D 437 -68.96 13.45 -26.03
N PHE D 438 -68.82 14.66 -25.48
CA PHE D 438 -68.02 14.86 -24.27
C PHE D 438 -68.46 13.90 -23.18
N GLN D 439 -67.51 13.46 -22.36
CA GLN D 439 -67.82 12.55 -21.28
C GLN D 439 -68.58 13.27 -20.18
N ALA D 440 -69.64 12.64 -19.67
CA ALA D 440 -70.44 13.23 -18.61
C ALA D 440 -69.56 13.85 -17.52
N GLY D 441 -70.01 14.95 -16.92
CA GLY D 441 -69.24 15.60 -15.87
C GLY D 441 -67.93 16.29 -16.20
N GLN D 442 -67.86 17.05 -17.29
CA GLN D 442 -66.66 17.77 -17.68
C GLN D 442 -66.92 19.27 -17.71
N ASP D 443 -68.09 19.68 -17.21
CA ASP D 443 -68.57 21.05 -17.12
C ASP D 443 -67.55 22.02 -16.51
N ASN D 444 -66.48 21.50 -15.91
CA ASN D 444 -65.46 22.31 -15.27
C ASN D 444 -64.17 22.48 -16.08
N VAL D 445 -63.61 21.41 -16.65
CA VAL D 445 -62.39 21.53 -17.42
C VAL D 445 -62.55 22.44 -18.64
N PRO D 446 -61.47 22.80 -19.33
CA PRO D 446 -61.60 23.66 -20.51
C PRO D 446 -62.07 22.85 -21.71
N ILE D 447 -62.39 23.58 -22.78
CA ILE D 447 -62.87 22.95 -24.02
C ILE D 447 -61.86 22.01 -24.66
N LEU D 448 -60.56 22.24 -24.49
CA LEU D 448 -59.63 21.33 -25.14
C LEU D 448 -59.17 20.15 -24.28
N LYS D 449 -59.00 20.35 -22.97
CA LYS D 449 -58.56 19.26 -22.10
C LYS D 449 -59.67 18.32 -21.63
N ARG D 450 -60.90 18.41 -22.11
CA ARG D 450 -61.89 17.47 -21.58
C ARG D 450 -61.86 16.14 -22.33
N SER D 451 -62.40 15.13 -21.67
CA SER D 451 -62.49 13.76 -22.20
C SER D 451 -63.63 13.61 -23.20
N VAL D 452 -63.33 13.03 -24.36
CA VAL D 452 -64.32 12.81 -25.41
C VAL D 452 -64.28 11.34 -25.80
N ALA D 453 -65.44 10.68 -25.75
CA ALA D 453 -65.58 9.27 -26.10
C ALA D 453 -65.79 9.11 -27.60
N GLY D 454 -64.78 8.59 -28.29
CA GLY D 454 -64.87 8.39 -29.72
C GLY D 454 -63.50 8.41 -30.36
N ASP D 455 -63.51 8.41 -31.69
CA ASP D 455 -62.28 8.42 -32.45
C ASP D 455 -61.60 9.79 -32.26
N ALA D 456 -60.33 9.87 -32.65
CA ALA D 456 -59.63 11.14 -32.48
C ALA D 456 -60.02 12.17 -33.53
N SER D 457 -60.58 11.74 -34.66
CA SER D 457 -60.98 12.69 -35.69
C SER D 457 -62.30 13.34 -35.30
N GLU D 458 -63.27 12.53 -34.89
CA GLU D 458 -64.55 13.09 -34.49
C GLU D 458 -64.35 13.94 -33.26
N SER D 459 -63.39 13.58 -32.41
CA SER D 459 -63.12 14.36 -31.20
C SER D 459 -62.53 15.71 -31.56
N ALA D 460 -61.57 15.73 -32.49
CA ALA D 460 -60.96 17.01 -32.88
C ALA D 460 -62.01 17.91 -33.52
N LEU D 461 -62.87 17.35 -34.36
CA LEU D 461 -63.91 18.13 -35.01
C LEU D 461 -64.90 18.67 -33.99
N LEU D 462 -65.31 17.81 -33.05
CA LEU D 462 -66.25 18.22 -32.02
C LEU D 462 -65.67 19.35 -31.19
N LYS D 463 -64.37 19.27 -30.86
CA LYS D 463 -63.76 20.33 -30.07
C LYS D 463 -63.68 21.64 -30.83
N CYS D 464 -63.36 21.59 -32.13
CA CYS D 464 -63.28 22.84 -32.89
C CYS D 464 -64.65 23.50 -33.02
N ILE D 465 -65.70 22.68 -33.22
CA ILE D 465 -67.03 23.24 -33.35
C ILE D 465 -67.50 23.78 -32.00
N GLU D 466 -67.23 23.05 -30.92
CA GLU D 466 -67.63 23.49 -29.60
C GLU D 466 -66.82 24.71 -29.18
N LEU D 467 -65.68 24.93 -29.84
CA LEU D 467 -64.82 26.05 -29.53
C LEU D 467 -65.32 27.35 -30.15
N CYS D 468 -65.56 27.39 -31.45
CA CYS D 468 -66.03 28.66 -32.02
C CYS D 468 -67.46 28.62 -32.56
N CYS D 469 -68.29 27.71 -32.07
CA CYS D 469 -69.68 27.62 -32.53
C CYS D 469 -70.62 27.33 -31.36
N GLY D 470 -70.14 27.43 -30.13
CA GLY D 470 -70.93 27.17 -28.95
C GLY D 470 -71.30 25.70 -28.79
N SER D 471 -72.09 25.45 -27.75
CA SER D 471 -72.58 24.13 -27.38
C SER D 471 -73.08 23.24 -28.51
N VAL D 472 -72.36 22.15 -28.77
CA VAL D 472 -72.76 21.22 -29.82
C VAL D 472 -74.00 20.44 -29.41
N GLN D 473 -74.19 20.21 -28.10
CA GLN D 473 -75.35 19.45 -27.64
C GLN D 473 -76.67 20.11 -28.03
N GLY D 474 -76.68 21.43 -28.20
CA GLY D 474 -77.91 22.09 -28.57
C GLY D 474 -77.93 22.15 -30.07
N MET D 475 -76.75 22.25 -30.68
CA MET D 475 -76.68 22.30 -32.12
C MET D 475 -77.21 20.98 -32.68
N ARG D 476 -76.99 19.89 -31.92
CA ARG D 476 -77.41 18.55 -32.26
C ARG D 476 -78.87 18.32 -31.92
N ASP D 477 -79.36 18.92 -30.81
CA ASP D 477 -80.78 18.65 -30.57
C ASP D 477 -81.65 19.56 -31.43
N ARG D 478 -81.05 20.61 -32.00
CA ARG D 478 -81.70 21.58 -32.88
C ARG D 478 -81.95 20.99 -34.26
N ASN D 479 -81.46 19.76 -34.51
CA ASN D 479 -81.61 19.09 -35.80
C ASN D 479 -81.62 17.59 -35.50
N PRO D 480 -82.80 16.98 -35.43
CA PRO D 480 -82.91 15.54 -35.13
C PRO D 480 -82.47 14.64 -36.29
N LYS D 481 -81.51 13.76 -35.99
CA LYS D 481 -80.97 12.82 -36.96
C LYS D 481 -81.98 11.72 -37.27
N ILE D 482 -82.41 11.61 -38.52
CA ILE D 482 -83.38 10.58 -38.90
C ILE D 482 -82.70 9.26 -39.23
N VAL D 483 -81.81 9.25 -40.21
CA VAL D 483 -81.16 7.99 -40.57
C VAL D 483 -79.68 8.21 -40.86
N GLU D 484 -78.84 7.32 -40.31
CA GLU D 484 -77.39 7.40 -40.49
C GLU D 484 -76.81 6.10 -41.03
N ILE D 485 -75.90 6.24 -42.00
CA ILE D 485 -75.22 5.10 -42.60
C ILE D 485 -73.78 5.28 -42.14
N PRO D 486 -73.37 4.51 -41.12
CA PRO D 486 -72.00 4.58 -40.58
C PRO D 486 -70.92 4.39 -41.62
N PHE D 487 -69.67 4.54 -41.20
CA PHE D 487 -68.56 4.41 -42.11
C PHE D 487 -68.48 2.99 -42.64
N ASN D 488 -68.19 2.87 -43.93
CA ASN D 488 -68.08 1.62 -44.64
C ASN D 488 -66.70 1.51 -45.27
N SER D 489 -66.09 0.33 -45.20
CA SER D 489 -64.77 0.17 -45.78
C SER D 489 -64.83 0.24 -47.30
N THR D 490 -66.00 0.03 -47.88
CA THR D 490 -66.19 0.10 -49.33
C THR D 490 -66.69 1.47 -49.72
N ASN D 491 -67.67 2.00 -48.99
CA ASN D 491 -68.21 3.32 -49.28
C ASN D 491 -67.19 4.40 -48.96
N LYS D 492 -66.36 4.18 -47.93
CA LYS D 492 -65.33 5.12 -47.50
C LYS D 492 -65.94 6.47 -47.14
N TYR D 493 -67.11 6.44 -46.49
CA TYR D 493 -67.80 7.68 -46.10
C TYR D 493 -68.84 7.42 -45.01
N GLN D 494 -69.17 8.51 -44.29
CA GLN D 494 -70.15 8.52 -43.21
C GLN D 494 -71.26 9.49 -43.62
N LEU D 495 -72.50 9.00 -43.77
CA LEU D 495 -73.57 9.92 -44.16
C LEU D 495 -74.81 9.82 -43.27
N SER D 496 -75.66 10.84 -43.34
CA SER D 496 -76.88 10.86 -42.54
C SER D 496 -77.82 11.99 -42.95
N ILE D 497 -79.13 11.73 -42.79
CA ILE D 497 -80.22 12.66 -43.11
C ILE D 497 -81.02 13.04 -41.88
N HIS D 498 -80.77 14.25 -41.41
CA HIS D 498 -81.37 14.94 -40.27
C HIS D 498 -82.45 15.91 -40.74
N GLU D 499 -83.30 16.32 -39.80
CA GLU D 499 -84.36 17.28 -40.11
C GLU D 499 -83.71 18.67 -40.18
N ASN D 500 -84.39 19.61 -40.83
CA ASN D 500 -83.87 20.97 -40.97
C ASN D 500 -84.56 21.90 -39.98
N GLU D 501 -83.78 22.56 -39.12
CA GLU D 501 -84.33 23.49 -38.14
C GLU D 501 -85.05 24.67 -38.78
N LYS D 502 -84.90 24.85 -40.09
CA LYS D 502 -85.54 25.93 -40.82
C LYS D 502 -87.04 25.97 -40.54
N SER D 503 -87.50 27.08 -39.98
CA SER D 503 -88.93 27.20 -39.69
C SER D 503 -89.75 27.50 -40.93
N SER D 504 -89.11 28.03 -41.97
CA SER D 504 -89.78 28.35 -43.23
C SER D 504 -89.49 27.33 -44.32
N GLU D 505 -88.60 26.37 -44.04
CA GLU D 505 -88.23 25.31 -44.99
C GLU D 505 -88.30 23.97 -44.27
N SER D 506 -89.43 23.28 -44.42
CA SER D 506 -89.62 21.98 -43.78
C SER D 506 -89.15 20.85 -44.70
N ARG D 507 -87.86 20.88 -45.03
CA ARG D 507 -87.26 19.88 -45.90
C ARG D 507 -86.33 18.99 -45.10
N TYR D 508 -85.53 18.20 -45.79
CA TYR D 508 -84.60 17.28 -45.15
C TYR D 508 -83.16 17.59 -45.56
N LEU D 509 -82.26 17.52 -44.58
CA LEU D 509 -80.85 17.79 -44.79
C LEU D 509 -80.04 16.49 -44.81
N LEU D 510 -79.09 16.41 -45.73
CA LEU D 510 -78.22 15.25 -45.87
C LEU D 510 -76.80 15.74 -45.80
N VAL D 511 -75.99 15.07 -44.97
CA VAL D 511 -74.60 15.45 -44.81
C VAL D 511 -73.76 14.19 -44.91
N MET D 512 -72.54 14.35 -45.41
CA MET D 512 -71.66 13.21 -45.53
C MET D 512 -70.22 13.70 -45.53
N LYS D 513 -69.35 12.89 -44.92
CA LYS D 513 -67.94 13.21 -44.85
C LYS D 513 -67.15 11.98 -45.30
N GLY D 514 -65.90 12.22 -45.69
CA GLY D 514 -65.07 11.13 -46.13
C GLY D 514 -63.80 11.63 -46.80
N ALA D 515 -63.07 10.69 -47.38
CA ALA D 515 -61.82 11.05 -48.05
C ALA D 515 -62.11 12.08 -49.14
N PRO D 516 -61.26 13.10 -49.28
CA PRO D 516 -61.53 14.13 -50.31
C PRO D 516 -61.64 13.61 -51.74
N GLU D 517 -60.95 12.52 -52.09
CA GLU D 517 -61.08 12.02 -53.46
C GLU D 517 -62.47 11.41 -53.69
N ARG D 518 -62.89 10.53 -52.78
CA ARG D 518 -64.19 9.90 -52.89
C ARG D 518 -65.31 10.94 -52.88
N ILE D 519 -65.23 11.91 -51.97
CA ILE D 519 -66.27 12.93 -51.90
C ILE D 519 -66.20 13.83 -53.13
N LEU D 520 -65.02 14.07 -53.68
CA LEU D 520 -64.93 14.91 -54.87
C LEU D 520 -65.66 14.25 -56.01
N ASP D 521 -65.61 12.92 -56.07
CA ASP D 521 -66.29 12.22 -57.15
C ASP D 521 -67.81 12.21 -56.98
N ARG D 522 -68.35 12.65 -55.83
CA ARG D 522 -69.79 12.67 -55.59
C ARG D 522 -70.44 14.06 -55.53
N CYS D 523 -69.97 15.04 -56.30
CA CYS D 523 -70.60 16.35 -56.24
C CYS D 523 -70.65 16.99 -57.62
N SER D 524 -71.38 18.10 -57.69
CA SER D 524 -71.55 18.85 -58.93
C SER D 524 -71.73 20.33 -58.68
N THR D 525 -71.74 20.78 -57.42
CA THR D 525 -71.91 22.17 -57.06
C THR D 525 -70.92 22.47 -55.94
N ILE D 526 -70.62 23.76 -55.79
CA ILE D 526 -69.70 24.24 -54.77
C ILE D 526 -70.32 25.45 -54.11
N LEU D 527 -70.34 25.44 -52.78
CA LEU D 527 -70.91 26.53 -51.99
C LEU D 527 -69.83 27.60 -51.87
N LEU D 528 -69.89 28.59 -52.76
CA LEU D 528 -68.93 29.68 -52.78
C LEU D 528 -69.56 30.92 -52.15
N ASN D 529 -68.95 31.39 -51.05
CA ASN D 529 -69.38 32.56 -50.30
C ASN D 529 -70.86 32.51 -49.93
N GLY D 530 -71.48 31.34 -50.04
CA GLY D 530 -72.88 31.16 -49.73
C GLY D 530 -73.64 30.65 -50.93
N ALA D 531 -73.55 31.35 -52.06
CA ALA D 531 -74.25 30.91 -53.25
C ALA D 531 -73.66 29.60 -53.76
N GLU D 532 -74.28 29.03 -54.78
CA GLU D 532 -73.77 27.78 -55.33
C GLU D 532 -73.23 28.06 -56.73
N GLU D 533 -72.32 27.19 -57.17
CA GLU D 533 -71.71 27.33 -58.49
C GLU D 533 -71.36 25.94 -59.01
N PRO D 534 -71.10 25.82 -60.31
CA PRO D 534 -70.76 24.50 -60.86
C PRO D 534 -69.36 24.08 -60.42
N LEU D 535 -69.02 22.82 -60.73
CA LEU D 535 -67.72 22.24 -60.38
C LEU D 535 -66.76 22.23 -61.57
N LYS D 536 -66.67 23.31 -62.33
CA LYS D 536 -65.75 23.34 -63.46
C LYS D 536 -64.32 22.99 -63.01
N GLU D 537 -63.51 22.54 -63.98
CA GLU D 537 -62.13 22.16 -63.70
C GLU D 537 -61.29 23.23 -63.02
N ASP D 538 -61.69 24.50 -63.07
CA ASP D 538 -60.88 25.52 -62.40
C ASP D 538 -60.87 25.28 -60.90
N MET D 539 -62.05 25.10 -60.32
CA MET D 539 -62.08 24.85 -58.89
C MET D 539 -61.66 23.42 -58.58
N LYS D 540 -61.74 22.52 -59.56
CA LYS D 540 -61.32 21.15 -59.32
C LYS D 540 -59.80 21.11 -59.17
N GLU D 541 -59.13 21.99 -59.91
CA GLU D 541 -57.68 22.04 -59.81
C GLU D 541 -57.29 22.81 -58.58
N ALA D 542 -58.12 23.78 -58.18
CA ALA D 542 -57.80 24.51 -56.97
C ALA D 542 -57.96 23.58 -55.78
N PHE D 543 -58.85 22.59 -55.93
CA PHE D 543 -59.10 21.62 -54.87
C PHE D 543 -57.97 20.61 -54.84
N GLN D 544 -57.37 20.34 -56.00
CA GLN D 544 -56.26 19.39 -56.01
C GLN D 544 -55.04 20.03 -55.38
N ASN D 545 -54.79 21.31 -55.70
CA ASN D 545 -53.64 21.97 -55.11
C ASN D 545 -53.87 22.15 -53.60
N ALA D 546 -55.13 22.36 -53.19
CA ALA D 546 -55.39 22.51 -51.76
C ALA D 546 -55.15 21.17 -51.06
N TYR D 547 -55.53 20.08 -51.72
CA TYR D 547 -55.33 18.76 -51.14
C TYR D 547 -53.85 18.48 -50.96
N LEU D 548 -53.03 18.82 -51.97
CA LEU D 548 -51.60 18.58 -51.83
C LEU D 548 -50.96 19.56 -50.86
N GLU D 549 -51.59 20.71 -50.64
CA GLU D 549 -51.02 21.68 -49.71
C GLU D 549 -51.21 21.18 -48.29
N LEU D 550 -52.44 20.75 -47.96
CA LEU D 550 -52.69 20.25 -46.63
C LEU D 550 -52.01 18.90 -46.42
N GLY D 551 -51.84 18.12 -47.49
CA GLY D 551 -51.19 16.83 -47.35
C GLY D 551 -49.71 16.96 -47.11
N GLY D 552 -49.04 17.86 -47.86
CA GLY D 552 -47.61 18.04 -47.67
C GLY D 552 -47.26 18.57 -46.30
N LEU D 553 -48.23 19.18 -45.61
CA LEU D 553 -48.03 19.72 -44.28
C LEU D 553 -48.06 18.66 -43.20
N GLY D 554 -48.08 17.37 -43.58
CA GLY D 554 -48.11 16.29 -42.62
C GLY D 554 -49.44 16.10 -41.95
N GLU D 555 -50.48 16.77 -42.44
CA GLU D 555 -51.83 16.70 -41.89
C GLU D 555 -52.70 15.72 -42.66
N ARG D 556 -53.78 15.29 -42.02
CA ARG D 556 -54.75 14.37 -42.58
C ARG D 556 -55.96 15.22 -42.94
N VAL D 557 -56.38 15.16 -44.20
CA VAL D 557 -57.52 15.96 -44.67
C VAL D 557 -58.75 15.10 -44.92
N LEU D 558 -59.91 15.72 -44.67
CA LEU D 558 -61.22 15.12 -44.84
C LEU D 558 -62.08 16.11 -45.62
N GLY D 559 -63.07 15.58 -46.35
CA GLY D 559 -63.98 16.38 -47.14
C GLY D 559 -65.39 16.29 -46.58
N PHE D 560 -66.07 17.42 -46.57
CA PHE D 560 -67.44 17.54 -46.06
C PHE D 560 -68.37 18.11 -47.11
N CYS D 561 -69.52 17.46 -47.31
CA CYS D 561 -70.48 17.94 -48.29
C CYS D 561 -71.88 17.69 -47.76
N HIS D 562 -72.85 18.38 -48.34
CA HIS D 562 -74.23 18.22 -47.92
C HIS D 562 -75.16 18.52 -49.09
N PHE D 563 -76.43 18.21 -48.88
CA PHE D 563 -77.42 18.44 -49.94
C PHE D 563 -78.81 18.51 -49.31
N ALA D 564 -79.64 19.36 -49.90
CA ALA D 564 -81.01 19.55 -49.44
C ALA D 564 -81.89 18.59 -50.23
N LEU D 565 -82.45 17.61 -49.55
CA LEU D 565 -83.30 16.65 -50.23
C LEU D 565 -84.63 17.31 -50.59
N PRO D 566 -85.11 17.16 -51.83
CA PRO D 566 -86.38 17.78 -52.21
C PRO D 566 -87.53 17.15 -51.45
N GLU D 567 -88.26 17.97 -50.69
CA GLU D 567 -89.38 17.45 -49.93
C GLU D 567 -90.53 16.99 -50.79
N ASP D 568 -90.45 17.17 -52.11
CA ASP D 568 -91.52 16.74 -53.01
C ASP D 568 -91.36 15.28 -53.40
N LYS D 569 -90.12 14.81 -53.47
CA LYS D 569 -89.83 13.42 -53.83
C LYS D 569 -89.63 12.56 -52.58
N TYR D 570 -89.39 13.21 -51.44
CA TYR D 570 -89.17 12.57 -50.14
C TYR D 570 -89.87 13.47 -49.14
N ASN D 571 -91.17 13.22 -48.92
CA ASN D 571 -91.96 14.02 -47.99
C ASN D 571 -91.46 13.85 -46.56
N GLU D 572 -92.04 14.66 -45.66
CA GLU D 572 -91.67 14.62 -44.26
C GLU D 572 -92.10 13.32 -43.57
N GLY D 573 -92.99 12.56 -44.20
CA GLY D 573 -93.44 11.30 -43.61
C GLY D 573 -92.73 10.07 -44.11
N TYR D 574 -92.13 10.16 -45.29
CA TYR D 574 -91.43 9.01 -45.86
C TYR D 574 -90.23 8.62 -45.00
N PRO D 575 -90.04 7.32 -44.73
CA PRO D 575 -88.90 6.88 -43.92
C PRO D 575 -87.81 6.30 -44.81
N PHE D 576 -86.62 6.87 -44.79
CA PHE D 576 -85.51 6.39 -45.62
C PHE D 576 -84.71 5.30 -44.90
N ASP D 577 -85.26 4.08 -44.91
CA ASP D 577 -84.56 2.97 -44.28
C ASP D 577 -83.24 2.74 -44.99
N ALA D 578 -82.17 2.48 -44.22
CA ALA D 578 -80.85 2.26 -44.80
C ALA D 578 -80.75 0.88 -45.45
N ASP D 579 -81.33 0.77 -46.65
CA ASP D 579 -81.29 -0.50 -47.36
C ASP D 579 -80.94 -0.35 -48.84
N GLU D 580 -81.69 0.51 -49.55
CA GLU D 580 -81.50 0.77 -50.96
C GLU D 580 -81.06 2.21 -51.25
N PRO D 581 -80.88 2.62 -52.53
CA PRO D 581 -80.47 4.00 -52.78
C PRO D 581 -81.58 5.00 -52.60
N ASN D 582 -81.76 5.46 -51.37
CA ASN D 582 -82.78 6.43 -51.03
C ASN D 582 -82.25 7.84 -51.10
N PHE D 583 -80.94 8.00 -51.18
CA PHE D 583 -80.36 9.33 -51.24
C PHE D 583 -79.46 9.44 -52.45
N PRO D 584 -79.45 10.60 -53.12
CA PRO D 584 -78.58 10.74 -54.29
C PRO D 584 -77.13 10.76 -53.87
N THR D 585 -76.40 9.69 -54.18
CA THR D 585 -74.99 9.64 -53.82
C THR D 585 -74.21 10.76 -54.48
N THR D 586 -74.47 11.00 -55.77
CA THR D 586 -73.80 12.05 -56.51
C THR D 586 -74.62 13.32 -56.46
N ASP D 587 -74.22 14.33 -57.23
CA ASP D 587 -74.90 15.63 -57.30
C ASP D 587 -74.98 16.34 -55.95
N LEU D 588 -74.06 16.04 -55.03
CA LEU D 588 -74.05 16.68 -53.73
C LEU D 588 -73.39 18.05 -53.83
N CYS D 589 -73.37 18.80 -52.72
CA CYS D 589 -72.76 20.12 -52.68
C CYS D 589 -71.57 20.07 -51.74
N PHE D 590 -70.37 20.12 -52.31
CA PHE D 590 -69.14 20.08 -51.52
C PHE D 590 -68.96 21.45 -50.87
N VAL D 591 -68.72 21.48 -49.57
CA VAL D 591 -68.53 22.76 -48.88
C VAL D 591 -67.06 23.05 -48.61
N GLY D 592 -66.29 22.05 -48.19
CA GLY D 592 -64.88 22.31 -47.93
C GLY D 592 -64.13 21.24 -47.18
N LEU D 593 -62.80 21.25 -47.33
CA LEU D 593 -61.92 20.29 -46.68
C LEU D 593 -61.63 20.70 -45.24
N MET D 594 -61.26 19.71 -44.43
CA MET D 594 -60.93 19.92 -43.02
C MET D 594 -59.76 19.02 -42.64
N ALA D 595 -58.61 19.63 -42.39
CA ALA D 595 -57.39 18.94 -42.00
C ALA D 595 -57.29 18.88 -40.48
N MET D 596 -56.27 18.17 -39.98
CA MET D 596 -56.10 18.05 -38.53
C MET D 596 -54.66 17.60 -38.25
N ILE D 597 -54.19 17.94 -37.05
CA ILE D 597 -52.84 17.64 -36.58
C ILE D 597 -52.70 16.54 -35.55
N ASP D 598 -51.64 15.74 -35.74
CA ASP D 598 -51.23 14.63 -34.89
C ASP D 598 -49.73 14.91 -34.79
N PRO D 599 -49.24 15.49 -33.69
CA PRO D 599 -47.81 15.78 -33.62
C PRO D 599 -47.01 14.54 -33.26
N PRO D 600 -45.67 14.62 -33.24
CA PRO D 600 -44.90 13.45 -32.89
C PRO D 600 -44.54 13.43 -31.42
N ARG D 601 -44.08 12.28 -30.93
CA ARG D 601 -43.71 12.22 -29.53
C ARG D 601 -42.37 12.91 -29.33
N ALA D 602 -42.08 13.22 -28.06
CA ALA D 602 -40.83 13.89 -27.70
C ALA D 602 -39.59 13.20 -28.24
N ALA D 603 -39.38 11.94 -27.85
CA ALA D 603 -38.22 11.16 -28.27
C ALA D 603 -38.30 10.51 -29.65
N VAL D 604 -39.40 10.64 -30.41
CA VAL D 604 -39.46 9.99 -31.72
C VAL D 604 -38.28 10.41 -32.61
N PRO D 605 -38.00 11.70 -32.82
CA PRO D 605 -36.84 12.03 -33.68
C PRO D 605 -35.55 11.50 -33.10
N ASP D 606 -35.40 11.62 -31.78
CA ASP D 606 -34.20 11.13 -31.12
C ASP D 606 -34.11 9.61 -31.23
N ALA D 607 -35.25 8.93 -31.08
CA ALA D 607 -35.24 7.47 -31.18
C ALA D 607 -34.85 7.04 -32.59
N VAL D 608 -35.38 7.71 -33.60
CA VAL D 608 -35.03 7.36 -34.98
C VAL D 608 -33.55 7.59 -35.21
N GLY D 609 -33.02 8.69 -34.65
CA GLY D 609 -31.60 8.96 -34.81
C GLY D 609 -30.77 7.90 -34.11
N LYS D 610 -31.24 7.44 -32.96
CA LYS D 610 -30.54 6.40 -32.21
C LYS D 610 -30.53 5.10 -32.99
N CYS D 611 -31.64 4.78 -33.64
CA CYS D 611 -31.71 3.55 -34.42
C CYS D 611 -30.79 3.63 -35.62
N ARG D 612 -30.76 4.79 -36.29
CA ARG D 612 -29.88 4.93 -37.44
C ARG D 612 -28.42 4.89 -37.00
N SER D 613 -28.12 5.42 -35.81
CA SER D 613 -26.76 5.42 -35.30
C SER D 613 -26.31 3.99 -35.00
N ALA D 614 -27.22 3.16 -34.51
CA ALA D 614 -26.88 1.78 -34.18
C ALA D 614 -26.85 0.92 -35.43
N GLY D 615 -27.79 1.11 -36.34
CA GLY D 615 -27.79 0.30 -37.53
C GLY D 615 -29.03 -0.56 -37.61
N ILE D 616 -30.10 -0.13 -36.96
CA ILE D 616 -31.35 -0.89 -36.97
C ILE D 616 -32.18 -0.33 -38.11
N LYS D 617 -32.54 -1.20 -39.04
CA LYS D 617 -33.33 -0.79 -40.20
C LYS D 617 -34.77 -0.62 -39.72
N VAL D 618 -35.24 0.61 -39.74
CA VAL D 618 -36.60 0.89 -39.31
C VAL D 618 -37.46 0.84 -40.56
N ILE D 619 -38.71 0.41 -40.40
CA ILE D 619 -39.62 0.29 -41.53
C ILE D 619 -40.98 0.81 -41.09
N MET D 620 -41.42 1.92 -41.67
CA MET D 620 -42.72 2.46 -41.30
C MET D 620 -43.81 1.74 -42.07
N VAL D 621 -44.79 1.24 -41.33
CA VAL D 621 -45.93 0.53 -41.90
C VAL D 621 -47.14 1.18 -41.25
N THR D 622 -48.01 1.75 -42.06
CA THR D 622 -49.17 2.37 -41.40
C THR D 622 -50.37 2.22 -42.34
N GLY D 623 -51.39 3.02 -42.13
CA GLY D 623 -52.53 2.88 -43.00
C GLY D 623 -53.16 4.16 -43.50
N ASP D 624 -52.37 5.22 -43.59
CA ASP D 624 -52.91 6.47 -44.07
C ASP D 624 -52.44 6.67 -45.52
N HIS D 625 -52.76 7.83 -46.09
CA HIS D 625 -52.38 8.14 -47.48
C HIS D 625 -50.89 8.41 -47.67
N PRO D 626 -50.31 7.94 -48.79
CA PRO D 626 -48.88 8.17 -49.05
C PRO D 626 -48.51 9.64 -49.12
N ILE D 627 -49.42 10.53 -49.52
CA ILE D 627 -49.09 11.96 -49.59
C ILE D 627 -48.81 12.46 -48.19
N THR D 628 -49.43 11.84 -47.19
CA THR D 628 -49.25 12.19 -45.79
C THR D 628 -48.12 11.34 -45.22
N ALA D 629 -48.06 10.07 -45.66
CA ALA D 629 -47.04 9.15 -45.22
C ALA D 629 -45.64 9.72 -45.47
N LYS D 630 -45.45 10.33 -46.65
CA LYS D 630 -44.15 10.91 -46.97
C LYS D 630 -43.80 12.04 -46.02
N ALA D 631 -44.79 12.85 -45.66
CA ALA D 631 -44.55 13.95 -44.75
C ALA D 631 -44.19 13.43 -43.37
N ILE D 632 -44.89 12.40 -42.89
CA ILE D 632 -44.58 11.87 -41.57
C ILE D 632 -43.20 11.21 -41.61
N ALA D 633 -42.84 10.60 -42.74
CA ALA D 633 -41.54 9.96 -42.86
C ALA D 633 -40.45 11.01 -42.74
N LYS D 634 -40.60 12.12 -43.46
CA LYS D 634 -39.62 13.19 -43.39
C LYS D 634 -39.60 13.82 -42.00
N GLY D 635 -40.75 13.80 -41.33
CA GLY D 635 -40.86 14.36 -40.00
C GLY D 635 -40.27 13.54 -38.87
N VAL D 636 -40.14 12.23 -39.03
CA VAL D 636 -39.57 11.43 -37.95
C VAL D 636 -38.15 10.94 -38.20
N GLY D 637 -37.63 10.98 -39.42
CA GLY D 637 -36.27 10.54 -39.70
C GLY D 637 -36.13 9.41 -40.70
N ILE D 638 -37.14 8.55 -40.82
CA ILE D 638 -37.11 7.42 -41.75
C ILE D 638 -36.53 7.84 -43.09
N ILE D 639 -36.92 9.02 -43.56
CA ILE D 639 -36.41 9.54 -44.82
C ILE D 639 -35.46 10.66 -44.39
N SER D 640 -34.19 10.31 -44.28
CA SER D 640 -33.15 11.24 -43.87
C SER D 640 -33.10 12.46 -44.77
N GLU D 641 -32.80 13.62 -44.17
CA GLU D 641 -32.73 14.86 -44.92
C GLU D 641 -31.61 14.76 -45.94
N GLY D 642 -31.99 14.37 -47.16
CA GLY D 642 -31.07 14.21 -48.26
C GLY D 642 -31.38 13.05 -49.18
N ASN D 643 -31.90 11.94 -48.64
CA ASN D 643 -32.23 10.79 -49.46
C ASN D 643 -33.39 11.12 -50.40
N GLU D 644 -33.53 10.34 -51.49
CA GLU D 644 -34.60 10.60 -52.44
C GLU D 644 -35.15 9.34 -53.10
N THR D 645 -36.44 9.41 -53.45
CA THR D 645 -37.22 8.37 -54.11
C THR D 645 -37.18 8.59 -55.64
N ILE D 646 -37.55 7.54 -56.39
CA ILE D 646 -37.54 7.65 -57.86
C ILE D 646 -38.50 8.74 -58.35
N GLU D 647 -39.65 8.91 -57.67
CA GLU D 647 -40.57 9.94 -58.14
C GLU D 647 -40.00 11.33 -57.85
N ASP D 648 -39.26 11.46 -56.75
CA ASP D 648 -38.68 12.77 -56.42
C ASP D 648 -37.67 13.16 -57.49
N ILE D 649 -36.90 12.20 -57.99
CA ILE D 649 -35.92 12.48 -59.02
C ILE D 649 -36.63 12.84 -60.32
N ALA D 650 -37.70 12.12 -60.65
CA ALA D 650 -38.42 12.42 -61.88
C ALA D 650 -39.07 13.80 -61.80
N ALA D 651 -39.41 14.24 -60.59
CA ALA D 651 -40.02 15.56 -60.44
C ALA D 651 -38.97 16.66 -60.46
N ARG D 652 -37.77 16.38 -59.94
CA ARG D 652 -36.71 17.38 -59.93
C ARG D 652 -36.15 17.57 -61.33
N LEU D 653 -36.20 16.53 -62.16
CA LEU D 653 -35.70 16.57 -63.53
C LEU D 653 -36.80 16.56 -64.57
N ASN D 654 -38.05 16.82 -64.17
CA ASN D 654 -39.24 16.84 -65.03
C ASN D 654 -39.13 15.93 -66.24
N ILE D 655 -38.92 14.63 -65.97
CA ILE D 655 -38.80 13.57 -66.95
C ILE D 655 -39.68 12.42 -66.49
N PRO D 656 -40.06 11.50 -67.38
CA PRO D 656 -40.90 10.38 -66.96
C PRO D 656 -40.17 9.54 -65.91
N ILE D 657 -40.95 8.75 -65.17
CA ILE D 657 -40.36 7.91 -64.13
C ILE D 657 -39.74 6.63 -64.67
N GLY D 658 -40.18 6.15 -65.84
CA GLY D 658 -39.63 4.93 -66.41
C GLY D 658 -38.22 5.06 -66.94
N GLN D 659 -37.66 6.26 -66.97
CA GLN D 659 -36.31 6.48 -67.48
C GLN D 659 -35.22 6.38 -66.42
N VAL D 660 -35.47 6.92 -65.22
CA VAL D 660 -34.48 6.88 -64.15
C VAL D 660 -34.17 5.44 -63.72
N ASN D 661 -32.94 5.24 -63.23
CA ASN D 661 -32.43 3.96 -62.75
C ASN D 661 -32.79 3.83 -61.27
N PRO D 662 -33.33 2.70 -60.82
CA PRO D 662 -33.68 2.55 -59.40
C PRO D 662 -32.52 2.51 -58.43
N ARG D 663 -31.27 2.54 -58.90
CA ARG D 663 -30.15 2.51 -57.95
C ARG D 663 -29.84 3.89 -57.39
N ASP D 664 -30.27 4.95 -58.07
CA ASP D 664 -30.04 6.32 -57.63
C ASP D 664 -31.06 6.78 -56.58
N ALA D 665 -31.99 5.92 -56.18
CA ALA D 665 -33.01 6.25 -55.19
C ALA D 665 -32.76 5.46 -53.90
N LYS D 666 -32.45 6.17 -52.83
CA LYS D 666 -32.18 5.54 -51.54
C LYS D 666 -33.44 5.05 -50.82
N ALA D 667 -34.52 5.83 -50.81
CA ALA D 667 -35.76 5.46 -50.13
C ALA D 667 -36.85 5.05 -51.12
N CYS D 668 -38.01 4.67 -50.57
CA CYS D 668 -39.12 4.27 -51.44
C CYS D 668 -40.41 4.03 -50.66
N VAL D 669 -41.53 4.42 -51.29
CA VAL D 669 -42.88 4.30 -50.75
C VAL D 669 -43.59 3.18 -51.51
N VAL D 670 -43.81 2.05 -50.84
CA VAL D 670 -44.47 0.89 -51.41
C VAL D 670 -45.94 0.88 -50.99
N HIS D 671 -46.82 0.89 -52.00
CA HIS D 671 -48.25 0.88 -51.83
C HIS D 671 -48.78 -0.52 -51.53
N GLY D 672 -49.85 -0.57 -50.73
CA GLY D 672 -50.44 -1.85 -50.37
C GLY D 672 -50.99 -2.65 -51.54
N SER D 673 -51.72 -2.00 -52.45
CA SER D 673 -52.27 -2.73 -53.61
C SER D 673 -51.15 -3.40 -54.41
N ASP D 674 -50.02 -2.71 -54.55
CA ASP D 674 -48.90 -3.25 -55.29
C ASP D 674 -48.23 -4.32 -54.48
N LEU D 675 -48.59 -4.42 -53.21
CA LEU D 675 -48.07 -5.41 -52.30
C LEU D 675 -48.95 -6.64 -52.37
N LYS D 676 -50.24 -6.41 -52.64
CA LYS D 676 -51.20 -7.50 -52.77
C LYS D 676 -50.83 -8.33 -53.98
N ASP D 677 -50.32 -7.67 -55.02
CA ASP D 677 -49.91 -8.35 -56.24
C ASP D 677 -48.40 -8.57 -56.34
N LEU D 678 -47.67 -8.95 -55.27
CA LEU D 678 -46.23 -9.14 -55.40
C LEU D 678 -45.71 -10.51 -54.93
N SER D 679 -44.79 -11.06 -55.73
CA SER D 679 -44.11 -12.34 -55.55
C SER D 679 -43.09 -12.28 -54.40
N THR D 680 -42.58 -13.47 -54.05
CA THR D 680 -41.59 -13.59 -52.96
C THR D 680 -40.22 -13.01 -53.33
N GLU D 681 -39.55 -13.55 -54.38
CA GLU D 681 -38.23 -13.03 -54.76
C GLU D 681 -38.24 -11.53 -54.91
N VAL D 682 -39.30 -10.97 -55.48
CA VAL D 682 -39.36 -9.52 -55.65
C VAL D 682 -39.26 -8.84 -54.29
N LEU D 683 -39.96 -9.38 -53.28
CA LEU D 683 -39.89 -8.79 -51.95
C LEU D 683 -38.47 -8.93 -51.39
N ASP D 684 -37.82 -10.05 -51.67
CA ASP D 684 -36.47 -10.24 -51.17
C ASP D 684 -35.56 -9.16 -51.74
N ASP D 685 -35.72 -8.87 -53.04
CA ASP D 685 -34.90 -7.84 -53.67
C ASP D 685 -35.27 -6.45 -53.14
N ILE D 686 -36.55 -6.24 -52.82
CA ILE D 686 -36.99 -4.96 -52.30
C ILE D 686 -36.31 -4.66 -50.98
N LEU D 687 -36.20 -5.69 -50.13
CA LEU D 687 -35.54 -5.50 -48.83
C LEU D 687 -34.02 -5.53 -48.94
N HIS D 688 -33.49 -6.18 -49.98
CA HIS D 688 -32.07 -6.31 -50.22
C HIS D 688 -31.44 -5.09 -50.88
N TYR D 689 -32.22 -4.29 -51.60
CA TYR D 689 -31.71 -3.11 -52.30
C TYR D 689 -32.10 -1.73 -51.73
N HIS D 690 -32.93 -1.64 -50.69
CA HIS D 690 -33.30 -0.32 -50.17
C HIS D 690 -33.08 -0.19 -48.67
N THR D 691 -32.54 0.97 -48.26
CA THR D 691 -32.26 1.25 -46.85
C THR D 691 -33.39 1.95 -46.09
N GLU D 692 -34.33 2.61 -46.78
CA GLU D 692 -35.43 3.31 -46.11
C GLU D 692 -36.74 3.06 -46.89
N ILE D 693 -37.44 2.02 -46.45
CA ILE D 693 -38.71 1.58 -47.03
C ILE D 693 -39.88 2.01 -46.16
N VAL D 694 -40.96 2.46 -46.80
CA VAL D 694 -42.17 2.90 -46.10
C VAL D 694 -43.37 2.29 -46.82
N PHE D 695 -44.24 1.62 -46.08
CA PHE D 695 -45.42 0.96 -46.61
C PHE D 695 -46.71 1.67 -46.21
N ALA D 696 -47.43 2.17 -47.22
CA ALA D 696 -48.69 2.89 -47.00
C ALA D 696 -49.86 2.05 -47.54
N ARG D 697 -51.08 2.46 -47.17
CA ARG D 697 -52.29 1.75 -47.60
C ARG D 697 -52.17 0.26 -47.34
N THR D 698 -51.49 -0.07 -46.25
CA THR D 698 -51.26 -1.45 -45.87
C THR D 698 -52.26 -2.00 -44.86
N SER D 699 -52.74 -3.19 -45.15
CA SER D 699 -53.65 -3.90 -44.30
C SER D 699 -52.74 -4.73 -43.43
N PRO D 700 -52.77 -4.60 -42.09
CA PRO D 700 -51.83 -5.39 -41.28
C PRO D 700 -51.70 -6.89 -41.54
N GLN D 701 -52.31 -7.43 -42.59
CA GLN D 701 -52.11 -8.86 -42.87
C GLN D 701 -50.72 -8.93 -43.48
N GLN D 702 -50.57 -8.23 -44.61
CA GLN D 702 -49.38 -8.07 -45.43
C GLN D 702 -48.17 -7.93 -44.51
N LYS D 703 -48.39 -7.30 -43.36
CA LYS D 703 -47.37 -7.09 -42.34
C LYS D 703 -46.56 -8.38 -42.19
N LEU D 704 -47.23 -9.46 -41.77
CA LEU D 704 -46.60 -10.77 -41.60
C LEU D 704 -45.70 -11.10 -42.79
N ILE D 705 -46.17 -10.82 -44.01
CA ILE D 705 -45.40 -11.08 -45.21
C ILE D 705 -44.08 -10.33 -45.16
N ILE D 706 -44.14 -9.06 -44.76
CA ILE D 706 -42.93 -8.24 -44.69
C ILE D 706 -42.01 -8.75 -43.59
N VAL D 707 -42.58 -9.22 -42.49
CA VAL D 707 -41.75 -9.73 -41.40
C VAL D 707 -41.04 -11.00 -41.84
N GLU D 708 -41.78 -11.90 -42.51
CA GLU D 708 -41.19 -13.14 -43.00
C GLU D 708 -40.17 -12.86 -44.07
N GLY D 709 -40.20 -11.66 -44.65
CA GLY D 709 -39.23 -11.32 -45.67
C GLY D 709 -38.02 -10.71 -45.01
N CYS D 710 -38.22 -10.13 -43.82
CA CYS D 710 -37.08 -9.54 -43.12
C CYS D 710 -36.24 -10.60 -42.43
N GLN D 711 -36.87 -11.64 -41.89
CA GLN D 711 -36.09 -12.68 -41.22
C GLN D 711 -35.27 -13.49 -42.21
N ARG D 712 -35.84 -13.79 -43.38
CA ARG D 712 -35.18 -14.57 -44.42
C ARG D 712 -33.75 -14.12 -44.75
N GLN D 713 -33.52 -12.81 -44.86
CA GLN D 713 -32.16 -12.36 -45.19
C GLN D 713 -31.11 -12.59 -44.12
N GLY D 714 -31.47 -12.91 -42.88
CA GLY D 714 -30.41 -13.12 -41.91
C GLY D 714 -30.29 -12.08 -40.84
N ALA D 715 -31.42 -11.61 -40.31
CA ALA D 715 -31.38 -10.59 -39.28
C ALA D 715 -32.46 -10.84 -38.24
N ILE D 716 -32.15 -10.48 -37.00
CA ILE D 716 -33.11 -10.66 -35.93
C ILE D 716 -34.23 -9.68 -36.20
N VAL D 717 -35.47 -10.09 -35.95
CA VAL D 717 -36.60 -9.22 -36.21
C VAL D 717 -37.53 -9.07 -35.00
N ALA D 718 -37.95 -7.84 -34.80
CA ALA D 718 -38.85 -7.42 -33.75
C ALA D 718 -40.05 -6.87 -34.49
N VAL D 719 -41.18 -6.74 -33.79
CA VAL D 719 -42.38 -6.21 -34.43
C VAL D 719 -43.21 -5.55 -33.34
N THR D 720 -44.09 -4.63 -33.75
CA THR D 720 -44.95 -3.91 -32.83
C THR D 720 -46.39 -4.12 -33.27
N GLY D 721 -47.21 -4.73 -32.40
CA GLY D 721 -48.59 -4.96 -32.79
C GLY D 721 -49.60 -4.62 -31.72
N ASP D 722 -50.87 -4.74 -32.11
CA ASP D 722 -52.01 -4.46 -31.23
C ASP D 722 -53.13 -5.49 -31.26
N GLY D 723 -53.33 -6.16 -32.39
CA GLY D 723 -54.42 -7.13 -32.46
C GLY D 723 -54.12 -8.56 -32.85
N VAL D 724 -55.12 -9.26 -33.36
CA VAL D 724 -54.92 -10.65 -33.75
C VAL D 724 -54.30 -10.82 -35.13
N ASN D 725 -54.37 -9.83 -36.02
CA ASN D 725 -53.76 -10.02 -37.32
C ASN D 725 -52.25 -10.12 -37.18
N ASP D 726 -51.73 -9.57 -36.09
CA ASP D 726 -50.32 -9.57 -35.76
C ASP D 726 -49.91 -10.84 -35.02
N SER D 727 -50.87 -11.67 -34.62
CA SER D 727 -50.51 -12.90 -33.90
C SER D 727 -49.55 -13.77 -34.70
N PRO D 728 -49.82 -14.13 -35.95
CA PRO D 728 -48.84 -14.97 -36.68
C PRO D 728 -47.53 -14.25 -36.94
N ALA D 729 -47.51 -12.92 -36.83
CA ALA D 729 -46.29 -12.15 -37.07
C ALA D 729 -45.45 -12.03 -35.81
N LEU D 730 -46.10 -11.89 -34.66
CA LEU D 730 -45.37 -11.77 -33.40
C LEU D 730 -44.79 -13.12 -32.98
N LYS D 731 -45.48 -14.21 -33.33
CA LYS D 731 -45.02 -15.54 -32.96
C LYS D 731 -43.77 -15.98 -33.74
N LYS D 732 -43.69 -15.66 -35.03
CA LYS D 732 -42.53 -16.07 -35.80
C LYS D 732 -41.40 -15.05 -35.74
N ALA D 733 -41.60 -13.93 -35.07
CA ALA D 733 -40.51 -12.98 -35.02
C ALA D 733 -39.60 -13.36 -33.87
N ASP D 734 -38.33 -12.96 -33.98
CA ASP D 734 -37.39 -13.27 -32.91
C ASP D 734 -37.90 -12.63 -31.63
N ILE D 735 -38.49 -11.44 -31.75
CA ILE D 735 -39.03 -10.77 -30.57
C ILE D 735 -40.25 -9.94 -30.99
N GLY D 736 -41.35 -10.20 -30.28
CA GLY D 736 -42.61 -9.54 -30.52
C GLY D 736 -42.92 -8.53 -29.44
N VAL D 737 -42.98 -7.27 -29.83
CA VAL D 737 -43.27 -6.15 -28.95
C VAL D 737 -44.74 -5.82 -29.16
N ALA D 738 -45.54 -6.06 -28.13
CA ALA D 738 -46.96 -5.78 -28.21
C ALA D 738 -47.28 -4.56 -27.37
N MET D 739 -48.30 -3.82 -27.80
CA MET D 739 -48.67 -2.65 -27.03
C MET D 739 -49.45 -3.11 -25.80
N GLY D 740 -49.44 -2.28 -24.76
CA GLY D 740 -50.15 -2.63 -23.55
C GLY D 740 -51.45 -1.97 -23.18
N ILE D 741 -51.55 -0.65 -23.34
CA ILE D 741 -52.81 0.02 -23.00
C ILE D 741 -53.87 -0.28 -24.04
N SER D 742 -53.56 0.00 -25.30
CA SER D 742 -54.49 -0.24 -26.41
C SER D 742 -54.55 -1.69 -26.88
N GLY D 743 -53.59 -2.53 -26.51
CA GLY D 743 -53.61 -3.91 -26.97
C GLY D 743 -54.64 -4.80 -26.28
N SER D 744 -55.06 -5.82 -27.04
CA SER D 744 -56.02 -6.86 -26.70
C SER D 744 -55.31 -8.05 -26.06
N ASP D 745 -56.08 -8.81 -25.27
CA ASP D 745 -55.54 -9.99 -24.59
C ASP D 745 -54.81 -10.93 -25.55
N VAL D 746 -55.41 -11.21 -26.72
CA VAL D 746 -54.78 -12.11 -27.68
C VAL D 746 -53.37 -11.65 -28.05
N SER D 747 -53.26 -10.42 -28.57
CA SER D 747 -51.96 -9.88 -28.98
C SER D 747 -50.92 -9.86 -27.85
N LYS D 748 -51.31 -9.44 -26.65
CA LYS D 748 -50.33 -9.40 -25.56
C LYS D 748 -49.98 -10.79 -25.04
N GLN D 749 -50.97 -11.67 -24.87
CA GLN D 749 -50.69 -13.00 -24.39
C GLN D 749 -49.89 -13.83 -25.38
N ALA D 750 -49.91 -13.48 -26.67
CA ALA D 750 -49.14 -14.24 -27.65
C ALA D 750 -47.77 -13.64 -27.96
N ALA D 751 -47.44 -12.46 -27.42
CA ALA D 751 -46.16 -11.81 -27.65
C ALA D 751 -45.12 -12.18 -26.59
N ASP D 752 -43.89 -11.69 -26.77
CA ASP D 752 -42.79 -11.95 -25.83
C ASP D 752 -42.46 -10.76 -24.96
N MET D 753 -42.71 -9.54 -25.42
CA MET D 753 -42.42 -8.35 -24.64
C MET D 753 -43.64 -7.45 -24.74
N ILE D 754 -44.03 -6.86 -23.61
CA ILE D 754 -45.19 -5.98 -23.55
C ILE D 754 -44.75 -4.60 -23.12
N LEU D 755 -45.34 -3.59 -23.73
CA LEU D 755 -45.05 -2.20 -23.42
C LEU D 755 -46.22 -1.65 -22.62
N LEU D 756 -45.94 -0.84 -21.62
CA LEU D 756 -47.03 -0.31 -20.81
C LEU D 756 -47.40 1.14 -21.12
N ASP D 757 -46.51 1.91 -21.75
CA ASP D 757 -46.82 3.29 -22.09
C ASP D 757 -47.08 3.49 -23.56
N ASP D 758 -46.94 2.44 -24.37
CA ASP D 758 -47.16 2.49 -25.82
C ASP D 758 -46.25 3.49 -26.50
N ASN D 759 -45.09 3.77 -25.89
CA ASN D 759 -44.17 4.72 -26.48
C ASN D 759 -43.15 4.00 -27.36
N PHE D 760 -42.35 4.78 -28.09
CA PHE D 760 -41.35 4.20 -28.95
C PHE D 760 -39.94 4.36 -28.40
N ALA D 761 -39.75 5.26 -27.44
CA ALA D 761 -38.44 5.46 -26.85
C ALA D 761 -38.05 4.23 -26.03
N SER D 762 -39.06 3.52 -25.53
CA SER D 762 -38.82 2.33 -24.75
C SER D 762 -38.17 1.24 -25.60
N ILE D 763 -38.40 1.26 -26.92
CA ILE D 763 -37.79 0.25 -27.77
C ILE D 763 -36.28 0.48 -27.81
N VAL D 764 -35.87 1.74 -27.87
CA VAL D 764 -34.46 2.08 -27.90
C VAL D 764 -33.85 1.71 -26.56
N THR D 765 -34.56 2.02 -25.47
CA THR D 765 -34.03 1.68 -24.16
C THR D 765 -33.84 0.17 -24.04
N GLY D 766 -34.77 -0.59 -24.62
CA GLY D 766 -34.67 -2.05 -24.58
C GLY D 766 -33.43 -2.54 -25.28
N VAL D 767 -33.15 -1.98 -26.46
CA VAL D 767 -31.97 -2.39 -27.22
C VAL D 767 -30.70 -2.08 -26.43
N GLU D 768 -30.64 -0.88 -25.84
CA GLU D 768 -29.46 -0.52 -25.07
C GLU D 768 -29.25 -1.49 -23.91
N GLU D 769 -30.31 -1.74 -23.13
CA GLU D 769 -30.18 -2.66 -22.01
C GLU D 769 -29.82 -4.07 -22.45
N GLY D 770 -30.14 -4.43 -23.70
CA GLY D 770 -29.83 -5.76 -24.18
C GLY D 770 -28.34 -5.88 -24.43
N ARG D 771 -27.72 -4.77 -24.82
CA ARG D 771 -26.28 -4.78 -25.07
C ARG D 771 -25.54 -4.77 -23.72
N LEU D 772 -25.93 -3.81 -22.87
CA LEU D 772 -25.35 -3.66 -21.54
C LEU D 772 -25.26 -5.00 -20.80
N ILE D 773 -26.36 -5.77 -20.76
CA ILE D 773 -26.30 -7.05 -20.05
C ILE D 773 -25.45 -8.11 -20.75
N PHE D 774 -24.95 -7.79 -21.94
CA PHE D 774 -24.13 -8.74 -22.69
C PHE D 774 -22.65 -8.58 -22.32
N ASP D 775 -22.18 -7.33 -22.36
CA ASP D 775 -20.77 -7.11 -22.02
C ASP D 775 -20.47 -7.54 -20.57
N ASN D 776 -21.49 -7.48 -19.71
CA ASN D 776 -21.29 -7.86 -18.32
C ASN D 776 -21.21 -9.37 -18.20
N LEU D 777 -21.95 -10.09 -19.04
CA LEU D 777 -21.88 -11.54 -18.96
C LEU D 777 -20.48 -11.97 -19.35
N LYS D 778 -19.90 -11.27 -20.34
CA LYS D 778 -18.53 -11.62 -20.74
C LYS D 778 -17.57 -11.44 -19.57
N LYS D 779 -17.67 -10.30 -18.88
CA LYS D 779 -16.78 -10.03 -17.75
C LYS D 779 -16.95 -11.09 -16.64
N SER D 780 -18.19 -11.38 -16.26
CA SER D 780 -18.43 -12.36 -15.21
C SER D 780 -17.94 -13.75 -15.58
N ILE D 781 -18.07 -14.13 -16.86
CA ILE D 781 -17.60 -15.45 -17.27
C ILE D 781 -16.09 -15.53 -17.13
N ALA D 782 -15.38 -14.47 -17.57
CA ALA D 782 -13.93 -14.51 -17.44
C ALA D 782 -13.54 -14.59 -15.98
N TYR D 783 -14.32 -13.95 -15.11
CA TYR D 783 -14.07 -13.95 -13.68
C TYR D 783 -14.13 -15.38 -13.17
N THR D 784 -15.34 -15.96 -13.17
CA THR D 784 -15.53 -17.33 -12.71
C THR D 784 -14.50 -18.31 -13.26
N LEU D 785 -14.17 -18.20 -14.56
CA LEU D 785 -13.20 -19.12 -15.17
C LEU D 785 -11.78 -18.96 -14.61
N THR D 786 -11.27 -17.73 -14.50
CA THR D 786 -9.90 -17.53 -14.01
C THR D 786 -9.52 -18.36 -12.78
N SER D 787 -10.42 -18.49 -11.80
CA SER D 787 -10.04 -19.27 -10.63
C SER D 787 -10.00 -20.78 -10.85
N ASN D 788 -10.32 -21.28 -12.05
CA ASN D 788 -10.28 -22.73 -12.28
C ASN D 788 -8.84 -23.25 -12.30
N ILE D 789 -7.91 -22.46 -12.84
CA ILE D 789 -6.52 -22.90 -12.90
C ILE D 789 -5.92 -23.18 -11.53
N PRO D 790 -6.01 -22.27 -10.54
CA PRO D 790 -5.42 -22.59 -9.23
C PRO D 790 -6.06 -23.79 -8.55
N GLU D 791 -7.16 -24.31 -9.09
CA GLU D 791 -7.82 -25.49 -8.52
C GLU D 791 -7.44 -26.75 -9.26
N ILE D 792 -7.09 -26.61 -10.54
CA ILE D 792 -6.69 -27.72 -11.40
C ILE D 792 -5.23 -28.06 -11.21
N THR D 793 -4.37 -27.03 -11.11
CA THR D 793 -2.94 -27.26 -10.96
C THR D 793 -2.51 -28.04 -9.72
N PRO D 794 -3.06 -27.83 -8.53
CA PRO D 794 -2.58 -28.64 -7.38
C PRO D 794 -2.68 -30.13 -7.65
N PHE D 795 -3.79 -30.55 -8.25
CA PHE D 795 -4.05 -31.94 -8.58
C PHE D 795 -3.02 -32.47 -9.59
N LEU D 796 -2.75 -31.65 -10.61
CA LEU D 796 -1.80 -32.04 -11.65
C LEU D 796 -0.41 -32.20 -11.07
N VAL D 797 0.00 -31.31 -10.16
CA VAL D 797 1.32 -31.50 -9.60
C VAL D 797 1.28 -32.68 -8.66
N PHE D 798 0.11 -32.96 -8.06
CA PHE D 798 -0.03 -34.10 -7.16
C PHE D 798 0.31 -35.39 -7.88
N ILE D 799 0.00 -35.45 -9.17
CA ILE D 799 0.29 -36.68 -9.93
C ILE D 799 1.67 -36.63 -10.60
N ILE D 800 2.09 -35.50 -11.16
CA ILE D 800 3.40 -35.45 -11.82
C ILE D 800 4.55 -35.40 -10.81
N GLY D 801 4.50 -34.49 -9.83
CA GLY D 801 5.58 -34.38 -8.86
C GLY D 801 5.50 -35.16 -7.57
N ASN D 802 4.35 -35.75 -7.22
CA ASN D 802 4.21 -36.54 -5.98
C ASN D 802 4.40 -35.70 -4.72
N VAL D 803 3.64 -34.62 -4.60
CA VAL D 803 3.74 -33.76 -3.42
C VAL D 803 2.43 -33.89 -2.65
N PRO D 804 2.36 -33.50 -1.38
CA PRO D 804 1.09 -33.62 -0.66
C PRO D 804 0.00 -32.79 -1.32
N LEU D 805 -1.22 -33.33 -1.32
CA LEU D 805 -2.37 -32.68 -1.93
C LEU D 805 -2.49 -31.21 -1.49
N PRO D 806 -2.42 -30.26 -2.41
CA PRO D 806 -2.52 -28.84 -2.04
C PRO D 806 -3.94 -28.31 -1.84
N LEU D 807 -4.90 -28.71 -2.68
CA LEU D 807 -6.28 -28.24 -2.56
C LEU D 807 -7.30 -29.36 -2.63
N GLY D 808 -7.96 -29.64 -1.51
CA GLY D 808 -8.98 -30.68 -1.41
C GLY D 808 -10.21 -30.39 -2.25
N THR D 809 -11.18 -31.32 -2.29
CA THR D 809 -12.39 -31.10 -3.08
C THR D 809 -13.41 -30.23 -2.36
N VAL D 810 -13.48 -30.36 -1.03
CA VAL D 810 -14.41 -29.57 -0.24
C VAL D 810 -14.03 -28.10 -0.30
N THR D 811 -12.74 -27.82 -0.40
CA THR D 811 -12.29 -26.43 -0.47
C THR D 811 -12.69 -25.84 -1.81
N ILE D 812 -12.63 -26.65 -2.87
CA ILE D 812 -13.03 -26.17 -4.18
C ILE D 812 -14.49 -25.75 -4.09
N LEU D 813 -15.37 -26.72 -3.78
CA LEU D 813 -16.78 -26.37 -3.65
C LEU D 813 -16.98 -25.14 -2.76
N CYS D 814 -16.08 -24.90 -1.80
CA CYS D 814 -16.25 -23.72 -0.96
C CYS D 814 -15.82 -22.45 -1.68
N ILE D 815 -15.09 -22.60 -2.79
CA ILE D 815 -14.63 -21.44 -3.57
C ILE D 815 -15.63 -21.10 -4.68
N ASP D 816 -15.99 -22.07 -5.52
CA ASP D 816 -16.92 -21.80 -6.61
C ASP D 816 -18.36 -21.58 -6.16
N LEU D 817 -18.77 -22.18 -5.05
CA LEU D 817 -20.12 -22.03 -4.53
C LEU D 817 -20.25 -20.99 -3.43
N GLY D 818 -19.13 -20.51 -2.91
CA GLY D 818 -19.14 -19.53 -1.85
C GLY D 818 -18.67 -18.11 -2.11
N THR D 819 -17.35 -17.92 -2.00
CA THR D 819 -16.73 -16.62 -2.19
C THR D 819 -16.85 -16.01 -3.58
N ASP D 820 -16.98 -16.81 -4.65
CA ASP D 820 -17.07 -16.18 -5.97
C ASP D 820 -18.47 -15.82 -6.45
N MET D 821 -19.53 -16.33 -5.83
CA MET D 821 -20.89 -16.00 -6.29
C MET D 821 -21.23 -14.51 -6.21
N VAL D 822 -21.16 -13.91 -5.01
CA VAL D 822 -21.50 -12.49 -4.87
C VAL D 822 -20.74 -11.58 -5.83
N PRO D 823 -19.40 -11.70 -5.99
CA PRO D 823 -18.72 -10.79 -6.93
C PRO D 823 -19.22 -10.96 -8.36
N ALA D 824 -19.39 -12.21 -8.80
CA ALA D 824 -19.88 -12.47 -10.16
C ALA D 824 -21.26 -11.86 -10.36
N ILE D 825 -22.08 -11.87 -9.31
CA ILE D 825 -23.42 -11.30 -9.40
C ILE D 825 -23.32 -9.78 -9.50
N SER D 826 -22.36 -9.20 -8.77
CA SER D 826 -22.17 -7.75 -8.78
C SER D 826 -21.67 -7.25 -10.13
N LEU D 827 -20.89 -8.05 -10.85
CA LEU D 827 -20.40 -7.60 -12.16
C LEU D 827 -21.50 -7.21 -13.13
N ALA D 828 -22.77 -7.46 -12.82
CA ALA D 828 -23.86 -7.10 -13.72
C ALA D 828 -24.22 -5.62 -13.63
N TYR D 829 -24.10 -5.03 -12.47
CA TYR D 829 -24.40 -3.64 -12.19
C TYR D 829 -23.40 -2.67 -12.81
N GLU D 830 -22.53 -3.12 -13.71
CA GLU D 830 -21.56 -2.22 -14.31
C GLU D 830 -22.18 -1.38 -15.41
N GLN D 831 -21.89 -0.09 -15.37
CA GLN D 831 -22.40 0.87 -16.34
C GLN D 831 -21.59 0.78 -17.64
N ALA D 832 -22.05 1.50 -18.65
CA ALA D 832 -21.36 1.51 -19.92
C ALA D 832 -20.02 2.22 -19.82
N GLU D 833 -19.13 1.91 -20.77
CA GLU D 833 -17.80 2.48 -20.85
C GLU D 833 -17.69 3.54 -21.95
N SER D 834 -18.26 3.24 -23.11
CA SER D 834 -18.29 4.11 -24.28
C SER D 834 -19.75 4.24 -24.67
N ASP D 835 -20.04 4.46 -25.94
CA ASP D 835 -21.42 4.59 -26.39
C ASP D 835 -21.80 3.28 -27.06
N ILE D 836 -22.81 2.62 -26.49
CA ILE D 836 -23.31 1.34 -27.01
C ILE D 836 -24.29 1.56 -28.14
N MET D 837 -25.18 2.54 -27.99
CA MET D 837 -26.20 2.86 -28.98
C MET D 837 -25.61 3.45 -30.26
N LYS D 838 -24.29 3.31 -30.45
CA LYS D 838 -23.61 3.82 -31.63
C LYS D 838 -22.98 2.75 -32.51
N ARG D 839 -22.58 1.61 -31.96
CA ARG D 839 -21.96 0.55 -32.74
C ARG D 839 -23.01 -0.29 -33.46
N GLN D 840 -22.58 -0.94 -34.54
CA GLN D 840 -23.45 -1.78 -35.34
C GLN D 840 -23.77 -3.07 -34.59
N PRO D 841 -24.87 -3.74 -34.95
CA PRO D 841 -25.24 -4.99 -34.25
C PRO D 841 -24.18 -6.09 -34.43
N ARG D 842 -24.03 -6.89 -33.38
CA ARG D 842 -23.06 -7.98 -33.39
C ARG D 842 -23.44 -9.05 -34.40
N ASN D 843 -22.44 -9.60 -35.07
CA ASN D 843 -22.67 -10.65 -36.07
C ASN D 843 -22.81 -11.99 -35.36
N PRO D 844 -23.87 -12.76 -35.64
CA PRO D 844 -24.01 -14.06 -34.96
C PRO D 844 -23.07 -15.13 -35.46
N LYS D 845 -22.74 -15.15 -36.76
CA LYS D 845 -21.84 -16.15 -37.31
C LYS D 845 -20.36 -15.90 -37.02
N THR D 846 -19.95 -14.73 -36.54
CA THR D 846 -18.54 -14.53 -36.28
C THR D 846 -18.21 -14.10 -34.86
N ASP D 847 -18.90 -13.10 -34.32
CA ASP D 847 -18.63 -12.64 -32.96
C ASP D 847 -19.45 -13.51 -32.01
N LYS D 848 -18.80 -13.96 -30.94
CA LYS D 848 -19.46 -14.81 -29.96
C LYS D 848 -19.39 -14.21 -28.57
N LEU D 849 -19.73 -15.03 -27.58
CA LEU D 849 -19.73 -14.67 -26.17
C LEU D 849 -18.49 -15.17 -25.47
N VAL D 850 -18.03 -16.37 -25.84
CA VAL D 850 -16.84 -16.99 -25.28
C VAL D 850 -16.00 -17.41 -26.46
N ASN D 851 -14.98 -16.63 -26.77
CA ASN D 851 -14.08 -16.88 -27.88
C ASN D 851 -12.79 -17.45 -27.30
N GLU D 852 -11.72 -17.41 -28.07
CA GLU D 852 -10.45 -17.93 -27.59
C GLU D 852 -9.64 -16.87 -26.85
N ARG D 853 -9.93 -15.58 -27.09
CA ARG D 853 -9.23 -14.51 -26.41
C ARG D 853 -9.44 -14.61 -24.90
N LEU D 854 -10.67 -14.91 -24.49
CA LEU D 854 -10.97 -15.03 -23.07
C LEU D 854 -10.23 -16.23 -22.50
N ILE D 855 -10.21 -17.34 -23.23
CA ILE D 855 -9.51 -18.52 -22.75
C ILE D 855 -8.03 -18.20 -22.57
N SER D 856 -7.49 -17.38 -23.47
CA SER D 856 -6.08 -17.00 -23.37
C SER D 856 -5.84 -16.12 -22.15
N MET D 857 -6.87 -15.43 -21.68
CA MET D 857 -6.68 -14.58 -20.50
C MET D 857 -6.92 -15.32 -19.18
N ALA D 858 -8.13 -15.86 -19.00
CA ALA D 858 -8.47 -16.58 -17.77
C ALA D 858 -7.63 -17.84 -17.59
N TYR D 859 -7.70 -18.77 -18.55
CA TYR D 859 -6.94 -20.02 -18.44
C TYR D 859 -5.46 -19.84 -18.70
N GLY D 860 -5.08 -18.89 -19.53
CA GLY D 860 -3.68 -18.69 -19.85
C GLY D 860 -2.79 -17.76 -19.05
N GLN D 861 -3.28 -16.57 -18.66
CA GLN D 861 -2.44 -15.63 -17.93
C GLN D 861 -2.83 -15.36 -16.48
N ILE D 862 -4.01 -14.79 -16.21
CA ILE D 862 -4.40 -14.49 -14.82
C ILE D 862 -4.46 -15.76 -13.96
N GLY D 863 -5.14 -16.80 -14.45
CA GLY D 863 -5.23 -18.02 -13.67
C GLY D 863 -3.88 -18.63 -13.34
N MET D 864 -2.90 -18.46 -14.23
CA MET D 864 -1.57 -19.00 -13.98
C MET D 864 -0.94 -18.32 -12.78
N ILE D 865 -1.04 -16.99 -12.73
CA ILE D 865 -0.47 -16.23 -11.62
C ILE D 865 -1.16 -16.61 -10.33
N GLN D 866 -2.49 -16.78 -10.37
CA GLN D 866 -3.19 -17.15 -9.15
C GLN D 866 -2.73 -18.52 -8.65
N ALA D 867 -2.49 -19.45 -9.58
CA ALA D 867 -2.03 -20.77 -9.18
C ALA D 867 -0.63 -20.69 -8.56
N LEU D 868 0.22 -19.84 -9.13
CA LEU D 868 1.57 -19.70 -8.57
C LEU D 868 1.51 -19.14 -7.16
N GLY D 869 0.60 -18.17 -6.94
CA GLY D 869 0.49 -17.59 -5.60
C GLY D 869 0.04 -18.63 -4.60
N GLY D 870 -0.91 -19.48 -5.01
CA GLY D 870 -1.40 -20.52 -4.11
C GLY D 870 -0.28 -21.47 -3.75
N PHE D 871 0.51 -21.89 -4.75
CA PHE D 871 1.61 -22.80 -4.45
C PHE D 871 2.63 -22.13 -3.54
N PHE D 872 2.81 -20.81 -3.70
CA PHE D 872 3.75 -20.10 -2.84
C PHE D 872 3.33 -20.24 -1.39
N SER D 873 2.10 -19.82 -1.08
CA SER D 873 1.61 -19.93 0.30
C SER D 873 1.73 -21.36 0.80
N TYR D 874 1.51 -22.33 -0.09
CA TYR D 874 1.61 -23.74 0.26
C TYR D 874 3.01 -24.07 0.78
N PHE D 875 4.01 -23.91 -0.10
CA PHE D 875 5.39 -24.19 0.28
C PHE D 875 5.80 -23.41 1.52
N VAL D 876 5.26 -22.20 1.72
CA VAL D 876 5.63 -21.43 2.91
C VAL D 876 5.14 -22.13 4.17
N ILE D 877 3.87 -22.57 4.17
CA ILE D 877 3.31 -23.24 5.33
C ILE D 877 4.10 -24.50 5.64
N LEU D 878 4.43 -25.29 4.61
CA LEU D 878 5.20 -26.52 4.89
C LEU D 878 6.63 -26.24 5.31
N ALA D 879 7.27 -25.22 4.73
CA ALA D 879 8.65 -24.91 5.10
C ALA D 879 8.76 -24.38 6.53
N GLU D 880 7.73 -23.68 7.01
CA GLU D 880 7.81 -23.16 8.37
C GLU D 880 7.63 -24.26 9.42
N ASN D 881 6.90 -25.32 9.08
CA ASN D 881 6.69 -26.40 10.05
C ASN D 881 7.76 -27.48 10.02
N GLY D 882 8.70 -27.43 9.07
CA GLY D 882 9.73 -28.45 9.04
C GLY D 882 9.94 -29.22 7.76
N PHE D 883 9.04 -29.10 6.79
CA PHE D 883 9.15 -29.82 5.52
C PHE D 883 9.62 -28.87 4.42
N LEU D 884 10.93 -28.88 4.16
CA LEU D 884 11.52 -28.03 3.15
C LEU D 884 11.13 -28.52 1.75
N PRO D 885 11.18 -27.62 0.75
CA PRO D 885 10.81 -28.03 -0.63
C PRO D 885 11.62 -29.16 -1.23
N MET D 886 12.87 -29.39 -0.81
CA MET D 886 13.63 -30.48 -1.40
C MET D 886 13.15 -31.85 -0.94
N ASP D 887 12.63 -31.96 0.28
CA ASP D 887 12.16 -33.23 0.80
C ASP D 887 10.68 -33.53 0.50
N LEU D 888 9.95 -32.61 -0.14
CA LEU D 888 8.54 -32.89 -0.41
C LEU D 888 8.34 -33.74 -1.67
N ILE D 889 9.24 -33.66 -2.64
CA ILE D 889 9.12 -34.43 -3.88
C ILE D 889 9.38 -35.90 -3.60
N GLY D 890 8.35 -36.76 -3.79
CA GLY D 890 8.52 -38.17 -3.57
C GLY D 890 7.96 -38.73 -2.28
N LYS D 891 7.48 -37.86 -1.38
CA LYS D 891 6.94 -38.25 -0.08
C LYS D 891 5.49 -38.73 -0.07
N ARG D 892 4.66 -38.37 -1.06
CA ARG D 892 3.26 -38.79 -1.07
C ARG D 892 2.96 -40.23 -0.67
N VAL D 893 3.66 -41.22 -1.25
CA VAL D 893 3.40 -42.62 -0.89
C VAL D 893 3.41 -42.82 0.62
N ARG D 894 4.33 -42.18 1.32
CA ARG D 894 4.38 -42.32 2.76
C ARG D 894 3.59 -41.23 3.48
N TRP D 895 3.40 -40.08 2.82
CA TRP D 895 2.64 -39.00 3.43
C TRP D 895 1.18 -39.37 3.58
N ASP D 896 0.70 -40.27 2.72
CA ASP D 896 -0.68 -40.72 2.76
C ASP D 896 -0.84 -42.04 3.48
N ASP D 897 0.26 -42.78 3.64
CA ASP D 897 0.23 -44.07 4.33
C ASP D 897 -0.35 -43.89 5.72
N ARG D 898 -1.49 -44.54 5.97
CA ARG D 898 -2.15 -44.44 7.26
C ARG D 898 -1.49 -45.25 8.38
N TRP D 899 -0.50 -46.10 8.07
CA TRP D 899 0.14 -46.90 9.11
C TRP D 899 1.62 -46.54 9.35
N ILE D 900 2.09 -45.39 8.89
CA ILE D 900 3.48 -44.99 9.09
C ILE D 900 3.47 -43.86 10.10
N SER D 901 3.69 -44.18 11.38
CA SER D 901 3.70 -43.18 12.45
C SER D 901 5.09 -42.59 12.69
N ASP D 902 5.94 -42.55 11.66
CA ASP D 902 7.30 -41.98 11.81
C ASP D 902 7.80 -41.48 10.45
N VAL D 903 7.44 -40.24 10.12
CA VAL D 903 7.83 -39.63 8.87
C VAL D 903 8.85 -38.55 9.17
N GLU D 904 10.09 -38.79 8.76
CA GLU D 904 11.19 -37.85 8.97
C GLU D 904 11.06 -36.63 8.07
N ASP D 905 11.27 -35.45 8.65
CA ASP D 905 11.18 -34.22 7.89
C ASP D 905 12.60 -33.75 7.58
N SER D 906 12.73 -32.56 6.99
CA SER D 906 14.03 -32.01 6.64
C SER D 906 14.96 -31.81 7.84
N PHE D 907 14.43 -31.75 9.07
CA PHE D 907 15.27 -31.55 10.23
C PHE D 907 15.50 -32.81 11.06
N GLY D 908 14.82 -33.91 10.74
CA GLY D 908 14.98 -35.15 11.48
C GLY D 908 13.88 -35.48 12.46
N GLN D 909 12.84 -34.67 12.57
CA GLN D 909 11.75 -34.94 13.50
C GLN D 909 10.85 -36.03 12.95
N GLN D 910 10.19 -36.75 13.87
CA GLN D 910 9.28 -37.84 13.51
C GLN D 910 7.85 -37.36 13.69
N TRP D 911 7.07 -37.37 12.60
CA TRP D 911 5.68 -36.93 12.57
C TRP D 911 4.68 -38.07 12.40
N THR D 912 3.70 -38.15 13.30
CA THR D 912 2.70 -39.20 13.18
C THR D 912 1.78 -38.86 12.00
N TYR D 913 0.87 -39.78 11.67
CA TYR D 913 -0.03 -39.58 10.54
C TYR D 913 -0.99 -38.39 10.73
N GLU D 914 -1.73 -38.38 11.85
CA GLU D 914 -2.68 -37.28 12.07
C GLU D 914 -2.00 -35.93 12.19
N GLN D 915 -0.76 -35.90 12.70
CA GLN D 915 -0.06 -34.62 12.83
C GLN D 915 0.27 -34.03 11.47
N ARG D 916 0.74 -34.85 10.52
CA ARG D 916 1.03 -34.32 9.21
C ARG D 916 -0.25 -33.97 8.46
N LYS D 917 -1.34 -34.69 8.74
CA LYS D 917 -2.58 -34.39 8.06
C LYS D 917 -3.13 -33.04 8.51
N ILE D 918 -2.94 -32.69 9.78
CA ILE D 918 -3.43 -31.40 10.26
C ILE D 918 -2.73 -30.27 9.48
N VAL D 919 -1.44 -30.44 9.21
CA VAL D 919 -0.70 -29.42 8.48
C VAL D 919 -1.20 -29.34 7.05
N GLU D 920 -1.50 -30.50 6.43
CA GLU D 920 -1.99 -30.46 5.06
C GLU D 920 -3.31 -29.70 4.99
N PHE D 921 -4.16 -29.89 6.00
CA PHE D 921 -5.44 -29.19 6.01
C PHE D 921 -5.22 -27.70 6.20
N THR D 922 -4.26 -27.32 7.06
CA THR D 922 -4.02 -25.90 7.24
C THR D 922 -3.50 -25.31 5.93
N CYS D 923 -2.89 -26.16 5.08
CA CYS D 923 -2.38 -25.67 3.82
C CYS D 923 -3.52 -25.50 2.85
N HIS D 924 -4.62 -26.23 3.09
CA HIS D 924 -5.76 -26.08 2.20
C HIS D 924 -6.46 -24.77 2.54
N THR D 925 -6.56 -24.49 3.84
CA THR D 925 -7.19 -23.26 4.30
C THR D 925 -6.43 -22.05 3.75
N SER D 926 -5.10 -22.07 3.86
CA SER D 926 -4.35 -20.92 3.35
C SER D 926 -4.41 -20.86 1.83
N PHE D 927 -4.55 -21.99 1.15
CA PHE D 927 -4.64 -21.95 -0.31
C PHE D 927 -5.92 -21.25 -0.72
N PHE D 928 -7.01 -21.56 -0.02
CA PHE D 928 -8.31 -20.96 -0.29
C PHE D 928 -8.28 -19.46 -0.02
N ILE D 929 -7.56 -19.06 1.04
CA ILE D 929 -7.48 -17.63 1.34
C ILE D 929 -6.64 -16.93 0.29
N SER D 930 -5.63 -17.62 -0.25
CA SER D 930 -4.81 -17.02 -1.29
C SER D 930 -5.66 -16.79 -2.52
N ILE D 931 -6.57 -17.74 -2.79
CA ILE D 931 -7.47 -17.61 -3.92
C ILE D 931 -8.29 -16.34 -3.78
N VAL D 932 -8.83 -16.11 -2.59
CA VAL D 932 -9.63 -14.90 -2.38
C VAL D 932 -8.79 -13.64 -2.58
N VAL D 933 -7.55 -13.66 -2.07
CA VAL D 933 -6.67 -12.50 -2.23
C VAL D 933 -6.42 -12.18 -3.70
N VAL D 934 -6.16 -13.21 -4.51
CA VAL D 934 -5.93 -12.90 -5.92
C VAL D 934 -7.24 -12.58 -6.62
N GLN D 935 -8.36 -13.04 -6.08
CA GLN D 935 -9.63 -12.73 -6.72
C GLN D 935 -9.95 -11.27 -6.55
N TRP D 936 -9.35 -10.61 -5.55
CA TRP D 936 -9.61 -9.18 -5.38
C TRP D 936 -9.17 -8.44 -6.64
N ALA D 937 -7.91 -8.62 -7.02
CA ALA D 937 -7.38 -7.98 -8.21
C ALA D 937 -8.03 -8.53 -9.47
N ASP D 938 -8.58 -9.75 -9.41
CA ASP D 938 -9.21 -10.24 -10.63
C ASP D 938 -10.56 -9.57 -10.82
N LEU D 939 -11.28 -9.31 -9.73
CA LEU D 939 -12.57 -8.66 -9.84
C LEU D 939 -12.38 -7.21 -10.22
N ILE D 940 -11.23 -6.64 -9.89
CA ILE D 940 -10.99 -5.25 -10.25
C ILE D 940 -10.54 -5.14 -11.70
N ILE D 941 -9.76 -6.10 -12.18
CA ILE D 941 -9.33 -6.02 -13.57
C ILE D 941 -10.45 -6.50 -14.48
N CYS D 942 -11.45 -7.20 -13.93
CA CYS D 942 -12.57 -7.68 -14.71
C CYS D 942 -13.69 -6.67 -14.73
N LYS D 943 -13.64 -5.68 -13.83
CA LYS D 943 -14.67 -4.65 -13.78
C LYS D 943 -14.77 -3.93 -15.13
N THR D 944 -13.63 -3.56 -15.72
CA THR D 944 -13.57 -2.87 -17.00
C THR D 944 -12.81 -3.73 -18.01
N ARG D 945 -13.28 -3.72 -19.27
CA ARG D 945 -12.64 -4.50 -20.31
C ARG D 945 -11.61 -3.70 -21.10
N ARG D 946 -11.82 -2.39 -21.27
CA ARG D 946 -10.87 -1.56 -22.01
C ARG D 946 -10.40 -0.38 -21.18
N ASN D 947 -11.36 0.45 -20.74
CA ASN D 947 -11.09 1.64 -19.92
C ASN D 947 -10.27 1.34 -18.67
N SER D 948 -9.75 2.39 -18.04
CA SER D 948 -8.95 2.28 -16.84
C SER D 948 -9.82 2.44 -15.60
N ILE D 949 -9.28 2.00 -14.46
CA ILE D 949 -10.03 2.11 -13.21
C ILE D 949 -10.10 3.58 -12.77
N PHE D 950 -9.06 4.36 -13.02
CA PHE D 950 -9.07 5.76 -12.63
C PHE D 950 -9.97 6.61 -13.51
N GLN D 951 -10.62 6.01 -14.51
CA GLN D 951 -11.53 6.72 -15.40
C GLN D 951 -12.96 6.35 -15.02
N GLN D 952 -13.35 5.09 -15.25
CA GLN D 952 -14.68 4.60 -14.92
C GLN D 952 -15.00 4.99 -13.49
N GLY D 953 -14.31 4.38 -12.53
CA GLY D 953 -14.49 4.66 -11.13
C GLY D 953 -15.17 3.52 -10.39
N MET D 954 -14.91 3.48 -9.08
CA MET D 954 -15.49 2.46 -8.19
C MET D 954 -16.79 2.96 -7.58
N LYS D 955 -17.74 3.25 -8.46
CA LYS D 955 -19.04 3.74 -8.05
C LYS D 955 -20.03 2.61 -7.82
N ASN D 956 -19.64 1.38 -8.15
CA ASN D 956 -20.48 0.19 -7.99
C ASN D 956 -20.38 -0.24 -6.53
N LYS D 957 -21.41 0.07 -5.74
CA LYS D 957 -21.42 -0.30 -4.33
C LYS D 957 -21.51 -1.81 -4.12
N ILE D 958 -22.17 -2.52 -5.04
CA ILE D 958 -22.31 -3.97 -4.90
C ILE D 958 -20.94 -4.65 -4.96
N LEU D 959 -20.07 -4.21 -5.88
CA LEU D 959 -18.75 -4.82 -5.97
C LEU D 959 -17.95 -4.63 -4.68
N ILE D 960 -18.05 -3.44 -4.09
CA ILE D 960 -17.34 -3.17 -2.84
C ILE D 960 -17.86 -4.09 -1.75
N PHE D 961 -19.18 -4.27 -1.71
CA PHE D 961 -19.78 -5.15 -0.72
C PHE D 961 -19.35 -6.58 -0.96
N GLY D 962 -19.14 -6.93 -2.24
CA GLY D 962 -18.72 -8.28 -2.56
C GLY D 962 -17.34 -8.55 -2.01
N LEU D 963 -16.42 -7.60 -2.18
CA LEU D 963 -15.06 -7.78 -1.66
C LEU D 963 -15.08 -7.93 -0.14
N PHE D 964 -15.80 -7.03 0.55
CA PHE D 964 -15.86 -7.09 2.00
C PHE D 964 -16.44 -8.42 2.49
N GLU D 965 -17.55 -8.86 1.89
CA GLU D 965 -18.16 -10.12 2.31
C GLU D 965 -17.26 -11.31 1.98
N GLU D 966 -16.61 -11.26 0.81
CA GLU D 966 -15.71 -12.33 0.40
C GLU D 966 -14.60 -12.53 1.42
N THR D 967 -14.13 -11.44 2.03
CA THR D 967 -13.07 -11.58 3.03
C THR D 967 -13.63 -12.06 4.37
N ALA D 968 -14.78 -11.50 4.77
CA ALA D 968 -15.38 -11.89 6.04
C ALA D 968 -15.72 -13.37 6.07
N LEU D 969 -16.17 -13.92 4.93
CA LEU D 969 -16.52 -15.35 4.90
C LEU D 969 -15.30 -16.23 5.10
N ALA D 970 -14.17 -15.88 4.47
CA ALA D 970 -12.97 -16.70 4.62
C ALA D 970 -12.48 -16.67 6.06
N ALA D 971 -12.54 -15.48 6.68
CA ALA D 971 -12.08 -15.39 8.07
C ALA D 971 -13.01 -16.18 8.98
N PHE D 972 -14.32 -16.14 8.69
CA PHE D 972 -15.27 -16.88 9.50
C PHE D 972 -15.06 -18.39 9.38
N LEU D 973 -14.87 -18.87 8.15
CA LEU D 973 -14.67 -20.31 7.97
C LEU D 973 -13.39 -20.79 8.63
N SER D 974 -12.40 -19.91 8.77
CA SER D 974 -11.18 -20.43 9.42
C SER D 974 -11.16 -20.30 10.94
N TYR D 975 -11.54 -19.13 11.48
CA TYR D 975 -11.53 -18.88 12.92
C TYR D 975 -12.70 -19.41 13.75
N CYS D 976 -13.81 -19.84 13.15
CA CYS D 976 -14.91 -20.32 14.01
C CYS D 976 -14.62 -21.69 14.63
N PRO D 977 -14.84 -21.84 15.93
CA PRO D 977 -14.60 -23.13 16.60
C PRO D 977 -15.43 -24.25 16.00
N GLY D 978 -14.86 -25.45 16.00
CA GLY D 978 -15.55 -26.60 15.46
C GLY D 978 -15.56 -26.70 13.96
N THR D 979 -14.69 -25.97 13.27
CA THR D 979 -14.67 -26.05 11.82
C THR D 979 -13.73 -27.16 11.38
N ASP D 980 -13.07 -27.80 12.34
CA ASP D 980 -12.16 -28.90 12.08
C ASP D 980 -12.89 -30.22 12.13
N VAL D 981 -14.16 -30.18 12.53
CA VAL D 981 -15.04 -31.32 12.64
C VAL D 981 -15.99 -31.33 11.45
N ALA D 982 -16.28 -30.14 10.91
CA ALA D 982 -17.19 -30.04 9.77
C ALA D 982 -16.53 -29.89 8.41
N LEU D 983 -15.82 -28.79 8.17
CA LEU D 983 -15.17 -28.54 6.88
C LEU D 983 -13.69 -28.87 6.83
N ARG D 984 -13.04 -29.18 7.95
CA ARG D 984 -11.61 -29.50 7.96
C ARG D 984 -10.77 -28.27 7.60
N MET D 985 -10.94 -27.19 8.35
CA MET D 985 -10.19 -25.94 8.12
C MET D 985 -9.70 -25.44 9.47
N TYR D 986 -8.36 -25.39 9.63
CA TYR D 986 -7.71 -24.95 10.85
C TYR D 986 -7.33 -23.48 10.80
N PRO D 987 -7.17 -22.85 11.96
CA PRO D 987 -6.80 -21.43 12.00
C PRO D 987 -5.42 -21.16 11.43
N LEU D 988 -5.24 -19.96 10.91
CA LEU D 988 -4.00 -19.52 10.31
C LEU D 988 -3.29 -18.51 11.20
N LYS D 989 -1.99 -18.48 11.09
CA LYS D 989 -1.13 -17.59 11.85
C LYS D 989 -1.01 -16.28 11.07
N PRO D 990 -1.29 -15.14 11.70
CA PRO D 990 -1.23 -13.83 11.03
C PRO D 990 -0.12 -13.52 10.03
N SER D 991 0.96 -14.28 9.98
CA SER D 991 1.99 -13.94 9.00
C SER D 991 1.76 -14.59 7.65
N TRP D 992 0.94 -15.63 7.61
CA TRP D 992 0.64 -16.33 6.35
C TRP D 992 -0.27 -15.51 5.43
N TRP D 993 -1.35 -14.93 5.97
CA TRP D 993 -2.27 -14.12 5.17
C TRP D 993 -1.65 -13.13 4.19
N PHE D 994 -0.36 -12.84 4.33
CA PHE D 994 0.34 -11.90 3.45
C PHE D 994 1.19 -12.56 2.38
N CYS D 995 1.02 -13.86 2.13
CA CYS D 995 1.83 -14.51 1.11
C CYS D 995 1.30 -14.34 -0.31
N ALA D 996 0.03 -13.96 -0.47
CA ALA D 996 -0.57 -13.77 -1.79
C ALA D 996 -0.64 -12.31 -2.25
N PHE D 997 -0.37 -11.35 -1.37
CA PHE D 997 -0.43 -9.93 -1.72
C PHE D 997 0.42 -9.52 -2.93
N PRO D 998 1.71 -9.90 -3.04
CA PRO D 998 2.47 -9.46 -4.22
C PRO D 998 1.91 -9.96 -5.53
N TYR D 999 1.41 -11.19 -5.57
CA TYR D 999 0.84 -11.73 -6.79
C TYR D 999 -0.37 -10.90 -7.21
N SER D 1000 -1.19 -10.50 -6.24
CA SER D 1000 -2.37 -9.71 -6.54
C SER D 1000 -1.99 -8.36 -7.12
N LEU D 1001 -1.04 -7.66 -6.48
CA LEU D 1001 -0.66 -6.36 -7.04
C LEU D 1001 -0.08 -6.53 -8.44
N ILE D 1002 0.68 -7.61 -8.65
CA ILE D 1002 1.26 -7.83 -9.98
C ILE D 1002 0.16 -8.04 -11.00
N ILE D 1003 -0.89 -8.78 -10.63
CA ILE D 1003 -2.00 -9.02 -11.56
C ILE D 1003 -2.63 -7.69 -11.94
N PHE D 1004 -2.78 -6.81 -10.95
CA PHE D 1004 -3.37 -5.50 -11.19
C PHE D 1004 -2.51 -4.66 -12.13
N LEU D 1005 -1.20 -4.65 -11.92
CA LEU D 1005 -0.32 -3.87 -12.78
C LEU D 1005 -0.27 -4.43 -14.20
N TYR D 1006 -0.23 -5.75 -14.33
CA TYR D 1006 -0.19 -6.36 -15.65
C TYR D 1006 -1.44 -6.02 -16.45
N ASP D 1007 -2.62 -6.24 -15.86
CA ASP D 1007 -3.83 -5.91 -16.59
C ASP D 1007 -3.96 -4.42 -16.84
N GLU D 1008 -3.41 -3.58 -15.94
CA GLU D 1008 -3.51 -2.15 -16.17
C GLU D 1008 -2.70 -1.76 -17.40
N MET D 1009 -1.49 -2.28 -17.53
CA MET D 1009 -0.71 -1.94 -18.71
C MET D 1009 -1.31 -2.59 -19.95
N ARG D 1010 -2.02 -3.71 -19.76
CA ARG D 1010 -2.65 -4.38 -20.88
C ARG D 1010 -3.72 -3.49 -21.49
N ARG D 1011 -4.63 -2.99 -20.65
CA ARG D 1011 -5.74 -2.11 -21.02
C ARG D 1011 -5.28 -0.72 -21.41
N PHE D 1012 -3.99 -0.55 -21.68
CA PHE D 1012 -3.40 0.72 -22.05
C PHE D 1012 -2.92 0.75 -23.49
N ILE D 1013 -2.25 -0.33 -23.93
CA ILE D 1013 -1.76 -0.38 -25.29
C ILE D 1013 -2.96 -0.51 -26.21
N ILE D 1014 -4.04 -1.10 -25.72
CA ILE D 1014 -5.25 -1.26 -26.53
C ILE D 1014 -5.80 0.11 -26.85
N ARG D 1015 -5.76 1.02 -25.88
CA ARG D 1015 -6.27 2.37 -26.07
C ARG D 1015 -5.34 3.17 -26.99
N ARG D 1016 -4.03 2.97 -26.87
CA ARG D 1016 -3.12 3.72 -27.73
C ARG D 1016 -2.94 3.10 -29.11
N SER D 1017 -2.91 1.78 -29.22
CA SER D 1017 -2.73 1.09 -30.50
C SER D 1017 -4.01 0.36 -30.92
N PRO D 1018 -4.93 1.03 -31.62
CA PRO D 1018 -6.17 0.37 -32.05
C PRO D 1018 -5.94 -0.52 -33.27
N GLY D 1019 -6.33 -1.79 -33.14
CA GLY D 1019 -6.18 -2.76 -34.20
C GLY D 1019 -4.89 -3.55 -34.15
N GLY D 1020 -4.04 -3.28 -33.17
CA GLY D 1020 -2.77 -3.98 -33.03
C GLY D 1020 -2.80 -5.39 -32.51
N TRP D 1021 -1.67 -5.82 -31.96
CA TRP D 1021 -1.51 -7.16 -31.41
C TRP D 1021 -2.27 -7.38 -30.11
N VAL D 1022 -2.11 -6.47 -29.14
CA VAL D 1022 -2.80 -6.64 -27.87
C VAL D 1022 -4.31 -6.65 -28.04
N GLU D 1023 -4.83 -6.00 -29.09
CA GLU D 1023 -6.28 -6.00 -29.29
C GLU D 1023 -6.76 -7.28 -29.95
N GLN D 1024 -6.15 -7.70 -31.06
CA GLN D 1024 -6.62 -8.92 -31.68
C GLN D 1024 -6.14 -10.18 -30.95
N GLU D 1025 -5.45 -10.03 -29.83
CA GLU D 1025 -4.98 -11.18 -29.08
C GLU D 1025 -5.58 -11.28 -27.69
N THR D 1026 -5.76 -10.15 -26.99
CA THR D 1026 -6.33 -10.14 -25.64
C THR D 1026 -7.64 -9.38 -25.44
N TYR D 1027 -8.23 -8.78 -26.48
CA TYR D 1027 -9.47 -8.00 -26.30
C TYR D 1027 -10.78 -8.81 -26.37
N TYR D 1028 -10.95 -9.69 -25.38
CA TYR D 1028 -12.16 -10.53 -25.23
C TYR D 1028 -13.03 -10.79 -26.46
N GLY E 12 -15.77 -27.07 -43.53
CA GLY E 12 -15.62 -26.99 -42.09
C GLY E 12 -14.55 -27.90 -41.54
N TRP E 13 -14.92 -29.18 -41.36
CA TRP E 13 -14.01 -30.20 -40.84
C TRP E 13 -12.63 -30.14 -41.47
N LYS E 14 -12.57 -30.16 -42.81
CA LYS E 14 -11.30 -30.13 -43.54
C LYS E 14 -10.67 -28.74 -43.60
N LYS E 15 -11.45 -27.72 -43.95
CA LYS E 15 -10.91 -26.36 -44.06
C LYS E 15 -10.29 -25.86 -42.76
N PHE E 16 -11.06 -25.80 -41.67
CA PHE E 16 -10.49 -25.32 -40.41
C PHE E 16 -9.25 -26.08 -39.94
N LEU E 17 -8.82 -27.07 -40.72
CA LEU E 17 -7.65 -27.87 -40.42
C LEU E 17 -6.48 -27.50 -41.31
N TRP E 18 -6.75 -27.24 -42.59
CA TRP E 18 -5.72 -26.87 -43.54
C TRP E 18 -6.29 -26.39 -44.87
N ASP E 19 -6.11 -25.11 -45.16
CA ASP E 19 -6.57 -24.50 -46.39
C ASP E 19 -5.29 -24.18 -47.16
N SER E 20 -5.37 -24.14 -48.50
CA SER E 20 -4.15 -23.86 -49.24
C SER E 20 -4.12 -22.51 -49.94
N GLU E 21 -5.05 -21.60 -49.64
CA GLU E 21 -4.98 -20.31 -50.30
C GLU E 21 -4.29 -19.32 -49.38
N LYS E 22 -4.72 -19.27 -48.12
CA LYS E 22 -4.14 -18.40 -47.11
C LYS E 22 -2.98 -19.08 -46.38
N LYS E 23 -2.68 -20.34 -46.72
CA LYS E 23 -1.61 -21.12 -46.09
C LYS E 23 -1.74 -21.11 -44.57
N GLU E 24 -2.94 -21.43 -44.10
CA GLU E 24 -3.27 -21.47 -42.68
C GLU E 24 -3.42 -22.89 -42.14
N PHE E 25 -2.99 -23.08 -40.89
CA PHE E 25 -3.07 -24.36 -40.19
C PHE E 25 -3.84 -24.10 -38.90
N LEU E 26 -4.96 -24.80 -38.72
CA LEU E 26 -5.81 -24.68 -37.54
C LEU E 26 -6.48 -23.31 -37.41
N GLY E 27 -6.06 -22.35 -38.22
CA GLY E 27 -6.65 -21.03 -38.14
C GLY E 27 -5.71 -19.86 -38.37
N ARG E 28 -4.43 -20.02 -38.05
CA ARG E 28 -3.45 -18.96 -38.24
C ARG E 28 -2.35 -19.41 -39.21
N THR E 29 -1.45 -18.48 -39.52
CA THR E 29 -0.34 -18.73 -40.42
C THR E 29 0.88 -19.07 -39.56
N GLY E 30 2.04 -19.23 -40.19
CA GLY E 30 3.23 -19.55 -39.42
C GLY E 30 3.71 -18.41 -38.53
N SER E 31 3.44 -17.16 -38.94
CA SER E 31 3.89 -16.04 -38.14
C SER E 31 3.00 -15.79 -36.94
N SER E 32 1.76 -16.28 -36.98
CA SER E 32 0.91 -16.06 -35.81
C SER E 32 1.31 -17.07 -34.75
N TRP E 33 1.35 -18.36 -35.12
CA TRP E 33 1.77 -19.37 -34.17
C TRP E 33 3.11 -18.99 -33.56
N PHE E 34 3.97 -18.34 -34.36
CA PHE E 34 5.28 -17.96 -33.82
C PHE E 34 5.19 -16.78 -32.86
N LYS E 35 4.30 -15.82 -33.13
CA LYS E 35 4.23 -14.69 -32.20
C LYS E 35 3.57 -15.13 -30.90
N ILE E 36 2.52 -15.95 -30.98
CA ILE E 36 1.86 -16.42 -29.77
C ILE E 36 2.81 -17.28 -28.94
N PHE E 37 3.53 -18.19 -29.60
CA PHE E 37 4.47 -19.05 -28.87
C PHE E 37 5.56 -18.23 -28.20
N LEU E 38 6.11 -17.24 -28.92
CA LEU E 38 7.16 -16.42 -28.32
C LEU E 38 6.64 -15.64 -27.12
N PHE E 39 5.41 -15.10 -27.24
CA PHE E 39 4.84 -14.35 -26.13
C PHE E 39 4.67 -15.24 -24.91
N TYR E 40 4.07 -16.42 -25.10
CA TYR E 40 3.87 -17.31 -23.96
C TYR E 40 5.19 -17.76 -23.36
N LEU E 41 6.22 -17.94 -24.20
CA LEU E 41 7.51 -18.36 -23.64
C LEU E 41 8.09 -17.27 -22.75
N ILE E 42 8.03 -16.01 -23.21
CA ILE E 42 8.58 -14.92 -22.40
C ILE E 42 7.75 -14.72 -21.13
N PHE E 43 6.43 -14.77 -21.26
CA PHE E 43 5.53 -14.59 -20.12
C PHE E 43 5.78 -15.65 -19.06
N TYR E 44 5.72 -16.92 -19.46
CA TYR E 44 5.96 -18.01 -18.52
C TYR E 44 7.37 -17.97 -17.95
N GLY E 45 8.34 -17.49 -18.73
CA GLY E 45 9.70 -17.41 -18.21
C GLY E 45 9.77 -16.41 -17.08
N CYS E 46 9.11 -15.26 -17.26
CA CYS E 46 9.10 -14.25 -16.21
C CYS E 46 8.39 -14.78 -14.98
N LEU E 47 7.29 -15.51 -15.20
CA LEU E 47 6.54 -16.09 -14.09
C LEU E 47 7.42 -17.02 -13.27
N ALA E 48 8.19 -17.87 -13.97
CA ALA E 48 9.07 -18.81 -13.29
C ALA E 48 10.16 -18.08 -12.51
N GLY E 49 10.78 -17.06 -13.12
CA GLY E 49 11.83 -16.34 -12.42
C GLY E 49 11.31 -15.63 -11.18
N ILE E 50 10.09 -15.10 -11.25
CA ILE E 50 9.54 -14.41 -10.09
C ILE E 50 9.26 -15.40 -8.97
N PHE E 51 8.65 -16.54 -9.31
CA PHE E 51 8.36 -17.54 -8.28
C PHE E 51 9.65 -18.02 -7.63
N ILE E 52 10.70 -18.20 -8.43
CA ILE E 52 11.98 -18.67 -7.88
C ILE E 52 12.57 -17.61 -6.95
N GLY E 53 12.49 -16.33 -7.32
CA GLY E 53 13.04 -15.31 -6.43
C GLY E 53 12.30 -15.26 -5.10
N THR E 54 10.96 -15.36 -5.16
CA THR E 54 10.18 -15.34 -3.94
C THR E 54 10.41 -16.58 -3.10
N ILE E 55 10.97 -17.64 -3.69
CA ILE E 55 11.21 -18.84 -2.91
C ILE E 55 12.61 -18.76 -2.31
N GLN E 56 13.53 -18.03 -2.98
CA GLN E 56 14.87 -17.89 -2.45
C GLN E 56 14.84 -17.03 -1.20
N VAL E 57 14.03 -15.96 -1.23
CA VAL E 57 13.97 -15.13 -0.03
C VAL E 57 13.43 -15.97 1.12
N LEU E 58 12.64 -16.99 0.79
CA LEU E 58 12.08 -17.87 1.82
C LEU E 58 13.17 -18.77 2.36
N LEU E 59 14.11 -19.18 1.51
CA LEU E 59 15.18 -20.02 2.03
C LEU E 59 16.05 -19.19 2.95
N LEU E 60 16.10 -17.88 2.72
CA LEU E 60 16.88 -17.01 3.57
C LEU E 60 16.16 -16.70 4.88
N THR E 61 14.83 -16.86 4.93
CA THR E 61 14.04 -16.59 6.13
C THR E 61 13.99 -17.72 7.17
N LEU E 62 14.57 -18.89 6.93
CA LEU E 62 14.52 -19.98 7.90
C LEU E 62 15.89 -20.41 8.40
N SER E 63 15.89 -20.99 9.60
CA SER E 63 17.12 -21.46 10.25
C SER E 63 17.33 -22.95 9.98
N ASP E 64 18.60 -23.33 9.87
CA ASP E 64 19.01 -24.71 9.60
C ASP E 64 19.11 -25.60 10.83
N PHE E 65 19.10 -25.05 12.04
CA PHE E 65 19.22 -25.87 13.24
C PHE E 65 17.94 -25.98 14.05
N GLU E 66 16.83 -25.40 13.61
CA GLU E 66 15.62 -25.50 14.40
C GLU E 66 14.34 -25.14 13.66
N PRO E 67 13.27 -25.92 13.85
CA PRO E 67 12.00 -25.59 13.16
C PRO E 67 11.34 -24.44 13.91
N LYS E 68 10.94 -23.41 13.17
CA LYS E 68 10.30 -22.25 13.77
C LYS E 68 9.05 -22.61 14.58
N TYR E 69 8.19 -23.46 14.03
CA TYR E 69 6.96 -23.87 14.72
C TYR E 69 7.05 -25.33 15.15
N GLN E 70 6.89 -25.58 16.44
CA GLN E 70 6.94 -26.92 17.00
C GLN E 70 5.69 -27.24 17.81
N ASP E 71 4.53 -26.73 17.40
CA ASP E 71 3.31 -27.00 18.15
C ASP E 71 2.50 -28.17 17.60
N ARG E 72 2.70 -28.55 16.33
CA ARG E 72 1.95 -29.66 15.78
C ARG E 72 2.57 -31.00 16.17
N VAL E 73 3.68 -30.98 16.90
CA VAL E 73 4.38 -32.18 17.35
C VAL E 73 4.72 -32.07 18.84
N ALA E 74 3.87 -31.39 19.63
CA ALA E 74 4.18 -31.28 21.05
C ALA E 74 4.00 -32.60 21.78
N PRO E 75 2.83 -33.25 21.78
CA PRO E 75 2.74 -34.55 22.49
C PRO E 75 3.31 -35.65 21.61
N PRO E 76 4.45 -36.23 22.00
CA PRO E 76 5.07 -37.29 21.17
C PRO E 76 4.23 -38.55 21.03
N GLY E 77 4.47 -39.21 19.89
CA GLY E 77 3.81 -40.45 19.53
C GLY E 77 4.50 -41.65 20.15
N LEU E 78 3.95 -42.83 19.85
CA LEU E 78 4.46 -44.11 20.34
C LEU E 78 4.34 -45.12 19.22
N SER E 79 5.42 -45.34 18.47
CA SER E 79 5.35 -46.30 17.39
C SER E 79 6.03 -47.61 17.79
N HIS E 80 5.98 -48.59 16.91
CA HIS E 80 6.58 -49.89 17.16
C HIS E 80 7.37 -50.36 15.95
N ALA E 81 8.07 -51.49 16.12
CA ALA E 81 8.90 -52.10 15.09
C ALA E 81 8.14 -52.88 14.01
N PRO E 82 7.15 -53.72 14.34
CA PRO E 82 6.45 -54.44 13.28
C PRO E 82 5.57 -53.49 12.49
N TYR E 83 5.39 -53.81 11.21
CA TYR E 83 4.57 -52.99 10.32
C TYR E 83 3.27 -53.76 10.12
N ALA E 84 2.24 -53.32 10.83
CA ALA E 84 0.92 -53.93 10.76
C ALA E 84 0.07 -53.08 9.83
N ILE E 85 -0.69 -53.73 8.95
CA ILE E 85 -1.53 -52.98 8.01
C ILE E 85 -2.68 -52.32 8.74
N LYS E 86 -3.36 -53.06 9.61
CA LYS E 86 -4.49 -52.52 10.36
C LYS E 86 -4.25 -52.65 11.86
N THR E 87 -2.98 -52.55 12.26
CA THR E 87 -2.57 -52.66 13.66
C THR E 87 -2.92 -54.04 14.18
N GLU E 88 -2.71 -55.05 13.33
CA GLU E 88 -3.00 -56.44 13.66
C GLU E 88 -1.79 -57.31 13.31
N ILE E 89 -1.47 -58.23 14.21
CA ILE E 89 -0.36 -59.16 14.05
C ILE E 89 -0.98 -60.55 14.05
N SER E 90 -1.16 -61.13 12.87
CA SER E 90 -1.75 -62.45 12.71
C SER E 90 -0.80 -63.35 11.93
N PHE E 91 -0.39 -64.47 12.52
CA PHE E 91 0.51 -65.37 11.84
C PHE E 91 0.41 -66.78 12.41
N SER E 92 0.63 -67.76 11.53
CA SER E 92 0.59 -69.18 11.86
C SER E 92 1.95 -69.66 12.37
N ILE E 93 1.95 -70.47 13.43
CA ILE E 93 3.21 -70.97 13.98
C ILE E 93 3.78 -72.10 13.13
N SER E 94 3.05 -72.57 12.13
CA SER E 94 3.54 -73.65 11.28
C SER E 94 4.12 -73.11 9.97
N ASN E 95 3.29 -72.43 9.18
CA ASN E 95 3.70 -71.84 7.90
C ASN E 95 4.73 -70.75 8.12
N PRO E 96 5.97 -70.94 7.67
CA PRO E 96 6.99 -69.90 7.86
C PRO E 96 6.75 -68.64 7.03
N LYS E 97 6.16 -68.77 5.84
CA LYS E 97 5.89 -67.64 4.97
C LYS E 97 4.72 -66.78 5.46
N SER E 98 4.47 -66.79 6.77
CA SER E 98 3.38 -66.02 7.35
C SER E 98 3.88 -64.83 8.15
N TYR E 99 5.01 -64.96 8.85
CA TYR E 99 5.57 -63.87 9.63
C TYR E 99 6.81 -63.27 8.98
N GLU E 100 6.98 -63.45 7.67
CA GLU E 100 8.16 -62.91 6.99
C GLU E 100 8.07 -61.39 6.85
N SER E 101 6.90 -60.87 6.51
CA SER E 101 6.73 -59.43 6.36
C SER E 101 7.02 -58.70 7.66
N PHE E 102 6.81 -59.37 8.79
CA PHE E 102 7.06 -58.78 10.10
C PHE E 102 8.55 -58.77 10.41
N VAL E 103 9.18 -59.95 10.37
CA VAL E 103 10.61 -60.06 10.66
C VAL E 103 11.42 -59.13 9.77
N LYS E 104 11.10 -59.05 8.48
CA LYS E 104 11.87 -58.15 7.61
C LYS E 104 11.86 -56.72 8.14
N SER E 105 10.79 -56.33 8.83
CA SER E 105 10.71 -54.98 9.38
C SER E 105 11.52 -54.92 10.66
N MET E 106 11.12 -55.73 11.66
CA MET E 106 11.84 -55.78 12.93
C MET E 106 13.34 -55.66 12.66
N HIS E 107 13.81 -56.53 11.75
CA HIS E 107 15.21 -56.55 11.35
C HIS E 107 15.64 -55.20 10.80
N LYS E 108 14.82 -54.59 9.93
CA LYS E 108 15.18 -53.29 9.39
C LYS E 108 15.43 -52.27 10.49
N LEU E 109 14.62 -52.32 11.56
CA LEU E 109 14.78 -51.39 12.67
C LEU E 109 16.02 -51.67 13.49
N MET E 110 16.20 -52.92 13.93
CA MET E 110 17.37 -53.26 14.74
C MET E 110 18.68 -53.20 13.98
N ASP E 111 18.65 -53.33 12.65
CA ASP E 111 19.85 -53.29 11.83
C ASP E 111 20.60 -51.96 11.93
N LEU E 112 20.02 -50.95 12.57
CA LEU E 112 20.65 -49.65 12.71
C LEU E 112 21.40 -49.49 14.03
N TYR E 113 21.24 -50.43 14.96
CA TYR E 113 21.90 -50.40 16.25
C TYR E 113 23.11 -51.34 16.30
N ASN E 114 23.56 -51.80 15.14
CA ASN E 114 24.70 -52.71 15.05
C ASN E 114 25.91 -52.06 15.70
N GLU E 115 26.68 -52.85 16.46
CA GLU E 115 27.87 -52.30 17.12
C GLU E 115 28.89 -51.77 16.12
N SER E 116 29.03 -52.43 14.96
CA SER E 116 29.99 -51.96 13.96
C SER E 116 29.74 -50.51 13.61
N SER E 117 28.48 -50.09 13.61
CA SER E 117 28.14 -48.70 13.30
C SER E 117 28.60 -47.78 14.41
N GLN E 118 28.40 -48.19 15.66
CA GLN E 118 28.78 -47.44 16.86
C GLN E 118 30.21 -47.79 17.24
N ALA E 119 31.18 -46.99 16.78
CA ALA E 119 32.56 -47.31 17.12
C ALA E 119 33.41 -46.06 17.17
N GLY E 120 34.43 -46.10 18.03
CA GLY E 120 35.35 -45.00 18.20
C GLY E 120 34.86 -43.99 19.21
N ASN E 121 35.62 -42.90 19.33
CA ASN E 121 35.24 -41.84 20.25
C ASN E 121 34.29 -40.90 19.56
N SER E 122 34.46 -40.72 18.27
CA SER E 122 33.62 -39.87 17.48
C SER E 122 32.72 -40.75 16.62
N PRO E 123 31.42 -40.48 16.58
CA PRO E 123 30.92 -39.38 17.39
C PRO E 123 30.22 -39.92 18.64
N PHE E 124 30.38 -41.24 18.88
CA PHE E 124 29.76 -41.92 20.02
C PHE E 124 30.51 -41.81 21.33
N GLU E 125 29.74 -41.79 22.43
CA GLU E 125 30.26 -41.69 23.78
C GLU E 125 29.59 -42.70 24.71
N ASP E 126 30.39 -43.36 25.53
CA ASP E 126 29.88 -44.36 26.48
C ASP E 126 29.12 -43.65 27.61
N CYS E 127 27.88 -44.05 27.83
CA CYS E 127 27.07 -43.44 28.87
C CYS E 127 26.71 -44.49 29.93
N SER E 128 26.23 -43.98 31.08
CA SER E 128 25.83 -44.77 32.24
C SER E 128 25.04 -46.02 31.86
N ASP E 129 25.50 -47.18 32.33
CA ASP E 129 24.81 -48.43 32.02
C ASP E 129 23.47 -48.53 32.74
N THR E 130 23.22 -47.65 33.69
CA THR E 130 22.01 -47.54 34.49
C THR E 130 21.36 -46.20 34.15
N PRO E 131 20.02 -46.14 34.11
CA PRO E 131 19.35 -44.86 33.79
C PRO E 131 19.95 -43.67 34.53
N ALA E 132 20.04 -42.53 33.87
CA ALA E 132 20.60 -41.33 34.47
C ALA E 132 19.75 -40.12 34.07
N ASP E 133 20.27 -38.93 34.35
CA ASP E 133 19.58 -37.70 34.04
C ASP E 133 19.92 -37.17 32.64
N TYR E 134 19.35 -36.01 32.33
CA TYR E 134 19.55 -35.33 31.06
C TYR E 134 21.02 -34.98 30.88
N ILE E 135 21.36 -34.63 29.65
CA ILE E 135 22.72 -34.24 29.31
C ILE E 135 22.57 -33.14 28.26
N LYS E 136 23.11 -31.97 28.55
CA LYS E 136 23.04 -30.83 27.65
C LYS E 136 24.41 -30.60 27.02
N ARG E 137 24.48 -30.76 25.70
CA ARG E 137 25.73 -30.57 24.97
C ARG E 137 25.82 -29.16 24.41
N GLY E 138 25.31 -28.21 25.17
CA GLY E 138 25.32 -26.81 24.80
C GLY E 138 24.02 -26.39 24.15
N ASP E 139 24.09 -25.29 23.42
CA ASP E 139 22.94 -24.75 22.72
C ASP E 139 22.78 -25.42 21.36
N LEU E 140 21.91 -24.85 20.52
CA LEU E 140 21.66 -25.37 19.19
C LEU E 140 22.43 -24.49 18.20
N ASP E 141 23.75 -24.59 18.28
CA ASP E 141 24.63 -23.82 17.42
C ASP E 141 25.66 -24.71 16.74
N ASP E 142 26.45 -24.07 15.89
CA ASP E 142 27.52 -24.69 15.13
C ASP E 142 28.88 -24.35 15.71
N SER E 143 28.91 -23.59 16.82
CA SER E 143 30.15 -23.20 17.49
C SER E 143 30.90 -24.50 17.73
N GLN E 144 30.40 -25.33 18.63
CA GLN E 144 31.09 -26.59 18.86
C GLN E 144 30.71 -27.47 17.68
N GLY E 145 31.62 -28.34 17.27
CA GLY E 145 31.29 -29.19 16.14
C GLY E 145 30.15 -30.15 16.42
N GLN E 146 30.02 -31.16 15.57
CA GLN E 146 28.98 -32.17 15.71
C GLN E 146 28.90 -32.69 17.15
N LYS E 147 27.74 -32.51 17.78
CA LYS E 147 27.57 -32.97 19.15
C LYS E 147 27.79 -34.48 19.23
N LYS E 148 27.71 -35.05 20.43
CA LYS E 148 27.91 -36.47 20.64
C LYS E 148 26.67 -37.13 21.23
N ALA E 149 26.29 -38.28 20.71
CA ALA E 149 25.13 -39.02 21.19
C ALA E 149 25.55 -40.29 21.92
N CYS E 150 24.73 -40.70 22.89
CA CYS E 150 25.00 -41.90 23.68
C CYS E 150 24.79 -43.17 22.86
N ARG E 151 25.59 -44.19 23.18
CA ARG E 151 25.52 -45.47 22.50
C ARG E 151 24.40 -46.32 23.08
N PHE E 152 23.71 -47.07 22.21
CA PHE E 152 22.61 -47.94 22.62
C PHE E 152 22.92 -49.30 22.03
N SER E 153 23.24 -50.26 22.89
CA SER E 153 23.57 -51.60 22.45
C SER E 153 22.36 -52.47 22.18
N ARG E 154 22.54 -53.39 21.23
CA ARG E 154 21.50 -54.34 20.84
C ARG E 154 21.17 -55.25 22.01
N MET E 155 22.17 -56.01 22.45
CA MET E 155 22.13 -56.96 23.55
C MET E 155 21.30 -56.49 24.74
N TRP E 156 21.17 -55.17 24.93
CA TRP E 156 20.36 -54.68 26.05
C TRP E 156 19.00 -55.36 25.99
N LEU E 157 18.43 -55.45 24.78
CA LEU E 157 17.15 -56.12 24.59
C LEU E 157 17.59 -57.58 24.69
N LYS E 158 17.15 -58.29 25.71
CA LYS E 158 17.58 -59.67 25.90
C LYS E 158 17.01 -60.76 24.98
N ASN E 159 15.73 -61.08 25.08
CA ASN E 159 15.27 -62.14 24.18
C ASN E 159 14.82 -61.67 22.79
N CYS E 160 14.75 -60.37 22.52
CA CYS E 160 14.34 -59.89 21.19
C CYS E 160 15.46 -59.01 20.66
N SER E 161 16.42 -59.63 19.98
CA SER E 161 17.56 -58.91 19.41
C SER E 161 17.98 -59.45 18.06
N GLY E 162 17.43 -60.57 17.61
CA GLY E 162 17.77 -61.19 16.34
C GLY E 162 19.20 -61.66 16.29
N LEU E 163 19.88 -61.62 17.44
CA LEU E 163 21.27 -62.08 17.51
C LEU E 163 21.33 -63.55 17.87
N ASP E 164 20.33 -64.01 18.62
CA ASP E 164 20.20 -65.39 19.08
C ASP E 164 19.16 -66.14 18.25
N ASP E 165 17.92 -65.66 18.27
CA ASP E 165 16.79 -66.23 17.55
C ASP E 165 16.33 -65.18 16.54
N THR E 166 17.05 -65.10 15.42
CA THR E 166 16.81 -64.18 14.32
C THR E 166 15.34 -63.82 14.15
N THR E 167 14.47 -64.84 14.17
CA THR E 167 13.03 -64.64 14.02
C THR E 167 12.44 -63.68 15.06
N TYR E 168 13.05 -63.61 16.24
CA TYR E 168 12.69 -62.79 17.43
C TYR E 168 11.53 -63.32 18.25
N GLY E 169 11.08 -64.56 18.06
CA GLY E 169 9.97 -65.00 18.89
C GLY E 169 8.83 -65.65 18.14
N TYR E 170 8.48 -65.04 17.00
CA TYR E 170 7.41 -65.47 16.10
C TYR E 170 7.48 -66.95 15.72
N ALA E 171 8.61 -67.60 15.99
CA ALA E 171 8.77 -69.01 15.65
C ALA E 171 8.01 -69.95 16.57
N GLU E 172 7.83 -69.62 17.84
CA GLU E 172 7.11 -70.57 18.70
C GLU E 172 5.98 -69.94 19.50
N GLY E 173 5.26 -68.96 18.94
CA GLY E 173 4.17 -68.38 19.70
C GLY E 173 4.56 -67.44 20.83
N LYS E 174 5.59 -66.63 20.63
CA LYS E 174 6.06 -65.68 21.66
C LYS E 174 6.65 -64.48 20.94
N PRO E 175 5.82 -63.70 20.28
CA PRO E 175 6.32 -62.53 19.55
C PRO E 175 6.76 -61.40 20.46
N CYS E 176 7.61 -60.54 19.89
CA CYS E 176 8.15 -59.37 20.57
C CYS E 176 7.63 -58.13 19.85
N VAL E 177 7.73 -56.99 20.53
CA VAL E 177 7.27 -55.71 19.98
C VAL E 177 8.18 -54.62 20.51
N VAL E 178 9.03 -54.08 19.64
CA VAL E 178 9.96 -53.02 20.00
C VAL E 178 9.26 -51.67 19.89
N ALA E 179 9.01 -51.04 21.04
CA ALA E 179 8.36 -49.75 21.09
C ALA E 179 9.42 -48.65 21.01
N LYS E 180 9.00 -47.49 20.50
CA LYS E 180 9.88 -46.34 20.32
C LYS E 180 9.13 -45.02 20.44
N LEU E 181 9.79 -44.06 21.08
CA LEU E 181 9.27 -42.71 21.31
C LEU E 181 9.70 -41.80 20.17
N ASN E 182 8.74 -41.07 19.60
CA ASN E 182 9.01 -40.17 18.48
C ASN E 182 9.98 -39.05 18.84
N ARG E 183 11.07 -38.97 18.05
CA ARG E 183 12.14 -37.98 18.19
C ARG E 183 11.67 -36.55 17.99
N ILE E 184 11.84 -35.71 19.01
CA ILE E 184 11.46 -34.30 18.95
C ILE E 184 12.66 -33.46 19.37
N ILE E 185 12.91 -32.38 18.63
CA ILE E 185 14.05 -31.50 18.92
C ILE E 185 13.78 -30.70 20.20
N GLY E 186 14.78 -30.69 21.09
CA GLY E 186 14.67 -29.96 22.34
C GLY E 186 13.59 -30.42 23.28
N PHE E 187 13.15 -31.67 23.15
CA PHE E 187 12.10 -32.21 24.01
C PHE E 187 12.68 -32.96 25.19
N TYR E 188 12.33 -32.52 26.40
CA TYR E 188 12.80 -33.16 27.63
C TYR E 188 11.69 -34.03 28.19
N PRO E 189 11.87 -35.33 28.34
CA PRO E 189 10.79 -36.15 28.90
C PRO E 189 10.74 -35.92 30.40
N LYS E 190 9.53 -35.77 30.92
CA LYS E 190 9.31 -35.53 32.35
C LYS E 190 8.41 -36.59 32.97
N PRO E 191 8.93 -37.49 33.80
CA PRO E 191 8.08 -38.51 34.41
C PRO E 191 7.29 -37.99 35.60
N LEU E 192 6.25 -38.75 35.94
CA LEU E 192 5.36 -38.43 37.05
C LEU E 192 6.10 -38.55 38.37
N LYS E 193 5.78 -37.69 39.33
CA LYS E 193 6.45 -37.75 40.62
C LYS E 193 5.77 -38.76 41.57
N ASN E 194 6.50 -39.10 42.64
CA ASN E 194 6.13 -40.05 43.69
C ASN E 194 4.93 -39.71 44.59
N THR E 195 4.26 -38.58 44.38
CA THR E 195 3.11 -38.20 45.21
C THR E 195 2.00 -39.26 45.21
N THR E 196 1.11 -39.17 46.22
CA THR E 196 -0.01 -40.09 46.41
C THR E 196 -0.87 -40.30 45.17
N ASP E 197 -0.81 -39.41 44.18
CA ASP E 197 -1.60 -39.60 42.98
C ASP E 197 -0.59 -40.03 41.93
N LEU E 198 -0.78 -41.22 41.44
CA LEU E 198 0.02 -41.91 40.46
C LEU E 198 -0.78 -43.16 40.14
N PRO E 199 -0.71 -43.69 38.93
CA PRO E 199 -1.48 -44.90 38.65
C PRO E 199 -1.05 -46.02 39.57
N GLU E 200 -1.81 -47.11 39.52
CA GLU E 200 -1.51 -48.27 40.35
C GLU E 200 -0.14 -48.84 39.95
N GLU E 201 -0.07 -49.31 38.70
CA GLU E 201 1.10 -49.90 38.06
C GLU E 201 2.46 -49.27 38.36
N LEU E 202 2.58 -47.96 38.14
CA LEU E 202 3.80 -47.15 38.31
C LEU E 202 4.43 -47.11 39.70
N GLN E 203 3.70 -47.38 40.78
CA GLN E 203 4.31 -47.31 42.12
C GLN E 203 5.65 -48.07 42.24
N ALA E 204 5.65 -49.37 41.98
CA ALA E 204 6.91 -50.13 42.10
C ALA E 204 7.95 -49.70 41.08
N ASN E 205 9.23 -49.71 41.52
CA ASN E 205 10.38 -49.35 40.67
C ASN E 205 10.32 -47.92 40.12
N TYR E 206 10.17 -46.93 41.02
CA TYR E 206 10.08 -45.54 40.56
C TYR E 206 11.46 -44.91 40.29
N ASN E 207 12.13 -45.39 39.24
CA ASN E 207 13.41 -44.74 38.96
C ASN E 207 13.02 -43.41 38.32
N GLN E 208 13.27 -42.28 39.01
CA GLN E 208 12.90 -40.99 38.42
C GLN E 208 13.37 -40.85 36.98
N TYR E 209 14.61 -41.21 36.73
CA TYR E 209 15.23 -41.14 35.40
C TYR E 209 14.66 -42.03 34.31
N VAL E 210 13.56 -42.75 34.55
CA VAL E 210 12.99 -43.62 33.54
C VAL E 210 11.56 -43.24 33.21
N LEU E 211 11.26 -43.17 31.90
CA LEU E 211 9.92 -42.84 31.44
C LEU E 211 9.24 -44.20 31.32
N PRO E 212 8.21 -44.48 32.12
CA PRO E 212 7.55 -45.79 32.05
C PRO E 212 6.59 -46.04 30.90
N LEU E 213 6.62 -47.28 30.42
CA LEU E 213 5.80 -47.79 29.34
C LEU E 213 5.13 -49.02 29.93
N ARG E 214 3.81 -49.09 29.84
CA ARG E 214 3.09 -50.24 30.40
C ARG E 214 1.91 -50.59 29.50
N CYS E 215 1.86 -51.84 29.09
CA CYS E 215 0.81 -52.37 28.22
C CYS E 215 -0.26 -53.09 29.03
N ALA E 216 -1.47 -53.15 28.47
CA ALA E 216 -2.60 -53.79 29.12
C ALA E 216 -3.60 -54.21 28.05
N ALA E 217 -4.79 -54.60 28.48
CA ALA E 217 -5.85 -55.03 27.59
C ALA E 217 -6.92 -53.96 27.46
N LYS E 218 -7.39 -53.75 26.23
CA LYS E 218 -8.41 -52.75 25.97
C LYS E 218 -9.70 -53.03 26.73
N ARG E 219 -10.19 -54.27 26.68
CA ARG E 219 -11.42 -54.63 27.37
C ARG E 219 -11.12 -55.36 28.68
N GLU E 220 -12.10 -55.31 29.59
CA GLU E 220 -11.94 -55.96 30.89
C GLU E 220 -11.89 -57.48 30.75
N GLU E 221 -12.60 -58.03 29.77
CA GLU E 221 -12.61 -59.48 29.56
C GLU E 221 -11.23 -60.00 29.18
N ASP E 222 -10.66 -59.45 28.10
CA ASP E 222 -9.35 -59.85 27.58
C ASP E 222 -8.22 -59.95 28.60
N ARG E 223 -8.35 -59.31 29.77
CA ARG E 223 -7.30 -59.39 30.79
C ARG E 223 -6.81 -60.81 30.96
N GLU E 224 -7.74 -61.69 31.36
CA GLU E 224 -7.47 -63.11 31.59
C GLU E 224 -6.78 -63.80 30.41
N LYS E 225 -7.18 -63.48 29.17
CA LYS E 225 -6.59 -64.13 28.00
C LYS E 225 -5.20 -63.63 27.63
N ILE E 226 -4.70 -62.57 28.26
CA ILE E 226 -3.37 -62.05 27.97
C ILE E 226 -2.49 -62.57 29.09
N GLY E 227 -1.38 -63.19 28.74
CA GLY E 227 -0.54 -63.73 29.80
C GLY E 227 0.49 -62.90 30.53
N SER E 228 1.78 -63.11 30.31
CA SER E 228 2.77 -62.33 31.05
C SER E 228 3.56 -61.38 30.17
N ILE E 229 3.25 -60.09 30.27
CA ILE E 229 3.93 -59.03 29.53
C ILE E 229 5.34 -58.85 30.11
N GLU E 230 6.36 -59.31 29.39
CA GLU E 230 7.74 -59.20 29.87
C GLU E 230 8.49 -58.12 29.08
N TYR E 231 8.76 -56.99 29.74
CA TYR E 231 9.46 -55.87 29.13
C TYR E 231 10.98 -55.95 29.32
N PHE E 232 11.70 -55.52 28.28
CA PHE E 232 13.17 -55.48 28.26
C PHE E 232 13.59 -54.05 27.94
N GLY E 233 14.61 -53.56 28.64
CA GLY E 233 15.07 -52.22 28.39
C GLY E 233 16.39 -51.92 29.06
N LEU E 234 16.76 -50.63 29.03
CA LEU E 234 18.02 -50.17 29.62
C LEU E 234 17.93 -50.29 31.14
N GLY E 235 18.81 -51.11 31.72
CA GLY E 235 18.81 -51.27 33.16
C GLY E 235 17.82 -52.30 33.64
N GLY E 236 17.05 -52.91 32.74
CA GLY E 236 16.06 -53.89 33.07
C GLY E 236 14.70 -53.30 33.36
N TYR E 237 14.58 -51.98 33.33
CA TYR E 237 13.32 -51.29 33.57
C TYR E 237 12.48 -51.23 32.31
N ALA E 238 11.18 -50.98 32.51
CA ALA E 238 10.22 -50.89 31.41
C ALA E 238 10.02 -49.42 31.05
N GLY E 239 11.07 -48.81 30.51
CA GLY E 239 10.95 -47.42 30.13
C GLY E 239 12.13 -46.95 29.31
N PHE E 240 12.19 -45.63 29.15
CA PHE E 240 13.24 -44.97 28.40
C PHE E 240 14.11 -44.13 29.31
N PRO E 241 15.44 -44.32 29.27
CA PRO E 241 16.34 -43.54 30.12
C PRO E 241 16.40 -42.08 29.67
N LEU E 242 16.26 -41.17 30.63
CA LEU E 242 16.29 -39.73 30.36
C LEU E 242 17.63 -39.25 29.80
N GLN E 243 18.70 -40.03 29.95
CA GLN E 243 20.01 -39.61 29.44
C GLN E 243 20.08 -39.48 27.93
N TYR E 244 19.17 -40.09 27.18
CA TYR E 244 19.21 -39.99 25.72
C TYR E 244 18.50 -38.75 25.21
N TYR E 245 18.24 -37.77 26.07
CA TYR E 245 17.56 -36.54 25.71
C TYR E 245 18.32 -35.32 26.21
N PRO E 246 18.10 -34.15 25.57
CA PRO E 246 17.20 -34.01 24.42
C PRO E 246 17.87 -34.33 23.09
N TYR E 247 17.08 -34.23 22.02
CA TYR E 247 17.52 -34.48 20.67
C TYR E 247 17.91 -33.14 20.05
N TYR E 248 19.08 -33.08 19.42
CA TYR E 248 19.55 -31.84 18.82
C TYR E 248 19.27 -31.74 17.33
N GLY E 249 18.52 -32.67 16.76
CA GLY E 249 18.26 -32.54 15.34
C GLY E 249 19.32 -33.19 14.48
N LYS E 250 18.91 -33.60 13.29
CA LYS E 250 19.79 -34.27 12.33
C LYS E 250 21.06 -33.46 12.04
N ARG E 251 20.90 -32.19 11.66
CA ARG E 251 22.04 -31.35 11.33
C ARG E 251 23.07 -31.26 12.46
N LEU E 252 22.64 -31.16 13.71
CA LEU E 252 23.58 -31.07 14.82
C LEU E 252 23.91 -32.39 15.49
N GLN E 253 23.32 -33.50 15.09
CA GLN E 253 23.62 -34.78 15.74
C GLN E 253 23.44 -35.98 14.82
N LYS E 254 23.98 -35.93 13.59
CA LYS E 254 23.83 -37.10 12.75
C LYS E 254 24.39 -38.30 13.52
N LYS E 255 23.99 -39.52 13.19
CA LYS E 255 24.47 -40.71 13.89
C LYS E 255 23.98 -40.70 15.34
N TYR E 256 22.69 -40.45 15.51
CA TYR E 256 22.05 -40.40 16.83
C TYR E 256 21.08 -41.56 16.94
N LEU E 257 21.11 -42.26 18.08
CA LEU E 257 20.24 -43.40 18.33
C LEU E 257 19.30 -43.12 19.48
N GLN E 258 18.01 -43.36 19.27
CA GLN E 258 16.95 -43.18 20.23
C GLN E 258 16.74 -44.47 21.02
N PRO E 259 16.45 -44.40 22.32
CA PRO E 259 16.26 -45.63 23.09
C PRO E 259 15.12 -46.46 22.52
N LEU E 260 15.08 -47.72 22.92
CA LEU E 260 14.06 -48.66 22.46
C LEU E 260 13.64 -49.55 23.62
N LEU E 261 12.43 -50.08 23.56
CA LEU E 261 11.95 -50.95 24.64
C LEU E 261 11.30 -52.18 24.02
N ALA E 262 11.77 -53.36 24.40
CA ALA E 262 11.19 -54.58 23.84
C ALA E 262 10.08 -55.11 24.74
N ILE E 263 9.05 -55.70 24.14
CA ILE E 263 7.94 -56.25 24.89
C ILE E 263 7.60 -57.64 24.38
N GLN E 264 7.74 -58.65 25.24
CA GLN E 264 7.43 -60.03 24.86
C GLN E 264 6.08 -60.40 25.46
N PHE E 265 5.18 -60.85 24.60
CA PHE E 265 3.84 -61.24 25.01
C PHE E 265 3.74 -62.75 25.25
N THR E 266 4.54 -63.22 26.20
CA THR E 266 4.53 -64.63 26.53
C THR E 266 3.14 -65.07 27.01
N ASN E 267 2.92 -66.38 26.99
CA ASN E 267 1.66 -67.01 27.40
C ASN E 267 0.44 -66.34 26.76
N LEU E 268 0.40 -66.40 25.43
CA LEU E 268 -0.71 -65.82 24.67
C LEU E 268 -1.67 -66.91 24.23
N THR E 269 -2.95 -66.73 24.57
CA THR E 269 -3.97 -67.70 24.19
C THR E 269 -3.95 -67.88 22.68
N GLN E 270 -4.11 -69.13 22.26
CA GLN E 270 -4.11 -69.48 20.85
C GLN E 270 -5.49 -69.39 20.21
N ASN E 271 -5.47 -69.06 18.92
CA ASN E 271 -6.65 -68.91 18.06
C ASN E 271 -7.71 -67.94 18.60
N MET E 272 -7.32 -66.69 18.84
CA MET E 272 -8.26 -65.67 19.33
C MET E 272 -7.62 -64.27 19.30
N GLU E 273 -8.35 -63.31 18.71
CA GLU E 273 -7.93 -61.91 18.57
C GLU E 273 -7.83 -61.17 19.90
N LEU E 274 -6.62 -60.75 20.27
CA LEU E 274 -6.37 -60.02 21.51
C LEU E 274 -5.97 -58.57 21.21
N ARG E 275 -6.70 -57.63 21.83
CA ARG E 275 -6.50 -56.18 21.70
C ARG E 275 -5.63 -55.70 22.86
N ILE E 276 -4.37 -55.34 22.57
CA ILE E 276 -3.42 -54.89 23.57
C ILE E 276 -3.07 -53.41 23.36
N GLU E 277 -3.33 -52.59 24.37
CA GLU E 277 -3.05 -51.16 24.31
C GLU E 277 -1.85 -50.84 25.21
N CYS E 278 -0.80 -50.27 24.62
CA CYS E 278 0.40 -49.91 25.38
C CYS E 278 0.34 -48.40 25.62
N LYS E 279 0.79 -47.96 26.80
CA LYS E 279 0.75 -46.54 27.11
C LYS E 279 1.92 -46.07 27.96
N VAL E 280 2.43 -44.88 27.62
CA VAL E 280 3.53 -44.22 28.31
C VAL E 280 2.90 -43.22 29.27
N TYR E 281 3.57 -42.92 30.37
CA TYR E 281 3.07 -41.99 31.36
C TYR E 281 4.08 -40.88 31.60
N GLY E 282 3.59 -39.64 31.75
CA GLY E 282 4.47 -38.52 31.99
C GLY E 282 3.82 -37.14 31.88
N GLU E 283 4.48 -36.14 32.44
CA GLU E 283 3.98 -34.76 32.43
C GLU E 283 3.75 -34.18 31.03
N ASN E 284 4.80 -33.99 30.22
CA ASN E 284 4.53 -33.44 28.89
C ASN E 284 4.08 -34.50 27.91
N ILE E 285 3.23 -35.42 28.37
CA ILE E 285 2.68 -36.49 27.56
C ILE E 285 1.17 -36.37 27.69
N ASP E 286 0.48 -36.29 26.56
CA ASP E 286 -0.97 -36.18 26.58
C ASP E 286 -1.52 -37.00 25.43
N TYR E 287 -2.61 -37.69 25.67
CA TYR E 287 -3.22 -38.51 24.65
C TYR E 287 -4.31 -37.75 23.90
N SER E 288 -4.75 -38.33 22.79
CA SER E 288 -5.78 -37.73 21.94
C SER E 288 -6.79 -38.78 21.50
N GLU E 289 -8.07 -38.45 21.64
CA GLU E 289 -9.13 -39.37 21.24
C GLU E 289 -9.22 -39.54 19.73
N LYS E 290 -8.58 -38.64 18.96
CA LYS E 290 -8.58 -38.69 17.51
C LYS E 290 -7.35 -39.38 16.95
N ASP E 291 -6.17 -39.10 17.50
CA ASP E 291 -4.92 -39.71 17.07
C ASP E 291 -4.67 -40.85 18.04
N ARG E 292 -4.76 -42.09 17.56
CA ARG E 292 -4.57 -43.26 18.40
C ARG E 292 -3.10 -43.68 18.51
N PHE E 293 -2.17 -42.79 18.18
CA PHE E 293 -0.75 -43.06 18.26
C PHE E 293 -0.03 -42.02 19.08
N ARG E 294 -0.76 -41.08 19.66
CA ARG E 294 -0.22 -40.00 20.48
C ARG E 294 -0.05 -40.51 21.91
N GLY E 295 1.18 -40.88 22.26
CA GLY E 295 1.49 -41.39 23.58
C GLY E 295 1.22 -42.86 23.80
N ARG E 296 0.18 -43.40 23.17
CA ARG E 296 -0.16 -44.81 23.30
C ARG E 296 -0.22 -45.45 21.93
N PHE E 297 -0.51 -46.75 21.91
CA PHE E 297 -0.62 -47.45 20.64
C PHE E 297 -1.42 -48.72 20.89
N GLU E 298 -2.06 -49.22 19.82
CA GLU E 298 -2.87 -50.42 19.89
C GLU E 298 -2.36 -51.48 18.93
N VAL E 299 -2.44 -52.74 19.37
CA VAL E 299 -2.00 -53.88 18.57
C VAL E 299 -3.03 -54.99 18.70
N LYS E 300 -3.29 -55.68 17.60
CA LYS E 300 -4.25 -56.79 17.57
C LYS E 300 -3.44 -58.05 17.28
N ILE E 301 -3.03 -58.75 18.32
CA ILE E 301 -2.24 -59.97 18.13
C ILE E 301 -3.17 -61.18 18.09
N GLU E 302 -2.83 -62.13 17.21
CA GLU E 302 -3.59 -63.36 17.05
C GLU E 302 -2.61 -64.41 16.52
N VAL E 303 -2.12 -65.25 17.43
CA VAL E 303 -1.17 -66.30 17.06
C VAL E 303 -2.02 -67.55 16.80
N LYS E 304 -2.52 -67.65 15.58
CA LYS E 304 -3.35 -68.77 15.15
C LYS E 304 -2.48 -69.93 14.68
N SER E 305 -2.58 -71.06 15.35
CA SER E 305 -1.79 -72.24 14.99
C SER E 305 -2.59 -73.53 15.16
N GLU F 24 15.92 -20.55 30.63
CA GLU F 24 15.28 -21.62 29.87
C GLU F 24 15.82 -22.98 30.31
N GLY F 25 15.96 -23.90 29.36
CA GLY F 25 16.46 -25.22 29.63
C GLY F 25 15.40 -26.30 29.75
N PRO F 26 15.42 -27.02 30.88
CA PRO F 26 14.44 -28.10 31.08
C PRO F 26 12.98 -27.67 31.03
N ASP F 27 12.63 -26.53 31.64
CA ASP F 27 11.26 -26.04 31.65
C ASP F 27 10.89 -25.21 30.43
N ASN F 28 11.47 -25.49 29.26
CA ASN F 28 11.16 -24.74 28.05
C ASN F 28 9.87 -25.23 27.38
N ASP F 29 8.83 -25.46 28.18
CA ASP F 29 7.55 -25.93 27.65
C ASP F 29 6.84 -24.89 26.81
N GLU F 30 7.07 -23.60 27.08
CA GLU F 30 6.40 -22.56 26.30
C GLU F 30 6.76 -22.65 24.82
N ARG F 31 7.93 -23.21 24.49
CA ARG F 31 8.39 -23.37 23.12
C ARG F 31 7.49 -24.29 22.31
N PHE F 32 6.45 -24.85 22.95
CA PHE F 32 5.52 -25.74 22.26
C PHE F 32 4.07 -25.35 22.47
N THR F 33 3.80 -24.09 22.81
CA THR F 33 2.44 -23.62 23.04
C THR F 33 2.13 -22.43 22.16
N TYR F 34 0.88 -22.35 21.72
CA TYR F 34 0.40 -21.27 20.88
C TYR F 34 -1.01 -20.92 21.36
N ASP F 35 -1.28 -19.63 21.50
CA ASP F 35 -2.59 -19.15 21.96
C ASP F 35 -3.58 -19.03 20.81
N TYR F 36 -4.06 -20.19 20.36
CA TYR F 36 -5.03 -20.20 19.26
C TYR F 36 -6.34 -19.56 19.68
N TYR F 37 -6.67 -19.62 20.97
CA TYR F 37 -7.92 -19.03 21.47
C TYR F 37 -7.98 -17.54 21.16
N ARG F 38 -6.98 -16.78 21.63
CA ARG F 38 -6.95 -15.35 21.39
C ARG F 38 -6.96 -15.03 19.90
N LEU F 39 -6.30 -15.88 19.11
CA LEU F 39 -6.26 -15.65 17.67
C LEU F 39 -7.65 -15.79 17.07
N ARG F 40 -8.39 -16.81 17.49
CA ARG F 40 -9.74 -16.99 16.96
C ARG F 40 -10.64 -15.83 17.38
N VAL F 41 -10.51 -15.40 18.64
CA VAL F 41 -11.33 -14.28 19.11
C VAL F 41 -11.10 -13.05 18.25
N VAL F 42 -9.84 -12.67 18.04
CA VAL F 42 -9.54 -11.49 17.21
C VAL F 42 -10.03 -11.69 15.78
N GLY F 43 -9.74 -12.85 15.18
CA GLY F 43 -10.18 -13.07 13.81
C GLY F 43 -11.69 -12.97 13.67
N LEU F 44 -12.42 -13.28 14.73
CA LEU F 44 -13.87 -13.19 14.61
C LEU F 44 -14.30 -11.74 14.75
N ILE F 45 -13.67 -11.01 15.68
CA ILE F 45 -14.01 -9.59 15.84
C ILE F 45 -13.84 -8.89 14.50
N VAL F 46 -12.70 -9.16 13.85
CA VAL F 46 -12.39 -8.56 12.55
C VAL F 46 -13.41 -8.96 11.50
N ALA F 47 -13.75 -10.27 11.42
CA ALA F 47 -14.74 -10.69 10.43
C ALA F 47 -16.04 -9.94 10.63
N ALA F 48 -16.49 -9.85 11.88
CA ALA F 48 -17.73 -9.14 12.21
C ALA F 48 -17.68 -7.70 11.73
N VAL F 49 -16.59 -7.00 12.04
CA VAL F 49 -16.44 -5.61 11.63
C VAL F 49 -16.55 -5.48 10.12
N LEU F 50 -15.79 -6.30 9.38
CA LEU F 50 -15.85 -6.24 7.91
C LEU F 50 -17.27 -6.46 7.41
N CYS F 51 -18.00 -7.40 8.03
CA CYS F 51 -19.36 -7.68 7.62
C CYS F 51 -20.26 -6.45 7.82
N VAL F 52 -20.10 -5.79 8.98
CA VAL F 52 -20.91 -4.62 9.25
C VAL F 52 -20.62 -3.54 8.22
N ILE F 53 -19.35 -3.14 8.10
CA ILE F 53 -18.92 -2.13 7.13
C ILE F 53 -19.58 -2.42 5.79
N GLY F 54 -19.55 -3.69 5.39
CA GLY F 54 -20.16 -4.08 4.12
C GLY F 54 -21.61 -3.67 4.07
N ILE F 55 -22.38 -4.07 5.09
CA ILE F 55 -23.81 -3.72 5.14
C ILE F 55 -23.99 -2.21 5.05
N ILE F 56 -23.18 -1.46 5.81
CA ILE F 56 -23.28 0.00 5.82
C ILE F 56 -23.18 0.53 4.39
N ILE F 57 -22.12 0.13 3.68
CA ILE F 57 -21.93 0.57 2.30
C ILE F 57 -23.12 0.19 1.43
N LEU F 58 -23.60 -1.04 1.58
CA LEU F 58 -24.73 -1.51 0.78
C LEU F 58 -26.00 -0.68 0.97
N LEU F 59 -26.37 -0.40 2.22
CA LEU F 59 -27.59 0.38 2.47
C LEU F 59 -27.39 1.89 2.47
N ALA F 60 -26.16 2.38 2.38
CA ALA F 60 -25.88 3.82 2.37
C ALA F 60 -26.34 4.44 1.05
N GLY F 61 -27.52 5.05 1.05
CA GLY F 61 -28.08 5.69 -0.12
C GLY F 61 -29.59 5.51 -0.13
N LYS F 62 -30.03 4.40 0.45
CA LYS F 62 -31.44 4.04 0.56
C LYS F 62 -32.05 4.61 1.82
N CYS F 63 -31.47 5.71 2.31
CA CYS F 63 -31.89 6.40 3.52
C CYS F 63 -31.12 7.72 3.61
C1 NAG G . 13.29 32.90 -50.59
C2 NAG G . 14.49 31.91 -50.64
C3 NAG G . 15.82 32.63 -50.53
C4 NAG G . 15.97 33.67 -51.61
C5 NAG G . 14.85 34.70 -51.45
C6 NAG G . 14.85 35.75 -52.53
C7 NAG G . 13.62 29.78 -49.76
C8 NAG G . 13.61 28.84 -48.60
N2 NAG G . 14.37 30.88 -49.62
O3 NAG G . 16.88 31.68 -50.63
O4 NAG G . 17.23 34.32 -51.39
O5 NAG G . 13.55 34.07 -51.48
O6 NAG G . 14.38 35.22 -53.75
O7 NAG G . 12.98 29.56 -50.78
C1 NAG G . 18.09 34.62 -52.52
C2 NAG G . 18.95 35.78 -52.05
C3 NAG G . 19.92 36.22 -53.14
C4 NAG G . 20.75 35.05 -53.64
C5 NAG G . 19.85 33.86 -54.02
C6 NAG G . 20.63 32.61 -54.32
C7 NAG G . 18.23 37.43 -50.39
C8 NAG G . 17.29 38.57 -50.10
N2 NAG G . 18.12 36.90 -51.61
O3 NAG G . 20.76 37.24 -52.63
O4 NAG G . 21.50 35.45 -54.78
O5 NAG G . 18.94 33.54 -52.95
O6 NAG G . 21.69 32.41 -53.38
O7 NAG G . 19.03 37.04 -49.56
C1 BMA G . 22.89 35.73 -54.48
C2 BMA G . 23.74 35.30 -55.69
C3 BMA G . 25.23 35.55 -55.37
C4 BMA G . 25.41 37.04 -55.04
C5 BMA G . 24.53 37.32 -53.81
C6 BMA G . 24.73 38.69 -53.16
O2 BMA G . 23.43 36.08 -56.83
O3 BMA G . 26.13 35.13 -56.41
O4 BMA G . 26.77 37.32 -54.75
O5 BMA G . 23.15 37.10 -54.22
O6 BMA G . 23.59 38.99 -52.37
C1 MAN G . 25.82 33.78 -56.82
C2 MAN G . 27.13 32.95 -56.87
C3 MAN G . 28.01 33.39 -58.05
C4 MAN G . 27.21 33.47 -59.36
C5 MAN G . 25.94 34.31 -59.17
C6 MAN G . 25.04 34.35 -60.39
O2 MAN G . 26.87 31.56 -57.07
O3 MAN G . 29.14 32.53 -58.22
O4 MAN G . 28.00 34.04 -60.39
O5 MAN G . 25.17 33.77 -58.09
O6 MAN G . 23.99 35.28 -60.15
C1 MAN G . 23.68 40.38 -51.94
C2 MAN G . 24.70 40.48 -50.80
C3 MAN G . 24.21 39.70 -49.60
C4 MAN G . 22.80 40.18 -49.18
C5 MAN G . 21.85 40.09 -50.40
C6 MAN G . 20.48 40.66 -50.13
O2 MAN G . 24.85 41.83 -50.36
O3 MAN G . 25.11 39.77 -48.49
O4 MAN G . 22.31 39.37 -48.13
O5 MAN G . 22.40 40.82 -51.52
O6 MAN G . 19.66 40.36 -51.25
C1 FUC G . 14.65 36.13 -54.82
C2 FUC G . 14.97 35.30 -56.07
C3 FUC G . 13.73 34.45 -56.42
C4 FUC G . 12.51 35.34 -56.55
C5 FUC G . 12.37 36.18 -55.28
C6 FUC G . 11.18 37.11 -55.33
O2 FUC G . 16.13 34.50 -55.91
O3 FUC G . 13.92 33.77 -57.66
O4 FUC G . 12.65 36.21 -57.67
O5 FUC G . 13.55 36.95 -55.08
C1 NAG H . 6.35 52.41 -50.25
C2 NAG H . 7.11 53.75 -50.04
C3 NAG H . 7.37 54.47 -51.38
C4 NAG H . 7.90 53.52 -52.46
C5 NAG H . 7.01 52.29 -52.58
C6 NAG H . 7.54 51.24 -53.53
C7 NAG H . 6.66 54.77 -47.85
C8 NAG H . 5.80 55.73 -47.09
N2 NAG H . 6.38 54.62 -49.15
O3 NAG H . 8.30 55.52 -51.16
O4 NAG H . 8.14 54.28 -53.66
O5 NAG H . 6.95 51.66 -51.30
O6 NAG H . 6.73 50.08 -53.52
O7 NAG H . 7.57 54.14 -47.31
C1 NAG H . 7.33 54.24 -54.86
C2 NAG H . 6.80 55.61 -55.21
C3 NAG H . 6.03 55.52 -56.52
C4 NAG H . 6.97 55.09 -57.63
C5 NAG H . 7.63 53.76 -57.27
C6 NAG H . 8.77 53.40 -58.20
C7 NAG H . 4.67 56.34 -54.04
C8 NAG H . 4.19 56.97 -52.77
N2 NAG H . 6.02 56.19 -54.13
O3 NAG H . 5.44 56.78 -56.83
O4 NAG H . 6.24 54.92 -58.84
O5 NAG H . 8.17 53.75 -55.93
O6 NAG H . 10.03 53.57 -57.56
O7 NAG H . 3.90 56.01 -54.94
C1 BMA H . 6.66 55.81 -59.92
C2 BMA H . 5.47 56.75 -60.21
C3 BMA H . 5.84 57.64 -61.41
C4 BMA H . 7.18 58.39 -61.18
C5 BMA H . 8.29 57.36 -60.77
C6 BMA H . 9.65 58.00 -60.47
O2 BMA H . 5.23 57.56 -59.07
O3 BMA H . 4.79 58.55 -61.91
O4 BMA H . 7.57 59.07 -62.36
O5 BMA H . 7.83 56.59 -59.61
O6 BMA H . 10.55 57.74 -61.56
C1 MAN H . 4.37 59.60 -61.02
C2 MAN H . 2.81 59.46 -60.88
C3 MAN H . 2.10 59.91 -62.19
C4 MAN H . 2.63 61.29 -62.67
C5 MAN H . 4.17 61.27 -62.78
C6 MAN H . 4.75 62.62 -63.15
O2 MAN H . 2.16 60.09 -59.69
O3 MAN H . 0.69 59.96 -62.03
O4 MAN H . 2.04 61.61 -63.92
O5 MAN H . 4.75 60.87 -61.52
O6 MAN H . 6.16 62.49 -63.25
C1 NAG H . 2.61 61.41 -59.29
C2 NAG H . 1.51 62.06 -58.42
C3 NAG H . 1.99 63.38 -57.82
C4 NAG H . 3.31 63.21 -57.09
C5 NAG H . 4.35 62.64 -58.05
C6 NAG H . 5.68 62.37 -57.39
C7 NAG H . -0.88 61.67 -58.85
C8 NAG H . -0.86 60.79 -57.64
N2 NAG H . 0.28 62.25 -59.17
O3 NAG H . 1.01 63.88 -56.92
O4 NAG H . 3.76 64.47 -56.60
O5 NAG H . 3.88 61.39 -58.58
O6 NAG H . 5.87 63.19 -56.24
O7 NAG H . -1.90 61.85 -59.50
C1 MAN H . 10.77 58.97 -62.30
C2 MAN H . 10.80 58.62 -63.82
C3 MAN H . 12.05 57.80 -64.15
C4 MAN H . 13.33 58.48 -63.63
C5 MAN H . 13.18 58.83 -62.13
C6 MAN H . 14.36 59.62 -61.58
O2 MAN H . 10.89 59.81 -64.62
O3 MAN H . 12.17 57.55 -65.55
O4 MAN H . 14.45 57.62 -63.80
O5 MAN H . 11.99 59.61 -61.92
O6 MAN H . 13.85 60.70 -60.80
C1 NAG I . -19.60 49.82 -34.81
C2 NAG I . -20.19 49.79 -36.24
C3 NAG I . -20.06 51.15 -36.91
C4 NAG I . -20.74 52.24 -36.09
C5 NAG I . -20.07 52.30 -34.72
C6 NAG I . -20.78 53.22 -33.76
C7 NAG I . -20.10 47.59 -37.33
C8 NAG I . -19.29 46.66 -38.19
N2 NAG I . -19.54 48.77 -37.05
O3 NAG I . -20.64 51.11 -38.21
O4 NAG I . -20.50 53.46 -36.77
O5 NAG I . -20.07 51.00 -34.08
O6 NAG I . -22.10 52.74 -33.48
O7 NAG I . -21.21 47.27 -36.89
C1 NAG I . -21.48 54.52 -36.69
C2 NAG I . -20.66 55.81 -36.70
C3 NAG I . -21.57 57.03 -36.63
C4 NAG I . -22.63 56.98 -37.73
C5 NAG I . -23.35 55.64 -37.75
C6 NAG I . -24.24 55.46 -38.95
C7 NAG I . -18.40 56.08 -35.78
C8 NAG I . -17.56 56.06 -34.54
N2 NAG I . -19.71 55.83 -35.61
O3 NAG I . -20.79 58.21 -36.76
O4 NAG I . -23.57 58.03 -37.53
O5 NAG I . -22.41 54.54 -37.77
O6 NAG I . -23.55 55.69 -40.16
O7 NAG I . -17.92 56.31 -36.89
C1 BMA I . -23.38 59.07 -38.50
C2 BMA I . -24.71 59.28 -39.22
C3 BMA I . -24.53 60.38 -40.28
C4 BMA I . -24.05 61.66 -39.58
C5 BMA I . -22.71 61.31 -38.93
C6 BMA I . -21.93 62.49 -38.35
O2 BMA I . -25.70 59.73 -38.31
O3 BMA I . -25.72 60.60 -41.05
O4 BMA I . -23.89 62.71 -40.52
O5 BMA I . -22.98 60.32 -37.91
O6 BMA I . -20.98 61.99 -37.41
C1 MAN I . -26.22 59.32 -41.53
C2 MAN I . -26.54 59.45 -43.04
C3 MAN I . -27.79 60.30 -43.27
C4 MAN I . -28.96 59.88 -42.35
C5 MAN I . -28.48 59.81 -40.88
C6 MAN I . -29.55 59.28 -39.94
O2 MAN I . -26.84 58.17 -43.62
O3 MAN I . -28.20 60.30 -44.63
O4 MAN I . -30.01 60.81 -42.45
O5 MAN I . -27.36 58.92 -40.80
O6 MAN I . -29.06 59.40 -38.61
C1 FUC I . -22.82 53.71 -32.72
C2 FUC I . -24.33 53.40 -32.74
C3 FUC I . -24.58 52.07 -31.99
C4 FUC I . -23.97 52.16 -30.58
C5 FUC I . -22.49 52.54 -30.71
C6 FUC I . -21.79 52.67 -29.37
O2 FUC I . -24.87 53.36 -34.05
O3 FUC I . -25.98 51.84 -31.85
O4 FUC I . -24.66 53.13 -29.81
O5 FUC I . -22.39 53.80 -31.40
C1 NAG J . 7.63 64.70 -39.41
C2 NAG J . 6.33 65.39 -39.78
C3 NAG J . 6.62 66.80 -40.28
C4 NAG J . 7.51 67.57 -39.31
C5 NAG J . 8.72 66.73 -38.86
C6 NAG J . 9.47 67.34 -37.70
C7 NAG J . 4.76 63.64 -40.47
C8 NAG J . 4.10 62.94 -41.63
N2 NAG J . 5.61 64.62 -40.79
O3 NAG J . 5.38 67.48 -40.46
O4 NAG J . 8.00 68.69 -40.04
O5 NAG J . 8.28 65.44 -38.40
O6 NAG J . 10.68 66.64 -37.43
O7 NAG J . 4.52 63.32 -39.31
C1 NAG J . 8.15 69.93 -39.32
C2 NAG J . 9.24 70.69 -40.05
C3 NAG J . 9.50 72.04 -39.38
C4 NAG J . 8.20 72.82 -39.25
C5 NAG J . 7.12 71.96 -38.59
C6 NAG J . 5.76 72.64 -38.56
C7 NAG J . 10.79 69.14 -41.15
C8 NAG J . 12.09 68.40 -41.05
N2 NAG J . 10.47 69.91 -40.11
O3 NAG J . 10.45 72.77 -40.14
O4 NAG J . 8.42 74.00 -38.48
O5 NAG J . 6.95 70.73 -39.30
O6 NAG J . 4.87 71.98 -37.68
O7 NAG J . 10.06 69.03 -42.14
C1 NAG K . 24.05 -55.84 11.17
C2 NAG K . 24.37 -55.75 9.65
C3 NAG K . 23.66 -56.84 8.86
C4 NAG K . 24.03 -58.22 9.39
C5 NAG K . 23.60 -58.31 10.86
C6 NAG K . 23.99 -59.60 11.52
C7 NAG K . 24.83 -53.38 9.20
C8 NAG K . 24.31 -52.10 8.60
N2 NAG K . 24.02 -54.44 9.12
O3 NAG K . 24.00 -56.75 7.50
O4 NAG K . 23.29 -59.17 8.64
O5 NAG K . 24.18 -57.25 11.65
O6 NAG K . 25.40 -59.63 11.77
O7 NAG K . 25.93 -53.44 9.74
C1 NAG K . 23.93 -60.38 8.17
C2 NAG K . 22.79 -61.38 7.99
C3 NAG K . 23.31 -62.72 7.51
C4 NAG K . 24.15 -62.57 6.25
C5 NAG K . 25.23 -61.49 6.44
C6 NAG K . 25.96 -61.15 5.16
C7 NAG K . 20.70 -61.32 9.28
C8 NAG K . 20.08 -61.52 10.63
N2 NAG K . 22.02 -61.53 9.22
O3 NAG K . 22.22 -63.59 7.25
O4 NAG K . 24.78 -63.81 5.94
O5 NAG K . 24.67 -60.27 6.94
O6 NAG K . 25.07 -61.03 4.06
O7 NAG K . 20.05 -61.01 8.29
C1 BMA K . 24.12 -64.52 4.86
C2 BMA K . 25.21 -65.26 4.04
C3 BMA K . 24.52 -66.01 2.88
C4 BMA K . 23.47 -66.97 3.45
C5 BMA K . 22.46 -66.10 4.21
C6 BMA K . 21.20 -66.82 4.68
O2 BMA K . 25.85 -66.24 4.83
O3 BMA K . 25.44 -66.69 2.01
O4 BMA K . 22.82 -67.68 2.40
O5 BMA K . 23.17 -65.49 5.32
O6 BMA K . 20.58 -66.07 5.71
C1 MAN K . 26.51 -65.79 1.62
C2 MAN K . 26.71 -65.89 0.08
C3 MAN K . 27.33 -67.23 -0.33
C4 MAN K . 28.56 -67.57 0.54
C5 MAN K . 28.22 -67.45 2.04
C6 MAN K . 29.41 -67.66 2.95
O2 MAN K . 27.61 -64.88 -0.39
O3 MAN K . 27.68 -67.26 -1.70
O4 MAN K . 29.00 -68.89 0.27
O5 MAN K . 27.71 -66.13 2.30
O6 MAN K . 28.94 -67.68 4.30
C1 MAN K . 19.54 -66.85 6.31
C2 MAN K . 18.31 -66.84 5.37
C3 MAN K . 17.77 -65.42 5.26
C4 MAN K . 17.45 -64.86 6.65
C5 MAN K . 18.71 -64.97 7.55
C6 MAN K . 18.46 -64.54 8.98
O2 MAN K . 17.25 -67.63 5.88
O3 MAN K . 16.63 -65.35 4.42
O4 MAN K . 17.06 -63.51 6.55
O5 MAN K . 19.20 -66.33 7.57
O6 MAN K . 19.71 -64.52 9.65
C1 FUC K . 25.80 -60.96 12.12
C2 FUC K . 27.21 -61.18 11.56
C3 FUC K . 28.16 -60.16 12.20
C4 FUC K . 28.06 -60.26 13.73
C5 FUC K . 26.60 -60.11 14.13
C6 FUC K . 26.41 -60.23 15.64
O2 FUC K . 27.23 -61.10 10.14
O3 FUC K . 29.50 -60.42 11.83
O4 FUC K . 28.55 -61.51 14.17
O5 FUC K . 25.82 -61.14 13.50
C1 NAG L . 15.47 -65.96 27.07
C2 NAG L . 14.50 -67.16 27.08
C3 NAG L . 15.22 -68.50 27.36
C4 NAG L . 16.50 -68.66 26.55
C5 NAG L . 17.38 -67.42 26.69
C6 NAG L . 18.61 -67.44 25.80
C7 NAG L . 12.22 -66.53 27.75
C8 NAG L . 11.25 -66.39 28.90
N2 NAG L . 13.44 -66.97 28.06
O3 NAG L . 14.34 -69.58 27.09
O4 NAG L . 17.11 -69.92 26.86
O5 NAG L . 16.62 -66.28 26.27
O6 NAG L . 19.32 -66.21 25.90
O7 NAG L . 11.89 -66.26 26.59
C1 NAG L . 18.29 -70.12 27.65
C2 NAG L . 18.02 -71.01 28.85
C3 NAG L . 19.32 -71.24 29.61
C4 NAG L . 20.30 -71.98 28.70
C5 NAG L . 20.53 -71.18 27.41
C6 NAG L . 21.27 -71.97 26.35
C7 NAG L . 17.07 -69.88 30.91
C8 NAG L . 15.78 -69.42 31.52
N2 NAG L . 16.96 -70.47 29.70
O3 NAG L . 19.08 -72.01 30.78
O4 NAG L . 21.54 -72.13 29.36
O5 NAG L . 19.29 -70.74 26.80
O6 NAG L . 20.40 -72.37 25.30
O7 NAG L . 18.15 -69.73 31.49
C1 BMA L . 21.94 -73.52 29.58
C2 BMA L . 21.96 -73.75 31.10
C3 BMA L . 22.48 -75.19 31.37
C4 BMA L . 21.65 -76.24 30.58
C5 BMA L . 21.59 -75.85 29.08
C6 BMA L . 20.76 -76.80 28.21
O2 BMA L . 20.64 -73.61 31.60
O3 BMA L . 22.65 -75.56 32.77
O4 BMA L . 22.24 -77.52 30.72
O5 BMA L . 21.08 -74.48 28.95
O6 BMA L . 21.64 -77.63 27.43
C1 MAN L . 21.46 -75.64 33.59
C2 MAN L . 21.70 -74.70 34.83
C3 MAN L . 22.72 -75.35 35.80
C4 MAN L . 22.35 -76.81 36.11
C5 MAN L . 22.17 -77.62 34.81
C6 MAN L . 21.69 -79.04 35.04
O2 MAN L . 20.50 -74.21 35.58
O3 MAN L . 22.83 -74.61 37.01
O4 MAN L . 23.36 -77.41 36.91
O5 MAN L . 21.16 -76.97 33.96
O6 MAN L . 21.58 -79.69 33.79
C1 NAG L . 19.43 -75.14 35.83
C2 NAG L . 18.58 -74.61 37.01
C3 NAG L . 17.33 -75.47 37.22
C4 NAG L . 16.54 -75.62 35.92
C5 NAG L . 17.44 -76.22 34.85
C6 NAG L . 16.75 -76.34 33.51
C7 NAG L . 19.59 -73.40 38.89
C8 NAG L . 19.00 -72.16 38.29
N2 NAG L . 19.35 -74.54 38.23
O3 NAG L . 16.50 -74.86 38.21
O4 NAG L . 15.41 -76.47 36.13
O5 NAG L . 18.59 -75.39 34.66
O6 NAG L . 15.34 -76.40 33.65
O7 NAG L . 20.25 -73.37 39.92
C1 MAN L . 21.62 -78.98 27.95
C2 MAN L . 23.07 -79.54 27.91
C3 MAN L . 23.52 -79.74 26.46
C4 MAN L . 22.50 -80.58 25.66
C5 MAN L . 21.09 -79.97 25.80
C6 MAN L . 20.01 -80.81 25.15
O2 MAN L . 23.15 -80.83 28.52
O3 MAN L . 24.82 -80.34 26.39
O4 MAN L . 22.86 -80.61 24.29
O5 MAN L . 20.75 -79.82 27.20
O6 MAN L . 18.91 -80.92 26.05
C1 NAG M . 8.63 -43.48 46.18
C2 NAG M . 9.96 -43.92 46.82
C3 NAG M . 9.82 -45.28 47.48
C4 NAG M . 8.73 -45.29 48.52
C5 NAG M . 7.41 -44.95 47.84
C6 NAG M . 6.27 -44.74 48.83
C7 NAG M . 11.95 -42.97 45.73
C8 NAG M . 12.98 -43.16 44.67
N2 NAG M . 11.03 -43.93 45.83
O3 NAG M . 11.07 -45.63 48.09
O4 NAG M . 8.66 -46.62 49.03
O5 NAG M . 7.50 -43.71 47.12
O6 NAG M . 6.53 -43.63 49.66
O7 NAG M . 11.95 -41.98 46.46
C1 NAG M . 8.26 -46.85 50.40
C2 NAG M . 7.47 -48.16 50.37
C3 NAG M . 6.99 -48.53 51.76
C4 NAG M . 8.14 -48.55 52.75
C5 NAG M . 8.96 -47.25 52.68
C6 NAG M . 10.24 -47.32 53.48
C7 NAG M . 6.12 -48.97 48.48
C8 NAG M . 4.91 -48.73 47.63
N2 NAG M . 6.35 -48.07 49.44
O3 NAG M . 6.36 -49.80 51.72
O4 NAG M . 7.63 -48.72 54.07
O5 NAG M . 9.34 -46.95 51.32
O6 NAG M . 11.02 -48.45 53.14
O7 NAG M . 6.86 -49.94 48.31
C1 BMA M . 7.90 -50.05 54.55
C2 BMA M . 8.67 -49.92 55.86
C3 BMA M . 8.99 -51.33 56.39
C4 BMA M . 7.68 -52.10 56.57
C5 BMA M . 7.04 -52.16 55.17
C6 BMA M . 5.82 -53.07 55.05
O2 BMA M . 7.87 -49.29 56.84
O3 BMA M . 9.77 -51.30 57.59
O4 BMA M . 7.93 -53.40 57.06
O5 BMA M . 6.72 -50.80 54.78
O6 BMA M . 5.09 -52.70 53.89
C1 MAN M . 10.91 -50.41 57.42
C2 MAN M . 12.19 -51.12 57.91
C3 MAN M . 12.19 -51.23 59.45
C4 MAN M . 11.85 -49.89 60.12
C5 MAN M . 10.55 -49.31 59.53
C6 MAN M . 10.21 -47.93 60.06
O2 MAN M . 13.36 -50.38 57.57
O3 MAN M . 13.43 -51.73 59.93
O4 MAN M . 11.68 -50.08 61.51
O5 MAN M . 10.70 -49.19 58.11
O6 MAN M . 8.92 -47.57 59.56
C1 FUC M . 5.55 -43.55 50.71
C2 FUC M . 6.00 -42.61 51.83
C3 FUC M . 6.07 -41.17 51.29
C4 FUC M . 4.71 -40.80 50.66
C5 FUC M . 4.36 -41.86 49.61
C6 FUC M . 3.02 -41.60 48.93
O2 FUC M . 7.24 -43.00 52.41
O3 FUC M . 6.33 -40.25 52.34
O4 FUC M . 3.71 -40.74 51.66
O5 FUC M . 4.29 -43.15 50.24
C1 NAG N . -0.04 -69.62 31.13
C2 NAG N . 0.19 -69.65 32.63
C3 NAG N . -0.13 -71.05 33.17
C4 NAG N . -1.50 -71.52 32.69
C5 NAG N . -1.70 -71.28 31.19
C6 NAG N . -3.13 -71.48 30.75
C7 NAG N . 1.94 -68.01 33.14
C8 NAG N . 3.40 -67.81 33.48
N2 NAG N . 1.57 -69.29 32.96
O3 NAG N . -0.08 -71.02 34.59
O4 NAG N . -1.53 -72.93 32.93
O5 NAG N . -1.37 -69.93 30.85
O6 NAG N . -3.25 -71.44 29.32
O7 NAG N . 1.16 -67.08 33.05
C1 NAG N . -2.78 -73.49 33.38
C2 NAG N . -2.75 -74.94 32.90
C3 NAG N . -4.03 -75.66 33.30
C4 NAG N . -4.27 -75.51 34.80
C5 NAG N . -4.21 -74.04 35.21
C6 NAG N . -4.31 -73.84 36.71
C7 NAG N . -1.34 -75.17 30.90
C8 NAG N . -1.31 -75.23 29.40
N2 NAG N . -2.54 -75.02 31.47
O3 NAG N . -3.93 -77.03 32.95
O4 NAG N . -5.55 -76.04 35.14
O5 NAG N . -2.97 -73.45 34.79
O6 NAG N . -4.55 -72.48 37.04
O7 NAG N . -0.32 -75.26 31.58
K K O . 41.87 15.07 31.21
K K P . 22.14 16.10 2.01
K K Q . 24.07 19.54 0.08
C1 CLR R . -4.06 15.03 -2.23
C2 CLR R . -4.63 16.30 -2.93
C3 CLR R . -4.29 17.62 -2.16
C4 CLR R . -2.75 17.69 -1.97
C5 CLR R . -2.10 16.43 -1.39
C6 CLR R . -1.31 16.55 -0.32
C7 CLR R . -0.73 15.36 0.42
C8 CLR R . -0.79 14.05 -0.38
C9 CLR R . -2.09 13.85 -1.20
C10 CLR R . -2.52 15.06 -2.08
C11 CLR R . -2.08 12.46 -1.94
C12 CLR R . -1.66 11.24 -1.02
C13 CLR R . -0.34 11.58 -0.15
C14 CLR R . -0.68 12.90 0.57
C15 CLR R . 0.33 13.06 1.71
C16 CLR R . 0.63 11.59 2.13
C17 CLR R . -0.12 10.66 1.07
C18 CLR R . 0.95 11.73 -0.99
C19 CLR R . -1.87 14.94 -3.51
C20 CLR R . 0.74 9.43 0.84
C21 CLR R . 0.30 8.53 -0.35
C22 CLR R . 0.64 8.60 2.14
C23 CLR R . 1.61 7.41 2.13
C24 CLR R . 1.31 6.66 3.48
C25 CLR R . 2.30 5.52 3.65
C26 CLR R . 2.12 4.34 2.69
C27 CLR R . 2.38 5.17 5.14
O1 CLR R . -4.82 18.80 -2.78
C1 CLR S . 0.79 8.41 -15.52
C2 CLR S . 0.27 9.83 -15.91
C3 CLR S . -0.02 10.74 -14.67
C4 CLR S . 1.28 10.80 -13.81
C5 CLR S . 1.91 9.43 -13.48
C6 CLR S . 2.15 9.15 -12.18
C7 CLR S . 2.63 7.78 -11.74
C8 CLR S . 3.18 6.91 -12.87
C9 CLR S . 2.40 7.00 -14.20
C10 CLR S . 2.10 8.46 -14.71
C11 CLR S . 3.04 6.05 -15.29
C12 CLR S . 3.35 4.59 -14.76
C13 CLR S . 4.09 4.61 -13.33
C14 CLR S . 3.18 5.49 -12.44
C15 CLR S . 3.57 5.21 -10.99
C16 CLR S . 4.03 3.73 -11.01
C17 CLR S . 4.03 3.28 -12.55
C18 CLR S . 5.52 5.18 -13.36
C19 CLR S . 3.26 8.95 -15.64
C20 CLR S . 5.18 2.33 -12.77
C21 CLR S . 5.37 1.81 -14.21
C22 CLR S . 4.91 1.13 -11.83
C23 CLR S . 6.22 0.50 -11.32
C24 CLR S . 5.75 -0.83 -10.64
C25 CLR S . 6.99 -1.67 -10.32
C26 CLR S . 7.72 -2.27 -11.53
C27 CLR S . 6.62 -2.67 -9.21
O1 CLR S . -0.51 12.04 -15.00
C1 PCW T . 42.39 11.55 4.47
C2 PCW T . 42.54 12.46 3.24
C3 PCW T . 43.98 12.99 3.10
C4 PCW T . 45.84 10.84 6.30
C5 PCW T . 47.05 10.00 6.72
C6 PCW T . 47.96 10.83 4.63
C7 PCW T . 48.98 11.42 6.71
C8 PCW T . 49.15 9.17 5.89
C11 PCW T . 45.15 14.93 2.70
C12 PCW T . 45.42 15.52 1.31
C31 PCW T . 41.61 12.56 1.14
C32 PCW T . 41.14 11.88 -0.14
N PCW T . 48.28 10.35 5.98
O2 PCW T . 42.17 11.73 2.07
O3 PCW T . 43.91 14.39 2.86
O11 PCW T . 46.02 14.95 3.57
O31 PCW T . 41.47 13.77 1.29
O1P PCW T . 42.22 10.01 6.74
O2P PCW T . 43.17 11.99 8.02
O3P PCW T . 43.30 11.91 5.52
O4P PCW T . 44.68 10.32 6.97
P PCW T . 43.25 11.05 6.88
C1 PCW U . 29.88 -14.97 -3.81
C2 PCW U . 29.40 -13.53 -4.00
C3 PCW U . 29.77 -13.01 -5.39
C4 PCW U . 33.75 -14.94 -0.48
C5 PCW U . 34.66 -13.78 -0.86
C6 PCW U . 36.37 -12.25 -0.19
C7 PCW U . 34.58 -12.83 1.34
C8 PCW U . 36.28 -14.43 0.80
C11 PCW U . 28.84 -11.47 -6.95
C12 PCW U . 27.78 -10.37 -7.18
C13 PCW U . 26.95 -10.64 -8.44
C14 PCW U . 25.46 -10.54 -8.13
C15 PCW U . 25.07 -9.06 -7.97
C16 PCW U . 23.54 -8.95 -7.85
C17 PCW U . 23.14 -7.47 -7.78
C18 PCW U . 21.67 -7.28 -8.17
C19 PCW U . 20.86 -7.08 -6.89
C20 PCW U . 19.72 -6.05 -6.89
C21 PCW U . 19.44 -5.26 -8.17
C22 PCW U . 18.04 -4.66 -8.03
C23 PCW U . 18.12 -3.17 -7.73
C24 PCW U . 16.80 -2.49 -8.06
C25 PCW U . 16.91 -0.97 -7.92
C26 PCW U . 15.74 -0.32 -8.64
C27 PCW U . 15.69 1.19 -8.40
C28 PCW U . 14.58 1.82 -9.24
C31 PCW U . 27.37 -13.54 -2.72
C32 PCW U . 25.84 -13.46 -2.81
C33 PCW U . 25.36 -12.02 -2.64
C34 PCW U . 24.44 -11.64 -3.79
C35 PCW U . 23.93 -10.22 -3.61
C36 PCW U . 22.48 -10.25 -3.09
C37 PCW U . 21.91 -8.84 -3.13
C38 PCW U . 20.40 -8.83 -3.36
C39 PCW U . 19.98 -7.37 -3.26
C40 PCW U . 18.66 -6.93 -3.90
C41 PCW U . 17.77 -7.93 -4.62
C42 PCW U . 16.36 -7.51 -4.25
C43 PCW U . 15.65 -6.77 -5.37
C44 PCW U . 14.27 -6.34 -4.88
C45 PCW U . 13.66 -5.40 -5.92
C46 PCW U . 12.14 -5.35 -5.83
C47 PCW U . 11.70 -4.46 -7.01
C48 PCW U . 10.23 -4.10 -6.92
N PCW U . 35.47 -13.32 0.28
O2 PCW U . 27.98 -13.47 -3.94
O3 PCW U . 28.78 -12.02 -5.70
O11 PCW U . 29.64 -11.80 -7.82
O31 PCW U . 27.95 -13.65 -1.64
O1P PCW U . 31.13 -16.98 -1.66
O2P PCW U . 30.88 -14.59 -0.78
O3P PCW U . 31.19 -15.01 -3.24
O4P PCW U . 33.08 -15.40 -1.66
P PCW U . 31.47 -15.54 -1.74
C1 PCW V . 7.44 -5.47 16.90
C2 PCW V . 6.71 -4.36 16.10
C3 PCW V . 5.99 -4.95 14.88
C4 PCW V . 7.38 -6.44 21.98
C5 PCW V . 6.50 -5.83 23.08
C6 PCW V . 5.90 -5.78 25.40
C7 PCW V . 6.68 -7.82 24.42
C8 PCW V . 8.21 -6.01 24.77
C11 PCW V . 5.82 -3.73 12.84
C12 PCW V . 6.56 -3.23 11.59
C13 PCW V . 5.67 -2.39 10.67
C14 PCW V . 6.54 -1.79 9.57
C15 PCW V . 5.69 -1.06 8.54
C16 PCW V . 6.58 -0.24 7.60
C17 PCW V . 5.90 1.11 7.32
C18 PCW V . 6.67 1.92 6.26
C19 PCW V . 6.10 3.34 6.28
C20 PCW V . 6.70 4.41 5.36
C21 PCW V . 7.87 4.03 4.42
C22 PCW V . 7.37 3.32 3.17
C23 PCW V . 7.93 4.02 1.94
C24 PCW V . 7.49 3.30 0.65
C25 PCW V . 6.07 3.73 0.26
C26 PCW V . 5.66 2.94 -0.99
C27 PCW V . 4.18 3.18 -1.30
C28 PCW V . 3.72 2.20 -2.38
C31 PCW V . 6.12 -2.32 17.13
C32 PCW V . 5.18 -1.58 18.08
C33 PCW V . 3.99 -0.91 17.37
C34 PCW V . 4.47 0.12 16.35
C35 PCW V . 3.33 0.44 15.37
C36 PCW V . 3.88 1.33 14.24
C37 PCW V . 2.73 1.89 13.39
C38 PCW V . 3.23 3.10 12.60
C39 PCW V . 3.82 2.61 11.28
C40 PCW V . 4.15 3.65 10.21
C41 PCW V . 3.88 5.13 10.52
C42 PCW V . 3.41 5.75 9.21
C43 PCW V . 4.47 6.67 8.58
C44 PCW V . 3.84 7.34 7.35
C45 PCW V . 4.74 8.42 6.75
C46 PCW V . 3.90 9.27 5.78
C47 PCW V . 3.61 10.65 6.37
C48 PCW V . 2.61 11.38 5.47
N PCW V . 6.82 -6.37 24.42
O2 PCW V . 5.81 -3.64 16.95
O3 PCW V . 6.61 -4.45 13.68
O11 PCW V . 4.63 -3.48 13.03
O31 PCW V . 7.06 -1.76 16.57
O1P PCW V . 9.11 -6.00 19.37
O2P PCW V . 7.35 -7.85 19.18
O3P PCW V . 6.90 -5.55 18.23
O4P PCW V . 6.99 -5.91 20.70
P PCW V . 7.69 -6.42 19.35
C1 PCW W . 14.24 -12.36 10.04
C2 PCW W . 12.75 -12.41 9.68
C3 PCW W . 11.91 -12.42 10.96
C4 PCW W . 17.87 -13.38 12.71
C5 PCW W . 17.80 -12.88 14.15
C6 PCW W . 18.95 -12.47 16.21
C7 PCW W . 19.65 -14.28 14.80
C8 PCW W . 20.04 -12.01 14.12
C11 PCW W . 9.58 -12.43 11.27
C12 PCW W . 8.22 -11.82 10.88
C13 PCW W . 8.19 -11.54 9.38
C14 PCW W . 6.99 -10.66 9.04
C15 PCW W . 7.02 -10.27 7.55
C16 PCW W . 5.62 -9.79 7.15
C17 PCW W . 5.33 -10.10 5.67
C18 PCW W . 5.51 -8.87 4.78
C19 PCW W . 4.25 -8.00 4.93
C20 PCW W . 3.59 -7.51 3.64
C21 PCW W . 4.21 -7.94 2.31
C22 PCW W . 3.75 -6.96 1.24
C23 PCW W . 4.18 -7.45 -0.13
C24 PCW W . 3.76 -6.42 -1.19
C25 PCW W . 4.22 -6.94 -2.55
C26 PCW W . 3.96 -5.93 -3.66
C27 PCW W . 4.54 -6.50 -4.94
C28 PCW W . 4.61 -5.43 -6.02
C31 PCW W . 12.40 -11.29 7.62
C32 PCW W . 11.98 -9.99 6.91
C33 PCW W . 12.31 -10.07 5.42
C34 PCW W . 11.13 -9.51 4.61
C35 PCW W . 11.62 -8.86 3.33
C36 PCW W . 10.43 -8.60 2.40
C37 PCW W . 9.95 -7.14 2.42
C38 PCW W . 8.50 -7.10 1.95
C39 PCW W . 8.26 -5.79 1.18
C40 PCW W . 7.27 -4.75 1.69
C41 PCW W . 6.50 -5.02 2.98
C42 PCW W . 5.34 -4.03 3.03
C43 PCW W . 5.70 -2.85 3.93
C44 PCW W . 5.34 -1.53 3.22
C45 PCW W . 3.84 -1.45 2.91
C46 PCW W . 3.60 -0.39 1.83
C47 PCW W . 2.10 -0.23 1.60
C48 PCW W . 1.86 0.69 0.39
N PCW W . 19.11 -12.92 14.82
O2 PCW W . 12.33 -11.23 8.98
O3 PCW W . 10.63 -11.90 10.57
O11 PCW W . 9.67 -13.31 12.11
O31 PCW W . 12.73 -12.28 6.99
O1P PCW W . 17.13 -12.97 9.74
O2P PCW W . 16.64 -15.32 10.60
O3P PCW W . 14.76 -13.66 10.34
O4P PCW W . 16.57 -13.34 12.12
P PCW W . 16.35 -13.87 10.60
C1 PCW X . 13.56 38.01 -4.78
C2 PCW X . 13.71 37.13 -3.52
C3 PCW X . 15.05 36.39 -3.50
C4 PCW X . 10.38 41.98 -5.76
C5 PCW X . 9.08 42.39 -5.06
C6 PCW X . 6.95 43.16 -5.85
C7 PCW X . 8.49 44.71 -4.89
C8 PCW X . 8.90 43.79 -7.07
C11 PCW X . 15.51 34.69 -1.92
C12 PCW X . 15.29 33.26 -1.44
C13 PCW X . 16.14 32.99 -0.20
C14 PCW X . 16.07 31.48 0.05
C15 PCW X . 16.98 31.03 1.20
C16 PCW X . 16.66 29.56 1.51
C17 PCW X . 16.64 29.29 3.02
C18 PCW X . 15.51 28.33 3.39
C19 PCW X . 15.96 27.58 4.65
C20 PCW X . 14.92 26.78 5.45
C21 PCW X . 13.46 26.79 4.96
C22 PCW X . 12.62 26.02 5.98
C23 PCW X . 12.44 26.87 7.25
C24 PCW X . 12.96 26.12 8.48
C25 PCW X . 11.81 25.76 9.42
C26 PCW X . 11.81 24.25 9.69
C27 PCW X . 12.62 23.96 10.96
C28 PCW X . 12.76 22.45 11.14
C31 PCW X . 12.67 37.54 -1.43
C32 PCW X . 12.63 38.41 -0.16
C33 PCW X . 12.34 37.60 1.10
C34 PCW X . 13.59 36.86 1.60
C35 PCW X . 13.23 35.43 2.03
C36 PCW X . 14.11 35.00 3.21
C37 PCW X . 13.73 33.57 3.63
C38 PCW X . 14.68 33.00 4.69
C39 PCW X . 14.33 31.51 4.84
C40 PCW X . 14.94 30.72 6.01
C41 PCW X . 15.86 31.46 6.98
C42 PCW X . 15.48 31.04 8.41
C43 PCW X . 15.71 29.53 8.59
C44 PCW X . 16.05 29.22 10.06
C45 PCW X . 15.58 27.79 10.38
C46 PCW X . 16.78 26.86 10.58
C47 PCW X . 16.27 25.43 10.79
C48 PCW X . 17.35 24.60 11.50
N PCW X . 8.37 43.50 -5.73
O2 PCW X . 13.59 37.95 -2.34
O3 PCW X . 14.83 35.04 -3.06
O11 PCW X . 16.11 35.50 -1.22
O31 PCW X . 11.95 36.56 -1.56
O1P PCW X . 12.18 39.70 -6.92
O2P PCW X . 13.39 41.32 -5.35
O3P PCW X . 12.63 39.08 -4.51
O4P PCW X . 10.99 40.90 -5.05
P PCW X . 12.37 40.27 -5.57
C1 PCW Y . 0.43 37.62 -2.06
C2 PCW Y . 0.85 38.12 -0.68
C3 PCW Y . 0.20 37.29 0.44
C4 PCW Y . 0.64 38.39 -6.47
C5 PCW Y . 2.10 38.32 -6.96
C6 PCW Y . 3.27 39.20 -8.87
C7 PCW Y . 2.68 36.88 -8.78
C8 PCW Y . 0.99 38.54 -9.13
C11 PCW Y . 1.01 36.23 2.40
C12 PCW Y . 2.19 35.57 3.10
C13 PCW Y . 1.81 35.06 4.51
C14 PCW Y . 2.91 34.13 5.02
C15 PCW Y . 2.49 33.45 6.33
C16 PCW Y . 3.67 32.68 6.91
C17 PCW Y . 3.20 31.24 7.13
C18 PCW Y . 2.71 30.93 8.55
C19 PCW Y . 1.84 29.66 8.45
C20 PCW Y . 2.12 28.43 9.33
C21 PCW Y . 3.28 28.49 10.32
C22 PCW Y . 3.51 27.06 10.83
C23 PCW Y . 4.19 27.07 12.21
C24 PCW Y . 4.05 25.69 12.86
C25 PCW Y . 4.68 25.72 14.25
C26 PCW Y . 4.41 24.40 14.98
C27 PCW Y . 5.44 24.24 16.12
C28 PCW Y . 5.31 22.85 16.74
C31 PCW Y . 3.10 38.82 -1.17
C32 PCW Y . 4.58 38.67 -0.76
C33 PCW Y . 4.84 37.25 -0.26
C34 PCW Y . 5.80 37.31 0.94
C35 PCW Y . 6.41 35.92 1.21
C36 PCW Y . 6.28 35.53 2.68
C37 PCW Y . 6.51 34.02 2.82
C38 PCW Y . 7.62 33.74 3.84
C39 PCW Y . 8.71 32.93 3.15
C40 PCW Y . 9.43 31.83 3.94
C41 PCW Y . 9.06 31.57 5.41
C42 PCW Y . 8.47 30.17 5.52
C43 PCW Y . 9.41 29.37 6.43
C44 PCW Y . 8.81 28.05 6.93
C45 PCW Y . 8.44 28.12 8.41
C46 PCW Y . 7.84 26.78 8.80
C47 PCW Y . 7.35 26.80 10.26
C48 PCW Y . 6.84 25.40 10.60
N PCW Y . 2.24 38.24 -8.42
O2 PCW Y . 2.27 38.02 -0.45
O3 PCW Y . 1.29 36.69 1.15
O11 PCW Y . -0.10 36.34 2.94
O31 PCW Y . 2.75 39.61 -2.04
O1P PCW Y . -1.45 39.79 -4.65
O2P PCW Y . -1.49 37.25 -4.46
O3P PCW Y . -0.32 38.65 -2.71
O4P PCW Y . 0.61 38.47 -5.04
P PCW Y . -0.79 38.54 -4.26
C1 PCW Z . -3.95 32.96 -3.36
C2 PCW Z . -5.12 32.73 -2.39
C3 PCW Z . -5.14 31.29 -1.88
C4 PCW Z . -1.81 32.06 -7.66
C5 PCW Z . -2.40 32.08 -9.08
C6 PCW Z . -1.59 31.36 -11.22
C7 PCW Z . -1.57 33.68 -10.67
C8 PCW Z . 0.00 32.20 -9.64
C11 PCW Z . -5.67 30.35 0.25
C12 PCW Z . -5.56 30.49 1.77
C13 PCW Z . -6.20 29.28 2.48
C14 PCW Z . -6.10 29.48 4.00
C15 PCW Z . -6.64 28.25 4.74
C16 PCW Z . -6.05 28.17 6.16
C17 PCW Z . -6.01 26.71 6.63
C18 PCW Z . -6.53 26.58 8.07
C19 PCW Z . -7.80 25.72 8.03
C20 PCW Z . -8.36 25.20 9.37
C21 PCW Z . -7.60 25.57 10.65
C22 PCW Z . -6.70 24.40 11.04
C23 PCW Z . -7.56 23.16 11.32
C24 PCW Z . -6.72 22.06 11.97
C25 PCW Z . -7.60 20.82 12.17
C26 PCW Z . -6.76 19.64 12.66
C27 PCW Z . -7.69 18.62 13.32
C28 PCW Z . -6.85 17.52 13.99
C31 PCW Z . -5.14 34.89 -1.30
C32 PCW Z . -5.13 35.60 0.07
C33 PCW Z . -4.18 34.89 1.04
C34 PCW Z . -4.13 35.68 2.35
C35 PCW Z . -3.14 35.05 3.34
C36 PCW Z . -3.69 33.75 3.95
C37 PCW Z . -2.61 33.18 4.88
C38 PCW Z . -2.47 31.65 4.71
C39 PCW Z . -1.02 31.30 5.03
C40 PCW Z . -0.70 30.23 6.09
C41 PCW Z . -1.85 29.52 6.81
C42 PCW Z . -1.69 28.01 6.55
C43 PCW Z . -1.07 27.30 7.77
C44 PCW Z . -1.51 25.83 7.78
C45 PCW Z . -0.75 25.03 8.84
C46 PCW Z . 0.49 24.40 8.22
C47 PCW Z . 1.45 23.94 9.33
C48 PCW Z . 2.82 23.62 8.72
N PCW Z . -1.39 32.33 -10.13
O2 PCW Z . -5.01 33.54 -1.21
O3 PCW Z . -5.11 31.38 -0.44
O11 PCW Z . -6.20 29.37 -0.28
O31 PCW Z . -5.29 35.53 -2.34
O1P PCW Z . -2.63 34.10 -5.65
O2P PCW Z . -4.73 33.43 -6.94
O3P PCW Z . -4.28 32.45 -4.67
O4P PCW Z . -2.84 31.84 -6.69
P PCW Z . -3.63 33.08 -6.02
C1 PCW AA . 11.34 8.11 -27.66
C2 PCW AA . 12.49 7.17 -27.26
C3 PCW AA . 13.76 7.66 -27.95
C4 PCW AA . 8.51 10.78 -29.00
C5 PCW AA . 7.75 10.53 -30.32
C6 PCW AA . 7.39 11.74 -32.35
C7 PCW AA . 5.64 11.63 -30.68
C8 PCW AA . 7.61 12.96 -30.34
C11 PCW AA . 15.07 8.94 -26.49
C12 PCW AA . 15.42 10.32 -25.91
C13 PCW AA . 16.14 10.16 -24.57
C14 PCW AA . 15.72 11.28 -23.61
C15 PCW AA . 16.58 11.26 -22.34
C16 PCW AA . 17.41 12.55 -22.27
C17 PCW AA . 18.80 12.28 -21.71
C18 PCW AA . 18.73 12.06 -20.19
C19 PCW AA . 20.12 11.61 -19.72
C20 PCW AA . 20.17 11.01 -18.32
C21 PCW AA . 18.83 10.95 -17.58
C22 PCW AA . 18.95 9.92 -16.46
C23 PCW AA . 19.85 10.46 -15.35
C24 PCW AA . 20.61 9.28 -14.73
C25 PCW AA . 21.44 9.78 -13.55
C26 PCW AA . 22.77 9.04 -13.48
C27 PCW AA . 23.43 9.45 -12.18
C28 PCW AA . 24.84 8.87 -12.06
C31 PCW AA . 12.57 6.05 -25.25
C32 PCW AA . 12.94 6.04 -23.77
C33 PCW AA . 14.35 6.59 -23.57
C34 PCW AA . 14.42 7.45 -22.30
C35 PCW AA . 15.87 7.84 -22.03
C36 PCW AA . 16.45 7.08 -20.84
C37 PCW AA . 17.96 6.92 -21.04
C38 PCW AA . 18.71 7.02 -19.71
C39 PCW AA . 20.11 6.45 -19.93
C40 PCW AA . 20.83 5.95 -18.68
C41 PCW AA . 20.07 6.11 -17.36
C42 PCW AA . 20.52 5.04 -16.37
C43 PCW AA . 21.36 5.66 -15.27
C44 PCW AA . 21.88 4.55 -14.36
C45 PCW AA . 22.91 5.17 -13.42
C46 PCW AA . 24.24 5.06 -14.16
C47 PCW AA . 25.36 5.73 -13.39
C48 PCW AA . 26.64 5.51 -14.17
N PCW AA . 7.08 11.70 -30.91
O2 PCW AA . 12.73 7.27 -25.86
O3 PCW AA . 14.06 8.95 -27.40
O11 PCW AA . 15.69 7.93 -26.15
O31 PCW AA . 12.13 5.04 -25.81
O1P PCW AA . 8.15 7.43 -29.36
O2P PCW AA . 9.92 8.65 -30.76
O3P PCW AA . 10.60 7.52 -28.72
O4P PCW AA . 9.14 9.58 -28.52
P PCW AA . 9.37 8.25 -29.44
C1 PCW BA . 18.54 19.99 24.77
C2 PCW BA . 18.54 20.92 23.55
C3 PCW BA . 19.94 21.50 23.36
C4 PCW BA . 16.13 16.49 26.79
C5 PCW BA . 16.23 15.11 26.13
C6 PCW BA . 16.24 13.93 28.23
C7 PCW BA . 14.14 14.48 27.18
C8 PCW BA . 15.57 12.81 26.23
C11 PCW BA . 20.99 22.77 21.76
C12 PCW BA . 21.02 23.97 20.80
C31 PCW BA . 17.22 20.91 21.68
C32 PCW BA . 16.74 20.25 20.39
N PCW BA . 15.54 14.09 26.94
O2 PCW BA . 18.15 20.20 22.37
O3 PCW BA . 19.86 22.66 22.50
O11 PCW BA . 21.94 21.98 21.82
O31 PCW BA . 16.78 22.01 22.04
O1P PCW BA . 15.56 19.29 27.10
O2P PCW BA . 18.06 19.06 27.52
O3P PCW BA . 17.23 19.89 25.31
O4P PCW BA . 16.85 17.46 26.03
P PCW BA . 16.91 18.97 26.60
C1 PCW CA . 40.21 4.95 3.43
C2 PCW CA . 39.60 5.17 2.04
C3 PCW CA . 39.06 6.59 1.89
C4 PCW CA . 42.12 1.99 6.23
C5 PCW CA . 43.41 1.41 5.64
C6 PCW CA . 44.67 -0.59 6.02
C7 PCW CA . 45.45 1.51 6.90
C8 PCW CA . 43.55 0.42 7.88
C11 PCW CA . 37.82 6.95 -0.12
C12 PCW CA . 36.45 6.84 -0.81
C13 PCW CA . 36.52 6.94 -2.34
C14 PCW CA . 35.44 7.89 -2.87
C15 PCW CA . 35.83 8.40 -4.27
C16 PCW CA . 34.87 9.49 -4.74
C17 PCW CA . 33.46 8.93 -5.03
C18 PCW CA . 32.52 10.08 -5.44
C19 PCW CA . 31.07 9.62 -5.24
C20 PCW CA . 30.01 10.11 -6.24
C21 PCW CA . 30.50 11.01 -7.38
C22 PCW CA . 29.30 11.70 -8.01
C23 PCW CA . 28.63 10.79 -9.05
C24 PCW CA . 28.25 11.64 -10.27
C25 PCW CA . 29.44 11.66 -11.23
C26 PCW CA . 29.02 12.38 -12.52
C27 PCW CA . 30.14 12.51 -13.53
C28 PCW CA . 29.54 13.09 -14.83
C31 PCW CA . 40.23 3.97 0.08
C32 PCW CA . 41.29 3.79 -1.01
C33 PCW CA . 41.06 4.71 -2.21
C34 PCW CA . 40.23 4.01 -3.29
C35 PCW CA . 39.97 4.98 -4.44
C36 PCW CA . 39.11 4.33 -5.53
C37 PCW CA . 38.88 5.34 -6.65
C38 PCW CA . 37.66 4.98 -7.49
C39 PCW CA . 37.12 6.26 -8.11
C40 PCW CA . 36.52 6.18 -9.52
C41 PCW CA . 36.48 4.83 -10.24
C42 PCW CA . 35.84 5.10 -11.60
C43 PCW CA . 36.04 3.95 -12.59
C44 PCW CA . 34.86 3.94 -13.56
C45 PCW CA . 35.04 2.86 -14.64
C46 PCW CA . 34.61 1.48 -14.12
C47 PCW CA . 34.94 0.47 -15.22
C48 PCW CA . 33.73 0.31 -16.13
N PCW CA . 44.26 0.69 6.61
O2 PCW CA . 40.57 4.89 1.02
O3 PCW CA . 37.81 6.57 1.18
O11 PCW CA . 38.82 7.35 -0.73
O31 PCW CA . 39.18 3.34 0.08
O1P PCW CA . 39.03 2.32 6.01
O2P PCW CA . 40.25 4.51 6.48
O3P PCW CA . 39.48 3.95 4.14
O4P PCW CA . 41.38 2.68 5.22
P PCW CA . 39.96 3.38 5.58
C1 PCW DA . 18.95 24.21 25.66
C2 PCW DA . 17.56 24.80 25.87
C3 PCW DA . 17.32 25.93 24.85
C4 PCW DA . 23.17 24.06 28.53
C5 PCW DA . 23.55 24.70 29.86
C6 PCW DA . 25.27 23.09 30.35
C7 PCW DA . 25.79 25.03 29.04
C8 PCW DA . 25.34 25.25 31.38
C11 PCW DA . 17.64 26.56 22.69
C12 PCW DA . 18.17 26.31 21.27
C31 PCW DA . 15.36 24.12 26.21
C32 PCW DA . 14.25 23.08 26.00
N PCW DA . 24.99 24.52 30.15
O2 PCW DA . 16.57 23.79 25.68
O3 PCW DA . 17.86 25.56 23.58
O11 PCW DA . 17.04 27.60 22.96
O31 PCW DA . 15.13 25.15 26.84
O1P PCW DA . 21.88 24.10 25.81
O2P PCW DA . 21.11 22.07 27.16
O3P PCW DA . 19.63 24.08 26.92
O4P PCW DA . 21.76 24.19 28.30
P PCW DA . 21.14 23.53 26.97
C1 CLR EA . 35.85 2.30 -5.47
C2 CLR EA . 36.54 1.50 -4.32
C3 CLR EA . 36.38 2.18 -2.93
C4 CLR EA . 34.85 2.42 -2.67
C5 CLR EA . 34.06 3.11 -3.82
C6 CLR EA . 33.30 4.18 -3.53
C7 CLR EA . 32.60 4.99 -4.61
C8 CLR EA . 32.51 4.26 -5.96
C9 CLR EA . 33.80 3.49 -6.35
C10 CLR EA . 34.32 2.50 -5.25
C11 CLR EA . 33.69 2.88 -7.79
C12 CLR EA . 33.13 3.87 -8.88
C13 CLR EA . 31.79 4.61 -8.37
C14 CLR EA . 32.20 5.27 -7.03
C15 CLR EA . 31.15 6.32 -6.70
C16 CLR EA . 30.68 6.82 -8.09
C17 CLR EA . 31.41 5.89 -9.16
C18 CLR EA . 30.57 3.70 -8.16
C19 CLR EA . 33.62 1.13 -5.41
C20 CLR EA . 30.48 5.67 -10.34
C21 CLR EA . 30.93 4.62 -11.37
C22 CLR EA . 30.37 7.05 -11.05
C23 CLR EA . 29.38 7.00 -12.22
C24 CLR EA . 29.29 8.48 -12.73
C25 CLR EA . 28.29 8.55 -13.88
C26 CLR EA . 28.78 7.99 -15.23
C27 CLR EA . 27.66 9.94 -13.91
O1 CLR EA . 36.99 1.46 -1.86
C1 CLR FA . 12.45 -2.52 -26.44
C2 CLR FA . 12.06 -1.84 -27.78
C3 CLR FA . 10.61 -1.26 -27.79
C4 CLR FA . 10.47 -0.30 -26.56
C5 CLR FA . 10.94 -0.88 -25.20
C6 CLR FA . 10.09 -0.82 -24.20
C7 CLR FA . 10.40 -1.47 -22.85
C8 CLR FA . 11.89 -1.83 -22.66
C9 CLR FA . 12.57 -2.39 -23.92
C10 CLR FA . 12.38 -1.55 -25.25
C11 CLR FA . 14.08 -2.76 -23.62
C12 CLR FA . 14.27 -3.60 -22.29
C13 CLR FA . 13.46 -2.97 -21.07
C14 CLR FA . 11.99 -2.85 -21.58
C15 CLR FA . 11.09 -2.66 -20.36
C16 CLR FA . 11.83 -3.45 -19.24
C17 CLR FA . 13.21 -3.94 -19.87
C18 CLR FA . 13.97 -1.60 -20.58
C19 CLR FA . 13.50 -0.47 -25.37
C20 CLR FA . 14.27 -3.91 -18.78
C21 CLR FA . 15.70 -4.32 -19.20
C22 CLR FA . 13.76 -4.91 -17.69
C23 CLR FA . 14.22 -4.52 -16.29
C24 CLR FA . 13.79 -5.74 -15.39
C25 CLR FA . 14.44 -5.60 -14.02
C26 CLR FA . 15.95 -5.83 -13.96
C27 CLR FA . 13.59 -6.37 -13.01
O1 CLR FA . 10.23 -0.64 -29.00
C1 PCW GA . 10.61 13.34 24.33
C2 PCW GA . 10.51 14.84 24.06
C3 PCW GA . 9.83 15.54 25.24
C4 PCW GA . 11.62 10.44 28.19
C5 PCW GA . 11.65 10.75 29.70
C6 PCW GA . 9.85 9.21 30.15
C7 PCW GA . 12.12 8.44 30.21
C8 PCW GA . 11.30 9.91 31.92
C11 PCW GA . 9.08 17.56 25.97
C12 PCW GA . 8.64 19.01 25.71
C31 PCW GA . 11.86 16.04 22.66
C32 PCW GA . 13.20 16.71 22.36
N PCW GA . 11.23 9.58 30.50
O2 PCW GA . 11.81 15.39 23.87
O3 PCW GA . 9.46 16.86 24.87
O11 PCW GA . 9.07 17.09 27.11
O31 PCW GA . 10.94 16.09 21.86
O1P PCW GA . 13.06 11.07 25.25
O2P PCW GA . 10.55 10.78 25.58
O3P PCW GA . 11.54 13.07 25.39
O4P PCW GA . 11.98 11.60 27.43
P PCW GA . 11.78 11.55 25.83
C1 PCW HA . -8.44 14.34 -8.05
C2 PCW HA . -8.15 14.38 -6.54
C3 PCW HA . -9.38 14.84 -5.76
C4 PCW HA . -8.74 18.15 -10.15
C5 PCW HA . -10.00 18.97 -10.47
C6 PCW HA . -10.38 21.15 -11.42
C7 PCW HA . -10.63 20.81 -9.06
C8 PCW HA . -8.44 20.82 -10.04
C11 PCW HA . -9.91 15.28 -3.50
C12 PCW HA . -9.42 15.29 -2.05
C13 PCW HA . -9.10 13.87 -1.59
C14 PCW HA . -7.98 13.92 -0.54
C15 PCW HA . -7.86 12.59 0.21
C16 PCW HA . -6.45 12.47 0.82
C17 PCW HA . -6.42 11.36 1.88
C18 PCW HA . -5.02 11.29 2.50
C19 PCW HA . -5.06 12.10 3.81
C20 PCW HA . -4.26 11.61 5.03
C21 PCW HA . -3.43 10.32 4.95
C22 PCW HA . -3.14 9.94 6.41
C23 PCW HA . -1.81 9.20 6.58
C24 PCW HA . -2.06 7.75 7.01
C25 PCW HA . -0.72 7.03 7.21
C26 PCW HA . -0.99 5.63 7.78
C27 PCW HA . 0.33 4.87 7.91
C28 PCW HA . 0.08 3.42 8.28
C31 PCW HA . -6.69 13.01 -5.25
C32 PCW HA . -6.40 11.60 -4.72
C33 PCW HA . -5.98 11.63 -3.24
C34 PCW HA . -5.05 10.43 -2.95
C35 PCW HA . -5.89 9.15 -2.78
C36 PCW HA . -5.51 8.41 -1.49
C37 PCW HA . -4.76 7.13 -1.86
C38 PCW HA . -4.39 6.28 -0.63
C39 PCW HA . -3.19 5.41 -1.02
C40 PCW HA . -2.81 4.17 -0.18
C41 PCW HA . -3.63 3.78 1.05
C42 PCW HA . -4.29 2.41 0.89
C43 PCW HA . -4.77 1.90 2.25
C44 PCW HA . -5.35 0.50 2.10
C45 PCW HA . -5.91 -0.01 3.43
C46 PCW HA . -5.16 -1.18 4.04
C47 PCW HA . -5.74 -1.45 5.44
C48 PCW HA . -5.08 -2.66 6.08
N PCW HA . -9.84 20.43 -10.25
O2 PCW HA . -7.77 13.07 -6.08
O3 PCW HA . -8.96 14.88 -4.38
O11 PCW HA . -11.06 15.64 -3.79
O31 PCW HA . -6.00 13.98 -4.92
O1P PCW HA . -8.46 14.40 -10.92
O2P PCW HA . -6.65 16.20 -10.85
O3P PCW HA . -7.69 15.36 -8.73
O4P PCW HA . -9.03 16.77 -10.37
P PCW HA . -7.90 15.62 -10.31
K K IA . -42.05 -14.88 -31.02
K K JA . -13.99 -21.10 -10.58
K K KA . -14.42 -25.46 -10.27
C1 CLR LA . -4.85 -9.76 11.63
C2 CLR LA . -4.78 -10.73 12.84
C3 CLR LA . -6.14 -11.43 13.15
C4 CLR LA . -6.64 -12.13 11.85
C5 CLR LA . -6.64 -11.26 10.58
C6 CLR LA . -7.75 -11.17 9.86
C7 CLR LA . -7.90 -10.24 8.68
C8 CLR LA . -6.57 -9.70 8.14
C9 CLR LA . -5.52 -9.35 9.23
C10 CLR LA . -5.29 -10.46 10.31
C11 CLR LA . -4.22 -8.76 8.59
C12 CLR LA . -4.47 -7.64 7.50
C13 CLR LA . -5.63 -8.08 6.46
C14 CLR LA . -6.82 -8.47 7.35
C15 CLR LA . -8.07 -8.48 6.45
C16 CLR LA . -7.77 -7.38 5.40
C17 CLR LA . -6.26 -6.91 5.67
C18 CLR LA . -5.24 -9.25 5.53
C19 CLR LA . -4.14 -11.42 9.85
C20 CLR LA . -5.61 -6.58 4.33
C21 CLR LA . -4.08 -6.35 4.38
C22 CLR LA . -6.29 -5.27 3.85
C23 CLR LA . -5.89 -4.91 2.42
C24 CLR LA . -6.61 -3.54 2.15
C25 CLR LA . -6.37 -3.14 0.70
C26 CLR LA . -4.94 -2.72 0.35
C27 CLR LA . -7.47 -2.15 0.30
O1 CLR LA . -6.10 -12.31 14.26
C1 CLR MA . 8.76 -14.37 5.51
C2 CLR MA . 8.49 -15.31 6.73
C3 CLR MA . 7.05 -15.17 7.30
C4 CLR MA . 6.03 -15.39 6.14
C5 CLR MA . 6.31 -14.56 4.85
C6 CLR MA . 5.31 -13.82 4.37
C7 CLR MA . 5.51 -12.86 3.21
C8 CLR MA . 6.80 -13.11 2.42
C9 CLR MA . 8.03 -13.47 3.28
C10 CLR MA . 7.79 -14.62 4.33
C11 CLR MA . 9.29 -13.67 2.36
C12 CLR MA . 9.52 -12.54 1.29
C13 CLR MA . 8.15 -12.17 0.52
C14 CLR MA . 7.13 -11.89 1.65
C15 CLR MA . 5.96 -11.13 1.02
C16 CLR MA . 6.62 -10.32 -0.14
C17 CLR MA . 8.15 -10.80 -0.20
C18 CLR MA . 7.61 -13.29 -0.41
C19 CLR MA . 8.13 -16.01 3.70
C20 CLR MA . 8.58 -10.82 -1.65
C21 CLR MA . 10.04 -11.28 -1.92
C22 CLR MA . 8.43 -9.35 -2.13
C23 CLR MA . 8.06 -9.28 -3.62
C24 CLR MA . 8.23 -7.77 -3.99
C25 CLR MA . 8.14 -7.61 -5.50
C26 CLR MA . 9.31 -8.19 -6.31
C27 CLR MA . 7.75 -6.16 -5.82
O1 CLR MA . 6.77 -16.02 8.42
C1 PCW NA . -17.71 -26.52 -30.42
C2 PCW NA . -17.15 -27.87 -29.96
C3 PCW NA . -17.57 -29.02 -30.89
C4 PCW NA . -19.58 -26.75 -33.92
C5 PCW NA . -19.76 -26.54 -35.43
C6 PCW NA . -18.56 -28.65 -35.56
C7 PCW NA . -20.82 -28.49 -36.35
C8 PCW NA . -19.05 -27.41 -37.56
C11 PCW NA . -18.40 -31.17 -30.85
C12 PCW NA . -17.57 -32.43 -30.62
C31 PCW NA . -15.24 -28.58 -28.89
C32 PCW NA . -13.72 -28.53 -28.71
N PCW NA . -19.54 -27.77 -36.21
O2 PCW NA . -15.72 -27.79 -29.89
O3 PCW NA . -18.05 -30.10 -30.09
O11 PCW NA . -19.32 -31.16 -31.68
O31 PCW NA . -15.94 -29.28 -28.15
O1P PCW NA . -18.84 -24.18 -31.32
O2P PCW NA . -21.10 -25.38 -31.24
O3P PCW NA . -18.95 -26.68 -31.13
O4P PCW NA . -19.66 -25.48 -33.27
P PCW NA . -19.68 -25.34 -31.66
C1 PCW OA . 4.79 -6.08 -32.52
C2 PCW OA . 4.33 -6.96 -31.35
C3 PCW OA . 5.18 -8.22 -31.24
C4 PCW OA . 1.20 -6.27 -36.14
C5 PCW OA . 0.78 -7.73 -36.29
C6 PCW OA . -0.87 -9.29 -37.03
C7 PCW OA . -1.54 -7.22 -35.97
C8 PCW OA . -0.62 -7.20 -38.18
C11 PCW OA . 5.92 -9.65 -29.49
C12 PCW OA . 5.78 -10.03 -28.01
C13 PCW OA . 7.14 -10.09 -27.31
C14 PCW OA . 7.11 -9.27 -26.01
C15 PCW OA . 6.32 -10.03 -24.94
C16 PCW OA . 6.45 -9.31 -23.59
C17 PCW OA . 5.73 -10.11 -22.50
C18 PCW OA . 6.26 -9.73 -21.11
C19 PCW OA . 5.23 -8.81 -20.45
C20 PCW OA . 4.95 -8.98 -18.95
C21 PCW OA . 5.70 -10.06 -18.17
C22 PCW OA . 5.55 -9.72 -16.69
C23 PCW OA . 4.53 -10.66 -16.03
C24 PCW OA . 4.75 -10.66 -14.51
C25 PCW OA . 3.85 -11.70 -13.84
C26 PCW OA . 4.37 -11.97 -12.42
C27 PCW OA . 3.42 -12.88 -11.64
C28 PCW OA . 4.04 -13.22 -10.29
C31 PCW OA . 3.63 -5.29 -29.75
C32 PCW OA . 3.97 -4.65 -28.41
C33 PCW OA . 3.19 -5.34 -27.28
C34 PCW OA . 4.18 -5.75 -26.18
C35 PCW OA . 3.41 -6.40 -25.02
C36 PCW OA . 3.27 -5.40 -23.87
C37 PCW OA . 2.70 -6.14 -22.65
C38 PCW OA . 3.18 -5.53 -21.33
C39 PCW OA . 2.47 -6.30 -20.23
C40 PCW OA . 3.04 -6.31 -18.82
C41 PCW OA . 4.32 -5.53 -18.50
C42 PCW OA . 4.06 -4.94 -17.11
C43 PCW OA . 4.79 -5.71 -16.02
C44 PCW OA . 4.42 -5.07 -14.68
C45 PCW OA . 4.96 -5.97 -13.57
C46 PCW OA . 5.14 -5.23 -12.25
C47 PCW OA . 5.79 -6.24 -11.30
C48 PCW OA . 5.83 -5.73 -9.87
N PCW OA . -0.57 -7.85 -36.86
O2 PCW OA . 4.51 -6.27 -30.11
O3 PCW OA . 5.14 -8.59 -29.86
O11 PCW OA . 6.67 -10.27 -30.25
O31 PCW OA . 2.66 -4.94 -30.42
O1P PCW OA . 3.71 -4.17 -34.85
O2P PCW OA . 1.83 -5.26 -33.49
O3P PCW OA . 4.07 -6.40 -33.71
O4P PCW OA . 2.55 -6.23 -35.69
P PCW OA . 3.01 -5.39 -34.38
C1 PCW PA . -13.18 8.93 -10.72
C2 PCW PA . -12.91 8.10 -9.45
C3 PCW PA . -11.45 8.23 -9.01
C4 PCW PA . -17.00 12.28 -11.72
C5 PCW PA . -18.07 12.86 -10.77
C6 PCW PA . -19.95 14.31 -10.49
C7 PCW PA . -18.26 14.86 -12.09
C8 PCW PA . -19.74 13.01 -12.50
C11 PCW PA . -10.29 6.40 -8.03
C12 PCW PA . -9.61 5.04 -8.27
C13 PCW PA . -9.08 4.42 -6.98
C14 PCW PA . -8.60 3.00 -7.30
C15 PCW PA . -7.92 2.36 -6.08
C16 PCW PA . -7.70 0.86 -6.32
C17 PCW PA . -8.00 0.10 -5.02
C18 PCW PA . -7.66 -1.39 -5.15
C19 PCW PA . -8.26 -2.10 -3.93
C20 PCW PA . -8.12 -3.63 -3.81
C21 PCW PA . -7.36 -4.41 -4.89
C22 PCW PA . -5.84 -4.32 -4.69
C23 PCW PA . -5.25 -5.72 -4.68
C24 PCW PA . -3.73 -5.67 -4.53
C25 PCW PA . -3.33 -5.48 -3.07
C26 PCW PA . -1.81 -5.36 -2.99
C27 PCW PA . -1.38 -4.98 -1.58
C28 PCW PA . 0.11 -4.63 -1.57
C31 PCW PA . -14.67 7.48 -8.01
C32 PCW PA . -15.67 7.91 -6.93
C33 PCW PA . -15.16 7.66 -5.51
C34 PCW PA . -14.90 6.18 -5.26
C35 PCW PA . -14.02 5.99 -4.03
C36 PCW PA . -13.60 4.52 -3.91
C37 PCW PA . -12.93 4.25 -2.57
C38 PCW PA . -12.96 2.74 -2.29
C39 PCW PA . -11.70 2.12 -2.91
C40 PCW PA . -11.37 0.67 -2.54
C41 PCW PA . -12.32 -0.08 -1.58
C42 PCW PA . -11.42 -0.97 -0.71
C43 PCW PA . -11.54 -2.45 -1.08
C44 PCW PA . -10.70 -3.25 -0.07
C45 PCW PA . -10.90 -4.76 -0.22
C46 PCW PA . -10.34 -5.45 1.04
C47 PCW PA . -11.46 -5.97 1.93
C48 PCW PA . -10.87 -6.46 3.25
N PCW PA . -19.00 13.75 -11.46
O2 PCW PA . -13.82 8.48 -8.41
O3 PCW PA . -10.80 6.96 -9.16
O11 PCW PA . -10.35 6.91 -6.91
O31 PCW PA . -14.66 6.35 -8.47
O1P PCW PA . -15.34 9.78 -12.69
O2P PCW PA . -13.92 11.83 -12.11
O3P PCW PA . -14.17 9.94 -10.46
O4P PCW PA . -16.11 11.44 -10.98
P PCW PA . -14.84 10.74 -11.69
C1 PCW QA . -5.26 6.90 -19.32
C2 PCW QA . -4.65 7.48 -18.04
C3 PCW QA . -5.58 8.55 -17.47
C4 PCW QA . -7.72 7.23 -23.23
C5 PCW QA . -9.18 7.66 -23.06
C6 PCW QA . -11.35 7.87 -24.06
C7 PCW QA . -9.39 8.08 -25.43
C8 PCW QA . -10.02 5.94 -24.53
C11 PCW QA . -5.38 9.85 -15.52
C12 PCW QA . -5.10 9.89 -14.02
C13 PCW QA . -3.95 8.93 -13.69
C14 PCW QA . -3.87 8.73 -12.17
C15 PCW QA . -2.80 7.67 -11.84
C16 PCW QA . -2.43 7.81 -10.36
C17 PCW QA . -0.96 7.40 -10.12
C18 PCW QA . -0.85 5.99 -9.54
C19 PCW QA . -1.17 6.07 -8.04
C20 PCW QA . -0.18 5.39 -7.09
C21 PCW QA . 1.03 4.69 -7.70
C22 PCW QA . 1.55 3.67 -6.69
C23 PCW QA . 2.88 3.09 -7.16
C24 PCW QA . 3.34 2.02 -6.16
C25 PCW QA . 4.66 1.46 -6.67
C26 PCW QA . 5.15 0.30 -5.81
C27 PCW QA . 6.41 -0.24 -6.47
C28 PCW QA . 6.79 -1.59 -5.86
C31 PCW QA . -3.39 5.79 -16.95
C32 PCW QA . -3.35 4.73 -15.85
C33 PCW QA . -2.11 3.84 -16.01
C34 PCW QA . -1.47 3.61 -14.64
C35 PCW QA . -0.80 2.24 -14.58
C36 PCW QA . 0.09 2.16 -13.33
C37 PCW QA . -0.55 1.38 -12.18
C38 PCW QA . 0.10 1.81 -10.87
C39 PCW QA . 0.16 0.61 -9.92
C40 PCW QA . -0.60 0.63 -8.59
C41 PCW QA . -1.41 1.87 -8.23
C42 PCW QA . -1.72 1.78 -6.72
C43 PCW QA . -3.13 1.22 -6.52
C44 PCW QA . -3.13 0.11 -5.46
C45 PCW QA . -2.60 0.62 -4.12
C46 PCW QA . -2.17 -0.57 -3.25
C47 PCW QA . -1.76 -0.07 -1.85
C48 PCW QA . -1.14 -1.22 -1.06
N PCW QA . -9.98 7.39 -24.27
O2 PCW QA . -4.55 6.49 -17.02
O3 PCW QA . -5.26 8.61 -16.08
O11 PCW QA . -5.68 10.87 -16.15
O31 PCW QA . -2.42 5.99 -17.67
O1P PCW QA . -5.26 5.76 -22.08
O2P PCW QA . -4.74 8.10 -22.95
O3P PCW QA . -4.98 7.70 -20.47
O4P PCW QA . -6.99 7.52 -22.03
P PCW QA . -5.40 7.22 -21.96
C1 PCW RA . -17.39 -35.81 8.70
C2 PCW RA . -18.06 -34.62 7.98
C3 PCW RA . -17.96 -34.75 6.46
C4 PCW RA . -17.91 -37.56 13.55
C5 PCW RA . -18.45 -36.85 14.79
C6 PCW RA . -17.76 -36.76 17.08
C7 PCW RA . -19.63 -38.11 16.45
C8 PCW RA . -17.41 -38.79 15.87
C11 PCW RA . -18.55 -32.97 5.03
C12 PCW RA . -18.22 -31.61 4.43
C13 PCW RA . -19.30 -31.18 3.44
C14 PCW RA . -18.76 -29.95 2.70
C15 PCW RA . -19.67 -29.49 1.56
C16 PCW RA . -19.15 -28.14 1.04
C17 PCW RA . -20.30 -27.17 0.76
C18 PCW RA . -19.93 -25.74 1.20
C19 PCW RA . -20.70 -24.78 0.29
C20 PCW RA . -20.80 -23.30 0.69
C21 PCW RA . -20.11 -22.85 1.98
C22 PCW RA . -20.43 -21.37 2.19
C23 PCW RA . -21.89 -21.22 2.65
C24 PCW RA . -22.67 -20.31 1.69
C25 PCW RA . -23.07 -19.01 2.39
C26 PCW RA . -22.55 -17.80 1.58
C27 PCW RA . -23.64 -17.33 0.61
C28 PCW RA . -23.08 -16.25 -0.31
C31 PCW RA . -19.84 -33.32 8.85
C32 PCW RA . -21.33 -33.25 9.19
C33 PCW RA . -21.95 -31.88 8.89
C34 PCW RA . -22.25 -31.72 7.40
C35 PCW RA . -21.84 -30.33 6.93
C36 PCW RA . -22.80 -29.84 5.82
C37 PCW RA . -22.37 -28.44 5.37
C38 PCW RA . -23.17 -27.94 4.16
C39 PCW RA . -22.50 -26.65 3.69
C40 PCW RA . -23.22 -25.79 2.64
C41 PCW RA . -24.58 -26.24 2.12
C42 PCW RA . -25.51 -25.03 2.08
C43 PCW RA . -24.98 -23.99 1.09
C44 PCW RA . -26.12 -23.17 0.48
C45 PCW RA . -25.62 -21.77 0.11
C46 PCW RA . -25.54 -21.60 -1.41
C47 PCW RA . -24.92 -20.24 -1.73
C48 PCW RA . -25.32 -19.81 -3.14
N PCW RA . -18.30 -37.64 16.04
O2 PCW RA . -19.44 -34.52 8.37
O3 PCW RA . -17.63 -33.46 5.90
O11 PCW RA . -19.67 -33.46 4.85
O31 PCW RA . -19.10 -32.35 8.97
O1P PCW RA . -16.14 -37.44 10.97
O2P PCW RA . -18.50 -38.36 10.60
O3P PCW RA . -17.98 -35.97 10.00
O4P PCW RA . -18.10 -36.73 12.40
P PCW RA . -17.62 -37.24 10.95
C1 PCW SA . -16.99 -27.72 19.38
C2 PCW SA . -18.50 -27.56 19.14
C3 PCW SA . -18.91 -26.09 19.14
C4 PCW SA . -13.68 -30.66 20.06
C5 PCW SA . -13.51 -31.57 18.84
C6 PCW SA . -12.54 -33.74 18.51
C7 PCW SA . -11.36 -31.78 17.80
C8 PCW SA . -11.56 -32.30 20.13
C11 PCW SA . -20.21 -24.72 17.71
C12 PCW SA . -20.71 -24.47 16.28
C13 PCW SA . -21.58 -23.20 16.20
C14 PCW SA . -21.75 -22.82 14.73
C15 PCW SA . -22.45 -21.46 14.60
C16 PCW SA . -22.79 -21.18 13.13
C17 PCW SA . -22.18 -19.84 12.77
C18 PCW SA . -23.14 -18.64 12.87
C19 PCW SA . -22.26 -17.38 12.98
C20 PCW SA . -22.45 -16.20 12.02
C21 PCW SA . -23.55 -16.29 10.94
C22 PCW SA . -23.32 -15.14 9.97
C23 PCW SA . -24.62 -14.76 9.24
C24 PCW SA . -24.46 -13.38 8.60
C25 PCW SA . -25.78 -12.98 7.92
C26 PCW SA . -25.71 -11.55 7.39
C27 PCW SA . -26.77 -11.36 6.32
C28 PCW SA . -26.61 -10.00 5.65
C31 PCW SA . -18.85 -29.41 17.63
C32 PCW SA . -19.41 -29.81 16.26
C33 PCW SA . -19.19 -28.69 15.24
C34 PCW SA . -20.42 -28.57 14.33
C35 PCW SA . -20.08 -27.76 13.07
C36 PCW SA . -21.11 -26.66 12.83
C37 PCW SA . -20.52 -25.64 11.84
C38 PCW SA . -21.47 -25.46 10.65
C39 PCW SA . -20.69 -25.77 9.37
C40 PCW SA . -20.96 -24.94 8.11
C41 PCW SA . -22.00 -23.83 8.14
C42 PCW SA . -21.29 -22.49 7.90
C43 PCW SA . -21.85 -21.92 6.60
C44 PCW SA . -21.50 -20.44 6.38
C45 PCW SA . -22.73 -19.55 6.57
C46 PCW SA . -22.29 -18.11 6.35
C47 PCW SA . -23.44 -17.13 6.63
C48 PCW SA . -22.94 -15.72 6.31
N PCW SA . -12.25 -32.34 18.84
O2 PCW SA . -18.90 -28.06 17.86
O3 PCW SA . -19.42 -25.83 17.83
O11 PCW SA . -20.50 -23.97 18.64
O31 PCW SA . -18.43 -30.25 18.42
O1P PCW SA . -15.51 -29.67 22.38
O2P PCW SA . -14.42 -27.77 21.08
O3P PCW SA . -16.80 -28.43 20.62
O4P PCW SA . -14.92 -29.95 19.97
P PCW SA . -15.35 -28.91 21.13
C1 PCW TA . -12.76 -22.99 20.86
C2 PCW TA . -13.24 -21.75 21.63
C3 PCW TA . -12.96 -20.46 20.86
C4 PCW TA . -9.07 -25.63 19.04
C5 PCW TA . -7.77 -26.09 19.69
C6 PCW TA . -5.75 -27.09 18.85
C7 PCW TA . -7.36 -28.44 19.98
C8 PCW TA . -7.81 -27.63 17.78
C11 PCW TA . -14.20 -18.45 20.60
C12 PCW TA . -15.58 -17.80 20.42
C13 PCW TA . -15.47 -16.28 20.27
C14 PCW TA . -16.87 -15.68 20.12
C15 PCW TA . -16.79 -14.17 19.86
C16 PCW TA . -18.07 -13.67 19.18
C17 PCW TA . -17.76 -12.42 18.35
C18 PCW TA . -18.81 -11.33 18.56
C19 PCW TA . -18.12 -10.12 19.21
C20 PCW TA . -18.89 -8.79 19.28
C21 PCW TA . -20.30 -8.76 18.69
C22 PCW TA . -20.22 -8.17 17.27
C23 PCW TA . -19.68 -6.75 17.34
C24 PCW TA . -19.86 -6.04 16.00
C25 PCW TA . -19.25 -4.64 16.08
C26 PCW TA . -19.26 -3.97 14.71
C27 PCW TA . -19.12 -2.45 14.90
C28 PCW TA . -19.31 -1.73 13.56
C31 PCW TA . -15.23 -22.70 22.65
C32 PCW TA . -16.73 -22.49 22.85
C33 PCW TA . -17.40 -21.95 21.58
C34 PCW TA . -18.91 -21.85 21.80
C35 PCW TA . -19.64 -21.39 20.53
C36 PCW TA . -19.41 -19.89 20.26
C37 PCW TA . -20.11 -19.52 18.95
C38 PCW TA . -19.24 -18.62 18.08
C39 PCW TA . -19.62 -18.90 16.63
C40 PCW TA . -20.05 -17.76 15.69
C41 PCW TA . -20.09 -16.33 16.22
C42 PCW TA . -19.17 -15.48 15.33
C43 PCW TA . -19.96 -14.66 14.32
C44 PCW TA . -19.16 -13.40 13.94
C45 PCW TA . -19.82 -12.66 12.77
C46 PCW TA . -19.22 -13.15 11.45
C47 PCW TA . -20.11 -12.72 10.28
C48 PCW TA . -19.70 -13.48 9.02
N PCW TA . -7.18 -27.31 19.07
O2 PCW TA . -14.66 -21.76 21.83
O3 PCW TA . -14.24 -19.81 20.72
O11 PCW TA . -13.17 -17.78 20.60
O31 PCW TA . -14.63 -23.61 23.21
O1P PCW TA . -11.63 -25.62 20.56
O2P PCW TA . -9.80 -24.80 22.14
O3P PCW TA . -11.33 -23.15 21.02
O4P PCW TA . -9.58 -24.46 19.68
P PCW TA . -10.62 -24.60 20.92
C1 PCW UA . 17.19 -25.59 -2.34
C2 PCW UA . 17.09 -25.29 -3.84
C3 PCW UA . 17.20 -26.61 -4.59
C4 PCW UA . 17.55 -26.79 1.59
C5 PCW UA . 18.94 -26.92 2.24
C6 PCW UA . 20.14 -28.65 3.40
C7 PCW UA . 19.11 -26.84 4.65
C8 PCW UA . 17.79 -28.57 3.61
C11 PCW UA . 15.07 -27.39 -5.22
C12 PCW UA . 13.84 -28.23 -4.87
C13 PCW UA . 12.64 -27.77 -5.70
C14 PCW UA . 11.35 -27.86 -4.87
C15 PCW UA . 10.11 -27.61 -5.74
C16 PCW UA . 9.27 -28.88 -5.80
C17 PCW UA . 8.65 -29.08 -7.18
C18 PCW UA . 7.49 -28.12 -7.40
C19 PCW UA . 7.05 -28.22 -8.85
C20 PCW UA . 6.15 -27.10 -9.36
C21 PCW UA . 5.81 -26.02 -8.33
C22 PCW UA . 5.33 -24.77 -9.07
C23 PCW UA . 3.95 -25.03 -9.68
C24 PCW UA . 3.87 -24.25 -11.00
C25 PCW UA . 2.47 -24.39 -11.57
C26 PCW UA . 2.51 -24.48 -13.11
C27 PCW UA . 1.08 -24.42 -13.59
C28 PCW UA . 0.99 -24.64 -15.10
C31 PCW UA . 15.93 -23.50 -4.69
C32 PCW UA . 14.60 -22.91 -5.18
C33 PCW UA . 13.88 -23.88 -6.12
C34 PCW UA . 12.38 -23.86 -5.86
C35 PCW UA . 11.68 -24.69 -6.94
C36 PCW UA . 10.93 -23.83 -7.95
C37 PCW UA . 10.89 -24.56 -9.29
C38 PCW UA . 9.57 -24.31 -10.02
C39 PCW UA . 9.78 -24.70 -11.48
C40 PCW UA . 8.81 -24.06 -12.48
C41 PCW UA . 7.76 -23.12 -11.89
C42 PCW UA . 7.37 -22.07 -12.93
C43 PCW UA . 5.96 -22.35 -13.44
C44 PCW UA . 5.64 -21.35 -14.56
C45 PCW UA . 4.34 -21.80 -15.21
C46 PCW UA . 4.77 -22.75 -16.32
C47 PCW UA . 3.57 -23.37 -17.02
C48 PCW UA . 4.10 -24.25 -18.13
N PCW UA . 18.99 -27.73 3.48
O2 PCW UA . 15.81 -24.75 -4.14
O3 PCW UA . 16.04 -27.37 -4.25
O11 PCW UA . 15.17 -26.80 -6.30
O31 PCW UA . 16.98 -22.87 -4.78
O1P PCW UA . 19.58 -24.44 0.20
O2P PCW UA . 19.83 -26.88 -0.53
O3P PCW UA . 18.53 -25.36 -1.90
O4P PCW UA . 17.62 -26.00 0.39
P PCW UA . 19.01 -25.66 -0.39
C1 PCW VA . -34.54 -10.29 -7.94
C2 PCW VA . -33.96 -11.57 -7.34
C3 PCW VA . -34.35 -12.77 -8.21
C4 PCW VA . -34.06 -5.61 -7.90
C5 PCW VA . -32.84 -5.02 -8.62
C6 PCW VA . -34.05 -3.12 -9.46
C7 PCW VA . -33.03 -3.02 -7.29
C8 PCW VA . -31.67 -3.03 -9.25
C11 PCW VA . -33.82 -15.00 -8.29
C12 PCW VA . -33.60 -16.34 -7.60
C31 PCW VA . -32.13 -11.89 -6.02
C32 PCW VA . -30.61 -11.87 -5.81
N PCW VA . -32.90 -3.55 -8.65
O2 PCW VA . -32.54 -11.48 -7.25
O3 PCW VA . -34.19 -13.98 -7.46
O11 PCW VA . -33.67 -14.88 -9.50
O31 PCW VA . -32.88 -12.27 -5.13
O1P PCW VA . -35.60 -7.14 -6.01
O2P PCW VA . -36.31 -7.98 -8.31
O3P PCW VA . -34.70 -9.30 -6.92
O4P PCW VA . -34.04 -7.04 -7.94
P PCW VA . -35.28 -7.83 -7.28
C1 PCW WA . -13.17 -21.37 -31.85
C2 PCW WA . -11.97 -21.93 -31.08
C3 PCW WA . -12.44 -22.75 -29.86
C4 PCW WA . -14.45 -18.76 -35.29
C5 PCW WA . -13.90 -19.30 -36.62
C6 PCW WA . -13.49 -18.31 -38.77
C7 PCW WA . -15.41 -19.70 -38.45
C8 PCW WA . -15.34 -17.50 -37.49
C11 PCW WA . -10.67 -23.45 -28.41
C12 PCW WA . -9.78 -23.05 -27.22
C13 PCW WA . -8.54 -23.95 -27.07
C14 PCW WA . -8.35 -24.37 -25.61
C15 PCW WA . -7.49 -25.64 -25.53
C16 PCW WA . -7.45 -26.18 -24.10
C17 PCW WA . -6.65 -25.25 -23.16
C18 PCW WA . -6.69 -25.80 -21.72
C19 PCW WA . -6.36 -24.68 -20.74
C20 PCW WA . -5.54 -25.02 -19.49
C21 PCW WA . -5.11 -26.48 -19.32
C22 PCW WA . -4.69 -26.71 -17.87
C23 PCW WA . -3.25 -26.28 -17.65
C24 PCW WA . -2.54 -27.32 -16.78
C25 PCW WA . -1.96 -28.41 -17.67
C26 PCW WA . -1.15 -29.37 -16.81
C27 PCW WA . -0.56 -30.55 -17.58
C28 PCW WA . 0.36 -31.32 -16.64
C31 PCW WA . -9.84 -22.42 -32.01
C32 PCW WA . -9.02 -23.37 -32.89
C33 PCW WA . -8.42 -24.54 -32.10
C34 PCW WA . -7.00 -24.19 -31.64
C35 PCW WA . -6.45 -25.35 -30.79
C36 PCW WA . -5.04 -25.03 -30.29
C37 PCW WA . -4.55 -26.22 -29.45
C38 PCW WA . -3.42 -25.78 -28.50
C39 PCW WA . -3.42 -26.75 -27.32
C40 PCW WA . -2.07 -27.14 -26.69
C41 PCW WA . -0.79 -26.54 -27.28
C42 PCW WA . 0.37 -27.12 -26.44
C43 PCW WA . 1.73 -26.92 -27.12
C44 PCW WA . 2.78 -26.84 -26.00
C45 PCW WA . 4.20 -26.73 -26.60
C46 PCW WA . 4.52 -25.29 -26.99
C47 PCW WA . 5.88 -25.31 -27.68
C48 PCW WA . 6.98 -25.07 -26.63
N PCW WA . -14.54 -18.70 -37.81
O2 PCW WA . -11.16 -22.75 -31.93
O3 PCW WA . -11.60 -22.49 -28.73
O11 PCW WA . -10.55 -24.53 -28.99
O31 PCW WA . -9.32 -21.46 -31.44
O1P PCW WA . -13.83 -17.60 -32.46
O2P PCW WA . -15.54 -19.50 -32.43
O3P PCW WA . -13.14 -19.93 -31.81
O4P PCW WA . -13.78 -19.41 -34.19
P PCW WA . -14.16 -19.03 -32.68
C1 PCW XA . -37.45 -12.99 -6.23
C2 PCW XA . -37.66 -12.62 -4.75
C3 PCW XA . -37.30 -13.82 -3.87
C4 PCW XA . -40.62 -13.47 -10.19
C5 PCW XA . -42.15 -13.40 -10.33
C6 PCW XA . -42.09 -12.86 -12.67
C7 PCW XA . -42.04 -15.16 -11.98
C8 PCW XA . -44.04 -13.87 -11.74
C11 PCW XA . -35.84 -15.55 -3.58
C12 PCW XA . -34.62 -16.35 -4.01
C31 PCW XA . -37.19 -10.89 -3.26
C32 PCW XA . -36.29 -9.72 -2.84
N PCW XA . -42.58 -13.82 -11.68
O2 PCW XA . -36.80 -11.52 -4.40
O3 PCW XA . -36.15 -14.48 -4.38
O11 PCW XA . -36.47 -15.85 -2.57
O31 PCW XA . -38.19 -11.18 -2.61
O1P PCW XA . -38.09 -14.26 -8.79
O2P PCW XA . -38.09 -11.76 -9.32
O3P PCW XA . -38.59 -12.57 -7.00
O4P PCW XA . -40.22 -12.98 -8.91
P PCW XA . -38.64 -12.91 -8.57
C1 CLR YA . -3.48 -21.99 -28.55
C2 CLR YA . -4.18 -21.17 -29.66
C3 CLR YA . -5.67 -20.84 -29.33
C4 CLR YA . -5.72 -20.13 -27.94
C5 CLR YA . -4.92 -20.83 -26.79
C6 CLR YA . -5.55 -21.05 -25.61
C7 CLR YA . -4.89 -21.84 -24.50
C8 CLR YA . -3.38 -21.98 -24.65
C9 CLR YA . -2.92 -22.28 -26.10
C10 CLR YA . -3.46 -21.27 -27.17
C11 CLR YA . -1.37 -22.55 -26.16
C12 CLR YA . -0.83 -23.53 -25.08
C13 CLR YA . -1.37 -23.13 -23.60
C14 CLR YA . -2.92 -23.09 -23.76
C15 CLR YA . -3.51 -23.14 -22.35
C16 CLR YA . -2.48 -23.99 -21.55
C17 CLR YA . -1.25 -24.25 -22.54
C18 CLR YA . -0.87 -21.78 -23.05
C19 CLR YA . -2.52 -20.04 -27.26
C20 CLR YA . 0.03 -24.25 -21.73
C21 CLR YA . 1.34 -24.27 -22.55
C22 CLR YA . -0.03 -25.54 -20.85
C23 CLR YA . 1.19 -25.62 -19.92
C24 CLR YA . 0.90 -26.88 -19.02
C25 CLR YA . 2.04 -27.04 -18.01
C26 CLR YA . 3.36 -27.58 -18.57
C27 CLR YA . 1.51 -27.72 -16.76
O1 CLR YA . -6.33 -20.08 -30.34
C1 CLR ZA . 21.19 -18.03 -8.88
C2 CLR ZA . 22.07 -19.02 -8.05
C3 CLR ZA . 22.06 -18.72 -6.51
C4 CLR ZA . 20.58 -18.69 -6.03
C5 CLR ZA . 19.61 -17.81 -6.88
C6 CLR ZA . 18.89 -16.91 -6.23
C7 CLR ZA . 18.01 -15.91 -6.96
C8 CLR ZA . 17.75 -16.29 -8.44
C9 CLR ZA . 18.96 -16.88 -9.17
C10 CLR ZA . 19.71 -18.08 -8.44
C11 CLR ZA . 18.60 -17.20 -10.68
C12 CLR ZA . 17.85 -16.01 -11.41
C13 CLR ZA . 16.66 -15.44 -10.54
C14 CLR ZA . 17.31 -15.07 -9.16
C15 CLR ZA . 16.36 -14.13 -8.43
C16 CLR ZA . 15.65 -13.35 -9.59
C17 CLR ZA . 16.16 -14.01 -10.94
C18 CLR ZA . 15.47 -16.39 -10.31
C19 CLR ZA . 19.06 -19.43 -8.83
C20 CLR ZA . 15.02 -13.99 -11.96
C21 CLR ZA . 15.30 -14.61 -13.33
C22 CLR ZA . 14.70 -12.47 -12.14
C23 CLR ZA . 13.22 -12.24 -12.49
C24 CLR ZA . 13.14 -10.70 -12.84
C25 CLR ZA . 11.77 -10.41 -13.46
C26 CLR ZA . 11.56 -10.95 -14.88
C27 CLR ZA . 11.46 -8.93 -13.25
O1 CLR ZA . 22.86 -19.61 -5.74
C1 PCW AB . -29.37 -1.97 -4.56
C2 PCW AB . -29.86 -3.11 -3.67
C3 PCW AB . -31.07 -2.66 -2.87
C4 PCW AB . -31.41 1.57 -7.32
C5 PCW AB . -32.84 2.12 -7.35
C6 PCW AB . -32.12 4.31 -6.65
C7 PCW AB . -32.24 3.78 -8.99
C8 PCW AB . -34.25 4.03 -7.72
C11 PCW AB . -32.56 -3.34 -1.26
C12 PCW AB . -32.95 -4.28 -0.12
C31 PCW AB . -29.52 -5.34 -4.07
C32 PCW AB . -29.85 -6.63 -4.83
N PCW AB . -32.86 3.56 -7.67
O2 PCW AB . -30.21 -4.24 -4.47
O3 PCW AB . -31.35 -3.61 -1.83
O11 PCW AB . -33.29 -2.42 -1.61
O31 PCW AB . -28.68 -5.34 -3.17
O1P PCW AB . -29.49 -1.10 -7.91
O2P PCW AB . -29.16 0.50 -5.95
O3P PCW AB . -30.32 -1.69 -5.60
O4P PCW AB . -31.40 0.19 -6.95
P PCW AB . -29.98 -0.50 -6.65
C1 PCW BB . 1.27 -10.15 15.62
C2 PCW BB . -0.09 -9.54 15.23
C3 PCW BB . -0.75 -8.85 16.43
C4 PCW BB . 1.23 -13.77 18.05
C5 PCW BB . 1.33 -13.89 19.59
C6 PCW BB . 1.14 -15.73 21.12
C7 PCW BB . -0.65 -14.15 20.91
C8 PCW BB . -0.24 -15.73 19.16
C11 PCW BB . -2.78 -7.74 16.88
C12 PCW BB . -4.11 -7.23 16.30
C13 PCW BB . -3.86 -6.14 15.25
C14 PCW BB . -4.99 -6.19 14.21
C15 PCW BB . -5.00 -4.92 13.35
C16 PCW BB . -5.72 -5.21 12.01
C17 PCW BB . -6.07 -3.90 11.31
C18 PCW BB . -6.84 -4.21 10.01
C19 PCW BB . -8.34 -4.08 10.32
C20 PCW BB . -9.29 -3.50 9.27
C21 PCW BB . -8.74 -3.04 7.90
C22 PCW BB . -9.85 -2.15 7.30
C23 PCW BB . -9.88 -2.20 5.78
C24 PCW BB . -9.48 -0.84 5.20
C25 PCW BB . -9.56 -0.88 3.67
C26 PCW BB . -9.30 0.52 3.11
C27 PCW BB . -9.30 0.48 1.59
C28 PCW BB . -8.84 1.83 1.02
C31 PCW BB . -0.79 -8.62 13.15
C32 PCW BB . -0.60 -7.49 12.12
C33 PCW BB . -1.95 -6.95 11.62
C34 PCW BB . -1.79 -6.42 10.19
C35 PCW BB . -1.14 -5.03 10.22
C36 PCW BB . -1.94 -4.02 9.38
C37 PCW BB . -1.14 -3.68 8.12
C38 PCW BB . -1.84 -2.62 7.24
C39 PCW BB . -1.30 -2.80 5.81
C40 PCW BB . -1.48 -1.68 4.77
C41 PCW BB . -2.19 -0.37 5.13
C42 PCW BB . -1.23 0.82 5.00
C43 PCW BB . -2.05 2.13 5.01
C44 PCW BB . -1.12 3.32 4.79
C45 PCW BB . -1.90 4.64 4.88
C46 PCW BB . -1.98 5.42 3.57
C47 PCW BB . -2.92 6.60 3.79
C48 PCW BB . -3.00 7.47 2.52
N PCW BB . 0.40 -14.87 20.18
O2 PCW BB . 0.09 -8.57 14.19
O3 PCW BB . -2.01 -8.37 15.95
O11 PCW BB . -2.49 -7.58 18.06
O31 PCW BB . -1.67 -9.47 13.02
O1P PCW BB . 3.68 -11.67 15.97
O2P PCW BB . 2.38 -13.78 15.34
O3P PCW BB . 1.20 -11.58 15.57
O4P PCW BB . 2.15 -12.78 17.61
P PCW BB . 2.45 -12.48 16.05
#